data_6NC3
#
_entry.id   6NC3
#
loop_
_entity.id
_entity.type
_entity.pdbx_description
1 polymer 'HIV-1 Env AMC011 v4.2 SOSIP gp120'
2 polymer 'HIV-1 Env AMC011 v4.2 SOSIP gp41'
3 polymer 'Monoclonal antibody VRC34.01 fragment antigen binding heavy chain'
4 polymer 'Monoclonal antibody VRC34.01 fragment antigen binding light chain'
5 branched alpha-D-mannopyranose-(1-3)-[alpha-D-mannopyranose-(1-6)]beta-D-mannopyranose-(1-4)-2-acetamido-2-deoxy-beta-D-glucopyranose-(1-4)-2-acetamido-2-deoxy-beta-D-glucopyranose
6 branched 2-acetamido-2-deoxy-beta-D-glucopyranose-(1-4)-2-acetamido-2-deoxy-beta-D-glucopyranose
7 branched alpha-D-mannopyranose-(1-6)-beta-D-mannopyranose-(1-4)-2-acetamido-2-deoxy-beta-D-glucopyranose-(1-4)-2-acetamido-2-deoxy-beta-D-glucopyranose
8 branched beta-D-mannopyranose-(1-4)-2-acetamido-2-deoxy-beta-D-glucopyranose-(1-4)-2-acetamido-2-deoxy-beta-D-glucopyranose
9 non-polymer 2-acetamido-2-deoxy-beta-D-glucopyranose
#
loop_
_entity_poly.entity_id
_entity_poly.type
_entity_poly.pdbx_seq_one_letter_code
_entity_poly.pdbx_strand_id
1 'polypeptide(L)'
;MDAMKRGLCCVLLLCGAVFVSPSQEIHARFRRGARAEQLWVTVYYGVPVWKEATTTLFCASDARAYDTEVRNVWATHACV
PTDPNPQEVVLENVTENFNMWKNNMVEQMHEDIISLWDQSLKPCVKLTPLCVTLNCTDLRNATNTNATNTTSSSRGTMEG
GEIKNCSFNITTSMRDKVQKEYALFYKLDVVPIKNDNTSYRLISCNTSVITQACPKVSFEPIPIHYCAPAGFAILKCNDK
KFNGTGPCTNVSTVQCTHGIRPVVSTQLLLNGSLAEEEVVIRSANFTDNAKIIIVQLNKSVEINCTRPNNNTRKSIHIGP
GRWFYTTGEIIGDIRQAHCNISGTKWNDTLKQIVVKLKEQFGNKTIVFNHSSGGDPEIVMHSFNCGGEFFYCNSTQLFNS
TWNDGSNYTGTIVLPCRIKQIVNMWQEVGKAMYAPPIKGQIRCSSNITGLILIRDGGKNRSENTEIFRPGGGDMRDNWRS
ELYKYKVVKIEPLGIAPTKCKRRVVQRRRRRR
;
A,C,D,E,F,G
2 'polypeptide(L)'
;AVGIGAVFLGFLGAAGSTMGAASMTLTVQARQLLSGIVQQQNNLLRAPEAQQHLLKLTVWGIKQLQARVLAVERYLKDQQ
LLGIWGCSGKLICCTAVPWNTSWSNKSYNQIWNNMTWMEWEREIDNYTSLIYTLIEDSQNQQEKNEQELLELD
;
B,I,J,K,M,N
3 'polypeptide(L)'
;QEVLVQSGAEVKKPGASVKVSCRAFGYTFTGNALHWVRQAPGQGLEWLGWINPHSGDTTTSQKFQGRVYMTRDKSINTAF
LDVTRLTSDDTGIYYCARDKYYGNEAVGMDVWGQGTSVTVSSASTKGPSVFPLAPSSKSTSGGTAALGCLVKDYFPEPVT
VSWNSGALTSGVHTFPAVLQSSGLYSLSSVVTVPSSSLGTQTYICNVNHKPSNTKVDKKVEP
;
H,O,P,Q,R,S
4 'polypeptide(L)'
;IQLTQSPSFLSASVGDKVTITCRASQGVRNELAWYQQKPGKAPNLLIYYASTLQSGVPSRFSATGSGTHFTLTVSSLQPE
DFATYFCQHMSSYPLTFGGGTKVEIKRTVAAPSVFIFPPSDEQLKSGTASVVCLLNNFYPREAKVQWKVDNALQSGNSQE
SVTEQDSKDSTYSLSSTLTLSKADYEKHKVYACEVTHQGLSSPVTKSFNA
;
L,T,U,V,W,X
#
# COMPACT_ATOMS: atom_id res chain seq x y z
N GLN A 38 14.48 2.41 23.03
CA GLN A 38 15.61 2.25 22.13
C GLN A 38 15.71 3.39 21.15
N LEU A 39 16.85 4.07 21.14
CA LEU A 39 17.03 5.13 20.17
C LEU A 39 17.77 4.58 18.98
N TRP A 40 17.53 5.16 17.83
CA TRP A 40 18.07 4.75 16.54
C TRP A 40 18.96 5.77 15.89
N VAL A 41 19.92 5.32 15.09
CA VAL A 41 20.75 6.29 14.40
C VAL A 41 20.00 6.93 13.22
N THR A 42 19.99 8.27 13.20
CA THR A 42 19.41 9.08 12.12
C THR A 42 20.41 10.13 11.65
N VAL A 43 20.48 10.30 10.34
CA VAL A 43 21.39 11.24 9.74
C VAL A 43 20.69 12.55 9.49
N TYR A 44 21.35 13.64 9.89
CA TYR A 44 20.82 14.98 9.70
C TYR A 44 21.77 15.80 8.84
N TYR A 45 21.26 16.33 7.73
CA TYR A 45 22.14 17.10 6.86
C TYR A 45 21.73 18.53 6.75
N GLY A 46 22.66 19.43 7.02
CA GLY A 46 22.35 20.84 7.01
C GLY A 46 22.45 21.31 8.44
N VAL A 47 23.29 20.64 9.20
CA VAL A 47 23.50 20.95 10.59
C VAL A 47 24.40 22.21 10.70
N PRO A 48 23.97 23.26 11.40
CA PRO A 48 24.68 24.53 11.49
C PRO A 48 25.89 24.55 12.44
N VAL A 49 26.88 23.75 12.09
CA VAL A 49 28.13 23.65 12.83
C VAL A 49 29.32 23.83 11.91
N TRP A 50 30.46 24.09 12.50
CA TRP A 50 31.70 24.31 11.80
C TRP A 50 32.88 24.01 12.68
N LYS A 51 34.02 23.89 12.03
CA LYS A 51 35.29 23.75 12.72
C LYS A 51 36.24 24.79 12.15
N GLU A 52 37.18 25.25 12.94
CA GLU A 52 38.13 26.23 12.42
C GLU A 52 38.97 25.64 11.32
N ALA A 53 39.20 26.41 10.26
CA ALA A 53 39.96 25.85 9.15
C ALA A 53 40.69 26.88 8.34
N THR A 54 41.74 26.45 7.67
CA THR A 54 42.47 27.33 6.78
C THR A 54 42.27 27.02 5.32
N THR A 55 41.90 28.07 4.59
CA THR A 55 41.76 28.04 3.16
C THR A 55 42.29 29.32 2.57
N THR A 56 42.25 29.37 1.26
CA THR A 56 42.71 30.52 0.49
C THR A 56 41.59 31.51 0.24
N LEU A 57 41.82 32.78 0.54
CA LEU A 57 40.80 33.78 0.24
C LEU A 57 41.09 34.37 -1.11
N PHE A 58 40.04 34.78 -1.80
CA PHE A 58 40.23 35.37 -3.12
C PHE A 58 39.89 36.83 -3.09
N CYS A 59 40.45 37.57 -4.02
CA CYS A 59 40.21 39.00 -4.09
C CYS A 59 38.86 39.32 -4.67
N ALA A 60 38.38 40.50 -4.33
CA ALA A 60 37.24 41.05 -5.01
C ALA A 60 37.43 42.56 -5.16
N SER A 61 37.22 43.03 -6.40
CA SER A 61 37.42 44.40 -6.81
C SER A 61 36.20 45.29 -6.65
N ASP A 62 36.41 46.61 -6.67
CA ASP A 62 35.28 47.50 -6.44
C ASP A 62 34.39 47.76 -7.65
N ALA A 63 34.98 48.27 -8.70
CA ALA A 63 34.31 48.68 -9.91
C ALA A 63 35.30 49.20 -10.92
N ARG A 64 36.22 50.03 -10.43
CA ARG A 64 37.18 50.71 -11.27
C ARG A 64 38.42 49.89 -11.50
N ALA A 65 38.83 49.12 -10.49
CA ALA A 65 40.10 48.37 -10.50
C ALA A 65 40.22 47.48 -11.72
N TYR A 66 39.12 46.94 -12.19
CA TYR A 66 39.17 46.08 -13.36
C TYR A 66 39.94 46.77 -14.52
N ASP A 67 39.71 48.08 -14.71
CA ASP A 67 40.27 48.87 -15.80
C ASP A 67 41.48 49.73 -15.37
N THR A 68 42.10 49.40 -14.23
CA THR A 68 43.28 50.13 -13.74
C THR A 68 44.57 49.41 -14.09
N GLU A 69 44.43 48.32 -14.86
CA GLU A 69 45.49 47.40 -15.33
C GLU A 69 46.54 48.10 -16.16
N VAL A 70 46.17 49.27 -16.64
CA VAL A 70 46.98 50.11 -17.46
C VAL A 70 48.19 50.60 -16.68
N ARG A 71 48.09 50.61 -15.34
CA ARG A 71 49.21 51.02 -14.50
C ARG A 71 49.30 50.20 -13.19
N ASN A 72 48.16 49.95 -12.56
CA ASN A 72 48.13 49.46 -11.19
C ASN A 72 48.36 47.97 -11.02
N VAL A 73 49.35 47.68 -10.20
CA VAL A 73 49.79 46.33 -9.93
C VAL A 73 48.80 45.49 -9.11
N TRP A 74 48.31 46.06 -8.03
CA TRP A 74 47.42 45.33 -7.14
C TRP A 74 45.98 45.42 -7.60
N ALA A 75 45.62 46.54 -8.16
CA ALA A 75 44.27 46.74 -8.64
C ALA A 75 44.19 46.17 -10.02
N THR A 76 44.23 44.86 -10.07
CA THR A 76 44.29 44.15 -11.32
C THR A 76 42.95 43.92 -11.96
N HIS A 77 43.04 43.52 -13.23
CA HIS A 77 41.93 43.11 -14.05
C HIS A 77 41.57 41.67 -13.79
N ALA A 78 42.51 40.94 -13.22
CA ALA A 78 42.31 39.52 -12.95
C ALA A 78 41.67 39.34 -11.59
N CYS A 79 40.56 40.02 -11.38
CA CYS A 79 39.87 39.95 -10.11
C CYS A 79 38.39 40.22 -10.29
N VAL A 80 37.59 39.33 -9.71
CA VAL A 80 36.13 39.36 -9.72
C VAL A 80 35.68 40.56 -8.90
N PRO A 81 34.45 41.06 -9.04
CA PRO A 81 33.90 42.19 -8.31
C PRO A 81 33.47 41.78 -6.92
N THR A 82 33.32 42.75 -6.05
CA THR A 82 32.70 42.53 -4.76
C THR A 82 31.21 42.42 -4.88
N ASP A 83 30.62 41.91 -3.83
CA ASP A 83 29.19 41.83 -3.69
C ASP A 83 28.68 43.24 -3.46
N PRO A 84 27.83 43.81 -4.33
CA PRO A 84 27.28 45.15 -4.18
C PRO A 84 26.35 45.25 -2.97
N ASN A 85 25.90 44.10 -2.46
CA ASN A 85 25.02 44.09 -1.31
C ASN A 85 25.39 42.95 -0.37
N PRO A 86 26.55 43.02 0.31
CA PRO A 86 27.09 41.96 1.12
C PRO A 86 26.21 41.81 2.32
N GLN A 87 26.10 40.58 2.80
CA GLN A 87 25.28 40.33 3.96
C GLN A 87 26.09 39.99 5.19
N GLU A 88 25.48 40.22 6.34
CA GLU A 88 26.12 39.88 7.60
C GLU A 88 25.08 39.36 8.58
N VAL A 89 25.39 38.27 9.27
CA VAL A 89 24.44 37.75 10.26
C VAL A 89 24.97 37.73 11.67
N VAL A 90 24.28 38.39 12.57
CA VAL A 90 24.72 38.42 13.95
C VAL A 90 24.23 37.15 14.62
N LEU A 91 25.10 36.46 15.32
CA LEU A 91 24.73 35.20 15.95
C LEU A 91 24.35 35.44 17.41
N GLU A 92 23.33 34.75 17.91
CA GLU A 92 22.88 35.00 19.27
C GLU A 92 23.71 34.45 20.42
N ASN A 93 24.16 33.21 20.28
CA ASN A 93 24.83 32.51 21.37
C ASN A 93 26.19 31.97 20.96
N VAL A 94 26.81 32.60 20.01
CA VAL A 94 28.09 32.09 19.57
C VAL A 94 29.23 32.89 20.12
N THR A 95 30.07 32.24 20.90
CA THR A 95 31.22 32.89 21.48
C THR A 95 32.42 32.11 21.05
N GLU A 96 33.39 32.79 20.47
CA GLU A 96 34.58 32.10 20.03
C GLU A 96 35.84 32.81 20.36
N ASN A 97 36.92 32.04 20.44
CA ASN A 97 38.24 32.58 20.66
C ASN A 97 38.90 33.04 19.39
N PHE A 98 39.45 34.22 19.49
CA PHE A 98 40.19 34.89 18.43
C PHE A 98 41.62 35.10 18.91
N ASN A 99 42.55 35.16 17.97
CA ASN A 99 43.93 35.48 18.28
C ASN A 99 44.56 36.13 17.09
N MET A 100 44.76 37.43 17.16
CA MET A 100 45.27 38.12 16.00
C MET A 100 46.69 37.69 15.62
N TRP A 101 47.46 37.15 16.55
CA TRP A 101 48.81 36.79 16.20
C TRP A 101 48.89 35.40 15.62
N LYS A 102 47.75 34.76 15.49
CA LYS A 102 47.62 33.45 14.90
C LYS A 102 46.77 33.56 13.64
N ASN A 103 46.50 34.77 13.20
CA ASN A 103 45.65 34.95 12.05
C ASN A 103 46.42 34.75 10.77
N ASN A 104 46.17 33.62 10.11
CA ASN A 104 46.89 33.17 8.94
C ASN A 104 46.62 33.99 7.70
N MET A 105 45.61 34.86 7.76
CA MET A 105 45.27 35.69 6.63
C MET A 105 46.42 36.64 6.37
N VAL A 106 47.23 36.87 7.40
CA VAL A 106 48.33 37.78 7.31
C VAL A 106 49.39 37.19 6.40
N GLU A 107 49.53 35.87 6.40
CA GLU A 107 50.53 35.24 5.59
C GLU A 107 50.09 35.28 4.16
N GLN A 108 48.78 35.17 3.95
CA GLN A 108 48.33 35.22 2.58
C GLN A 108 48.59 36.61 2.05
N MET A 109 48.34 37.64 2.86
CA MET A 109 48.58 38.96 2.33
C MET A 109 50.06 39.23 2.14
N HIS A 110 50.87 38.63 3.00
CA HIS A 110 52.31 38.81 2.90
C HIS A 110 52.77 38.35 1.53
N GLU A 111 52.42 37.11 1.21
CA GLU A 111 52.85 36.51 -0.03
C GLU A 111 52.22 37.14 -1.25
N ASP A 112 50.95 37.52 -1.18
CA ASP A 112 50.32 38.03 -2.35
C ASP A 112 50.84 39.37 -2.75
N ILE A 113 51.10 40.24 -1.81
CA ILE A 113 51.58 41.52 -2.21
C ILE A 113 52.94 41.41 -2.80
N ILE A 114 53.80 40.61 -2.18
CA ILE A 114 55.13 40.48 -2.70
C ILE A 114 55.13 39.85 -4.06
N SER A 115 54.36 38.79 -4.25
CA SER A 115 54.34 38.14 -5.53
C SER A 115 53.83 39.04 -6.62
N LEU A 116 52.73 39.75 -6.38
CA LEU A 116 52.16 40.57 -7.42
C LEU A 116 53.09 41.70 -7.78
N TRP A 117 53.74 42.26 -6.76
CA TRP A 117 54.67 43.34 -6.97
C TRP A 117 55.79 42.84 -7.83
N ASP A 118 56.34 41.66 -7.51
CA ASP A 118 57.44 41.14 -8.29
C ASP A 118 57.01 40.82 -9.73
N GLN A 119 55.80 40.31 -9.91
CA GLN A 119 55.37 39.96 -11.25
C GLN A 119 55.34 41.17 -12.17
N SER A 120 54.95 42.30 -11.62
CA SER A 120 54.83 43.51 -12.41
C SER A 120 56.16 44.06 -12.86
N LEU A 121 57.24 43.61 -12.25
CA LEU A 121 58.55 44.12 -12.54
C LEU A 121 59.33 43.23 -13.48
N LYS A 122 58.73 42.12 -13.90
CA LYS A 122 59.48 41.18 -14.71
C LYS A 122 59.99 41.75 -16.03
N PRO A 123 59.23 42.58 -16.79
CA PRO A 123 59.64 43.13 -18.06
C PRO A 123 60.40 44.45 -17.94
N CYS A 124 60.78 44.85 -16.74
CA CYS A 124 61.33 46.18 -16.56
C CYS A 124 62.84 46.26 -16.79
N VAL A 125 63.38 47.48 -16.77
CA VAL A 125 64.76 47.71 -17.21
C VAL A 125 65.88 47.53 -16.21
N LYS A 126 66.86 46.70 -16.54
CA LYS A 126 68.01 46.51 -15.66
C LYS A 126 68.89 47.73 -15.70
N LEU A 127 69.31 48.18 -14.52
CA LEU A 127 70.16 49.35 -14.39
C LEU A 127 71.61 48.96 -14.15
N THR A 128 71.90 47.68 -14.35
CA THR A 128 73.23 47.13 -14.15
C THR A 128 74.35 47.93 -14.84
N PRO A 129 74.27 48.27 -16.15
CA PRO A 129 75.32 48.95 -16.88
C PRO A 129 75.44 50.41 -16.49
N LEU A 130 74.52 50.91 -15.67
CA LEU A 130 74.53 52.31 -15.34
C LEU A 130 75.29 52.56 -14.07
N CYS A 131 75.72 51.48 -13.45
CA CYS A 131 76.44 51.56 -12.20
C CYS A 131 77.94 51.71 -12.42
N VAL A 132 78.35 51.77 -13.68
CA VAL A 132 79.77 51.78 -13.96
C VAL A 132 80.55 52.96 -13.43
N THR A 133 80.07 54.18 -13.60
CA THR A 133 80.83 55.30 -13.06
C THR A 133 80.01 56.54 -12.88
N LEU A 134 80.41 57.36 -11.91
CA LEU A 134 79.82 58.66 -11.63
C LEU A 134 80.88 59.63 -11.13
N ASN A 135 80.99 60.80 -11.76
CA ASN A 135 81.89 61.87 -11.32
C ASN A 135 81.03 62.97 -10.72
N CYS A 136 81.01 63.08 -9.41
CA CYS A 136 79.99 63.93 -8.82
C CYS A 136 80.50 65.14 -8.10
N THR A 137 79.66 66.15 -8.21
CA THR A 137 79.73 67.38 -7.45
C THR A 137 78.36 67.61 -6.88
N ASP A 138 78.20 68.67 -6.14
CA ASP A 138 76.90 68.95 -5.55
C ASP A 138 75.94 69.56 -6.56
N LEU A 139 74.66 69.39 -6.34
CA LEU A 139 73.68 70.08 -7.15
C LEU A 139 73.79 71.59 -6.98
N ARG A 140 73.82 72.30 -8.10
CA ARG A 140 73.94 73.75 -8.10
C ARG A 140 72.65 74.48 -8.40
N GLY A 161 74.52 68.62 0.47
CA GLY A 161 74.65 67.77 -0.73
C GLY A 161 73.82 66.49 -0.69
N GLU A 162 72.49 66.65 -0.58
CA GLU A 162 71.55 65.53 -0.61
C GLU A 162 71.45 65.04 -2.04
N ILE A 163 71.55 66.00 -2.96
CA ILE A 163 71.48 65.70 -4.37
C ILE A 163 72.81 66.06 -5.01
N LYS A 164 73.33 65.09 -5.73
CA LYS A 164 74.58 65.22 -6.44
C LYS A 164 74.35 65.35 -7.93
N ASN A 165 75.19 66.15 -8.54
CA ASN A 165 75.20 66.34 -9.98
C ASN A 165 76.33 65.50 -10.55
N CYS A 166 75.98 64.37 -11.14
CA CYS A 166 77.04 63.48 -11.54
C CYS A 166 77.14 63.33 -13.02
N SER A 167 78.35 63.34 -13.53
CA SER A 167 78.57 63.08 -14.93
C SER A 167 78.95 61.62 -15.04
N PHE A 168 78.79 61.06 -16.21
CA PHE A 168 79.22 59.69 -16.36
C PHE A 168 79.56 59.28 -17.78
N ASN A 169 80.42 58.28 -17.85
CA ASN A 169 80.88 57.67 -19.07
C ASN A 169 80.11 56.41 -19.37
N ILE A 170 79.40 56.40 -20.48
CA ILE A 170 78.59 55.29 -20.89
C ILE A 170 79.43 54.47 -21.86
N THR A 171 79.50 53.17 -21.57
CA THR A 171 80.28 52.20 -22.31
C THR A 171 79.61 51.99 -23.63
N THR A 172 80.21 51.21 -24.54
CA THR A 172 79.63 51.13 -25.86
C THR A 172 78.13 50.96 -25.76
N SER A 173 77.48 51.92 -26.38
CA SER A 173 76.05 52.12 -26.41
C SER A 173 75.48 51.89 -27.77
N MET A 174 75.55 52.92 -28.61
CA MET A 174 74.96 52.84 -29.94
C MET A 174 75.85 52.07 -30.88
N ARG A 175 75.95 50.77 -30.62
CA ARG A 175 76.67 49.76 -31.37
C ARG A 175 78.19 49.90 -31.40
N ASP A 176 78.68 51.00 -31.93
CA ASP A 176 80.11 51.24 -31.98
C ASP A 176 80.49 52.61 -31.41
N LYS A 177 79.55 53.22 -30.72
CA LYS A 177 79.74 54.54 -30.13
C LYS A 177 79.74 54.49 -28.62
N VAL A 178 80.31 55.54 -28.03
CA VAL A 178 80.32 55.73 -26.59
C VAL A 178 79.75 57.11 -26.35
N GLN A 179 79.34 57.40 -25.14
CA GLN A 179 78.74 58.71 -24.89
C GLN A 179 78.93 59.15 -23.46
N LYS A 180 78.75 60.43 -23.20
CA LYS A 180 78.80 60.91 -21.84
C LYS A 180 77.52 61.66 -21.55
N GLU A 181 77.04 61.51 -20.32
CA GLU A 181 75.79 62.10 -19.84
C GLU A 181 75.94 62.59 -18.43
N TYR A 182 74.89 63.19 -17.89
CA TYR A 182 74.92 63.56 -16.51
C TYR A 182 73.51 63.41 -15.99
N ALA A 183 73.38 63.30 -14.68
CA ALA A 183 72.07 63.17 -14.06
C ALA A 183 72.13 63.54 -12.60
N LEU A 184 70.96 63.76 -12.00
CA LEU A 184 70.98 64.04 -10.58
C LEU A 184 70.71 62.78 -9.78
N PHE A 185 71.47 62.62 -8.70
CA PHE A 185 71.38 61.46 -7.81
C PHE A 185 71.19 61.81 -6.36
N TYR A 186 70.49 60.96 -5.62
CA TYR A 186 70.36 61.17 -4.18
C TYR A 186 71.49 60.47 -3.44
N LYS A 187 71.94 61.08 -2.36
CA LYS A 187 73.00 60.52 -1.51
C LYS A 187 72.57 59.25 -0.82
N LEU A 188 71.28 58.98 -0.81
CA LEU A 188 70.79 57.79 -0.18
C LEU A 188 70.83 56.59 -1.15
N ASP A 189 71.01 56.86 -2.45
CA ASP A 189 71.11 55.80 -3.45
C ASP A 189 72.55 55.47 -3.82
N VAL A 190 73.45 56.46 -3.70
CA VAL A 190 74.85 56.26 -4.11
C VAL A 190 75.85 56.55 -3.00
N VAL A 191 77.04 55.99 -3.16
CA VAL A 191 78.17 56.18 -2.26
C VAL A 191 79.46 56.46 -2.99
N PRO A 192 80.37 57.23 -2.37
CA PRO A 192 81.67 57.58 -2.87
C PRO A 192 82.65 56.45 -2.81
N ILE A 193 83.67 56.58 -3.62
CA ILE A 193 84.84 55.74 -3.57
C ILE A 193 85.81 56.36 -2.59
N LYS A 194 86.22 55.58 -1.61
CA LYS A 194 87.06 56.04 -0.51
C LYS A 194 88.35 56.73 -0.91
N ASN A 195 89.03 56.25 -1.93
CA ASN A 195 90.29 56.86 -2.31
C ASN A 195 90.17 57.94 -3.36
N ASP A 196 88.95 58.31 -3.74
CA ASP A 196 88.76 59.36 -4.74
C ASP A 196 88.08 60.56 -4.12
N ASN A 197 86.93 60.29 -3.49
CA ASN A 197 86.00 61.24 -2.89
C ASN A 197 85.30 62.14 -3.92
N THR A 198 85.46 61.82 -5.21
CA THR A 198 84.82 62.50 -6.31
C THR A 198 84.03 61.53 -7.13
N SER A 199 84.35 60.25 -7.00
CA SER A 199 83.71 59.26 -7.82
C SER A 199 82.76 58.49 -6.93
N TYR A 200 81.65 58.06 -7.53
CA TYR A 200 80.57 57.36 -6.86
C TYR A 200 80.08 56.12 -7.58
N ARG A 201 79.45 55.24 -6.81
CA ARG A 201 78.80 54.03 -7.29
C ARG A 201 77.47 53.86 -6.60
N LEU A 202 76.59 53.07 -7.18
CA LEU A 202 75.32 52.82 -6.54
C LEU A 202 75.53 51.84 -5.40
N ILE A 203 74.80 52.03 -4.34
CA ILE A 203 74.98 51.23 -3.13
C ILE A 203 74.80 49.73 -3.25
N SER A 204 73.80 49.30 -3.97
CA SER A 204 73.47 47.89 -4.04
C SER A 204 74.17 47.11 -5.14
N CYS A 205 75.02 47.77 -5.90
CA CYS A 205 75.62 47.13 -7.06
C CYS A 205 76.38 45.88 -6.81
N ASN A 206 77.04 45.74 -5.68
CA ASN A 206 77.84 44.53 -5.53
C ASN A 206 77.07 43.36 -4.96
N THR A 207 75.76 43.51 -4.79
CA THR A 207 74.96 42.39 -4.33
C THR A 207 73.95 41.94 -5.36
N SER A 208 73.23 42.86 -5.99
CA SER A 208 72.22 42.39 -6.94
C SER A 208 71.76 43.38 -7.98
N VAL A 209 70.81 42.91 -8.77
CA VAL A 209 70.19 43.64 -9.85
C VAL A 209 69.00 44.47 -9.43
N ILE A 210 69.03 45.70 -9.89
CA ILE A 210 67.97 46.63 -9.66
C ILE A 210 67.39 47.03 -10.98
N THR A 211 66.08 47.03 -11.06
CA THR A 211 65.47 47.45 -12.31
C THR A 211 64.65 48.70 -12.10
N GLN A 212 64.48 49.46 -13.18
CA GLN A 212 63.63 50.64 -13.15
C GLN A 212 62.26 50.26 -13.51
N ALA A 213 61.33 50.57 -12.64
CA ALA A 213 59.96 50.17 -12.85
C ALA A 213 59.51 50.73 -14.16
N CYS A 214 58.73 49.95 -14.84
CA CYS A 214 58.22 50.32 -16.11
C CYS A 214 57.44 51.58 -15.85
N PRO A 215 57.61 52.67 -16.63
CA PRO A 215 56.91 53.94 -16.44
C PRO A 215 55.41 53.77 -16.28
N LYS A 216 54.83 52.79 -16.98
CA LYS A 216 53.41 52.58 -16.86
C LYS A 216 53.10 51.71 -15.65
N VAL A 217 53.29 52.29 -14.47
CA VAL A 217 53.10 51.57 -13.23
C VAL A 217 52.39 52.41 -12.17
N SER A 218 51.59 51.76 -11.35
CA SER A 218 50.96 52.37 -10.20
C SER A 218 50.83 51.45 -9.01
N PHE A 219 51.05 52.03 -7.86
CA PHE A 219 50.94 51.32 -6.62
C PHE A 219 49.85 51.91 -5.76
N GLU A 220 48.89 52.58 -6.39
CA GLU A 220 47.83 53.17 -5.61
C GLU A 220 47.24 52.07 -4.74
N PRO A 221 47.14 52.28 -3.42
CA PRO A 221 46.68 51.31 -2.47
C PRO A 221 45.17 51.15 -2.45
N ILE A 222 44.66 50.53 -3.49
CA ILE A 222 43.23 50.28 -3.66
C ILE A 222 42.73 49.24 -2.65
N PRO A 223 41.62 49.51 -1.93
CA PRO A 223 41.03 48.67 -0.90
C PRO A 223 40.31 47.44 -1.41
N ILE A 224 41.09 46.46 -1.82
CA ILE A 224 40.62 45.18 -2.32
C ILE A 224 40.07 44.31 -1.19
N HIS A 225 38.93 43.66 -1.42
CA HIS A 225 38.26 42.82 -0.45
C HIS A 225 38.68 41.39 -0.59
N TYR A 226 38.70 40.65 0.52
CA TYR A 226 39.01 39.23 0.45
C TYR A 226 37.87 38.39 0.92
N CYS A 227 37.50 37.47 0.04
CA CYS A 227 36.31 36.66 0.22
C CYS A 227 36.59 35.19 0.39
N ALA A 228 35.73 34.53 1.17
CA ALA A 228 35.83 33.09 1.36
C ALA A 228 35.10 32.32 0.26
N PRO A 229 35.62 31.16 -0.14
CA PRO A 229 35.03 30.22 -1.09
C PRO A 229 33.85 29.50 -0.50
N ALA A 230 33.00 28.94 -1.35
CA ALA A 230 31.87 28.20 -0.85
C ALA A 230 32.32 27.06 0.05
N GLY A 231 31.59 26.88 1.14
CA GLY A 231 31.88 25.86 2.14
C GLY A 231 32.59 26.47 3.32
N PHE A 232 33.03 27.70 3.16
CA PHE A 232 33.74 28.44 4.18
C PHE A 232 33.06 29.74 4.52
N ALA A 233 33.35 30.20 5.71
CA ALA A 233 32.81 31.47 6.17
C ALA A 233 33.80 32.16 7.05
N ILE A 234 33.63 33.45 7.17
CA ILE A 234 34.48 34.25 8.00
C ILE A 234 33.71 34.72 9.21
N LEU A 235 34.25 34.49 10.39
CA LEU A 235 33.55 35.00 11.54
C LEU A 235 34.25 36.27 11.99
N LYS A 236 33.44 37.27 12.28
CA LYS A 236 33.96 38.55 12.69
C LYS A 236 33.68 38.83 14.14
N CYS A 237 34.66 39.39 14.82
CA CYS A 237 34.45 39.86 16.19
C CYS A 237 34.05 41.32 16.16
N ASN A 238 32.85 41.60 16.65
CA ASN A 238 32.28 42.93 16.63
C ASN A 238 32.32 43.59 17.99
N ASP A 239 33.07 43.01 18.89
CA ASP A 239 33.21 43.56 20.23
C ASP A 239 34.26 44.65 20.21
N LYS A 240 33.79 45.88 20.39
CA LYS A 240 34.61 47.07 20.28
C LYS A 240 35.67 47.16 21.37
N LYS A 241 35.50 46.39 22.43
CA LYS A 241 36.44 46.42 23.53
C LYS A 241 37.32 45.19 23.55
N PHE A 242 37.21 44.35 22.52
CA PHE A 242 37.99 43.14 22.47
C PHE A 242 39.47 43.39 22.19
N ASN A 243 40.31 42.76 22.97
CA ASN A 243 41.75 42.88 22.82
C ASN A 243 42.25 41.92 21.74
N GLY A 244 43.54 41.72 21.62
CA GLY A 244 44.01 40.89 20.52
C GLY A 244 43.68 39.40 20.62
N THR A 245 43.44 38.87 21.82
CA THR A 245 43.16 37.45 21.93
C THR A 245 42.00 37.17 22.88
N GLY A 246 41.48 35.95 22.83
CA GLY A 246 40.48 35.52 23.78
C GLY A 246 39.10 35.48 23.16
N PRO A 247 38.06 35.20 23.95
CA PRO A 247 36.71 35.04 23.51
C PRO A 247 36.07 36.34 23.10
N CYS A 248 35.19 36.25 22.13
CA CYS A 248 34.39 37.35 21.68
C CYS A 248 32.96 36.88 21.53
N THR A 249 32.02 37.60 22.14
CA THR A 249 30.62 37.20 22.12
C THR A 249 29.84 37.87 21.01
N ASN A 250 30.22 39.08 20.63
CA ASN A 250 29.47 39.67 19.55
C ASN A 250 30.11 39.25 18.26
N VAL A 251 29.60 38.17 17.73
CA VAL A 251 30.15 37.54 16.57
C VAL A 251 29.14 37.49 15.47
N SER A 252 29.61 37.76 14.26
CA SER A 252 28.74 37.72 13.10
C SER A 252 29.39 36.95 11.95
N THR A 253 28.54 36.41 11.09
CA THR A 253 29.00 35.69 9.92
C THR A 253 29.11 36.62 8.73
N VAL A 254 30.29 36.56 8.12
CA VAL A 254 30.74 37.33 6.98
C VAL A 254 31.15 36.42 5.83
N GLN A 255 30.67 36.67 4.61
CA GLN A 255 31.17 35.82 3.53
C GLN A 255 32.44 36.42 2.98
N CYS A 256 32.49 37.74 3.01
CA CYS A 256 33.60 38.50 2.48
C CYS A 256 33.86 39.74 3.31
N THR A 257 35.13 40.04 3.54
CA THR A 257 35.54 41.17 4.36
C THR A 257 35.47 42.45 3.60
N HIS A 258 35.64 43.54 4.31
CA HIS A 258 35.70 44.84 3.72
C HIS A 258 37.02 44.96 2.98
N GLY A 259 37.20 46.05 2.25
CA GLY A 259 38.42 46.22 1.51
C GLY A 259 39.52 46.72 2.39
N ILE A 260 40.73 46.25 2.16
CA ILE A 260 41.85 46.74 2.92
C ILE A 260 42.89 47.28 1.99
N ARG A 261 43.28 48.52 2.21
CA ARG A 261 44.27 49.11 1.35
C ARG A 261 45.66 48.53 1.65
N PRO A 262 46.45 48.11 0.63
CA PRO A 262 47.80 47.60 0.77
C PRO A 262 48.76 48.75 0.95
N VAL A 263 48.64 49.37 2.10
CA VAL A 263 49.45 50.51 2.47
C VAL A 263 50.81 50.08 2.93
N VAL A 264 51.82 50.75 2.42
CA VAL A 264 53.18 50.46 2.82
C VAL A 264 53.72 51.66 3.54
N SER A 265 54.14 51.44 4.77
CA SER A 265 54.67 52.51 5.58
C SER A 265 55.51 51.97 6.69
N THR A 266 56.31 52.85 7.27
CA THR A 266 56.97 52.46 8.51
C THR A 266 56.70 53.53 9.50
N GLN A 267 56.54 53.10 10.75
CA GLN A 267 56.27 53.95 11.90
C GLN A 267 54.92 54.66 11.81
N LEU A 268 53.97 54.13 11.03
CA LEU A 268 52.65 54.75 10.92
C LEU A 268 51.51 53.91 10.37
N LEU A 269 50.41 53.89 11.11
CA LEU A 269 49.21 53.24 10.65
C LEU A 269 48.34 54.38 10.13
N LEU A 270 47.95 54.30 8.87
CA LEU A 270 47.22 55.39 8.24
C LEU A 270 46.10 55.00 7.29
N ASN A 271 45.27 56.00 7.02
CA ASN A 271 44.16 56.00 6.09
C ASN A 271 43.11 54.93 6.38
N GLY A 272 42.78 54.74 7.64
CA GLY A 272 41.72 53.81 7.99
C GLY A 272 41.73 53.25 9.41
N SER A 273 40.63 52.58 9.73
CA SER A 273 40.36 51.88 11.00
C SER A 273 40.48 52.61 12.33
N LEU A 274 39.80 53.74 12.47
CA LEU A 274 39.81 54.46 13.75
C LEU A 274 39.07 53.70 14.84
N ALA A 275 39.55 53.88 16.06
CA ALA A 275 39.06 53.31 17.31
C ALA A 275 37.71 53.88 17.75
N GLU A 276 37.03 53.13 18.61
CA GLU A 276 35.68 53.48 19.07
C GLU A 276 35.65 54.54 20.19
N GLU A 277 35.91 55.78 19.80
CA GLU A 277 35.92 56.98 20.65
C GLU A 277 36.91 57.04 21.79
N GLU A 278 37.89 56.16 21.77
CA GLU A 278 38.96 56.15 22.74
C GLU A 278 40.17 55.56 22.10
N VAL A 279 41.33 55.80 22.66
CA VAL A 279 42.50 55.16 22.12
C VAL A 279 42.44 53.70 22.52
N VAL A 280 42.66 52.83 21.57
CA VAL A 280 42.62 51.41 21.83
C VAL A 280 43.95 50.79 21.57
N ILE A 281 44.47 50.15 22.58
CA ILE A 281 45.79 49.59 22.45
C ILE A 281 45.76 48.09 22.60
N ARG A 282 46.39 47.40 21.66
CA ARG A 282 46.47 45.95 21.74
C ARG A 282 47.92 45.51 21.69
N SER A 283 48.21 44.44 22.38
CA SER A 283 49.54 43.87 22.39
C SER A 283 49.42 42.44 22.71
N ALA A 284 50.40 41.67 22.30
CA ALA A 284 50.44 40.26 22.63
C ALA A 284 50.55 40.10 24.14
N ASN A 285 51.17 41.07 24.83
CA ASN A 285 51.34 40.91 26.26
C ASN A 285 51.34 42.21 27.09
N PHE A 286 51.87 43.32 26.55
CA PHE A 286 52.12 44.53 27.37
C PHE A 286 53.00 44.23 28.57
N THR A 287 53.79 43.18 28.46
CA THR A 287 54.58 42.74 29.58
C THR A 287 55.97 42.44 29.09
N ASP A 288 56.07 41.43 28.25
CA ASP A 288 57.29 40.97 27.64
C ASP A 288 57.87 42.03 26.70
N ASN A 289 59.15 42.34 26.89
CA ASN A 289 59.82 43.36 26.09
C ASN A 289 60.08 42.88 24.66
N ALA A 290 59.85 41.60 24.43
CA ALA A 290 59.99 40.99 23.12
C ALA A 290 58.75 41.23 22.26
N LYS A 291 57.69 41.77 22.84
CA LYS A 291 56.44 41.98 22.12
C LYS A 291 56.25 43.45 21.80
N ILE A 292 55.34 43.73 20.87
CA ILE A 292 55.09 45.12 20.48
C ILE A 292 53.67 45.56 20.74
N ILE A 293 53.50 46.86 20.72
CA ILE A 293 52.21 47.47 20.97
C ILE A 293 51.61 48.17 19.76
N ILE A 294 50.36 47.84 19.47
CA ILE A 294 49.62 48.40 18.35
C ILE A 294 48.60 49.43 18.88
N VAL A 295 48.70 50.66 18.42
CA VAL A 295 47.82 51.72 18.94
C VAL A 295 46.85 52.27 17.91
N GLN A 296 45.55 52.17 18.21
CA GLN A 296 44.49 52.70 17.35
C GLN A 296 43.98 54.02 17.89
N LEU A 297 43.81 55.01 17.04
CA LEU A 297 43.32 56.29 17.50
C LEU A 297 41.87 56.42 17.14
N ASN A 298 41.09 57.11 17.94
CA ASN A 298 39.69 57.34 17.61
C ASN A 298 39.45 58.47 16.65
N LYS A 299 40.44 59.33 16.51
CA LYS A 299 40.34 60.48 15.63
C LYS A 299 41.60 60.44 14.82
N SER A 300 41.55 60.80 13.54
CA SER A 300 42.79 60.82 12.81
C SER A 300 43.50 62.14 12.96
N VAL A 301 44.79 62.14 12.67
CA VAL A 301 45.58 63.38 12.68
C VAL A 301 46.00 63.67 11.25
N GLU A 302 45.75 64.88 10.81
CA GLU A 302 46.07 65.23 9.46
C GLU A 302 47.53 65.58 9.25
N ILE A 303 48.08 65.00 8.18
CA ILE A 303 49.44 65.25 7.72
C ILE A 303 49.48 65.67 6.25
N ASN A 304 50.18 66.76 5.97
CA ASN A 304 50.32 67.27 4.59
C ASN A 304 51.77 67.26 4.14
N CYS A 305 52.06 66.44 3.14
CA CYS A 305 53.44 66.27 2.68
C CYS A 305 53.69 66.82 1.29
N THR A 306 54.90 67.29 1.09
CA THR A 306 55.28 67.80 -0.20
C THR A 306 56.76 67.78 -0.53
N ARG A 307 57.03 67.75 -1.83
CA ARG A 307 58.37 67.84 -2.43
C ARG A 307 58.25 68.92 -3.51
N PRO A 308 58.28 70.22 -3.17
CA PRO A 308 57.95 71.34 -4.05
C PRO A 308 59.05 71.69 -5.06
N ASN A 309 59.41 70.73 -5.87
CA ASN A 309 60.43 70.89 -6.88
C ASN A 309 59.89 70.39 -8.17
N ASN A 310 59.70 71.28 -9.12
CA ASN A 310 59.10 70.84 -10.34
C ASN A 310 60.18 70.19 -11.17
N ASN A 311 60.31 68.91 -11.02
CA ASN A 311 61.42 68.27 -11.68
C ASN A 311 61.08 67.76 -13.05
N THR A 312 62.08 67.64 -13.90
CA THR A 312 61.85 66.94 -15.15
C THR A 312 62.72 65.71 -15.18
N ARG A 313 62.58 64.94 -16.23
CA ARG A 313 63.35 63.72 -16.35
C ARG A 313 63.89 63.55 -17.75
N LYS A 314 65.06 62.95 -17.84
CA LYS A 314 65.64 62.69 -19.13
C LYS A 314 65.59 61.23 -19.48
N SER A 315 65.24 60.95 -20.72
CA SER A 315 65.27 59.58 -21.19
C SER A 315 66.63 59.34 -21.81
N ILE A 316 67.40 58.45 -21.22
CA ILE A 316 68.72 58.19 -21.72
C ILE A 316 68.78 56.85 -22.37
N HIS A 317 69.22 56.87 -23.62
CA HIS A 317 69.34 55.66 -24.39
C HIS A 317 70.79 55.27 -24.32
N ILE A 318 71.01 54.01 -23.95
CA ILE A 318 72.34 53.47 -23.72
C ILE A 318 72.64 52.33 -24.66
N GLY A 319 71.89 52.30 -25.72
CA GLY A 319 72.03 51.36 -26.80
C GLY A 319 70.73 51.39 -27.54
N PRO A 320 70.69 50.96 -28.79
CA PRO A 320 69.49 50.97 -29.54
C PRO A 320 68.57 49.99 -28.83
N GLY A 321 67.32 50.35 -28.57
CA GLY A 321 66.39 49.43 -27.97
C GLY A 321 66.40 49.42 -26.45
N ARG A 322 67.32 50.16 -25.83
CA ARG A 322 67.35 50.17 -24.39
C ARG A 322 67.57 51.56 -23.80
N TRP A 323 66.75 51.89 -22.82
CA TRP A 323 66.82 53.19 -22.19
C TRP A 323 66.20 53.21 -20.82
N PHE A 324 66.47 54.27 -20.11
CA PHE A 324 65.92 54.45 -18.77
C PHE A 324 65.74 55.93 -18.49
N TYR A 325 64.96 56.24 -17.49
CA TYR A 325 64.77 57.63 -17.13
C TYR A 325 65.63 58.03 -15.96
N THR A 326 66.08 59.27 -15.98
CA THR A 326 66.83 59.78 -14.84
C THR A 326 66.43 61.19 -14.49
N THR A 327 66.65 61.58 -13.25
CA THR A 327 66.29 62.93 -12.86
C THR A 327 67.08 63.95 -13.67
N GLY A 328 66.32 64.88 -14.26
CA GLY A 328 66.86 65.92 -15.11
C GLY A 328 66.92 67.19 -14.30
N GLU A 329 66.83 68.32 -14.97
CA GLU A 329 66.93 69.59 -14.29
C GLU A 329 65.71 69.93 -13.47
N ILE A 330 65.92 70.77 -12.48
CA ILE A 330 64.87 71.26 -11.62
C ILE A 330 64.35 72.58 -12.15
N ILE A 331 63.05 72.68 -12.28
CA ILE A 331 62.43 73.88 -12.72
C ILE A 331 62.15 74.64 -11.44
N GLY A 332 62.80 75.78 -11.28
CA GLY A 332 62.70 76.55 -10.05
C GLY A 332 63.84 76.19 -9.09
N ASP A 333 63.70 76.63 -7.85
CA ASP A 333 64.73 76.51 -6.84
C ASP A 333 64.64 75.15 -6.15
N ILE A 334 65.53 74.90 -5.20
CA ILE A 334 65.48 73.64 -4.46
C ILE A 334 64.72 73.79 -3.15
N ARG A 335 63.63 73.06 -3.03
CA ARG A 335 62.83 73.09 -1.83
C ARG A 335 63.01 71.78 -1.11
N GLN A 336 63.00 71.84 0.20
CA GLN A 336 63.17 70.64 1.00
C GLN A 336 61.86 69.89 1.12
N ALA A 337 61.92 68.57 0.97
CA ALA A 337 60.72 67.77 1.17
C ALA A 337 60.36 67.85 2.63
N HIS A 338 59.08 67.95 2.92
CA HIS A 338 58.68 68.05 4.31
C HIS A 338 57.22 67.68 4.54
N CYS A 339 56.88 67.46 5.81
CA CYS A 339 55.48 67.19 6.17
C CYS A 339 54.95 67.95 7.38
N ASN A 340 53.77 68.52 7.20
CA ASN A 340 53.04 69.31 8.18
C ASN A 340 51.99 68.53 8.93
N ILE A 341 52.23 68.35 10.20
CA ILE A 341 51.37 67.58 11.07
C ILE A 341 50.71 68.52 12.04
N SER A 342 49.39 68.46 12.19
CA SER A 342 48.86 69.41 13.18
C SER A 342 49.44 69.04 14.54
N GLY A 343 50.12 70.00 15.18
CA GLY A 343 50.82 69.76 16.41
C GLY A 343 49.85 69.53 17.52
N THR A 344 48.91 70.45 17.62
CA THR A 344 47.92 70.33 18.66
C THR A 344 47.18 69.03 18.49
N LYS A 345 46.75 68.68 17.27
CA LYS A 345 46.01 67.44 17.18
C LYS A 345 46.86 66.25 17.57
N TRP A 346 48.11 66.24 17.13
CA TRP A 346 49.02 65.17 17.44
C TRP A 346 49.24 65.00 18.92
N ASN A 347 49.64 66.07 19.57
CA ASN A 347 49.94 66.02 20.97
C ASN A 347 48.73 65.93 21.87
N ASP A 348 47.58 66.41 21.42
CA ASP A 348 46.39 66.27 22.23
C ASP A 348 46.04 64.80 22.21
N THR A 349 46.16 64.20 21.04
CA THR A 349 45.91 62.80 20.87
C THR A 349 46.93 62.01 21.66
N LEU A 350 48.19 62.42 21.61
CA LEU A 350 49.24 61.70 22.30
C LEU A 350 48.98 61.74 23.79
N LYS A 351 48.51 62.88 24.31
CA LYS A 351 48.16 62.91 25.72
C LYS A 351 47.12 61.83 26.01
N GLN A 352 46.13 61.72 25.11
CA GLN A 352 45.09 60.71 25.27
C GLN A 352 45.66 59.30 25.12
N ILE A 353 46.68 59.13 24.28
CA ILE A 353 47.28 57.82 24.11
C ILE A 353 47.89 57.44 25.42
N VAL A 354 48.57 58.37 26.07
CA VAL A 354 49.18 58.10 27.35
C VAL A 354 48.10 57.72 28.35
N VAL A 355 46.96 58.40 28.32
CA VAL A 355 45.92 58.05 29.25
C VAL A 355 45.56 56.58 29.12
N LYS A 356 45.44 56.08 27.91
CA LYS A 356 45.20 54.66 27.78
C LYS A 356 46.44 53.81 28.13
N LEU A 357 47.62 54.24 27.71
CA LEU A 357 48.84 53.45 27.89
C LEU A 357 49.21 53.23 29.36
N LYS A 358 48.99 54.25 30.18
CA LYS A 358 49.34 54.25 31.58
C LYS A 358 48.55 53.18 32.34
N GLU A 359 47.46 52.68 31.77
CA GLU A 359 46.69 51.66 32.45
C GLU A 359 47.55 50.43 32.67
N GLN A 360 48.44 50.13 31.72
CA GLN A 360 49.28 48.96 31.84
C GLN A 360 50.66 49.33 32.36
N PHE A 361 51.11 50.57 32.09
CA PHE A 361 52.48 50.92 32.47
C PHE A 361 52.72 51.90 33.64
N GLY A 362 51.69 52.40 34.32
CA GLY A 362 51.90 53.28 35.47
C GLY A 362 51.50 54.72 35.22
N ASN A 363 50.81 55.30 36.19
CA ASN A 363 50.25 56.65 36.08
C ASN A 363 51.23 57.82 35.97
N LYS A 364 52.43 57.68 36.52
CA LYS A 364 53.41 58.75 36.43
C LYS A 364 54.57 58.36 35.55
N THR A 365 54.38 57.28 34.81
CA THR A 365 55.42 56.75 33.98
C THR A 365 55.70 57.62 32.77
N ILE A 366 56.98 57.88 32.52
CA ILE A 366 57.39 58.65 31.39
C ILE A 366 57.53 57.74 30.20
N VAL A 367 56.80 58.10 29.17
CA VAL A 367 56.65 57.39 27.93
C VAL A 367 56.90 58.28 26.71
N PHE A 368 57.10 57.67 25.54
CA PHE A 368 57.26 58.32 24.23
C PHE A 368 58.45 59.23 23.96
N ASN A 369 59.61 58.63 23.77
CA ASN A 369 60.82 59.40 23.48
C ASN A 369 61.11 59.36 21.97
N HIS A 370 62.17 60.03 21.58
CA HIS A 370 62.59 60.18 20.20
C HIS A 370 62.98 58.88 19.52
N SER A 371 62.79 58.84 18.21
CA SER A 371 63.17 57.67 17.43
C SER A 371 64.63 57.31 17.60
N SER A 372 64.90 56.02 17.78
CA SER A 372 66.24 55.50 17.93
C SER A 372 66.31 54.02 17.63
N GLY A 373 67.40 53.59 17.01
CA GLY A 373 67.66 52.19 16.77
C GLY A 373 67.43 51.78 15.31
N GLY A 374 68.38 51.01 14.77
CA GLY A 374 68.29 50.55 13.39
C GLY A 374 68.96 51.50 12.42
N ASP A 375 68.91 51.16 11.14
CA ASP A 375 69.57 51.97 10.13
C ASP A 375 68.56 53.09 9.78
N PRO A 376 68.86 54.02 8.88
CA PRO A 376 67.99 55.13 8.52
C PRO A 376 66.59 54.75 8.06
N GLU A 377 66.36 53.53 7.54
CA GLU A 377 65.01 53.18 7.07
C GLU A 377 64.17 52.64 8.21
N ILE A 378 64.81 52.48 9.36
CA ILE A 378 64.16 52.00 10.54
C ILE A 378 63.87 53.19 11.41
N VAL A 379 64.90 54.05 11.52
CA VAL A 379 64.87 55.24 12.34
C VAL A 379 63.95 56.32 11.76
N MET A 380 64.03 56.57 10.44
CA MET A 380 63.16 57.52 9.78
C MET A 380 61.84 56.88 9.41
N HIS A 381 60.81 57.71 9.43
CA HIS A 381 59.45 57.40 9.04
C HIS A 381 59.33 57.35 7.55
N SER A 382 58.56 56.44 6.98
CA SER A 382 58.52 56.51 5.52
C SER A 382 57.23 56.13 4.85
N PHE A 383 57.08 56.75 3.68
CA PHE A 383 55.93 56.60 2.79
C PHE A 383 56.19 57.02 1.34
N ASN A 384 55.33 56.57 0.44
CA ASN A 384 55.31 56.91 -0.99
C ASN A 384 54.39 58.08 -1.37
N CYS A 385 54.75 59.32 -1.05
CA CYS A 385 53.82 60.45 -1.25
C CYS A 385 53.70 60.77 -2.72
N GLY A 386 52.54 60.47 -3.30
CA GLY A 386 52.40 60.69 -4.72
C GLY A 386 53.21 59.65 -5.47
N GLY A 387 53.63 58.61 -4.76
CA GLY A 387 54.51 57.59 -5.30
C GLY A 387 55.99 57.88 -4.99
N GLU A 388 56.29 59.06 -4.44
CA GLU A 388 57.68 59.42 -4.13
C GLU A 388 58.06 58.99 -2.72
N PHE A 389 59.28 58.52 -2.56
CA PHE A 389 59.67 57.99 -1.27
C PHE A 389 60.41 58.93 -0.34
N PHE A 390 59.67 59.26 0.72
CA PHE A 390 60.05 60.17 1.78
C PHE A 390 60.50 59.45 3.01
N TYR A 391 61.60 59.92 3.55
CA TYR A 391 62.13 59.41 4.81
C TYR A 391 62.21 60.58 5.76
N CYS A 392 61.35 60.60 6.76
CA CYS A 392 61.26 61.77 7.61
C CYS A 392 61.84 61.51 8.99
N ASN A 393 62.48 62.51 9.57
CA ASN A 393 63.13 62.25 10.87
C ASN A 393 62.16 61.84 11.97
N SER A 394 61.00 62.44 11.99
CA SER A 394 59.96 62.18 12.99
C SER A 394 60.47 62.21 14.41
N THR A 395 61.31 63.17 14.74
CA THR A 395 61.78 63.27 16.11
C THR A 395 61.06 64.37 16.84
N GLN A 396 60.51 65.32 16.10
CA GLN A 396 59.80 66.46 16.68
C GLN A 396 58.55 65.99 17.39
N LEU A 397 57.95 64.96 16.83
CA LEU A 397 56.73 64.37 17.33
C LEU A 397 56.94 63.76 18.70
N PHE A 398 58.18 63.38 18.95
CA PHE A 398 58.60 62.74 20.16
C PHE A 398 59.76 63.49 20.78
N ASN A 399 59.77 64.83 20.68
CA ASN A 399 60.89 65.59 21.26
C ASN A 399 60.61 65.95 22.69
N SER A 400 59.50 65.46 23.19
CA SER A 400 59.08 65.65 24.55
C SER A 400 58.32 64.41 24.98
N THR A 401 58.80 63.81 26.05
CA THR A 401 58.24 62.61 26.63
C THR A 401 57.10 63.02 27.51
N ILE A 412 53.64 70.91 13.73
CA ILE A 412 54.90 70.19 13.68
C ILE A 412 55.30 69.92 12.25
N VAL A 413 56.45 70.43 11.82
CA VAL A 413 56.84 70.19 10.45
C VAL A 413 58.17 69.47 10.38
N LEU A 414 58.17 68.31 9.76
CA LEU A 414 59.40 67.54 9.68
C LEU A 414 60.03 67.62 8.33
N PRO A 415 61.37 67.62 8.24
CA PRO A 415 62.12 67.52 7.02
C PRO A 415 62.07 66.08 6.61
N CYS A 416 62.11 65.85 5.31
CA CYS A 416 62.15 64.53 4.77
C CYS A 416 63.22 64.39 3.70
N ARG A 417 63.81 63.21 3.58
CA ARG A 417 64.81 62.92 2.57
C ARG A 417 64.18 62.08 1.47
N ILE A 418 64.77 62.12 0.29
CA ILE A 418 64.24 61.34 -0.83
C ILE A 418 65.20 60.26 -1.31
N LYS A 419 64.66 59.05 -1.53
CA LYS A 419 65.46 57.92 -2.02
C LYS A 419 64.71 57.18 -3.13
N GLN A 420 65.38 56.81 -4.23
CA GLN A 420 64.71 56.06 -5.30
C GLN A 420 64.90 54.54 -5.29
N ILE A 421 65.89 53.99 -4.59
CA ILE A 421 65.97 52.53 -4.59
C ILE A 421 65.16 52.00 -3.43
N VAL A 422 64.17 51.18 -3.74
CA VAL A 422 63.25 50.67 -2.74
C VAL A 422 63.04 49.16 -2.75
N ASN A 423 62.55 48.66 -1.62
CA ASN A 423 62.21 47.26 -1.42
C ASN A 423 60.73 47.07 -1.18
N MET A 424 60.20 45.88 -1.46
CA MET A 424 58.84 45.60 -1.06
C MET A 424 58.91 45.22 0.39
N TRP A 425 59.00 46.22 1.25
CA TRP A 425 59.23 46.11 2.69
C TRP A 425 60.68 45.73 2.99
N GLN A 426 61.13 44.66 2.35
CA GLN A 426 62.48 44.16 2.44
C GLN A 426 62.67 42.99 1.49
N GLU A 427 63.58 43.18 0.56
CA GLU A 427 63.94 42.21 -0.45
C GLU A 427 65.20 41.49 -0.10
N VAL A 428 65.40 40.35 -0.72
CA VAL A 428 66.65 39.68 -0.53
C VAL A 428 67.55 39.94 -1.73
N GLY A 429 68.56 40.75 -1.53
CA GLY A 429 69.51 41.10 -2.58
C GLY A 429 69.04 42.16 -3.57
N LYS A 430 68.00 41.82 -4.32
CA LYS A 430 67.41 42.63 -5.39
C LYS A 430 66.68 43.85 -4.89
N ALA A 431 66.43 44.80 -5.78
CA ALA A 431 65.63 45.98 -5.40
C ALA A 431 65.01 46.61 -6.64
N MET A 432 64.04 47.47 -6.42
CA MET A 432 63.39 48.19 -7.49
C MET A 432 63.78 49.65 -7.44
N TYR A 433 63.93 50.25 -8.60
CA TYR A 433 64.23 51.65 -8.66
C TYR A 433 63.02 52.43 -9.10
N ALA A 434 62.67 53.42 -8.30
CA ALA A 434 61.55 54.26 -8.56
C ALA A 434 61.93 55.28 -9.62
N PRO A 435 61.32 55.27 -10.81
CA PRO A 435 61.63 56.15 -11.91
C PRO A 435 61.42 57.55 -11.41
N PRO A 436 62.11 58.54 -11.96
CA PRO A 436 61.98 59.91 -11.59
C PRO A 436 60.57 60.36 -11.90
N ILE A 437 60.07 61.23 -11.05
CA ILE A 437 58.73 61.76 -11.19
C ILE A 437 58.76 63.20 -11.64
N LYS A 438 58.07 63.45 -12.74
CA LYS A 438 57.99 64.78 -13.31
C LYS A 438 57.02 65.63 -12.50
N GLY A 439 57.39 66.88 -12.25
CA GLY A 439 56.55 67.80 -11.52
C GLY A 439 56.78 67.72 -10.02
N GLN A 440 55.86 68.30 -9.26
CA GLN A 440 55.99 68.39 -7.81
C GLN A 440 55.19 67.32 -7.12
N ILE A 441 55.55 67.03 -5.88
CA ILE A 441 54.80 66.07 -5.09
C ILE A 441 53.95 66.73 -4.05
N ARG A 442 52.68 66.38 -4.02
CA ARG A 442 51.77 66.84 -3.00
C ARG A 442 50.85 65.70 -2.61
N CYS A 443 50.67 65.49 -1.31
CA CYS A 443 49.72 64.49 -0.84
C CYS A 443 49.36 64.81 0.60
N SER A 444 48.39 64.13 1.14
CA SER A 444 48.06 64.30 2.52
C SER A 444 47.48 62.99 2.98
N SER A 445 47.46 62.77 4.26
CA SER A 445 46.91 61.54 4.78
C SER A 445 46.38 61.62 6.20
N ASN A 446 45.71 60.54 6.57
CA ASN A 446 45.09 60.37 7.89
C ASN A 446 45.90 59.48 8.82
N ILE A 447 46.49 60.04 9.84
CA ILE A 447 47.23 59.23 10.79
C ILE A 447 46.23 58.56 11.67
N THR A 448 46.19 57.23 11.69
CA THR A 448 45.19 56.53 12.48
C THR A 448 45.78 55.66 13.58
N GLY A 449 47.11 55.49 13.60
CA GLY A 449 47.72 54.67 14.65
C GLY A 449 49.25 54.59 14.65
N LEU A 450 49.74 53.96 15.70
CA LEU A 450 51.17 53.77 15.98
C LEU A 450 51.59 52.34 16.29
N ILE A 451 52.86 52.05 16.03
CA ILE A 451 53.45 50.81 16.54
C ILE A 451 54.59 51.20 17.45
N LEU A 452 54.56 50.66 18.68
CA LEU A 452 55.59 51.00 19.64
C LEU A 452 56.54 49.90 20.06
N ILE A 453 57.76 50.38 20.29
CA ILE A 453 58.94 49.68 20.74
C ILE A 453 59.18 49.89 22.23
N ARG A 454 59.36 48.79 22.96
CA ARG A 454 59.66 48.80 24.39
C ARG A 454 61.13 49.18 24.60
N ASP A 455 61.47 49.80 25.73
CA ASP A 455 62.87 50.18 25.99
C ASP A 455 63.70 49.14 26.72
N GLU A 465 59.29 54.14 31.44
CA GLU A 465 58.91 53.11 30.47
C GLU A 465 58.87 53.81 29.13
N ILE A 466 60.02 54.01 28.54
CA ILE A 466 60.06 54.70 27.28
C ILE A 466 59.65 53.86 26.12
N PHE A 467 58.81 54.46 25.34
CA PHE A 467 58.38 53.85 24.13
C PHE A 467 58.92 54.67 23.00
N ARG A 468 59.24 53.99 21.92
CA ARG A 468 59.68 54.66 20.71
C ARG A 468 58.88 54.10 19.53
N PRO A 469 58.65 54.87 18.47
CA PRO A 469 57.94 54.44 17.28
C PRO A 469 58.71 53.47 16.40
N GLY A 470 57.99 52.59 15.71
CA GLY A 470 58.58 51.72 14.70
C GLY A 470 58.60 50.25 15.10
N GLY A 471 59.25 49.44 14.27
CA GLY A 471 59.33 48.00 14.48
C GLY A 471 58.33 47.23 13.64
N GLY A 472 58.61 45.94 13.43
CA GLY A 472 57.75 45.05 12.68
C GLY A 472 57.96 45.11 11.16
N ASP A 473 57.10 44.40 10.46
CA ASP A 473 57.14 44.33 9.00
C ASP A 473 55.73 44.39 8.44
N MET A 474 55.55 43.96 7.22
CA MET A 474 54.25 44.10 6.58
C MET A 474 53.19 43.31 7.28
N ARG A 475 53.57 42.24 7.95
CA ARG A 475 52.58 41.41 8.60
C ARG A 475 52.08 42.04 9.86
N ASP A 476 52.79 43.01 10.39
CA ASP A 476 52.31 43.60 11.60
C ASP A 476 51.31 44.62 11.18
N ASN A 477 51.57 45.24 10.04
CA ASN A 477 50.62 46.22 9.57
C ASN A 477 49.39 45.51 9.01
N TRP A 478 49.56 44.35 8.38
CA TRP A 478 48.40 43.64 7.89
C TRP A 478 47.58 43.13 9.06
N ARG A 479 48.26 42.60 10.08
CA ARG A 479 47.61 42.04 11.25
C ARG A 479 46.77 43.09 11.96
N SER A 480 47.24 44.34 11.95
CA SER A 480 46.57 45.43 12.63
C SER A 480 45.16 45.65 12.08
N GLU A 481 44.86 45.10 10.90
CA GLU A 481 43.54 45.20 10.33
C GLU A 481 42.80 43.85 10.39
N LEU A 482 43.55 42.79 10.14
CA LEU A 482 43.01 41.44 10.01
C LEU A 482 42.52 40.84 11.29
N TYR A 483 42.92 41.42 12.41
CA TYR A 483 42.56 40.99 13.76
C TYR A 483 41.06 40.84 13.96
N LYS A 484 40.25 41.48 13.14
CA LYS A 484 38.82 41.37 13.30
C LYS A 484 38.23 40.03 12.86
N TYR A 485 38.95 39.27 12.04
CA TYR A 485 38.35 38.07 11.46
C TYR A 485 39.08 36.73 11.60
N LYS A 486 38.31 35.64 11.56
CA LYS A 486 38.89 34.29 11.49
C LYS A 486 38.11 33.42 10.49
N VAL A 487 38.78 32.43 9.92
CA VAL A 487 38.12 31.54 8.95
C VAL A 487 37.71 30.19 9.50
N VAL A 488 36.47 29.80 9.20
CA VAL A 488 35.97 28.50 9.61
C VAL A 488 35.41 27.72 8.40
N LYS A 489 35.34 26.40 8.56
CA LYS A 489 34.78 25.50 7.55
C LYS A 489 33.47 24.94 8.03
N ILE A 490 32.48 24.94 7.16
CA ILE A 490 31.17 24.45 7.53
C ILE A 490 31.15 22.94 7.45
N GLU A 491 30.62 22.29 8.50
CA GLU A 491 30.53 20.84 8.61
C GLU A 491 29.09 20.38 8.79
N PRO A 492 28.28 20.38 7.74
CA PRO A 492 26.84 20.17 7.77
C PRO A 492 26.32 18.76 7.97
N LEU A 493 27.18 17.77 7.90
CA LEU A 493 26.69 16.41 7.98
C LEU A 493 26.98 15.78 9.32
N GLY A 494 25.93 15.27 9.97
CA GLY A 494 26.13 14.60 11.25
C GLY A 494 24.97 13.67 11.57
N ILE A 495 25.04 13.03 12.72
CA ILE A 495 24.03 12.07 13.15
C ILE A 495 23.57 12.33 14.56
N ALA A 496 22.43 11.77 14.92
CA ALA A 496 21.96 11.83 16.28
C ALA A 496 20.98 10.68 16.51
N PRO A 497 20.82 10.22 17.76
CA PRO A 497 19.84 9.24 18.12
C PRO A 497 18.43 9.79 18.06
N THR A 498 17.51 8.98 17.58
CA THR A 498 16.09 9.27 17.50
C THR A 498 15.21 8.19 18.03
N LYS A 499 13.91 8.42 18.10
CA LYS A 499 13.05 7.34 18.56
C LYS A 499 12.56 6.54 17.36
N CYS A 500 12.78 7.08 16.18
CA CYS A 500 12.36 6.48 14.93
C CYS A 500 13.30 5.50 14.25
N LYS A 501 12.83 4.27 14.08
CA LYS A 501 13.58 3.25 13.40
C LYS A 501 13.31 3.31 11.90
N ARG A 502 14.30 2.95 11.10
CA ARG A 502 14.06 2.79 9.68
C ARG A 502 13.03 1.72 9.37
N ARG A 503 12.14 2.01 8.44
CA ARG A 503 11.16 1.05 7.99
C ARG A 503 11.62 0.46 6.67
N VAL A 504 11.31 -0.81 6.46
CA VAL A 504 11.68 -1.47 5.22
C VAL A 504 10.48 -2.21 4.63
N ALA B 1 1.19 33.38 24.21
CA ALA B 1 0.73 32.14 23.63
C ALA B 1 0.23 32.43 22.24
N VAL B 2 0.32 33.68 21.88
CA VAL B 2 -0.12 34.14 20.58
C VAL B 2 1.02 33.82 19.64
N GLY B 3 0.71 33.08 18.58
CA GLY B 3 1.68 32.52 17.63
C GLY B 3 2.35 33.52 16.70
N ILE B 4 3.18 34.36 17.28
CA ILE B 4 3.91 35.34 16.54
C ILE B 4 5.35 34.86 16.30
N GLY B 5 5.71 34.65 15.05
CA GLY B 5 7.02 34.12 14.77
C GLY B 5 7.08 33.64 13.34
N ALA B 6 7.85 32.59 13.07
CA ALA B 6 8.06 32.08 11.71
C ALA B 6 8.75 33.15 10.87
N VAL B 7 9.93 33.48 11.33
CA VAL B 7 10.80 34.50 10.78
C VAL B 7 12.14 33.90 10.38
N PHE B 8 12.91 34.64 9.59
CA PHE B 8 14.17 34.15 9.07
C PHE B 8 15.41 34.95 9.41
N LEU B 9 16.35 34.28 10.06
CA LEU B 9 17.60 34.91 10.46
C LEU B 9 18.73 34.80 9.45
N GLY B 10 18.97 33.58 8.98
CA GLY B 10 20.09 33.25 8.11
C GLY B 10 21.18 32.68 9.00
N PHE B 11 22.00 31.79 8.45
CA PHE B 11 23.11 31.13 9.14
C PHE B 11 22.72 30.24 10.34
N LEU B 12 22.03 30.78 11.33
CA LEU B 12 21.51 30.03 12.48
C LEU B 12 22.55 29.17 13.16
N GLY B 13 23.60 29.74 13.71
CA GLY B 13 24.63 28.85 14.27
C GLY B 13 24.07 28.00 15.41
N ALA B 14 24.56 26.75 15.55
CA ALA B 14 24.07 25.78 16.55
C ALA B 14 24.51 26.07 17.96
N ALA B 15 24.04 27.18 18.44
CA ALA B 15 24.29 27.66 19.75
C ALA B 15 23.06 28.42 20.11
N GLY B 16 22.46 29.01 19.06
CA GLY B 16 21.31 29.90 19.22
C GLY B 16 20.05 29.13 19.56
N SER B 17 20.07 27.84 19.27
CA SER B 17 18.93 27.00 19.51
C SER B 17 19.37 25.56 19.67
N THR B 18 18.51 24.75 20.26
CA THR B 18 18.78 23.36 20.55
C THR B 18 18.79 22.54 19.30
N MET B 19 19.28 21.31 19.41
CA MET B 19 19.34 20.45 18.25
C MET B 19 17.97 20.28 17.63
N GLY B 20 16.96 20.13 18.47
CA GLY B 20 15.62 19.96 17.95
C GLY B 20 15.23 21.20 17.17
N ALA B 21 15.37 22.35 17.78
CA ALA B 21 14.99 23.59 17.12
C ALA B 21 15.83 23.87 15.87
N ALA B 22 17.10 23.53 15.93
CA ALA B 22 18.04 23.77 14.86
C ALA B 22 17.66 22.99 13.62
N SER B 23 17.04 21.82 13.81
CA SER B 23 16.67 20.94 12.70
C SER B 23 15.61 21.57 11.81
N MET B 24 15.02 22.68 12.27
CA MET B 24 13.98 23.33 11.49
C MET B 24 14.54 24.19 10.36
N THR B 25 15.87 24.30 10.26
CA THR B 25 16.49 25.10 9.22
C THR B 25 17.57 24.35 8.45
N LEU B 26 17.32 23.09 8.09
CA LEU B 26 18.32 22.29 7.39
C LEU B 26 18.42 22.77 5.95
N THR B 27 17.31 23.29 5.42
CA THR B 27 17.32 23.80 4.06
C THR B 27 18.06 25.12 4.01
N VAL B 28 18.14 25.79 5.16
CA VAL B 28 18.85 27.04 5.18
C VAL B 28 20.29 26.76 5.03
N GLN B 29 20.78 25.78 5.79
CA GLN B 29 22.18 25.51 5.63
C GLN B 29 22.45 24.93 4.29
N ALA B 30 21.56 24.09 3.77
CA ALA B 30 21.85 23.51 2.49
C ALA B 30 21.95 24.58 1.44
N ARG B 31 21.07 25.56 1.49
CA ARG B 31 21.10 26.63 0.52
C ARG B 31 22.42 27.38 0.57
N GLN B 32 22.95 27.55 1.78
CA GLN B 32 24.21 28.23 2.01
C GLN B 32 25.40 27.38 1.55
N THR B 58 47.88 33.70 -14.32
CA THR B 58 48.83 33.85 -13.22
C THR B 58 48.21 33.33 -11.92
N VAL B 59 48.76 33.77 -10.81
CA VAL B 59 48.39 33.31 -9.48
C VAL B 59 46.90 33.45 -9.20
N TRP B 60 46.27 34.43 -9.80
CA TRP B 60 44.87 34.61 -9.58
C TRP B 60 44.11 33.42 -10.12
N GLY B 61 44.58 32.86 -11.24
CA GLY B 61 43.93 31.75 -11.88
C GLY B 61 44.04 30.57 -10.98
N ILE B 62 45.19 30.45 -10.34
CA ILE B 62 45.42 29.35 -9.45
C ILE B 62 44.46 29.45 -8.30
N LYS B 63 44.31 30.63 -7.74
CA LYS B 63 43.40 30.74 -6.64
C LYS B 63 41.94 30.51 -7.03
N GLN B 64 41.53 30.98 -8.22
CA GLN B 64 40.17 30.78 -8.65
C GLN B 64 39.93 29.30 -8.83
N LEU B 65 40.94 28.63 -9.35
CA LEU B 65 40.85 27.23 -9.58
C LEU B 65 40.78 26.45 -8.31
N GLN B 66 41.68 26.73 -7.38
CA GLN B 66 41.70 25.91 -6.21
C GLN B 66 40.45 26.13 -5.41
N ALA B 67 39.94 27.36 -5.41
CA ALA B 67 38.74 27.65 -4.66
C ALA B 67 37.58 26.86 -5.19
N ARG B 68 37.49 26.75 -6.51
CA ARG B 68 36.39 26.01 -7.09
C ARG B 68 36.58 24.52 -6.86
N VAL B 69 37.81 24.06 -6.90
CA VAL B 69 38.04 22.65 -6.67
C VAL B 69 37.66 22.28 -5.26
N LEU B 70 38.03 23.10 -4.28
CA LEU B 70 37.69 22.77 -2.91
C LEU B 70 36.20 22.74 -2.71
N ALA B 71 35.48 23.68 -3.33
CA ALA B 71 34.04 23.69 -3.16
C ALA B 71 33.43 22.41 -3.69
N VAL B 72 33.95 21.93 -4.81
CA VAL B 72 33.45 20.71 -5.39
C VAL B 72 33.75 19.54 -4.49
N GLU B 73 34.96 19.49 -3.96
CA GLU B 73 35.32 18.39 -3.11
C GLU B 73 34.46 18.32 -1.88
N ARG B 74 34.16 19.46 -1.27
CA ARG B 74 33.35 19.39 -0.07
C ARG B 74 31.96 18.93 -0.40
N TYR B 75 31.41 19.45 -1.49
CA TYR B 75 30.09 19.07 -1.87
C TYR B 75 30.00 17.59 -2.11
N LEU B 76 30.92 17.06 -2.90
CA LEU B 76 30.83 15.68 -3.22
C LEU B 76 31.05 14.81 -2.01
N LYS B 77 31.95 15.16 -1.10
CA LYS B 77 32.14 14.26 0.02
C LYS B 77 30.86 14.00 0.78
N ASP B 78 30.05 15.04 0.98
CA ASP B 78 28.81 14.81 1.70
C ASP B 78 27.85 13.99 0.87
N GLN B 79 27.84 14.24 -0.44
CA GLN B 79 26.93 13.51 -1.29
C GLN B 79 27.33 12.05 -1.42
N GLN B 80 28.62 11.78 -1.36
CA GLN B 80 29.10 10.42 -1.48
C GLN B 80 28.64 9.60 -0.30
N LEU B 81 28.69 10.19 0.89
CA LEU B 81 28.21 9.49 2.07
C LEU B 81 26.70 9.30 2.06
N LEU B 82 25.98 10.33 1.66
CA LEU B 82 24.55 10.21 1.62
C LEU B 82 24.16 9.22 0.54
N GLY B 83 24.93 9.20 -0.53
CA GLY B 83 24.68 8.27 -1.61
C GLY B 83 24.79 6.83 -1.16
N ILE B 84 25.94 6.46 -0.57
CA ILE B 84 26.15 5.07 -0.14
C ILE B 84 25.17 4.63 0.94
N TRP B 85 24.73 5.55 1.77
CA TRP B 85 23.76 5.27 2.81
C TRP B 85 22.33 5.19 2.30
N GLY B 86 22.08 5.61 1.06
CA GLY B 86 20.72 5.66 0.56
C GLY B 86 19.94 6.84 1.14
N CYS B 87 20.65 7.90 1.51
CA CYS B 87 20.06 9.08 2.12
C CYS B 87 20.17 10.29 1.21
N SER B 88 20.43 10.03 -0.06
CA SER B 88 20.52 11.10 -1.00
C SER B 88 19.14 11.69 -1.19
N GLY B 89 19.05 13.01 -1.20
CA GLY B 89 17.77 13.69 -1.40
C GLY B 89 17.01 13.86 -0.10
N LYS B 90 17.56 13.38 1.01
CA LYS B 90 16.86 13.51 2.26
C LYS B 90 17.56 14.45 3.20
N LEU B 91 16.80 15.34 3.82
CA LEU B 91 17.38 16.23 4.82
C LEU B 91 17.65 15.39 6.05
N ILE B 92 16.72 14.46 6.30
CA ILE B 92 16.79 13.56 7.43
C ILE B 92 16.54 12.12 6.98
N CYS B 93 17.39 11.18 7.35
CA CYS B 93 17.08 9.79 7.01
C CYS B 93 17.36 8.88 8.19
N CYS B 94 16.51 7.89 8.39
CA CYS B 94 16.72 6.96 9.49
C CYS B 94 17.37 5.70 9.00
N THR B 95 18.20 5.12 9.85
CA THR B 95 18.92 3.93 9.50
C THR B 95 18.43 2.71 10.27
N ALA B 96 18.96 1.56 9.89
CA ALA B 96 18.68 0.27 10.50
C ALA B 96 19.56 -0.01 11.73
N VAL B 97 20.45 0.91 12.07
CA VAL B 97 21.37 0.70 13.15
C VAL B 97 20.89 1.39 14.43
N PRO B 98 20.76 0.66 15.56
CA PRO B 98 20.35 1.16 16.84
C PRO B 98 21.45 1.98 17.44
N TRP B 99 21.07 2.90 18.28
CA TRP B 99 22.01 3.69 19.04
C TRP B 99 22.59 2.86 20.16
N ASN B 100 23.90 2.94 20.33
CA ASN B 100 24.56 2.27 21.41
C ASN B 100 24.87 3.28 22.49
N THR B 101 24.47 2.98 23.72
CA THR B 101 24.64 3.90 24.83
C THR B 101 26.09 4.10 25.22
N SER B 102 26.96 3.24 24.69
CA SER B 102 28.38 3.39 24.93
C SER B 102 28.91 4.57 24.15
N TRP B 103 28.17 5.01 23.12
CA TRP B 103 28.59 6.15 22.33
C TRP B 103 28.14 7.36 23.11
N SER B 104 26.92 7.25 23.60
CA SER B 104 26.28 8.26 24.43
C SER B 104 25.14 7.69 25.21
N ASN B 105 25.18 7.90 26.51
CA ASN B 105 24.14 7.39 27.38
C ASN B 105 23.18 8.45 27.84
N LYS B 106 23.11 9.55 27.10
CA LYS B 106 22.15 10.60 27.43
C LYS B 106 20.79 10.25 26.84
N SER B 107 19.72 10.71 27.49
CA SER B 107 18.37 10.48 27.02
C SER B 107 18.04 11.34 25.83
N TYR B 108 16.95 10.99 25.15
CA TYR B 108 16.53 11.76 23.99
C TYR B 108 16.39 13.23 24.37
N ASN B 109 15.68 13.50 25.47
CA ASN B 109 15.48 14.87 25.95
C ASN B 109 16.79 15.59 26.25
N GLN B 110 17.70 14.90 26.92
CA GLN B 110 18.96 15.53 27.25
C GLN B 110 19.74 15.93 26.02
N ILE B 111 19.62 15.17 24.94
CA ILE B 111 20.33 15.50 23.73
C ILE B 111 19.62 16.54 22.89
N TRP B 112 18.34 16.32 22.62
CA TRP B 112 17.60 17.18 21.70
C TRP B 112 17.07 18.50 22.22
N ASN B 113 16.74 18.56 23.52
CA ASN B 113 16.11 19.75 24.05
C ASN B 113 17.01 20.58 24.94
N ASN B 114 18.10 19.98 25.42
CA ASN B 114 18.96 20.69 26.35
C ASN B 114 20.35 20.95 25.83
N MET B 115 20.55 20.67 24.55
CA MET B 115 21.85 20.86 23.92
C MET B 115 21.68 21.34 22.50
N THR B 116 22.71 22.01 22.00
CA THR B 116 22.74 22.45 20.62
C THR B 116 23.69 21.49 19.89
N TRP B 117 23.65 21.50 18.57
CA TRP B 117 24.53 20.60 17.81
C TRP B 117 26.00 20.90 18.01
N MET B 118 26.39 22.17 18.20
CA MET B 118 27.81 22.43 18.28
C MET B 118 28.48 21.74 19.44
N GLU B 119 27.79 21.67 20.57
CA GLU B 119 28.36 21.03 21.72
C GLU B 119 28.19 19.55 21.66
N TRP B 120 27.01 19.12 21.28
CA TRP B 120 26.72 17.72 21.31
C TRP B 120 27.55 16.87 20.36
N GLU B 121 27.72 17.29 19.12
CA GLU B 121 28.43 16.43 18.19
C GLU B 121 29.84 16.13 18.63
N ARG B 122 30.48 17.09 19.27
CA ARG B 122 31.84 16.94 19.71
C ARG B 122 32.04 15.78 20.68
N GLU B 123 30.97 15.35 21.33
CA GLU B 123 31.05 14.28 22.30
C GLU B 123 31.16 12.90 21.66
N ILE B 124 30.74 12.76 20.41
CA ILE B 124 30.76 11.46 19.73
C ILE B 124 31.58 11.53 18.47
N ASP B 125 32.47 12.50 18.42
CA ASP B 125 33.26 12.74 17.23
C ASP B 125 34.09 11.50 16.89
N ASN B 126 34.52 10.79 17.93
CA ASN B 126 35.35 9.61 17.79
C ASN B 126 34.60 8.37 17.36
N TYR B 127 33.29 8.44 17.21
CA TYR B 127 32.55 7.29 16.76
C TYR B 127 32.06 7.50 15.35
N THR B 128 32.50 8.58 14.71
CA THR B 128 31.98 8.88 13.40
C THR B 128 32.23 7.78 12.39
N SER B 129 33.46 7.25 12.33
CA SER B 129 33.74 6.23 11.33
C SER B 129 33.07 4.93 11.65
N LEU B 130 32.87 4.68 12.93
CA LEU B 130 32.21 3.48 13.36
C LEU B 130 30.81 3.43 12.89
N ILE B 131 30.10 4.51 13.16
CA ILE B 131 28.71 4.53 12.87
C ILE B 131 28.51 4.56 11.40
N TYR B 132 29.29 5.40 10.70
CA TYR B 132 29.16 5.51 9.27
C TYR B 132 29.34 4.16 8.63
N THR B 133 30.29 3.36 9.12
CA THR B 133 30.49 2.04 8.56
C THR B 133 29.27 1.15 8.85
N LEU B 134 28.77 1.19 10.08
CA LEU B 134 27.67 0.29 10.41
C LEU B 134 26.44 0.58 9.58
N ILE B 135 26.16 1.84 9.34
CA ILE B 135 24.98 2.20 8.57
C ILE B 135 25.12 1.88 7.07
N GLU B 136 26.31 1.45 6.63
CA GLU B 136 26.50 1.05 5.25
C GLU B 136 26.29 -0.46 5.09
N ASP B 137 27.08 -1.23 5.83
CA ASP B 137 27.02 -2.68 5.64
C ASP B 137 25.86 -3.36 6.32
N SER B 138 25.48 -2.89 7.52
CA SER B 138 24.45 -3.56 8.28
C SER B 138 23.11 -3.15 7.74
N GLN B 139 23.13 -2.13 6.91
CA GLN B 139 21.92 -1.67 6.34
C GLN B 139 21.83 -1.90 4.86
N ASN B 140 22.65 -1.26 4.05
CA ASN B 140 22.37 -1.39 2.64
C ASN B 140 22.92 -2.62 2.02
N GLN B 141 24.09 -3.08 2.44
CA GLN B 141 24.51 -4.28 1.76
C GLN B 141 23.55 -5.39 2.13
N GLN B 142 23.21 -5.47 3.42
CA GLN B 142 22.32 -6.53 3.84
C GLN B 142 20.89 -6.38 3.35
N GLU B 143 20.35 -5.17 3.39
CA GLU B 143 18.98 -4.95 2.99
C GLU B 143 18.80 -5.18 1.54
N LYS B 144 19.76 -4.73 0.73
CA LYS B 144 19.61 -4.87 -0.69
C LYS B 144 19.76 -6.31 -1.10
N ASN B 145 20.60 -7.09 -0.43
CA ASN B 145 20.69 -8.46 -0.87
C ASN B 145 19.42 -9.19 -0.52
N GLU B 146 18.84 -8.90 0.64
CA GLU B 146 17.62 -9.59 1.01
C GLU B 146 16.50 -9.24 0.05
N GLN B 147 16.41 -7.96 -0.31
CA GLN B 147 15.33 -7.58 -1.18
C GLN B 147 15.56 -8.08 -2.58
N GLU B 148 16.81 -8.11 -3.07
CA GLU B 148 16.97 -8.60 -4.42
C GLU B 148 16.47 -10.00 -4.50
N LEU B 149 16.81 -10.83 -3.52
CA LEU B 149 16.38 -12.21 -3.58
C LEU B 149 14.89 -12.35 -3.53
N LEU B 150 14.22 -11.54 -2.71
CA LEU B 150 12.77 -11.60 -2.61
C LEU B 150 12.12 -11.21 -3.92
N GLU B 151 12.75 -10.32 -4.65
CA GLU B 151 12.21 -9.84 -5.90
C GLU B 151 12.42 -10.80 -7.07
N LEU B 152 13.14 -11.93 -6.85
CA LEU B 152 13.31 -12.88 -7.95
C LEU B 152 12.12 -13.84 -7.95
N ASP B 153 11.25 -13.71 -6.95
CA ASP B 153 10.06 -14.53 -6.83
C ASP B 153 8.86 -13.68 -7.27
N GLU C 2 21.54 45.86 18.96
CA GLU C 2 20.25 45.72 18.32
C GLU C 2 19.35 46.83 18.80
N VAL C 3 19.05 47.79 17.93
CA VAL C 3 18.22 48.91 18.32
C VAL C 3 17.10 49.14 17.33
N LEU C 4 16.08 49.84 17.76
CA LEU C 4 14.99 50.17 16.87
C LEU C 4 14.90 51.65 16.66
N VAL C 5 14.93 52.06 15.40
CA VAL C 5 14.90 53.47 15.13
C VAL C 5 13.67 53.92 14.35
N GLN C 6 12.90 54.78 14.98
CA GLN C 6 11.68 55.29 14.39
C GLN C 6 11.87 56.65 13.77
N SER C 7 10.95 56.97 12.86
CA SER C 7 10.90 58.26 12.17
C SER C 7 10.49 59.40 13.09
N GLY C 8 10.03 60.51 12.51
CA GLY C 8 9.70 61.68 13.30
C GLY C 8 8.24 61.77 13.69
N ALA C 9 7.90 62.92 14.28
CA ALA C 9 6.55 63.24 14.75
C ALA C 9 5.72 63.84 13.63
N GLU C 10 4.40 63.74 13.77
CA GLU C 10 3.44 64.29 12.81
C GLU C 10 2.24 65.01 13.44
N VAL C 11 1.69 65.97 12.70
CA VAL C 11 0.46 66.64 13.12
C VAL C 11 -0.55 66.47 12.03
N LYS C 12 -1.70 65.92 12.38
CA LYS C 12 -2.73 65.60 11.43
C LYS C 12 -4.08 66.13 11.86
N LYS C 13 -4.96 66.39 10.91
CA LYS C 13 -6.30 66.77 11.30
C LYS C 13 -7.18 65.52 11.31
N PRO C 14 -8.27 65.48 12.08
CA PRO C 14 -9.15 64.35 12.08
C PRO C 14 -9.59 64.02 10.66
N GLY C 15 -9.63 62.72 10.36
CA GLY C 15 -9.98 62.16 9.06
C GLY C 15 -8.74 61.79 8.25
N ALA C 16 -7.59 62.25 8.72
CA ALA C 16 -6.27 62.04 8.14
C ALA C 16 -5.67 60.67 8.44
N SER C 17 -4.47 60.45 7.89
CA SER C 17 -3.73 59.23 8.14
C SER C 17 -2.26 59.55 8.40
N VAL C 18 -1.61 58.67 9.16
CA VAL C 18 -0.18 58.82 9.49
C VAL C 18 0.58 57.51 9.27
N LYS C 19 1.84 57.61 8.84
CA LYS C 19 2.65 56.41 8.68
C LYS C 19 3.96 56.54 9.47
N VAL C 20 4.18 55.59 10.38
CA VAL C 20 5.35 55.59 11.25
C VAL C 20 6.29 54.44 10.94
N SER C 21 7.52 54.76 10.55
CA SER C 21 8.49 53.73 10.23
C SER C 21 9.30 53.31 11.44
N CYS C 22 9.95 52.15 11.33
CA CYS C 22 10.87 51.61 12.34
C CYS C 22 11.95 50.72 11.70
N ARG C 23 13.20 51.20 11.71
CA ARG C 23 14.34 50.53 11.09
C ARG C 23 15.07 49.53 11.99
N ALA C 24 15.34 48.36 11.43
CA ALA C 24 16.04 47.27 12.12
C ALA C 24 17.54 47.40 12.18
N PHE C 25 18.01 48.31 12.99
CA PHE C 25 19.45 48.45 13.08
C PHE C 25 20.10 47.41 14.01
N GLY C 26 21.18 46.81 13.55
CA GLY C 26 21.96 45.89 14.36
C GLY C 26 21.46 44.43 14.38
N TYR C 27 20.39 44.13 13.67
CA TYR C 27 19.86 42.77 13.68
C TYR C 27 19.18 42.44 12.36
N THR C 28 18.96 41.16 12.11
CA THR C 28 18.29 40.82 10.86
C THR C 28 16.83 41.24 10.91
N PHE C 29 16.43 42.04 9.96
CA PHE C 29 15.08 42.57 9.86
C PHE C 29 14.05 41.50 9.85
N THR C 30 14.30 40.49 9.04
CA THR C 30 13.38 39.41 8.81
C THR C 30 13.47 38.32 9.84
N GLY C 31 14.36 38.45 10.83
CA GLY C 31 14.57 37.40 11.82
C GLY C 31 13.82 37.55 13.14
N ASN C 32 13.00 38.59 13.27
CA ASN C 32 12.27 38.84 14.50
C ASN C 32 11.04 39.72 14.25
N ALA C 33 9.85 39.19 14.55
CA ALA C 33 8.58 39.90 14.30
C ALA C 33 8.47 41.21 15.11
N LEU C 34 7.84 42.24 14.53
CA LEU C 34 7.73 43.53 15.22
C LEU C 34 6.31 43.88 15.68
N HIS C 35 6.19 44.40 16.90
CA HIS C 35 4.93 44.87 17.48
C HIS C 35 4.81 46.37 17.41
N TRP C 36 3.57 46.82 17.37
CA TRP C 36 3.27 48.23 17.47
C TRP C 36 2.34 48.47 18.66
N VAL C 37 2.76 49.41 19.50
CA VAL C 37 2.09 49.80 20.74
C VAL C 37 1.93 51.32 20.80
N ARG C 38 0.76 51.79 21.23
CA ARG C 38 0.53 53.22 21.35
C ARG C 38 0.22 53.70 22.76
N GLN C 39 0.65 54.93 23.06
CA GLN C 39 0.29 55.49 24.34
C GLN C 39 -0.18 56.94 24.27
N ALA C 40 -1.50 57.13 24.28
CA ALA C 40 -2.14 58.44 24.23
C ALA C 40 -1.87 59.14 25.55
N PRO C 41 -1.87 60.48 25.63
CA PRO C 41 -1.62 61.17 26.86
C PRO C 41 -2.57 60.69 27.94
N GLY C 42 -2.02 60.39 29.11
CA GLY C 42 -2.80 59.93 30.26
C GLY C 42 -3.16 58.46 30.22
N GLN C 43 -2.73 57.77 29.17
CA GLN C 43 -3.06 56.37 28.97
C GLN C 43 -1.93 55.41 29.26
N GLY C 44 -2.33 54.14 29.41
CA GLY C 44 -1.42 53.03 29.59
C GLY C 44 -1.04 52.56 28.19
N LEU C 45 -0.53 51.37 28.06
CA LEU C 45 -0.05 50.93 26.76
C LEU C 45 -1.09 50.11 25.96
N GLU C 46 -1.42 50.64 24.78
CA GLU C 46 -2.41 50.07 23.88
C GLU C 46 -1.80 49.29 22.75
N TRP C 47 -2.16 48.04 22.61
CA TRP C 47 -1.59 47.26 21.53
C TRP C 47 -2.35 47.50 20.25
N LEU C 48 -1.64 47.69 19.14
CA LEU C 48 -2.30 47.89 17.85
C LEU C 48 -2.20 46.67 16.98
N GLY C 49 -1.07 45.99 17.06
CA GLY C 49 -0.85 44.82 16.22
C GLY C 49 0.62 44.52 16.03
N TRP C 50 0.90 43.58 15.14
CA TRP C 50 2.29 43.21 14.85
C TRP C 50 2.40 42.78 13.40
N ILE C 51 3.63 42.86 12.86
CA ILE C 51 3.95 42.38 11.51
C ILE C 51 5.19 41.50 11.41
N ASN C 52 5.07 40.44 10.62
CA ASN C 52 6.16 39.54 10.33
C ASN C 52 6.96 40.14 9.18
N PRO C 53 8.19 40.60 9.39
CA PRO C 53 9.03 41.25 8.42
C PRO C 53 9.46 40.32 7.31
N HIS C 54 9.35 39.02 7.54
CA HIS C 54 9.75 38.03 6.58
C HIS C 54 8.62 37.74 5.61
N SER C 55 7.48 37.32 6.17
CA SER C 55 6.32 36.92 5.38
C SER C 55 5.29 38.01 5.08
N GLY C 56 5.26 39.07 5.88
CA GLY C 56 4.27 40.13 5.74
C GLY C 56 3.00 39.86 6.55
N ASP C 57 2.94 38.74 7.28
CA ASP C 57 1.79 38.37 8.11
C ASP C 57 1.54 39.35 9.24
N THR C 58 0.27 39.69 9.50
CA THR C 58 -0.05 40.59 10.60
C THR C 58 -1.20 40.13 11.45
N THR C 59 -1.27 40.69 12.65
CA THR C 59 -2.43 40.53 13.54
C THR C 59 -2.69 41.90 14.09
N THR C 60 -3.95 42.31 14.16
CA THR C 60 -4.28 43.58 14.76
C THR C 60 -5.36 43.48 15.80
N SER C 61 -5.42 44.51 16.64
CA SER C 61 -6.48 44.60 17.63
C SER C 61 -7.81 44.80 16.94
N GLN C 62 -8.85 44.24 17.54
CA GLN C 62 -10.20 44.33 17.01
C GLN C 62 -10.63 45.78 16.89
N LYS C 63 -10.15 46.61 17.81
CA LYS C 63 -10.46 48.03 17.85
C LYS C 63 -10.16 48.73 16.55
N PHE C 64 -9.16 48.26 15.83
CA PHE C 64 -8.71 48.91 14.64
C PHE C 64 -8.94 48.10 13.39
N GLN C 65 -9.90 47.20 13.37
CA GLN C 65 -10.02 46.48 12.13
C GLN C 65 -10.41 47.43 11.03
N GLY C 66 -9.63 47.40 9.95
CA GLY C 66 -9.85 48.25 8.79
C GLY C 66 -9.27 49.67 8.95
N ARG C 67 -8.70 49.94 10.13
CA ARG C 67 -8.13 51.24 10.48
C ARG C 67 -6.62 51.20 10.66
N VAL C 68 -6.11 50.15 11.29
CA VAL C 68 -4.66 50.03 11.47
C VAL C 68 -4.12 48.90 10.65
N TYR C 69 -3.11 49.25 9.86
CA TYR C 69 -2.46 48.35 8.95
C TYR C 69 -0.97 48.33 9.21
N MET C 70 -0.32 47.22 8.89
CA MET C 70 1.13 47.20 9.00
C MET C 70 1.70 46.71 7.71
N THR C 71 2.80 47.30 7.31
CA THR C 71 3.51 46.86 6.12
C THR C 71 4.99 46.79 6.37
N ARG C 72 5.71 46.31 5.37
CA ARG C 72 7.16 46.21 5.49
C ARG C 72 7.87 46.25 4.17
N ASP C 73 9.12 46.68 4.21
CA ASP C 73 9.99 46.62 3.05
C ASP C 73 11.37 46.18 3.49
N LYS C 74 11.66 44.91 3.26
CA LYS C 74 12.88 44.31 3.73
C LYS C 74 14.11 44.83 3.04
N SER C 75 13.97 45.47 1.88
CA SER C 75 15.15 45.93 1.16
C SER C 75 15.82 47.08 1.90
N ILE C 76 15.10 47.70 2.83
CA ILE C 76 15.62 48.79 3.63
C ILE C 76 15.49 48.45 5.09
N ASN C 77 15.26 47.18 5.38
CA ASN C 77 15.11 46.71 6.74
C ASN C 77 14.12 47.52 7.55
N THR C 78 13.00 47.92 6.94
CA THR C 78 12.10 48.79 7.67
C THR C 78 10.66 48.32 7.68
N ALA C 79 10.08 48.40 8.87
CA ALA C 79 8.68 48.07 9.08
C ALA C 79 7.90 49.35 9.24
N PHE C 80 6.61 49.31 8.90
CA PHE C 80 5.81 50.51 9.02
C PHE C 80 4.44 50.30 9.65
N LEU C 81 4.04 51.29 10.41
CA LEU C 81 2.70 51.35 10.97
C LEU C 81 1.87 52.36 10.21
N ASP C 82 0.78 51.91 9.60
CA ASP C 82 -0.07 52.76 8.79
C ASP C 82 -1.47 52.93 9.43
N VAL C 83 -1.74 54.12 9.97
CA VAL C 83 -2.97 54.36 10.72
C VAL C 83 -3.88 55.39 10.07
N THR C 84 -5.12 54.98 9.76
CA THR C 84 -6.08 55.89 9.13
C THR C 84 -7.25 56.27 10.04
N ARG C 85 -8.14 57.10 9.50
CA ARG C 85 -9.30 57.62 10.21
C ARG C 85 -8.90 58.25 11.51
N LEU C 86 -7.88 59.08 11.48
CA LEU C 86 -7.41 59.67 12.70
C LEU C 86 -8.44 60.57 13.33
N THR C 87 -8.54 60.46 14.63
CA THR C 87 -9.38 61.30 15.47
C THR C 87 -8.61 61.83 16.65
N SER C 88 -9.24 62.63 17.50
CA SER C 88 -8.51 63.23 18.62
C SER C 88 -7.96 62.19 19.63
N ASP C 89 -8.57 61.01 19.65
CA ASP C 89 -8.16 59.91 20.53
C ASP C 89 -6.87 59.27 20.03
N ASP C 90 -6.43 59.66 18.83
CA ASP C 90 -5.23 59.12 18.23
C ASP C 90 -4.01 59.95 18.56
N THR C 91 -4.17 60.99 19.39
CA THR C 91 -3.00 61.72 19.81
C THR C 91 -2.24 60.76 20.72
N GLY C 92 -0.94 60.62 20.50
CA GLY C 92 -0.17 59.72 21.35
C GLY C 92 1.18 59.34 20.81
N ILE C 93 1.88 58.52 21.58
CA ILE C 93 3.19 58.05 21.15
C ILE C 93 3.07 56.67 20.53
N TYR C 94 3.59 56.55 19.32
CA TYR C 94 3.54 55.34 18.54
C TYR C 94 4.90 54.66 18.60
N TYR C 95 4.96 53.48 19.23
CA TYR C 95 6.22 52.78 19.44
C TYR C 95 6.33 51.49 18.67
N CYS C 96 7.55 51.18 18.25
CA CYS C 96 7.78 49.86 17.68
C CYS C 96 8.51 49.01 18.71
N ALA C 97 8.26 47.69 18.73
CA ALA C 97 8.94 46.84 19.71
C ALA C 97 9.15 45.38 19.30
N ARG C 98 10.15 44.76 19.88
CA ARG C 98 10.41 43.35 19.61
C ARG C 98 10.36 42.45 20.81
N ASP C 99 9.80 41.27 20.56
CA ASP C 99 9.64 40.20 21.52
C ASP C 99 10.71 39.14 21.30
N LYS C 100 10.67 38.11 22.13
CA LYS C 100 11.64 37.04 22.02
C LYS C 100 11.08 35.99 21.12
N TYR C 101 9.76 35.87 21.14
CA TYR C 101 9.10 34.89 20.31
C TYR C 101 9.71 33.51 20.46
N TYR C 102 9.98 33.10 21.68
CA TYR C 102 10.60 31.81 21.79
C TYR C 102 9.51 30.84 21.44
N GLY C 103 9.80 29.90 20.55
CA GLY C 103 8.80 28.92 20.16
C GLY C 103 7.75 29.56 19.27
N ASN C 104 8.04 30.74 18.74
CA ASN C 104 7.14 31.55 17.95
C ASN C 104 5.92 32.00 18.73
N GLU C 105 6.05 32.19 20.05
CA GLU C 105 4.93 32.73 20.82
C GLU C 105 5.39 33.94 21.62
N ALA C 106 4.53 34.92 21.79
CA ALA C 106 4.91 36.10 22.58
C ALA C 106 5.34 35.72 24.02
N VAL C 107 6.46 36.31 24.47
CA VAL C 107 7.12 36.10 25.76
C VAL C 107 7.10 37.37 26.64
N GLY C 108 7.44 38.47 25.96
CA GLY C 108 7.57 39.83 26.49
C GLY C 108 8.56 40.61 25.62
N MET C 109 8.40 41.93 25.53
CA MET C 109 9.24 42.74 24.65
C MET C 109 10.34 43.55 25.30
N ASP C 110 11.60 43.22 25.01
CA ASP C 110 12.70 43.95 25.59
C ASP C 110 13.34 44.97 24.68
N VAL C 111 12.98 45.02 23.39
CA VAL C 111 13.64 46.01 22.55
C VAL C 111 12.59 46.97 22.05
N TRP C 112 12.77 48.24 22.35
CA TRP C 112 11.82 49.25 21.96
C TRP C 112 12.44 50.38 21.17
N GLY C 113 11.65 50.94 20.25
CA GLY C 113 12.09 52.12 19.52
C GLY C 113 11.85 53.28 20.44
N GLN C 114 12.20 54.47 20.02
CA GLN C 114 12.04 55.59 20.91
C GLN C 114 10.61 56.12 20.97
N GLY C 115 9.79 55.77 19.98
CA GLY C 115 8.44 56.27 19.90
C GLY C 115 8.36 57.59 19.14
N THR C 116 7.30 57.79 18.39
CA THR C 116 7.13 59.07 17.72
C THR C 116 5.81 59.63 18.16
N SER C 117 5.62 60.93 18.08
CA SER C 117 4.30 61.41 18.48
C SER C 117 3.47 61.80 17.29
N VAL C 118 2.18 61.60 17.42
CA VAL C 118 1.26 62.08 16.42
C VAL C 118 0.22 62.91 17.17
N THR C 119 -0.02 64.10 16.67
CA THR C 119 -1.02 64.98 17.26
C THR C 119 -2.23 65.04 16.35
N VAL C 120 -3.44 64.86 16.90
CA VAL C 120 -4.63 64.92 16.05
C VAL C 120 -5.72 65.77 16.69
N ILE D 1 -5.62 41.88 29.09
CA ILE D 1 -6.77 41.03 28.84
C ILE D 1 -7.59 40.87 30.11
N GLN D 2 -8.56 41.76 30.29
CA GLN D 2 -9.46 41.77 31.45
C GLN D 2 -8.69 41.81 32.77
N LEU D 3 -7.70 42.69 32.81
CA LEU D 3 -6.80 42.90 33.94
C LEU D 3 -7.12 44.05 34.91
N THR D 4 -7.09 43.71 36.20
CA THR D 4 -7.23 44.63 37.32
C THR D 4 -5.87 44.80 38.01
N GLN D 5 -5.48 46.04 38.24
CA GLN D 5 -4.20 46.33 38.87
C GLN D 5 -4.31 47.06 40.20
N SER D 6 -3.24 46.95 40.97
CA SER D 6 -3.09 47.63 42.25
C SER D 6 -3.35 49.13 42.10
N PRO D 7 -3.78 49.83 43.16
CA PRO D 7 -4.02 51.26 43.14
C PRO D 7 -2.77 51.88 42.62
N SER D 8 -2.90 52.93 41.82
CA SER D 8 -1.72 53.50 41.23
C SER D 8 -0.75 54.19 42.17
N PHE D 9 -1.19 54.72 43.32
CA PHE D 9 -0.25 55.46 44.18
C PHE D 9 0.52 54.59 45.17
N LEU D 10 1.45 53.82 44.64
CA LEU D 10 2.16 52.84 45.45
C LEU D 10 3.38 53.47 46.10
N SER D 11 3.13 54.27 47.11
CA SER D 11 4.21 54.99 47.78
C SER D 11 5.18 54.09 48.51
N ALA D 12 6.46 54.40 48.38
CA ALA D 12 7.54 53.67 49.03
C ALA D 12 8.79 54.53 49.22
N SER D 13 9.64 54.16 50.18
CA SER D 13 10.90 54.85 50.37
C SER D 13 12.04 54.06 49.71
N VAL D 14 13.21 54.65 49.62
CA VAL D 14 14.32 53.92 49.06
C VAL D 14 14.79 52.85 50.03
N GLY D 15 14.94 51.65 49.49
CA GLY D 15 15.34 50.44 50.20
C GLY D 15 14.11 49.71 50.74
N ASP D 16 12.93 50.26 50.48
CA ASP D 16 11.68 49.69 50.94
C ASP D 16 11.17 48.59 50.04
N LYS D 17 10.05 48.00 50.42
CA LYS D 17 9.46 46.93 49.64
C LYS D 17 8.15 47.36 49.03
N VAL D 18 8.10 47.37 47.71
CA VAL D 18 6.88 47.78 47.05
C VAL D 18 6.47 46.71 46.08
N THR D 19 5.18 46.42 46.02
CA THR D 19 4.73 45.42 45.10
C THR D 19 3.66 45.95 44.19
N ILE D 20 3.61 45.38 43.00
CA ILE D 20 2.61 45.67 41.99
C ILE D 20 1.80 44.41 41.71
N THR D 21 0.48 44.50 41.82
CA THR D 21 -0.36 43.34 41.54
C THR D 21 -1.09 43.45 40.23
N CYS D 22 -1.03 42.36 39.47
CA CYS D 22 -1.75 42.20 38.21
C CYS D 22 -2.63 40.96 38.25
N ARG D 23 -3.94 41.16 38.44
CA ARG D 23 -4.84 40.02 38.54
C ARG D 23 -5.92 40.09 37.47
N ALA D 24 -5.92 39.14 36.56
CA ALA D 24 -6.89 39.18 35.47
C ALA D 24 -7.97 38.16 35.67
N SER D 25 -9.12 38.42 35.05
CA SER D 25 -10.18 37.42 35.07
C SER D 25 -9.81 36.25 34.18
N GLN D 26 -9.01 36.52 33.14
CA GLN D 26 -8.59 35.50 32.23
C GLN D 26 -7.22 35.01 32.63
N GLY D 27 -6.99 33.70 32.52
CA GLY D 27 -5.69 33.19 32.84
C GLY D 27 -4.74 33.30 31.66
N VAL D 28 -3.45 33.34 31.97
CA VAL D 28 -2.39 33.37 30.98
C VAL D 28 -1.44 32.29 31.32
N ARG D 29 -1.70 31.68 32.48
CA ARG D 29 -0.88 30.60 33.05
C ARG D 29 0.44 31.14 33.59
N ASN D 30 1.26 31.68 32.70
CA ASN D 30 2.51 32.32 33.03
C ASN D 30 2.85 33.26 31.93
N GLU D 31 1.97 33.36 30.96
CA GLU D 31 2.28 34.18 29.81
C GLU D 31 1.93 35.65 30.08
N LEU D 32 2.73 36.24 30.95
CA LEU D 32 2.64 37.62 31.40
C LEU D 32 3.98 38.29 31.35
N ALA D 33 4.02 39.47 30.79
CA ALA D 33 5.27 40.19 30.76
C ALA D 33 5.21 41.42 31.65
N TRP D 34 6.19 41.55 32.54
CA TRP D 34 6.30 42.70 33.46
C TRP D 34 7.20 43.74 32.87
N TYR D 35 6.73 44.99 32.83
CA TYR D 35 7.47 46.13 32.28
C TYR D 35 7.63 47.30 33.25
N GLN D 36 8.71 48.06 33.06
CA GLN D 36 9.01 49.29 33.79
C GLN D 36 9.13 50.48 32.81
N GLN D 37 8.46 51.60 33.11
CA GLN D 37 8.52 52.75 32.18
C GLN D 37 8.73 54.11 32.84
N LYS D 38 9.56 54.94 32.20
CA LYS D 38 9.78 56.30 32.66
C LYS D 38 9.05 57.27 31.75
N PRO D 39 8.63 58.45 32.23
CA PRO D 39 8.00 59.46 31.42
C PRO D 39 8.91 59.81 30.27
N GLY D 40 8.35 59.90 29.07
CA GLY D 40 9.12 60.28 27.90
C GLY D 40 9.89 59.11 27.27
N LYS D 41 9.80 57.93 27.86
CA LYS D 41 10.54 56.77 27.37
C LYS D 41 9.64 55.62 26.97
N ALA D 42 10.17 54.75 26.12
CA ALA D 42 9.46 53.54 25.79
C ALA D 42 9.49 52.68 27.04
N PRO D 43 8.48 51.85 27.29
CA PRO D 43 8.45 50.90 28.38
C PRO D 43 9.44 49.83 28.04
N ASN D 44 10.00 49.20 29.06
CA ASN D 44 10.91 48.10 28.82
C ASN D 44 10.64 46.93 29.73
N LEU D 45 10.99 45.76 29.26
CA LEU D 45 10.74 44.52 29.97
C LEU D 45 11.67 44.28 31.15
N LEU D 46 11.07 43.83 32.24
CA LEU D 46 11.76 43.40 33.45
C LEU D 46 11.82 41.89 33.55
N ILE D 47 10.61 41.30 33.56
CA ILE D 47 10.37 39.87 33.78
C ILE D 47 9.47 39.21 32.74
N TYR D 48 9.90 38.07 32.21
CA TYR D 48 9.10 37.39 31.19
C TYR D 48 8.62 36.00 31.56
N TYR D 49 7.53 35.57 30.91
CA TYR D 49 6.85 34.31 31.30
C TYR D 49 6.47 34.41 32.78
N ALA D 50 6.12 35.62 33.23
CA ALA D 50 5.76 35.94 34.59
C ALA D 50 6.80 35.58 35.65
N SER D 51 8.03 35.22 35.30
CA SER D 51 8.98 34.90 36.37
C SER D 51 10.46 34.90 35.97
N THR D 52 10.78 34.94 34.69
CA THR D 52 12.17 34.91 34.30
C THR D 52 12.71 36.31 34.30
N LEU D 53 13.76 36.55 35.05
CA LEU D 53 14.30 37.89 35.12
C LEU D 53 15.19 38.08 33.92
N GLN D 54 14.97 39.17 33.21
CA GLN D 54 15.76 39.49 32.05
C GLN D 54 17.16 39.91 32.43
N SER D 55 18.16 39.40 31.72
CA SER D 55 19.51 39.82 32.04
C SER D 55 19.60 41.32 31.84
N GLY D 56 20.29 41.98 32.76
CA GLY D 56 20.46 43.42 32.73
C GLY D 56 19.47 44.13 33.67
N VAL D 57 18.47 43.39 34.13
CA VAL D 57 17.49 43.92 35.04
C VAL D 57 18.00 43.57 36.44
N PRO D 58 18.09 44.51 37.37
CA PRO D 58 18.58 44.31 38.72
C PRO D 58 17.87 43.19 39.46
N SER D 59 18.65 42.48 40.30
CA SER D 59 18.25 41.32 41.09
C SER D 59 17.18 41.62 42.13
N ARG D 60 16.97 42.89 42.42
CA ARG D 60 15.93 43.31 43.36
C ARG D 60 14.54 43.06 42.78
N PHE D 61 14.45 42.86 41.45
CA PHE D 61 13.18 42.59 40.80
C PHE D 61 12.88 41.11 40.71
N SER D 62 11.73 40.71 41.21
CA SER D 62 11.30 39.32 41.15
C SER D 62 9.79 39.27 41.03
N ALA D 63 9.24 38.15 40.61
CA ALA D 63 7.80 38.08 40.54
C ALA D 63 7.33 36.68 40.88
N THR D 64 6.13 36.62 41.44
CA THR D 64 5.50 35.38 41.82
C THR D 64 4.05 35.31 41.35
N GLY D 65 3.45 34.14 41.46
CA GLY D 65 2.03 33.96 41.10
C GLY D 65 1.86 33.15 39.83
N SER D 66 0.64 32.67 39.61
CA SER D 66 0.34 31.85 38.45
C SER D 66 -1.14 31.90 38.04
N GLY D 67 -1.40 31.44 36.82
CA GLY D 67 -2.76 31.33 36.36
C GLY D 67 -3.33 32.68 35.97
N THR D 68 -3.91 33.35 36.96
CA THR D 68 -4.54 34.66 36.84
C THR D 68 -3.94 35.74 37.71
N HIS D 69 -3.23 35.36 38.78
CA HIS D 69 -2.78 36.36 39.75
C HIS D 69 -1.28 36.44 39.88
N PHE D 70 -0.74 37.58 39.46
CA PHE D 70 0.70 37.76 39.47
C PHE D 70 1.12 38.99 40.26
N THR D 71 2.25 38.90 40.97
CA THR D 71 2.78 40.03 41.72
C THR D 71 4.25 40.30 41.42
N LEU D 72 4.56 41.58 41.18
CA LEU D 72 5.93 42.04 40.98
C LEU D 72 6.43 42.66 42.23
N THR D 73 7.55 42.17 42.72
CA THR D 73 8.12 42.69 43.95
C THR D 73 9.46 43.34 43.74
N VAL D 74 9.60 44.54 44.29
CA VAL D 74 10.89 45.20 44.27
C VAL D 74 11.34 45.16 45.73
N SER D 75 12.33 44.31 46.02
CA SER D 75 12.75 44.04 47.40
C SER D 75 13.63 45.09 48.08
N SER D 76 14.16 46.01 47.31
CA SER D 76 15.03 47.06 47.81
C SER D 76 14.94 48.22 46.85
N LEU D 77 13.82 48.94 46.91
CA LEU D 77 13.51 49.96 45.92
C LEU D 77 14.54 51.07 45.79
N GLN D 78 14.97 51.36 44.56
CA GLN D 78 15.98 52.40 44.35
C GLN D 78 15.38 53.61 43.66
N PRO D 79 15.96 54.83 43.73
CA PRO D 79 15.47 56.05 43.08
C PRO D 79 15.16 55.86 41.60
N GLU D 80 15.93 55.02 40.91
CA GLU D 80 15.73 54.78 39.50
C GLU D 80 14.51 53.93 39.20
N ASP D 81 13.89 53.35 40.23
CA ASP D 81 12.74 52.51 40.06
C ASP D 81 11.44 53.25 40.23
N PHE D 82 11.49 54.56 40.46
CA PHE D 82 10.25 55.29 40.62
C PHE D 82 9.72 55.60 39.23
N ALA D 83 9.12 54.55 38.70
CA ALA D 83 8.63 54.32 37.36
C ALA D 83 7.24 53.79 37.40
N THR D 84 6.59 53.77 36.25
CA THR D 84 5.31 53.11 36.25
C THR D 84 5.57 51.66 35.90
N TYR D 85 4.63 50.81 36.24
CA TYR D 85 4.75 49.40 35.95
C TYR D 85 3.54 48.87 35.26
N PHE D 86 3.78 47.96 34.33
CA PHE D 86 2.73 47.35 33.54
C PHE D 86 2.82 45.86 33.40
N CYS D 87 1.66 45.26 33.21
CA CYS D 87 1.59 43.89 32.81
C CYS D 87 0.97 43.79 31.46
N GLN D 88 1.50 42.89 30.66
CA GLN D 88 0.94 42.57 29.36
C GLN D 88 0.52 41.13 29.39
N HIS D 89 -0.68 40.86 28.95
CA HIS D 89 -1.20 39.50 28.96
C HIS D 89 -1.19 38.84 27.61
N MET D 90 -0.63 37.63 27.54
CA MET D 90 -0.50 36.89 26.30
C MET D 90 -1.36 35.64 26.10
N SER D 91 -2.46 35.43 26.83
CA SER D 91 -3.25 34.21 26.57
C SER D 91 -3.89 34.22 25.18
N SER D 92 -4.21 35.40 24.74
CA SER D 92 -4.83 35.71 23.48
C SER D 92 -4.42 37.09 23.14
N TYR D 93 -5.22 37.76 22.36
CA TYR D 93 -4.89 39.13 22.00
C TYR D 93 -6.22 39.86 21.85
N PRO D 94 -6.23 41.19 21.77
CA PRO D 94 -5.13 42.14 21.70
C PRO D 94 -4.27 42.10 22.93
N LEU D 95 -2.97 42.22 22.74
CA LEU D 95 -2.01 42.14 23.83
C LEU D 95 -1.83 43.48 24.48
N THR D 96 -2.89 43.97 25.05
CA THR D 96 -2.84 45.27 25.66
C THR D 96 -2.24 45.12 27.02
N PHE D 97 -1.89 46.23 27.59
CA PHE D 97 -1.30 46.29 28.88
C PHE D 97 -2.33 46.87 29.81
N GLY D 98 -2.13 46.70 31.10
CA GLY D 98 -3.06 47.30 32.05
C GLY D 98 -2.85 48.80 32.10
N GLY D 99 -3.67 49.49 32.91
CA GLY D 99 -3.58 50.94 32.99
C GLY D 99 -2.22 51.40 33.47
N GLY D 100 -1.63 50.60 34.34
CA GLY D 100 -0.32 50.83 34.91
C GLY D 100 -0.42 51.39 36.32
N THR D 101 0.58 51.10 37.12
CA THR D 101 0.63 51.59 38.50
C THR D 101 1.91 52.38 38.61
N LYS D 102 2.05 53.21 39.65
CA LYS D 102 3.28 53.98 39.81
C LYS D 102 3.84 53.85 41.20
N VAL D 103 5.15 53.84 41.31
CA VAL D 103 5.72 53.87 42.63
C VAL D 103 5.99 55.33 42.99
N GLU D 104 5.44 55.73 44.13
CA GLU D 104 5.44 57.11 44.62
C GLU D 104 6.44 57.36 45.74
N ILE D 105 6.73 58.63 45.99
CA ILE D 105 7.70 58.96 47.03
C ILE D 105 7.09 59.04 48.42
N LYS D 106 7.64 58.23 49.33
CA LYS D 106 7.23 58.21 50.72
C LYS D 106 8.08 59.20 51.50
N GLN E 38 12.37 -15.97 -18.38
CA GLN E 38 12.84 -14.70 -18.90
C GLN E 38 13.73 -13.97 -17.93
N LEU E 39 14.95 -13.66 -18.36
CA LEU E 39 15.83 -12.91 -17.50
C LEU E 39 15.72 -11.44 -17.85
N TRP E 40 15.95 -10.59 -16.88
CA TRP E 40 15.84 -9.14 -16.97
C TRP E 40 17.13 -8.41 -16.77
N VAL E 41 17.27 -7.24 -17.38
CA VAL E 41 18.48 -6.48 -17.13
C VAL E 41 18.46 -5.80 -15.76
N THR E 42 19.52 -6.03 -14.98
CA THR E 42 19.75 -5.41 -13.67
C THR E 42 21.14 -4.81 -13.60
N VAL E 43 21.21 -3.62 -13.02
CA VAL E 43 22.45 -2.90 -12.89
C VAL E 43 23.08 -3.19 -11.54
N TYR E 44 24.37 -3.50 -11.55
CA TYR E 44 25.11 -3.77 -10.33
C TYR E 44 26.26 -2.78 -10.20
N TYR E 45 26.30 -2.06 -9.09
CA TYR E 45 27.37 -1.09 -8.93
C TYR E 45 28.26 -1.40 -7.77
N GLY E 46 29.55 -1.45 -8.03
CA GLY E 46 30.51 -1.82 -7.00
C GLY E 46 31.06 -3.17 -7.39
N VAL E 47 31.08 -3.42 -8.69
CA VAL E 47 31.57 -4.66 -9.23
C VAL E 47 33.11 -4.66 -9.20
N PRO E 48 33.76 -5.64 -8.58
CA PRO E 48 35.21 -5.70 -8.41
C PRO E 48 36.02 -6.12 -9.65
N VAL E 49 35.93 -5.27 -10.66
CA VAL E 49 36.65 -5.47 -11.92
C VAL E 49 37.42 -4.21 -12.30
N TRP E 50 38.35 -4.38 -13.20
CA TRP E 50 39.20 -3.31 -13.68
C TRP E 50 39.73 -3.62 -15.05
N LYS E 51 40.26 -2.58 -15.67
CA LYS E 51 40.95 -2.70 -16.93
C LYS E 51 42.30 -2.02 -16.79
N GLU E 52 43.29 -2.47 -17.53
CA GLU E 52 44.60 -1.83 -17.44
C GLU E 52 44.53 -0.40 -17.92
N ALA E 53 45.19 0.52 -17.23
CA ALA E 53 45.10 1.91 -17.63
C ALA E 53 46.30 2.73 -17.23
N THR E 54 46.52 3.81 -17.96
CA THR E 54 47.58 4.73 -17.62
C THR E 54 47.10 6.03 -17.05
N THR E 55 47.67 6.37 -15.90
CA THR E 55 47.44 7.63 -15.23
C THR E 55 48.72 8.13 -14.64
N THR E 56 48.64 9.29 -14.05
CA THR E 56 49.77 9.96 -13.42
C THR E 56 49.88 9.59 -11.94
N LEU E 57 51.06 9.17 -11.51
CA LEU E 57 51.23 8.87 -10.10
C LEU E 57 51.77 10.11 -9.41
N PHE E 58 51.42 10.28 -8.15
CA PHE E 58 51.91 11.42 -7.41
C PHE E 58 52.88 11.00 -6.35
N CYS E 59 53.72 11.92 -5.95
CA CYS E 59 54.73 11.63 -4.94
C CYS E 59 54.14 11.60 -3.55
N ALA E 60 54.83 10.90 -2.68
CA ALA E 60 54.54 10.99 -1.28
C ALA E 60 55.85 10.91 -0.49
N SER E 61 56.01 11.88 0.43
CA SER E 61 57.19 12.09 1.24
C SER E 61 57.20 11.31 2.55
N ASP E 62 58.38 11.16 3.15
CA ASP E 62 58.44 10.38 4.37
C ASP E 62 58.03 11.09 5.65
N ALA E 63 58.70 12.18 5.94
CA ALA E 63 58.53 12.95 7.16
C ALA E 63 59.46 14.15 7.15
N ARG E 64 60.70 13.89 6.76
CA ARG E 64 61.75 14.89 6.81
C ARG E 64 61.80 15.72 5.55
N ALA E 65 61.51 15.09 4.40
CA ALA E 65 61.65 15.71 3.08
C ALA E 65 60.91 17.04 2.98
N TYR E 66 59.79 17.15 3.66
CA TYR E 66 59.04 18.39 3.61
C TYR E 66 59.94 19.60 3.93
N ASP E 67 60.85 19.45 4.91
CA ASP E 67 61.72 20.50 5.40
C ASP E 67 63.16 20.41 4.85
N THR E 68 63.36 19.67 3.76
CA THR E 68 64.68 19.53 3.12
C THR E 68 64.84 20.46 1.94
N GLU E 69 63.81 21.31 1.73
CA GLU E 69 63.67 22.30 0.65
C GLU E 69 64.78 23.32 0.63
N VAL E 70 65.46 23.41 1.75
CA VAL E 70 66.55 24.29 1.99
C VAL E 70 67.73 23.95 1.08
N ARG E 71 67.78 22.70 0.61
CA ARG E 71 68.84 22.27 -0.30
C ARG E 71 68.35 21.27 -1.36
N ASN E 72 67.52 20.31 -0.94
CA ASN E 72 67.21 19.15 -1.76
C ASN E 72 66.17 19.35 -2.85
N VAL E 73 66.59 19.03 -4.06
CA VAL E 73 65.79 19.18 -5.24
C VAL E 73 64.59 18.23 -5.35
N TRP E 74 64.85 16.96 -5.12
CA TRP E 74 63.82 15.95 -5.25
C TRP E 74 62.99 15.82 -4.00
N ALA E 75 63.64 16.00 -2.86
CA ALA E 75 62.97 15.88 -1.58
C ALA E 75 62.35 17.21 -1.28
N THR E 76 61.32 17.51 -2.04
CA THR E 76 60.68 18.80 -1.98
C THR E 76 59.65 18.92 -0.89
N HIS E 77 59.27 20.18 -0.67
CA HIS E 77 58.22 20.58 0.24
C HIS E 77 56.88 20.48 -0.44
N ALA E 78 56.89 20.45 -1.76
CA ALA E 78 55.66 20.38 -2.53
C ALA E 78 55.25 18.94 -2.73
N CYS E 79 55.15 18.21 -1.64
CA CYS E 79 54.79 16.82 -1.70
C CYS E 79 54.12 16.37 -0.41
N VAL E 80 52.98 15.71 -0.59
CA VAL E 80 52.14 15.16 0.48
C VAL E 80 52.90 14.03 1.15
N PRO E 81 52.58 13.60 2.37
CA PRO E 81 53.21 12.53 3.10
C PRO E 81 52.74 11.18 2.62
N THR E 82 53.51 10.16 2.92
CA THR E 82 53.07 8.80 2.70
C THR E 82 52.09 8.37 3.76
N ASP E 83 51.42 7.27 3.46
CA ASP E 83 50.52 6.64 4.38
C ASP E 83 51.37 5.98 5.46
N PRO E 84 51.26 6.35 6.74
CA PRO E 84 52.02 5.77 7.83
C PRO E 84 51.65 4.29 8.05
N ASN E 85 50.50 3.86 7.52
CA ASN E 85 50.07 2.50 7.68
C ASN E 85 49.44 1.99 6.38
N PRO E 86 50.24 1.80 5.32
CA PRO E 86 49.78 1.45 3.99
C PRO E 86 49.23 0.06 4.05
N GLN E 87 48.22 -0.19 3.24
CA GLN E 87 47.63 -1.52 3.20
C GLN E 87 47.94 -2.27 1.93
N GLU E 88 47.85 -3.58 2.02
CA GLU E 88 48.06 -4.42 0.87
C GLU E 88 47.11 -5.61 0.91
N VAL E 89 46.48 -5.92 -0.21
CA VAL E 89 45.58 -7.08 -0.23
C VAL E 89 45.99 -8.16 -1.19
N VAL E 90 46.19 -9.36 -0.69
CA VAL E 90 46.59 -10.46 -1.56
C VAL E 90 45.33 -11.01 -2.19
N LEU E 91 45.35 -11.21 -3.50
CA LEU E 91 44.17 -11.68 -4.20
C LEU E 91 44.25 -13.18 -4.40
N GLU E 92 43.14 -13.90 -4.26
CA GLU E 92 43.19 -15.36 -4.35
C GLU E 92 43.33 -15.99 -5.73
N ASN E 93 42.59 -15.46 -6.70
CA ASN E 93 42.51 -16.07 -8.02
C ASN E 93 42.85 -15.09 -9.12
N VAL E 94 43.65 -14.12 -8.83
CA VAL E 94 43.95 -13.15 -9.85
C VAL E 94 45.32 -13.37 -10.44
N THR E 95 45.35 -13.64 -11.73
CA THR E 95 46.60 -13.86 -12.42
C THR E 95 46.65 -12.88 -13.55
N GLU E 96 47.72 -12.11 -13.61
CA GLU E 96 47.84 -11.14 -14.68
C GLU E 96 49.18 -11.09 -15.30
N ASN E 97 49.20 -10.63 -16.54
CA ASN E 97 50.43 -10.44 -17.28
C ASN E 97 51.09 -9.11 -16.96
N PHE E 98 52.37 -9.21 -16.72
CA PHE E 98 53.25 -8.09 -16.46
C PHE E 98 54.31 -8.03 -17.55
N ASN E 99 54.83 -6.84 -17.79
CA ASN E 99 55.93 -6.66 -18.73
C ASN E 99 56.72 -5.47 -18.32
N MET E 100 57.89 -5.70 -17.76
CA MET E 100 58.65 -4.57 -17.25
C MET E 100 59.11 -3.62 -18.35
N TRP E 101 59.21 -4.08 -19.59
CA TRP E 101 59.69 -3.20 -20.62
C TRP E 101 58.57 -2.38 -21.24
N LYS E 102 57.37 -2.57 -20.72
CA LYS E 102 56.20 -1.84 -21.13
C LYS E 102 55.68 -1.04 -19.96
N ASN E 103 56.46 -0.96 -18.89
CA ASN E 103 56.01 -0.27 -17.70
C ASN E 103 56.19 1.23 -17.86
N ASN E 104 55.09 1.93 -18.05
CA ASN E 104 55.06 3.34 -18.34
C ASN E 104 55.45 4.22 -17.18
N MET E 105 55.56 3.63 -15.99
CA MET E 105 55.93 4.39 -14.81
C MET E 105 57.35 4.89 -14.98
N VAL E 106 58.10 4.21 -15.85
CA VAL E 106 59.47 4.53 -16.08
C VAL E 106 59.56 5.86 -16.80
N GLU E 107 58.57 6.17 -17.66
CA GLU E 107 58.59 7.38 -18.41
C GLU E 107 58.25 8.51 -17.48
N GLN E 108 57.36 8.23 -16.52
CA GLN E 108 57.04 9.30 -15.62
C GLN E 108 58.26 9.63 -14.79
N MET E 109 59.00 8.61 -14.36
CA MET E 109 60.16 8.94 -13.56
C MET E 109 61.23 9.62 -14.40
N HIS E 110 61.30 9.25 -15.67
CA HIS E 110 62.29 9.85 -16.55
C HIS E 110 62.08 11.35 -16.57
N GLU E 111 60.85 11.74 -16.91
CA GLU E 111 60.52 13.13 -17.05
C GLU E 111 60.55 13.89 -15.74
N ASP E 112 60.12 13.27 -14.65
CA ASP E 112 60.06 14.01 -13.43
C ASP E 112 61.40 14.34 -12.88
N ILE E 113 62.34 13.41 -12.96
CA ILE E 113 63.62 13.72 -12.40
C ILE E 113 64.29 14.79 -13.20
N ILE E 114 64.20 14.69 -14.52
CA ILE E 114 64.84 15.68 -15.34
C ILE E 114 64.22 17.04 -15.14
N SER E 115 62.90 17.11 -15.11
CA SER E 115 62.26 18.39 -14.95
C SER E 115 62.59 19.03 -13.62
N LEU E 116 62.54 18.26 -12.53
CA LEU E 116 62.77 18.85 -11.24
C LEU E 116 64.20 19.31 -11.11
N TRP E 117 65.12 18.53 -11.67
CA TRP E 117 66.51 18.87 -11.63
C TRP E 117 66.70 20.17 -12.37
N ASP E 118 66.11 20.29 -13.56
CA ASP E 118 66.28 21.52 -14.32
C ASP E 118 65.65 22.71 -13.62
N GLN E 119 64.51 22.52 -12.97
CA GLN E 119 63.86 23.65 -12.31
C GLN E 119 64.74 24.24 -11.24
N SER E 120 65.47 23.39 -10.52
CA SER E 120 66.30 23.85 -9.43
C SER E 120 67.49 24.66 -9.90
N LEU E 121 67.82 24.58 -11.17
CA LEU E 121 68.98 25.25 -11.69
C LEU E 121 68.64 26.55 -12.37
N LYS E 122 67.36 26.91 -12.41
CA LYS E 122 66.99 28.10 -13.15
C LYS E 122 67.65 29.39 -12.64
N PRO E 123 67.79 29.65 -11.32
CA PRO E 123 68.38 30.85 -10.79
C PRO E 123 69.90 30.78 -10.62
N CYS E 124 70.54 29.75 -11.17
CA CYS E 124 71.95 29.56 -10.86
C CYS E 124 72.88 30.32 -11.81
N VAL E 125 74.19 30.28 -11.51
CA VAL E 125 75.14 31.17 -12.19
C VAL E 125 75.74 30.70 -13.50
N LYS E 126 75.63 31.53 -14.54
CA LYS E 126 76.23 31.18 -15.83
C LYS E 126 77.73 31.32 -15.75
N LEU E 127 78.43 30.33 -16.28
CA LEU E 127 79.88 30.32 -16.27
C LEU E 127 80.44 30.71 -17.64
N THR E 128 79.58 31.23 -18.49
CA THR E 128 79.94 31.65 -19.82
C THR E 128 81.18 32.55 -19.89
N PRO E 129 81.29 33.65 -19.11
CA PRO E 129 82.41 34.57 -19.17
C PRO E 129 83.68 34.00 -18.59
N LEU E 130 83.61 32.82 -17.98
CA LEU E 130 84.76 32.27 -17.32
C LEU E 130 85.51 31.37 -18.25
N CYS E 131 84.95 31.15 -19.42
CA CYS E 131 85.54 30.27 -20.41
C CYS E 131 86.53 31.01 -21.29
N VAL E 132 86.72 32.29 -21.04
CA VAL E 132 87.54 33.07 -21.93
C VAL E 132 88.99 32.67 -22.05
N THR E 133 89.69 32.41 -20.94
CA THR E 133 91.07 32.01 -21.07
C THR E 133 91.60 31.31 -19.84
N LEU E 134 92.57 30.43 -20.06
CA LEU E 134 93.29 29.73 -19.01
C LEU E 134 94.74 29.49 -19.43
N ASN E 135 95.69 29.88 -18.59
CA ASN E 135 97.11 29.63 -18.80
C ASN E 135 97.54 28.56 -17.81
N CYS E 136 97.72 27.34 -18.28
CA CYS E 136 97.84 26.27 -17.30
C CYS E 136 99.18 25.57 -17.26
N THR E 137 99.49 25.17 -16.05
CA THR E 137 100.58 24.30 -15.70
C THR E 137 99.99 23.22 -14.83
N ASP E 138 100.81 22.30 -14.41
CA ASP E 138 100.33 21.22 -13.57
C ASP E 138 100.16 21.67 -12.13
N LEU E 139 99.28 21.02 -11.40
CA LEU E 139 99.19 21.26 -9.97
C LEU E 139 100.48 20.88 -9.26
N ARG E 140 100.98 21.77 -8.42
CA ARG E 140 102.22 21.55 -7.69
C ARG E 140 102.02 21.20 -6.23
N GLY E 161 99.14 14.92 -14.52
CA GLY E 161 98.44 16.21 -14.60
C GLY E 161 96.92 16.11 -14.74
N GLU E 162 96.27 15.48 -13.75
CA GLU E 162 94.82 15.35 -13.70
C GLU E 162 94.25 16.70 -13.33
N ILE E 163 95.00 17.40 -12.47
CA ILE E 163 94.61 18.71 -12.02
C ILE E 163 95.62 19.72 -12.51
N LYS E 164 95.10 20.75 -13.14
CA LYS E 164 95.88 21.85 -13.67
C LYS E 164 95.73 23.08 -12.82
N ASN E 165 96.82 23.81 -12.71
CA ASN E 165 96.86 25.09 -12.02
C ASN E 165 96.81 26.18 -13.08
N CYS E 166 95.65 26.79 -13.23
CA CYS E 166 95.52 27.72 -14.33
C CYS E 166 95.34 29.13 -13.88
N SER E 167 96.02 30.04 -14.55
CA SER E 167 95.83 31.44 -14.28
C SER E 167 94.87 31.95 -15.33
N PHE E 168 94.22 33.06 -15.06
CA PHE E 168 93.37 33.61 -16.07
C PHE E 168 93.13 35.10 -15.97
N ASN E 169 92.83 35.66 -17.13
CA ASN E 169 92.51 37.06 -17.30
C ASN E 169 91.01 37.27 -17.35
N ILE E 170 90.50 38.02 -16.39
CA ILE E 170 89.10 38.29 -16.27
C ILE E 170 88.86 39.64 -16.95
N THR E 171 87.88 39.64 -17.84
CA THR E 171 87.50 40.78 -18.66
C THR E 171 86.83 41.77 -17.76
N THR E 172 86.49 42.96 -18.27
CA THR E 172 85.97 43.96 -17.35
C THR E 172 84.95 43.34 -16.41
N SER E 173 85.29 43.48 -15.15
CA SER E 173 84.60 42.94 -14.01
C SER E 173 83.97 44.00 -13.17
N MET E 174 84.77 44.61 -12.30
CA MET E 174 84.25 45.61 -11.38
C MET E 174 84.07 46.95 -12.06
N ARG E 175 83.12 46.98 -12.98
CA ARG E 175 82.67 48.11 -13.76
C ARG E 175 83.68 48.68 -14.75
N ASP E 176 84.81 49.15 -14.27
CA ASP E 176 85.84 49.69 -15.13
C ASP E 176 87.20 49.07 -14.86
N LYS E 177 87.20 47.97 -14.12
CA LYS E 177 88.42 47.26 -13.75
C LYS E 177 88.51 45.90 -14.39
N VAL E 178 89.73 45.38 -14.45
CA VAL E 178 90.01 44.04 -14.94
C VAL E 178 90.80 43.36 -13.84
N GLN E 179 90.89 42.04 -13.87
CA GLN E 179 91.60 41.36 -12.81
C GLN E 179 92.19 40.05 -13.28
N LYS E 180 93.13 39.52 -12.52
CA LYS E 180 93.66 38.21 -12.85
C LYS E 180 93.53 37.33 -11.62
N GLU E 181 93.22 36.06 -11.88
CA GLU E 181 92.99 35.05 -10.83
C GLU E 181 93.59 33.73 -11.24
N TYR E 182 93.50 32.75 -10.37
CA TYR E 182 93.93 31.42 -10.74
C TYR E 182 93.01 30.46 -10.04
N ALA E 183 92.96 29.23 -10.54
CA ALA E 183 92.13 28.20 -9.93
C ALA E 183 92.58 26.83 -10.35
N LEU E 184 92.12 25.81 -9.63
CA LEU E 184 92.48 24.48 -10.07
C LEU E 184 91.37 23.88 -10.92
N PHE E 185 91.77 23.20 -12.00
CA PHE E 185 90.86 22.58 -12.95
C PHE E 185 91.15 21.12 -13.21
N TYR E 186 90.11 20.35 -13.50
CA TYR E 186 90.32 18.95 -13.87
C TYR E 186 90.49 18.84 -15.37
N LYS E 187 91.34 17.90 -15.79
CA LYS E 187 91.58 17.63 -17.21
C LYS E 187 90.36 17.07 -17.91
N LEU E 188 89.38 16.63 -17.15
CA LEU E 188 88.18 16.10 -17.73
C LEU E 188 87.18 17.20 -18.04
N ASP E 189 87.39 18.40 -17.48
CA ASP E 189 86.52 19.54 -17.75
C ASP E 189 87.07 20.48 -18.82
N VAL E 190 88.41 20.53 -18.94
CA VAL E 190 89.04 21.46 -19.89
C VAL E 190 89.96 20.78 -20.90
N VAL E 191 90.19 21.47 -22.01
CA VAL E 191 91.09 21.03 -23.07
C VAL E 191 92.02 22.12 -23.53
N PRO E 192 93.22 21.76 -24.00
CA PRO E 192 94.23 22.65 -24.52
C PRO E 192 93.90 23.17 -25.89
N ILE E 193 94.55 24.26 -26.21
CA ILE E 193 94.57 24.81 -27.55
C ILE E 193 95.72 24.16 -28.29
N LYS E 194 95.41 23.56 -29.44
CA LYS E 194 96.36 22.79 -30.23
C LYS E 194 97.65 23.52 -30.58
N ASN E 195 97.59 24.79 -30.93
CA ASN E 195 98.80 25.48 -31.32
C ASN E 195 99.51 26.20 -30.19
N ASP E 196 99.04 26.03 -28.97
CA ASP E 196 99.70 26.67 -27.82
C ASP E 196 100.31 25.62 -26.91
N ASN E 197 99.46 24.68 -26.50
CA ASN E 197 99.73 23.61 -25.53
C ASN E 197 99.95 24.12 -24.11
N THR E 198 99.68 25.41 -23.88
CA THR E 198 99.76 26.05 -22.58
C THR E 198 98.45 26.68 -22.22
N SER E 199 97.61 26.91 -23.24
CA SER E 199 96.37 27.60 -23.02
C SER E 199 95.27 26.57 -23.14
N TYR E 200 94.23 26.78 -22.34
CA TYR E 200 93.08 25.90 -22.24
C TYR E 200 91.73 26.60 -22.30
N ARG E 201 90.72 25.83 -22.66
CA ARG E 201 89.32 26.24 -22.68
C ARG E 201 88.46 25.14 -22.11
N LEU E 202 87.26 25.49 -21.70
CA LEU E 202 86.36 24.47 -21.20
C LEU E 202 85.78 23.70 -22.37
N ILE E 203 85.59 22.42 -22.18
CA ILE E 203 85.16 21.54 -23.24
C ILE E 203 83.84 21.86 -23.92
N SER E 204 82.84 22.21 -23.16
CA SER E 204 81.51 22.42 -23.68
C SER E 204 81.21 23.81 -24.18
N CYS E 205 82.18 24.70 -24.11
CA CYS E 205 81.93 26.09 -24.42
C CYS E 205 81.39 26.38 -25.79
N ASN E 206 81.76 25.63 -26.79
CA ASN E 206 81.28 26.01 -28.11
C ASN E 206 79.93 25.41 -28.46
N THR E 207 79.28 24.75 -27.51
CA THR E 207 77.95 24.23 -27.76
C THR E 207 76.91 24.87 -26.88
N SER E 208 77.17 25.01 -25.57
CA SER E 208 76.12 25.58 -24.74
C SER E 208 76.56 26.17 -23.41
N VAL E 209 75.56 26.63 -22.68
CA VAL E 209 75.69 27.25 -21.38
C VAL E 209 75.69 26.26 -20.24
N ILE E 210 76.65 26.47 -19.37
CA ILE E 210 76.79 25.70 -18.17
C ILE E 210 76.66 26.61 -17.00
N THR E 211 75.88 26.19 -16.02
CA THR E 211 75.76 27.01 -14.84
C THR E 211 76.30 26.29 -13.63
N GLN E 212 76.72 27.07 -12.64
CA GLN E 212 77.17 26.50 -11.38
C GLN E 212 76.01 26.40 -10.46
N ALA E 213 75.79 25.19 -9.99
CA ALA E 213 74.64 24.95 -9.15
C ALA E 213 74.72 25.87 -7.97
N CYS E 214 73.57 26.34 -7.58
CA CYS E 214 73.47 27.23 -6.49
C CYS E 214 74.04 26.48 -5.31
N PRO E 215 74.95 27.05 -4.50
CA PRO E 215 75.57 26.39 -3.36
C PRO E 215 74.56 25.71 -2.45
N LYS E 216 73.38 26.30 -2.31
CA LYS E 216 72.37 25.71 -1.46
C LYS E 216 71.59 24.65 -2.23
N VAL E 217 72.27 23.55 -2.51
CA VAL E 217 71.69 22.48 -3.28
C VAL E 217 72.03 21.10 -2.73
N SER E 218 71.09 20.17 -2.87
CA SER E 218 71.31 18.77 -2.53
C SER E 218 70.59 17.81 -3.45
N PHE E 219 71.28 16.74 -3.74
CA PHE E 219 70.75 15.70 -4.58
C PHE E 219 70.65 14.40 -3.82
N GLU E 220 70.57 14.50 -2.50
CA GLU E 220 70.47 13.28 -1.72
C GLU E 220 69.32 12.47 -2.27
N PRO E 221 69.53 11.20 -2.62
CA PRO E 221 68.57 10.33 -3.23
C PRO E 221 67.54 9.78 -2.25
N ILE E 222 66.66 10.65 -1.81
CA ILE E 222 65.60 10.31 -0.87
C ILE E 222 64.55 9.40 -1.52
N PRO E 223 64.17 8.28 -0.86
CA PRO E 223 63.24 7.27 -1.34
C PRO E 223 61.78 7.69 -1.31
N ILE E 224 61.42 8.54 -2.25
CA ILE E 224 60.07 9.05 -2.45
C ILE E 224 59.14 7.97 -3.01
N HIS E 225 57.92 7.89 -2.47
CA HIS E 225 56.94 6.89 -2.86
C HIS E 225 56.03 7.44 -3.92
N TYR E 226 55.53 6.58 -4.81
CA TYR E 226 54.57 7.03 -5.80
C TYR E 226 53.26 6.32 -5.66
N CYS E 227 52.23 7.14 -5.56
CA CYS E 227 50.90 6.68 -5.23
C CYS E 227 49.89 6.90 -6.34
N ALA E 228 48.91 6.00 -6.42
CA ALA E 228 47.84 6.12 -7.39
C ALA E 228 46.71 6.99 -6.85
N PRO E 229 46.04 7.76 -7.72
CA PRO E 229 44.86 8.57 -7.45
C PRO E 229 43.63 7.73 -7.26
N ALA E 230 42.62 8.29 -6.61
CA ALA E 230 41.40 7.54 -6.43
C ALA E 230 40.82 7.11 -7.75
N GLY E 231 40.33 5.87 -7.79
CA GLY E 231 39.76 5.26 -8.98
C GLY E 231 40.76 4.34 -9.63
N PHE E 232 42.01 4.42 -9.18
CA PHE E 232 43.10 3.63 -9.68
C PHE E 232 43.76 2.83 -8.60
N ALA E 233 44.41 1.77 -9.03
CA ALA E 233 45.15 0.92 -8.11
C ALA E 233 46.36 0.35 -8.78
N ILE E 234 47.31 -0.05 -7.97
CA ILE E 234 48.52 -0.63 -8.47
C ILE E 234 48.54 -2.10 -8.14
N LEU E 235 48.77 -2.93 -9.14
CA LEU E 235 48.85 -4.33 -8.82
C LEU E 235 50.32 -4.71 -8.79
N LYS E 236 50.68 -5.47 -7.77
CA LYS E 236 52.04 -5.88 -7.58
C LYS E 236 52.22 -7.35 -7.80
N CYS E 237 53.31 -7.71 -8.47
CA CYS E 237 53.66 -9.11 -8.61
C CYS E 237 54.60 -9.50 -7.47
N ASN E 238 54.16 -10.45 -6.67
CA ASN E 238 54.89 -10.89 -5.50
C ASN E 238 55.56 -12.23 -5.70
N ASP E 239 55.61 -12.66 -6.94
CA ASP E 239 56.23 -13.92 -7.27
C ASP E 239 57.74 -13.72 -7.40
N LYS E 240 58.45 -14.28 -6.44
CA LYS E 240 59.89 -14.09 -6.30
C LYS E 240 60.67 -14.69 -7.44
N LYS E 241 60.05 -15.59 -8.20
CA LYS E 241 60.71 -16.24 -9.30
C LYS E 241 60.25 -15.71 -10.63
N PHE E 242 59.43 -14.66 -10.61
CA PHE E 242 58.91 -14.10 -11.84
C PHE E 242 59.95 -13.33 -12.63
N ASN E 243 60.01 -13.62 -13.93
CA ASN E 243 60.95 -12.96 -14.82
C ASN E 243 60.38 -11.62 -15.28
N GLY E 244 60.98 -10.99 -16.28
CA GLY E 244 60.50 -9.67 -16.62
C GLY E 244 59.11 -9.60 -17.28
N THR E 245 58.64 -10.69 -17.89
CA THR E 245 57.35 -10.64 -18.55
C THR E 245 56.52 -11.89 -18.26
N GLY E 246 55.23 -11.81 -18.56
CA GLY E 246 54.37 -12.97 -18.48
C GLY E 246 53.47 -12.91 -17.26
N PRO E 247 52.70 -13.97 -17.01
CA PRO E 247 51.73 -14.04 -15.94
C PRO E 247 52.37 -14.14 -14.59
N CYS E 248 51.69 -13.59 -13.62
CA CYS E 248 52.07 -13.67 -12.22
C CYS E 248 50.83 -13.98 -11.42
N THR E 249 50.91 -15.03 -10.58
CA THR E 249 49.76 -15.45 -9.80
C THR E 249 49.75 -14.86 -8.41
N ASN E 250 50.91 -14.59 -7.84
CA ASN E 250 50.85 -14.00 -6.52
C ASN E 250 50.78 -12.50 -6.70
N VAL E 251 49.58 -12.03 -6.73
CA VAL E 251 49.30 -10.65 -7.01
C VAL E 251 48.57 -10.01 -5.86
N SER E 252 48.97 -8.79 -5.55
CA SER E 252 48.33 -8.05 -4.49
C SER E 252 48.00 -6.63 -4.91
N THR E 253 46.99 -6.06 -4.26
CA THR E 253 46.60 -4.69 -4.51
C THR E 253 47.31 -3.74 -3.59
N VAL E 254 47.91 -2.74 -4.22
CA VAL E 254 48.69 -1.68 -3.64
C VAL E 254 48.11 -0.30 -3.98
N GLN E 255 47.93 0.58 -3.00
CA GLN E 255 47.46 1.90 -3.39
C GLN E 255 48.64 2.77 -3.73
N CYS E 256 49.73 2.53 -3.03
CA CYS E 256 50.95 3.29 -3.18
C CYS E 256 52.17 2.39 -3.00
N THR E 257 53.18 2.61 -3.83
CA THR E 257 54.40 1.81 -3.82
C THR E 257 55.32 2.24 -2.72
N HIS E 258 56.35 1.46 -2.52
CA HIS E 258 57.39 1.79 -1.59
C HIS E 258 58.20 2.92 -2.16
N GLY E 259 59.13 3.46 -1.37
CA GLY E 259 59.92 4.56 -1.86
C GLY E 259 61.04 4.08 -2.70
N ILE E 260 61.36 4.83 -3.74
CA ILE E 260 62.47 4.47 -4.58
C ILE E 260 63.45 5.60 -4.64
N ARG E 261 64.70 5.32 -4.30
CA ARG E 261 65.69 6.36 -4.33
C ARG E 261 66.06 6.72 -5.77
N PRO E 262 66.11 8.01 -6.15
CA PRO E 262 66.51 8.49 -7.45
C PRO E 262 68.02 8.47 -7.57
N VAL E 263 68.54 7.27 -7.60
CA VAL E 263 69.95 7.04 -7.69
C VAL E 263 70.46 7.19 -9.09
N VAL E 264 71.54 7.92 -9.22
CA VAL E 264 72.15 8.11 -10.52
C VAL E 264 73.50 7.44 -10.53
N SER E 265 73.66 6.52 -11.45
CA SER E 265 74.90 5.79 -11.55
C SER E 265 75.06 5.19 -12.92
N THR E 266 76.28 4.80 -13.22
CA THR E 266 76.45 4.00 -14.42
C THR E 266 77.24 2.79 -14.02
N GLN E 267 76.90 1.68 -14.66
CA GLN E 267 77.52 0.37 -14.46
C GLN E 267 77.29 -0.18 -13.04
N LEU E 268 76.23 0.27 -12.35
CA LEU E 268 75.95 -0.24 -11.01
C LEU E 268 74.56 0.00 -10.45
N LEU E 269 73.95 -1.08 -9.98
CA LEU E 269 72.68 -1.00 -9.31
C LEU E 269 73.04 -1.06 -7.83
N LEU E 270 72.64 -0.05 -7.08
CA LEU E 270 73.03 0.05 -5.68
C LEU E 270 71.98 0.57 -4.71
N ASN E 271 72.28 0.32 -3.44
CA ASN E 271 71.54 0.76 -2.26
C ASN E 271 70.08 0.29 -2.24
N GLY E 272 69.84 -0.95 -2.63
CA GLY E 272 68.49 -1.48 -2.55
C GLY E 272 68.17 -2.67 -3.44
N SER E 273 67.00 -3.26 -3.17
CA SER E 273 66.39 -4.38 -3.89
C SER E 273 67.15 -5.68 -4.11
N LEU E 274 67.67 -6.27 -3.04
CA LEU E 274 68.36 -7.55 -3.15
C LEU E 274 67.40 -8.69 -3.50
N ALA E 275 67.92 -9.65 -4.23
CA ALA E 275 67.28 -10.86 -4.73
C ALA E 275 66.98 -11.87 -3.62
N GLU E 276 66.05 -12.77 -3.90
CA GLU E 276 65.57 -13.76 -2.94
C GLU E 276 66.49 -14.98 -2.77
N GLU E 277 67.61 -14.75 -2.09
CA GLU E 277 68.65 -15.74 -1.75
C GLU E 277 69.37 -16.43 -2.91
N GLU E 278 69.24 -15.88 -4.09
CA GLU E 278 69.95 -16.36 -5.26
C GLU E 278 70.13 -15.21 -6.20
N VAL E 279 71.06 -15.33 -7.12
CA VAL E 279 71.19 -14.28 -8.10
C VAL E 279 70.02 -14.41 -9.04
N VAL E 280 69.37 -13.30 -9.32
CA VAL E 280 68.23 -13.30 -10.20
C VAL E 280 68.49 -12.45 -11.40
N ILE E 281 68.37 -13.05 -12.54
CA ILE E 281 68.69 -12.34 -13.73
C ILE E 281 67.49 -12.22 -14.64
N ARG E 282 67.23 -11.01 -15.10
CA ARG E 282 66.11 -10.78 -16.01
C ARG E 282 66.61 -10.10 -17.28
N SER E 283 65.98 -10.44 -18.37
CA SER E 283 66.31 -9.84 -19.65
C SER E 283 65.11 -9.92 -20.51
N ALA E 284 65.05 -9.03 -21.48
CA ALA E 284 63.97 -9.07 -22.44
C ALA E 284 64.02 -10.35 -23.23
N ASN E 285 65.22 -10.93 -23.41
CA ASN E 285 65.32 -12.15 -24.20
C ASN E 285 66.43 -13.14 -23.79
N PHE E 286 67.59 -12.64 -23.33
CA PHE E 286 68.77 -13.52 -23.16
C PHE E 286 69.14 -14.22 -24.45
N THR E 287 68.77 -13.64 -25.56
CA THR E 287 68.96 -14.28 -26.84
C THR E 287 69.51 -13.27 -27.80
N ASP E 288 68.69 -12.28 -28.10
CA ASP E 288 68.99 -11.18 -28.98
C ASP E 288 70.10 -10.31 -28.41
N ASN E 289 71.13 -10.06 -29.23
CA ASN E 289 72.27 -9.26 -28.81
C ASN E 289 71.93 -7.78 -28.66
N ALA E 290 70.75 -7.42 -29.14
CA ALA E 290 70.24 -6.07 -29.04
C ALA E 290 69.61 -5.79 -27.68
N LYS E 291 69.47 -6.82 -26.85
CA LYS E 291 68.84 -6.67 -25.55
C LYS E 291 69.89 -6.70 -24.44
N ILE E 292 69.51 -6.27 -23.26
CA ILE E 292 70.43 -6.25 -22.13
C ILE E 292 69.97 -7.11 -20.98
N ILE E 293 70.92 -7.39 -20.11
CA ILE E 293 70.67 -8.21 -18.93
C ILE E 293 70.77 -7.45 -17.62
N ILE E 294 69.74 -7.59 -16.79
CA ILE E 294 69.67 -6.97 -15.49
C ILE E 294 69.93 -8.01 -14.40
N VAL E 295 70.94 -7.79 -13.57
CA VAL E 295 71.31 -8.77 -12.55
C VAL E 295 71.10 -8.30 -11.12
N GLN E 296 70.27 -9.05 -10.38
CA GLN E 296 70.00 -8.75 -8.97
C GLN E 296 70.80 -9.68 -8.08
N LEU E 297 71.42 -9.15 -7.05
CA LEU E 297 72.21 -9.99 -6.16
C LEU E 297 71.42 -10.23 -4.91
N ASN E 298 71.59 -11.37 -4.28
CA ASN E 298 70.91 -11.64 -3.01
C ASN E 298 71.60 -11.05 -1.80
N LYS E 299 72.86 -10.72 -1.96
CA LYS E 299 73.66 -10.17 -0.88
C LYS E 299 74.31 -8.95 -1.47
N SER E 300 74.46 -7.88 -0.72
CA SER E 300 75.15 -6.75 -1.29
C SER E 300 76.64 -6.87 -1.11
N VAL E 301 77.37 -6.12 -1.91
CA VAL E 301 78.83 -6.05 -1.78
C VAL E 301 79.20 -4.65 -1.34
N GLU E 302 79.99 -4.57 -0.29
CA GLU E 302 80.35 -3.28 0.25
C GLU E 302 81.48 -2.60 -0.52
N ILE E 303 81.25 -1.33 -0.81
CA ILE E 303 82.21 -0.44 -1.46
C ILE E 303 82.45 0.83 -0.65
N ASN E 304 83.72 1.15 -0.41
CA ASN E 304 84.10 2.36 0.34
C ASN E 304 84.91 3.32 -0.51
N CYS E 305 84.35 4.48 -0.78
CA CYS E 305 84.99 5.45 -1.68
C CYS E 305 85.46 6.70 -0.98
N THR E 306 86.54 7.25 -1.49
CA THR E 306 87.07 8.48 -0.95
C THR E 306 87.89 9.33 -1.89
N ARG E 307 87.92 10.62 -1.57
CA ARG E 307 88.74 11.66 -2.23
C ARG E 307 89.44 12.40 -1.09
N PRO E 308 90.54 11.85 -0.51
CA PRO E 308 91.16 12.33 0.73
C PRO E 308 92.01 13.60 0.55
N ASN E 309 91.39 14.65 0.07
CA ASN E 309 92.04 15.91 -0.15
C ASN E 309 91.22 16.97 0.49
N ASN E 310 91.74 17.61 1.50
CA ASN E 310 90.93 18.57 2.19
C ASN E 310 90.98 19.84 1.38
N ASN E 311 90.04 19.99 0.50
CA ASN E 311 90.13 21.13 -0.38
C ASN E 311 89.40 22.34 0.13
N THR E 312 89.83 23.51 -0.31
CA THR E 312 89.03 24.68 -0.04
C THR E 312 88.56 25.27 -1.34
N ARG E 313 87.77 26.31 -1.24
CA ARG E 313 87.24 26.93 -2.44
C ARG E 313 87.30 28.44 -2.36
N LYS E 314 87.51 29.06 -3.50
CA LYS E 314 87.54 30.50 -3.53
C LYS E 314 86.31 31.06 -4.18
N SER E 315 85.77 32.11 -3.59
CA SER E 315 84.65 32.80 -4.19
C SER E 315 85.21 33.92 -5.04
N ILE E 316 85.00 33.83 -6.34
CA ILE E 316 85.53 34.82 -7.23
C ILE E 316 84.44 35.69 -7.77
N HIS E 317 84.61 36.98 -7.57
CA HIS E 317 83.65 37.95 -8.02
C HIS E 317 84.20 38.50 -9.31
N ILE E 318 83.34 38.47 -10.33
CA ILE E 318 83.72 38.86 -11.69
C ILE E 318 82.90 40.04 -12.16
N GLY E 319 82.35 40.72 -11.21
CA GLY E 319 81.59 41.93 -11.40
C GLY E 319 80.78 42.12 -10.16
N PRO E 320 80.31 43.32 -9.86
CA PRO E 320 79.55 43.54 -8.69
C PRO E 320 78.28 42.73 -8.88
N GLY E 321 77.85 41.96 -7.88
CA GLY E 321 76.60 41.25 -7.99
C GLY E 321 76.73 39.86 -8.63
N ARG E 322 77.92 39.51 -9.11
CA ARG E 322 78.06 38.20 -9.72
C ARG E 322 79.36 37.50 -9.33
N TRP E 323 79.22 36.24 -8.95
CA TRP E 323 80.36 35.45 -8.52
C TRP E 323 80.12 33.98 -8.63
N PHE E 324 81.19 33.23 -8.51
CA PHE E 324 81.12 31.78 -8.55
C PHE E 324 82.22 31.19 -7.69
N TYR E 325 82.09 29.93 -7.37
CA TYR E 325 83.12 29.28 -6.60
C TYR E 325 84.05 28.46 -7.47
N THR E 326 85.31 28.42 -7.08
CA THR E 326 86.25 27.58 -7.79
C THR E 326 87.18 26.85 -6.84
N THR E 327 87.72 25.73 -7.29
CA THR E 327 88.62 25.00 -6.42
C THR E 327 89.84 25.85 -6.07
N GLY E 328 90.09 25.93 -4.76
CA GLY E 328 91.18 26.71 -4.21
C GLY E 328 92.30 25.76 -3.86
N GLU E 329 93.10 26.13 -2.89
CA GLU E 329 94.23 25.31 -2.52
C GLU E 329 93.85 24.05 -1.79
N ILE E 330 94.74 23.08 -1.85
CA ILE E 330 94.57 21.82 -1.18
C ILE E 330 95.28 21.87 0.15
N ILE E 331 94.57 21.48 1.19
CA ILE E 331 95.15 21.42 2.51
C ILE E 331 95.69 20.01 2.60
N GLY E 332 97.01 19.91 2.74
CA GLY E 332 97.67 18.61 2.74
C GLY E 332 98.13 18.23 1.33
N ASP E 333 98.50 16.97 1.16
CA ASP E 333 99.09 16.46 -0.05
C ASP E 333 98.01 16.03 -1.04
N ILE E 334 98.40 15.56 -2.21
CA ILE E 334 97.43 15.10 -3.18
C ILE E 334 97.21 13.60 -3.09
N ARG E 335 95.99 13.21 -2.78
CA ARG E 335 95.63 11.82 -2.67
C ARG E 335 94.75 11.47 -3.84
N GLN E 336 94.90 10.27 -4.34
CA GLN E 336 94.10 9.81 -5.47
C GLN E 336 92.73 9.36 -5.00
N ALA E 337 91.70 9.76 -5.74
CA ALA E 337 90.36 9.28 -5.42
C ALA E 337 90.33 7.80 -5.72
N HIS E 338 89.68 7.03 -4.86
CA HIS E 338 89.64 5.60 -5.08
C HIS E 338 88.50 4.91 -4.34
N CYS E 339 88.22 3.67 -4.74
CA CYS E 339 87.21 2.87 -4.04
C CYS E 339 87.61 1.44 -3.73
N ASN E 340 87.36 1.05 -2.48
CA ASN E 340 87.64 -0.26 -1.91
C ASN E 340 86.45 -1.18 -1.91
N ILE E 341 86.55 -2.22 -2.70
CA ILE E 341 85.50 -3.19 -2.88
C ILE E 341 85.95 -4.50 -2.27
N SER E 342 85.13 -5.11 -1.42
CA SER E 342 85.66 -6.38 -0.90
C SER E 342 85.81 -7.33 -2.08
N GLY E 343 87.04 -7.84 -2.28
CA GLY E 343 87.36 -8.66 -3.43
C GLY E 343 86.70 -9.98 -3.31
N THR E 344 86.88 -10.59 -2.17
CA THR E 344 86.29 -11.88 -1.95
C THR E 344 84.79 -11.76 -2.09
N LYS E 345 84.15 -10.76 -1.48
CA LYS E 345 82.72 -10.73 -1.62
C LYS E 345 82.29 -10.55 -3.06
N TRP E 346 83.00 -9.68 -3.78
CA TRP E 346 82.69 -9.43 -5.17
C TRP E 346 82.81 -10.65 -6.02
N ASN E 347 83.96 -11.29 -5.97
CA ASN E 347 84.22 -12.45 -6.78
C ASN E 347 83.50 -13.69 -6.34
N ASP E 348 83.16 -13.80 -5.05
CA ASP E 348 82.42 -14.97 -4.62
C ASP E 348 81.03 -14.81 -5.19
N THR E 349 80.52 -13.58 -5.15
CA THR E 349 79.24 -13.27 -5.69
C THR E 349 79.27 -13.47 -7.19
N LEU E 350 80.34 -13.02 -7.84
CA LEU E 350 80.44 -13.12 -9.27
C LEU E 350 80.44 -14.58 -9.67
N LYS E 351 81.11 -15.44 -8.91
CA LYS E 351 81.05 -16.86 -9.22
C LYS E 351 79.60 -17.31 -9.20
N GLN E 352 78.85 -16.85 -8.20
CA GLN E 352 77.43 -17.19 -8.08
C GLN E 352 76.62 -16.59 -9.23
N ILE E 353 77.02 -15.42 -9.72
CA ILE E 353 76.32 -14.79 -10.82
C ILE E 353 76.47 -15.68 -12.01
N VAL E 354 77.68 -16.20 -12.22
CA VAL E 354 77.92 -17.08 -13.34
C VAL E 354 77.06 -18.32 -13.19
N VAL E 355 76.94 -18.85 -11.98
CA VAL E 355 76.12 -20.03 -11.81
C VAL E 355 74.72 -19.77 -12.33
N LYS E 356 74.15 -18.62 -12.04
CA LYS E 356 72.85 -18.34 -12.62
C LYS E 356 72.93 -18.03 -14.13
N LEU E 357 73.94 -17.29 -14.57
CA LEU E 357 74.03 -16.85 -15.96
C LEU E 357 74.20 -18.01 -16.94
N LYS E 358 74.96 -19.02 -16.53
CA LYS E 358 75.27 -20.17 -17.38
C LYS E 358 74.01 -20.95 -17.72
N GLU E 359 72.92 -20.75 -16.99
CA GLU E 359 71.71 -21.48 -17.30
C GLU E 359 71.24 -21.13 -18.70
N GLN E 360 71.46 -19.88 -19.12
CA GLN E 360 71.02 -19.46 -20.43
C GLN E 360 72.17 -19.49 -21.42
N PHE E 361 73.41 -19.30 -20.93
CA PHE E 361 74.53 -19.19 -21.85
C PHE E 361 75.55 -20.35 -21.96
N GLY E 362 75.41 -21.44 -21.21
CA GLY E 362 76.33 -22.56 -21.33
C GLY E 362 77.23 -22.75 -20.12
N ASN E 363 77.37 -24.00 -19.70
CA ASN E 363 78.11 -24.35 -18.50
C ASN E 363 79.62 -24.10 -18.49
N LYS E 364 80.26 -24.13 -19.64
CA LYS E 364 81.69 -23.88 -19.70
C LYS E 364 81.99 -22.57 -20.39
N THR E 365 80.95 -21.77 -20.57
CA THR E 365 81.07 -20.53 -21.27
C THR E 365 81.83 -19.47 -20.49
N ILE E 366 82.78 -18.83 -21.15
CA ILE E 366 83.55 -17.79 -20.55
C ILE E 366 82.80 -16.48 -20.68
N VAL E 367 82.58 -15.89 -19.53
CA VAL E 367 81.81 -14.69 -19.32
C VAL E 367 82.58 -13.64 -18.50
N PHE E 368 82.11 -12.40 -18.51
CA PHE E 368 82.62 -11.26 -17.71
C PHE E 368 84.03 -10.74 -17.94
N ASN E 369 84.22 -10.02 -19.03
CA ASN E 369 85.53 -9.44 -19.34
C ASN E 369 85.55 -7.96 -18.96
N HIS E 370 86.68 -7.33 -19.18
CA HIS E 370 86.93 -5.94 -18.84
C HIS E 370 86.06 -4.95 -19.57
N SER E 371 85.81 -3.82 -18.92
CA SER E 371 85.04 -2.76 -19.54
C SER E 371 85.63 -2.30 -20.85
N SER E 372 84.76 -2.12 -21.85
CA SER E 372 85.15 -1.66 -23.18
C SER E 372 83.97 -1.09 -23.94
N GLY E 373 84.23 -0.04 -24.71
CA GLY E 373 83.23 0.54 -25.59
C GLY E 373 82.65 1.84 -25.07
N GLY E 374 82.55 2.83 -25.95
CA GLY E 374 82.01 4.14 -25.59
C GLY E 374 83.09 5.10 -25.14
N ASP E 375 82.69 6.31 -24.77
CA ASP E 375 83.64 7.32 -24.36
C ASP E 375 83.91 7.05 -22.87
N PRO E 376 84.77 7.82 -22.18
CA PRO E 376 85.11 7.62 -20.80
C PRO E 376 83.94 7.58 -19.82
N GLU E 377 82.78 8.19 -20.13
CA GLU E 377 81.68 8.17 -19.17
C GLU E 377 80.83 6.93 -19.35
N ILE E 378 81.18 6.15 -20.36
CA ILE E 378 80.50 4.92 -20.65
C ILE E 378 81.36 3.80 -20.13
N VAL E 379 82.67 3.93 -20.41
CA VAL E 379 83.67 2.95 -20.05
C VAL E 379 83.95 2.94 -18.55
N MET E 380 84.09 4.13 -17.94
CA MET E 380 84.28 4.23 -16.50
C MET E 380 82.96 4.19 -15.76
N HIS E 381 83.02 3.64 -14.56
CA HIS E 381 81.94 3.53 -13.60
C HIS E 381 81.70 4.86 -12.94
N SER E 382 80.46 5.26 -12.68
CA SER E 382 80.38 6.55 -12.01
C SER E 382 79.26 6.74 -11.03
N PHE E 383 79.58 7.64 -10.10
CA PHE E 383 78.70 8.05 -9.00
C PHE E 383 79.07 9.38 -8.35
N ASN E 384 78.12 9.97 -7.62
CA ASN E 384 78.28 11.19 -6.84
C ASN E 384 78.65 10.98 -5.35
N CYS E 385 79.88 10.59 -5.03
CA CYS E 385 80.21 10.23 -3.66
C CYS E 385 80.28 11.47 -2.79
N GLY E 386 79.31 11.61 -1.89
CA GLY E 386 79.29 12.81 -1.08
C GLY E 386 78.87 13.99 -1.95
N GLY E 387 78.33 13.69 -3.13
CA GLY E 387 77.99 14.69 -4.11
C GLY E 387 79.12 14.91 -5.13
N GLU E 388 80.30 14.30 -4.90
CA GLU E 388 81.44 14.47 -5.82
C GLU E 388 81.43 13.42 -6.91
N PHE E 389 81.78 13.82 -8.11
CA PHE E 389 81.69 12.89 -9.21
C PHE E 389 82.96 12.14 -9.60
N PHE E 390 82.87 10.84 -9.31
CA PHE E 390 83.92 9.86 -9.50
C PHE E 390 83.70 9.04 -10.73
N TYR E 391 84.78 8.86 -11.47
CA TYR E 391 84.79 8.02 -12.65
C TYR E 391 85.85 6.97 -12.45
N CYS E 392 85.44 5.74 -12.22
CA CYS E 392 86.40 4.70 -11.83
C CYS E 392 86.64 3.72 -12.96
N ASN E 393 87.87 3.26 -13.09
CA ASN E 393 88.15 2.36 -14.23
C ASN E 393 87.34 1.07 -14.23
N SER E 394 87.14 0.51 -13.05
CA SER E 394 86.39 -0.73 -12.87
C SER E 394 86.84 -1.85 -13.79
N THR E 395 88.13 -2.01 -13.99
CA THR E 395 88.60 -3.09 -14.83
C THR E 395 89.12 -4.22 -13.98
N GLN E 396 89.49 -3.93 -12.74
CA GLN E 396 90.04 -4.94 -11.83
C GLN E 396 88.98 -5.96 -11.50
N LEU E 397 87.75 -5.49 -11.42
CA LEU E 397 86.60 -6.30 -11.10
C LEU E 397 86.35 -7.34 -12.15
N PHE E 398 86.80 -7.04 -13.35
CA PHE E 398 86.63 -7.87 -14.50
C PHE E 398 87.97 -8.15 -15.16
N ASN E 399 89.04 -8.28 -14.37
CA ASN E 399 90.35 -8.53 -14.97
C ASN E 399 90.60 -10.00 -15.16
N SER E 400 89.59 -10.78 -14.85
CA SER E 400 89.60 -12.21 -14.98
C SER E 400 88.20 -12.66 -15.33
N THR E 401 88.09 -13.34 -16.45
CA THR E 401 86.84 -13.87 -16.96
C THR E 401 86.56 -15.16 -16.28
N ILE E 412 89.73 -5.37 -3.69
CA ILE E 412 89.89 -4.73 -4.99
C ILE E 412 89.80 -3.22 -4.84
N VAL E 413 90.85 -2.50 -5.20
CA VAL E 413 90.77 -1.06 -5.06
C VAL E 413 90.98 -0.37 -6.39
N LEU E 414 89.99 0.41 -6.80
CA LEU E 414 90.09 1.08 -8.07
C LEU E 414 90.41 2.54 -7.93
N PRO E 415 91.21 3.12 -8.84
CA PRO E 415 91.47 4.52 -8.95
C PRO E 415 90.25 5.15 -9.56
N CYS E 416 89.98 6.38 -9.20
CA CYS E 416 88.90 7.13 -9.75
C CYS E 416 89.34 8.52 -10.16
N ARG E 417 88.72 9.07 -11.20
CA ARG E 417 89.00 10.42 -11.65
C ARG E 417 87.87 11.33 -11.24
N ILE E 418 88.14 12.62 -11.16
CA ILE E 418 87.12 13.58 -10.76
C ILE E 418 86.78 14.58 -11.87
N LYS E 419 85.48 14.79 -12.07
CA LYS E 419 84.99 15.75 -13.09
C LYS E 419 83.87 16.62 -12.52
N GLN E 420 83.87 17.94 -12.77
CA GLN E 420 82.79 18.79 -12.27
C GLN E 420 81.68 19.13 -13.28
N ILE E 421 81.89 18.96 -14.58
CA ILE E 421 80.77 19.26 -15.47
C ILE E 421 79.95 17.99 -15.67
N VAL E 422 78.68 18.06 -15.30
CA VAL E 422 77.81 16.90 -15.33
C VAL E 422 76.47 17.11 -16.05
N ASN E 423 75.88 15.98 -16.43
CA ASN E 423 74.57 15.93 -17.07
C ASN E 423 73.56 15.20 -16.21
N MET E 424 72.27 15.46 -16.40
CA MET E 424 71.27 14.65 -15.75
C MET E 424 71.13 13.43 -16.61
N TRP E 425 72.06 12.49 -16.44
CA TRP E 425 72.22 11.28 -17.26
C TRP E 425 72.80 11.62 -18.64
N GLN E 426 72.15 12.57 -19.31
CA GLN E 426 72.55 13.10 -20.60
C GLN E 426 71.65 14.24 -21.01
N GLU E 427 72.26 15.39 -21.18
CA GLU E 427 71.62 16.62 -21.56
C GLU E 427 71.81 16.90 -23.02
N VAL E 428 70.96 17.75 -23.55
CA VAL E 428 71.18 18.17 -24.91
C VAL E 428 71.82 19.55 -24.91
N GLY E 429 73.09 19.59 -25.26
CA GLY E 429 73.84 20.84 -25.32
C GLY E 429 74.33 21.37 -23.97
N LYS E 430 73.38 21.73 -23.12
CA LYS E 430 73.60 22.34 -21.79
C LYS E 430 74.19 21.38 -20.79
N ALA E 431 74.74 21.92 -19.70
CA ALA E 431 75.23 21.07 -18.62
C ALA E 431 75.27 21.84 -17.31
N MET E 432 75.41 21.12 -16.22
CA MET E 432 75.51 21.72 -14.90
C MET E 432 76.92 21.56 -14.38
N TYR E 433 77.40 22.55 -13.67
CA TYR E 433 78.69 22.46 -13.06
C TYR E 433 78.57 22.27 -11.58
N ALA E 434 79.22 21.24 -11.09
CA ALA E 434 79.21 20.90 -9.71
C ALA E 434 80.17 21.81 -8.97
N PRO E 435 79.71 22.68 -8.04
CA PRO E 435 80.50 23.63 -7.33
C PRO E 435 81.54 22.83 -6.59
N PRO E 436 82.70 23.42 -6.30
CA PRO E 436 83.76 22.78 -5.57
C PRO E 436 83.26 22.45 -4.19
N ILE E 437 83.73 21.34 -3.67
CA ILE E 437 83.36 20.86 -2.36
C ILE E 437 84.49 21.03 -1.38
N LYS E 438 84.20 21.72 -0.29
CA LYS E 438 85.17 21.96 0.75
C LYS E 438 85.35 20.71 1.59
N GLY E 439 86.58 20.39 1.94
CA GLY E 439 86.89 19.24 2.77
C GLY E 439 87.08 17.98 1.94
N GLN E 440 87.06 16.84 2.61
CA GLN E 440 87.34 15.55 1.98
C GLN E 440 86.06 14.82 1.66
N ILE E 441 86.14 13.88 0.73
CA ILE E 441 84.99 13.06 0.41
C ILE E 441 85.11 11.67 0.96
N ARG E 442 84.07 11.25 1.67
CA ARG E 442 83.99 9.89 2.16
C ARG E 442 82.56 9.40 2.00
N CYS E 443 82.40 8.19 1.49
CA CYS E 443 81.07 7.58 1.41
C CYS E 443 81.24 6.08 1.25
N SER E 444 80.15 5.36 1.35
CA SER E 444 80.21 3.94 1.12
C SER E 444 78.86 3.55 0.59
N SER E 445 78.77 2.41 -0.04
CA SER E 445 77.50 1.97 -0.55
C SER E 445 77.36 0.46 -0.71
N ASN E 446 76.13 0.07 -0.99
CA ASN E 446 75.74 -1.32 -1.19
C ASN E 446 75.58 -1.71 -2.65
N ILE E 447 76.47 -2.53 -3.17
CA ILE E 447 76.33 -2.96 -4.54
C ILE E 447 75.27 -4.02 -4.57
N THR E 448 74.18 -3.80 -5.31
CA THR E 448 73.09 -4.77 -5.31
C THR E 448 72.83 -5.39 -6.68
N GLY E 449 73.48 -4.88 -7.74
CA GLY E 449 73.28 -5.45 -9.06
C GLY E 449 74.11 -4.87 -10.19
N LEU E 450 73.98 -5.52 -11.34
CA LEU E 450 74.70 -5.22 -12.57
C LEU E 450 73.82 -5.07 -13.82
N ILE E 451 74.32 -4.31 -14.79
CA ILE E 451 73.72 -4.33 -16.12
C ILE E 451 74.77 -4.79 -17.09
N LEU E 452 74.42 -5.82 -17.87
CA LEU E 452 75.38 -6.38 -18.80
C LEU E 452 75.09 -6.20 -20.28
N ILE E 453 76.21 -6.05 -20.98
CA ILE E 453 76.39 -5.88 -22.41
C ILE E 453 76.82 -7.18 -23.06
N ARG E 454 76.10 -7.58 -24.12
CA ARG E 454 76.41 -8.78 -24.90
C ARG E 454 77.60 -8.48 -25.82
N ASP E 455 78.39 -9.49 -26.18
CA ASP E 455 79.54 -9.27 -27.06
C ASP E 455 79.26 -9.44 -28.56
N GLU E 465 81.05 -16.30 -24.49
CA GLU E 465 79.92 -15.37 -24.39
C GLU E 465 80.35 -14.29 -23.42
N ILE E 466 81.14 -13.36 -23.89
CA ILE E 466 81.62 -12.33 -23.02
C ILE E 466 80.61 -11.28 -22.73
N PHE E 467 80.53 -10.99 -21.47
CA PHE E 467 79.68 -9.93 -21.02
C PHE E 467 80.57 -8.85 -20.48
N ARG E 468 80.13 -7.63 -20.64
CA ARG E 468 80.82 -6.48 -20.08
C ARG E 468 79.81 -5.62 -19.35
N PRO E 469 80.20 -4.88 -18.31
CA PRO E 469 79.34 -3.98 -17.57
C PRO E 469 78.95 -2.72 -18.32
N GLY E 470 77.76 -2.21 -18.01
CA GLY E 470 77.32 -0.90 -18.52
C GLY E 470 76.19 -0.99 -19.54
N GLY E 471 75.86 0.16 -20.12
CA GLY E 471 74.77 0.26 -21.07
C GLY E 471 73.48 0.80 -20.46
N GLY E 472 72.60 1.32 -21.31
CA GLY E 472 71.31 1.85 -20.88
C GLY E 472 71.36 3.29 -20.39
N ASP E 473 70.22 3.74 -19.88
CA ASP E 473 70.07 5.09 -19.36
C ASP E 473 69.25 5.06 -18.09
N MET E 474 68.69 6.19 -17.70
CA MET E 474 67.99 6.25 -16.44
C MET E 474 66.78 5.37 -16.42
N ARG E 475 66.20 5.09 -17.57
CA ARG E 475 65.00 4.29 -17.60
C ARG E 475 65.32 2.84 -17.40
N ASP E 476 66.56 2.44 -17.57
CA ASP E 476 66.85 1.06 -17.39
C ASP E 476 67.05 0.87 -15.91
N ASN E 477 67.61 1.89 -15.28
CA ASN E 477 67.79 1.80 -13.86
C ASN E 477 66.44 1.97 -13.15
N TRP E 478 65.56 2.82 -13.67
CA TRP E 478 64.26 2.96 -13.04
C TRP E 478 63.47 1.68 -13.23
N ARG E 479 63.52 1.11 -14.43
CA ARG E 479 62.79 -0.10 -14.76
C ARG E 479 63.19 -1.24 -13.85
N SER E 480 64.47 -1.29 -13.47
CA SER E 480 65.01 -2.36 -12.66
C SER E 480 64.31 -2.43 -11.30
N GLU E 481 63.60 -1.38 -10.92
CA GLU E 481 62.85 -1.37 -9.68
C GLU E 481 61.33 -1.44 -9.95
N LEU E 482 60.90 -0.74 -10.98
CA LEU E 482 59.49 -0.57 -11.30
C LEU E 482 58.83 -1.83 -11.82
N TYR E 483 59.62 -2.80 -12.23
CA TYR E 483 59.17 -4.08 -12.76
C TYR E 483 58.18 -4.80 -11.87
N LYS E 484 58.15 -4.47 -10.59
CA LYS E 484 57.23 -5.14 -9.69
C LYS E 484 55.77 -4.70 -9.86
N TYR E 485 55.51 -3.54 -10.47
CA TYR E 485 54.15 -3.01 -10.48
C TYR E 485 53.52 -2.63 -11.82
N LYS E 486 52.18 -2.69 -11.88
CA LYS E 486 51.44 -2.17 -13.03
C LYS E 486 50.20 -1.38 -12.56
N VAL E 487 49.75 -0.43 -13.36
CA VAL E 487 48.57 0.37 -12.99
C VAL E 487 47.29 -0.05 -13.69
N VAL E 488 46.21 -0.15 -12.91
CA VAL E 488 44.90 -0.48 -13.46
C VAL E 488 43.86 0.54 -13.02
N LYS E 489 42.77 0.61 -13.77
CA LYS E 489 41.63 1.48 -13.47
C LYS E 489 40.44 0.67 -13.05
N ILE E 490 39.80 1.08 -11.98
CA ILE E 490 38.65 0.34 -11.47
C ILE E 490 37.42 0.69 -12.30
N GLU E 491 36.68 -0.35 -12.70
CA GLU E 491 35.47 -0.22 -13.51
C GLU E 491 34.26 -0.83 -12.82
N PRO E 492 33.69 -0.18 -11.81
CA PRO E 492 32.68 -0.71 -10.90
C PRO E 492 31.26 -0.84 -11.43
N LEU E 493 30.97 -0.26 -12.57
CA LEU E 493 29.59 -0.27 -13.02
C LEU E 493 29.36 -1.26 -14.14
N GLY E 494 28.39 -2.15 -13.94
CA GLY E 494 28.08 -3.13 -14.98
C GLY E 494 26.67 -3.67 -14.81
N ILE E 495 26.30 -4.59 -15.70
CA ILE E 495 24.96 -5.18 -15.71
C ILE E 495 25.01 -6.67 -15.79
N ALA E 496 23.91 -7.31 -15.44
CA ALA E 496 23.80 -8.74 -15.62
C ALA E 496 22.32 -9.12 -15.68
N PRO E 497 21.95 -10.22 -16.33
CA PRO E 497 20.62 -10.74 -16.33
C PRO E 497 20.22 -11.32 -14.99
N THR E 498 18.99 -11.07 -14.60
CA THR E 498 18.38 -11.59 -13.37
C THR E 498 17.03 -12.20 -13.59
N LYS E 499 16.46 -12.80 -12.55
CA LYS E 499 15.12 -13.34 -12.74
C LYS E 499 14.08 -12.28 -12.36
N CYS E 500 14.56 -11.23 -11.73
CA CYS E 500 13.72 -10.14 -11.25
C CYS E 500 13.43 -8.99 -12.20
N LYS E 501 12.16 -8.78 -12.49
CA LYS E 501 11.73 -7.70 -13.34
C LYS E 501 11.50 -6.45 -12.50
N ARG E 502 11.72 -5.28 -13.08
CA ARG E 502 11.34 -4.06 -12.42
C ARG E 502 9.84 -3.97 -12.17
N ARG E 503 9.48 -3.50 -10.98
CA ARG E 503 8.09 -3.28 -10.64
C ARG E 503 7.78 -1.80 -10.78
N VAL E 504 6.56 -1.49 -11.18
CA VAL E 504 6.14 -0.10 -11.31
C VAL E 504 4.79 0.11 -10.63
N ALA F 1 29.48 -27.66 8.22
CA ALA F 1 28.17 -27.08 8.09
C ALA F 1 27.98 -26.05 9.17
N VAL F 2 29.02 -25.93 9.97
CA VAL F 2 29.02 -24.99 11.07
C VAL F 2 29.36 -23.65 10.45
N GLY F 3 28.49 -22.68 10.69
CA GLY F 3 28.54 -21.34 10.07
C GLY F 3 29.66 -20.42 10.53
N ILE F 4 30.87 -20.80 10.18
CA ILE F 4 32.03 -20.03 10.51
C ILE F 4 32.48 -19.19 9.32
N GLY F 5 32.42 -17.88 9.45
CA GLY F 5 32.75 -17.03 8.32
C GLY F 5 32.28 -15.62 8.60
N ALA F 6 31.87 -14.90 7.56
CA ALA F 6 31.47 -13.49 7.67
C ALA F 6 32.67 -12.66 8.13
N VAL F 7 33.67 -12.69 7.28
CA VAL F 7 34.96 -12.07 7.47
C VAL F 7 35.24 -11.09 6.32
N PHE F 8 36.21 -10.21 6.52
CA PHE F 8 36.53 -9.18 5.56
C PHE F 8 37.93 -9.18 4.98
N LEU F 9 37.99 -9.29 3.66
CA LEU F 9 39.28 -9.30 2.96
C LEU F 9 39.77 -7.94 2.51
N GLY F 10 38.90 -7.20 1.84
CA GLY F 10 39.23 -5.94 1.20
C GLY F 10 39.48 -6.22 -0.26
N PHE F 11 39.20 -5.26 -1.13
CA PHE F 11 39.39 -5.35 -2.57
C PHE F 11 38.54 -6.42 -3.29
N LEU F 12 38.65 -7.69 -2.90
CA LEU F 12 37.83 -8.78 -3.43
C LEU F 12 37.81 -8.86 -4.94
N GLY F 13 38.93 -9.06 -5.59
CA GLY F 13 38.87 -9.03 -7.06
C GLY F 13 37.96 -10.13 -7.60
N ALA F 14 37.25 -9.84 -8.72
CA ALA F 14 36.26 -10.74 -9.33
C ALA F 14 36.87 -11.91 -10.05
N ALA F 15 37.53 -12.73 -9.28
CA ALA F 15 38.17 -13.93 -9.72
C ALA F 15 38.08 -14.85 -8.55
N GLY F 16 38.12 -14.23 -7.37
CA GLY F 16 38.16 -14.97 -6.11
C GLY F 16 36.83 -15.61 -5.79
N SER F 17 35.78 -15.09 -6.40
CA SER F 17 34.45 -15.60 -6.16
C SER F 17 33.57 -15.30 -7.37
N THR F 18 32.46 -16.03 -7.44
CA THR F 18 31.52 -15.92 -8.55
C THR F 18 30.77 -14.65 -8.52
N MET F 19 30.08 -14.33 -9.61
CA MET F 19 29.33 -13.10 -9.67
C MET F 19 28.33 -13.01 -8.53
N GLY F 20 27.68 -14.12 -8.24
CA GLY F 20 26.72 -14.13 -7.16
C GLY F 20 27.42 -13.79 -5.86
N ALA F 21 28.48 -14.51 -5.55
CA ALA F 21 29.19 -14.26 -4.31
C ALA F 21 29.81 -12.87 -4.24
N ALA F 22 30.29 -12.38 -5.36
CA ALA F 22 30.96 -11.11 -5.46
C ALA F 22 30.00 -9.98 -5.13
N SER F 23 28.71 -10.16 -5.44
CA SER F 23 27.69 -9.14 -5.22
C SER F 23 27.50 -8.84 -3.74
N MET F 24 28.08 -9.67 -2.86
CA MET F 24 27.93 -9.49 -1.44
C MET F 24 28.85 -8.40 -0.89
N THR F 25 29.72 -7.84 -1.74
CA THR F 25 30.65 -6.80 -1.30
C THR F 25 30.62 -5.56 -2.19
N LEU F 26 29.43 -5.08 -2.57
CA LEU F 26 29.33 -3.95 -3.46
C LEU F 26 29.65 -2.68 -2.67
N THR F 27 29.36 -2.71 -1.37
CA THR F 27 29.67 -1.56 -0.52
C THR F 27 31.16 -1.48 -0.29
N VAL F 28 31.84 -2.61 -0.43
CA VAL F 28 33.27 -2.60 -0.23
C VAL F 28 33.88 -1.86 -1.37
N GLN F 29 33.44 -2.19 -2.57
CA GLN F 29 34.04 -1.49 -3.68
C GLN F 29 33.62 -0.05 -3.65
N ALA F 30 32.38 0.23 -3.29
CA ALA F 30 31.98 1.62 -3.29
C ALA F 30 32.82 2.41 -2.32
N ARG F 31 33.09 1.86 -1.16
CA ARG F 31 33.88 2.56 -0.18
C ARG F 31 35.27 2.86 -0.72
N GLN F 32 35.81 1.94 -1.50
CA GLN F 32 37.12 2.07 -2.09
C GLN F 32 37.11 3.09 -3.26
N THR F 58 54.17 24.78 -9.26
CA THR F 58 54.93 24.11 -10.29
C THR F 58 54.25 22.79 -10.68
N VAL F 59 55.03 21.90 -11.28
CA VAL F 59 54.54 20.64 -11.81
C VAL F 59 53.80 19.80 -10.80
N TRP F 60 54.17 19.93 -9.53
CA TRP F 60 53.50 19.17 -8.51
C TRP F 60 52.06 19.59 -8.43
N GLY F 61 51.79 20.89 -8.63
CA GLY F 61 50.46 21.44 -8.53
C GLY F 61 49.65 20.87 -9.65
N ILE F 62 50.29 20.74 -10.80
CA ILE F 62 49.62 20.22 -11.95
C ILE F 62 49.22 18.80 -11.68
N LYS F 63 50.13 18.02 -11.12
CA LYS F 63 49.77 16.65 -10.86
C LYS F 63 48.69 16.51 -9.80
N GLN F 64 48.73 17.35 -8.76
CA GLN F 64 47.73 17.27 -7.71
C GLN F 64 46.38 17.61 -8.31
N LEU F 65 46.40 18.59 -9.19
CA LEU F 65 45.21 19.02 -9.83
C LEU F 65 44.64 17.99 -10.75
N GLN F 66 45.47 17.42 -11.61
CA GLN F 66 44.92 16.51 -12.58
C GLN F 66 44.42 15.28 -11.88
N ALA F 67 45.11 14.86 -10.81
CA ALA F 67 44.70 13.68 -10.10
C ALA F 67 43.32 13.88 -9.50
N ARG F 68 43.08 15.06 -8.95
CA ARG F 68 41.79 15.31 -8.37
C ARG F 68 40.73 15.44 -9.43
N VAL F 69 41.08 16.02 -10.57
CA VAL F 69 40.11 16.16 -11.61
C VAL F 69 39.70 14.80 -12.12
N LEU F 70 40.66 13.89 -12.32
CA LEU F 70 40.30 12.59 -12.83
C LEU F 70 39.41 11.86 -11.86
N ALA F 71 39.69 11.98 -10.56
CA ALA F 71 38.87 11.28 -9.60
C ALA F 71 37.44 11.77 -9.67
N VAL F 72 37.27 13.07 -9.85
CA VAL F 72 35.94 13.62 -9.95
C VAL F 72 35.26 13.14 -11.20
N GLU F 73 35.97 13.12 -12.31
CA GLU F 73 35.37 12.69 -13.54
C GLU F 73 34.91 11.25 -13.47
N ARG F 74 35.70 10.38 -12.86
CA ARG F 74 35.26 9.00 -12.81
C ARG F 74 34.04 8.86 -11.94
N TYR F 75 34.04 9.55 -10.80
CA TYR F 75 32.92 9.47 -9.92
C TYR F 75 31.66 9.93 -10.59
N LEU F 76 31.73 11.08 -11.23
CA LEU F 76 30.54 11.59 -11.82
C LEU F 76 30.07 10.74 -12.98
N LYS F 77 30.95 10.19 -13.79
CA LYS F 77 30.43 9.40 -14.90
C LYS F 77 29.53 8.28 -14.43
N ASP F 78 29.91 7.60 -13.35
CA ASP F 78 29.05 6.53 -12.88
C ASP F 78 27.75 7.08 -12.33
N GLN F 79 27.84 8.21 -11.65
CA GLN F 79 26.65 8.78 -11.07
C GLN F 79 25.70 9.31 -12.12
N GLN F 80 26.25 9.79 -13.22
CA GLN F 80 25.43 10.33 -14.29
C GLN F 80 24.60 9.23 -14.91
N LEU F 81 25.20 8.06 -15.08
CA LEU F 81 24.45 6.94 -15.62
C LEU F 81 23.41 6.42 -14.65
N LEU F 82 23.78 6.32 -13.39
CA LEU F 82 22.83 5.84 -12.41
C LEU F 82 21.72 6.86 -12.26
N GLY F 83 22.06 8.13 -12.38
CA GLY F 83 21.09 9.19 -12.29
C GLY F 83 20.03 9.08 -13.38
N ILE F 84 20.46 9.04 -14.65
CA ILE F 84 19.51 8.99 -15.76
C ILE F 84 18.65 7.72 -15.76
N TRP F 85 19.21 6.62 -15.25
CA TRP F 85 18.49 5.37 -15.15
C TRP F 85 17.55 5.32 -13.95
N GLY F 86 17.64 6.27 -13.03
CA GLY F 86 16.82 6.21 -11.83
C GLY F 86 17.37 5.17 -10.84
N CYS F 87 18.66 4.90 -10.90
CA CYS F 87 19.31 3.92 -10.06
C CYS F 87 20.27 4.57 -9.07
N SER F 88 20.12 5.86 -8.88
CA SER F 88 20.95 6.55 -7.95
C SER F 88 20.59 6.11 -6.56
N GLY F 89 21.60 5.85 -5.75
CA GLY F 89 21.37 5.42 -4.37
C GLY F 89 21.16 3.92 -4.26
N LYS F 90 21.20 3.21 -5.37
CA LYS F 90 20.98 1.78 -5.31
C LYS F 90 22.23 1.02 -5.66
N LEU F 91 22.55 0.01 -4.86
CA LEU F 91 23.69 -0.85 -5.18
C LEU F 91 23.27 -1.71 -6.35
N ILE F 92 22.00 -2.11 -6.32
CA ILE F 92 21.41 -2.95 -7.35
C ILE F 92 20.07 -2.38 -7.79
N CYS F 93 19.84 -2.22 -9.09
CA CYS F 93 18.52 -1.77 -9.52
C CYS F 93 18.05 -2.58 -10.72
N CYS F 94 16.77 -2.89 -10.75
CA CYS F 94 16.24 -3.65 -11.87
C CYS F 94 15.57 -2.72 -12.86
N THR F 95 15.67 -3.08 -14.13
CA THR F 95 15.10 -2.27 -15.18
C THR F 95 13.90 -2.94 -15.83
N ALA F 96 13.26 -2.18 -16.71
CA ALA F 96 12.11 -2.61 -17.49
C ALA F 96 12.50 -3.35 -18.77
N VAL F 97 13.80 -3.49 -19.03
CA VAL F 97 14.26 -4.10 -20.25
C VAL F 97 14.64 -5.57 -20.04
N PRO F 98 14.07 -6.50 -20.81
CA PRO F 98 14.33 -7.92 -20.76
C PRO F 98 15.68 -8.20 -21.33
N TRP F 99 16.28 -9.28 -20.88
CA TRP F 99 17.52 -9.75 -21.41
C TRP F 99 17.29 -10.40 -22.76
N ASN F 100 18.14 -10.07 -23.71
CA ASN F 100 18.08 -10.69 -25.01
C ASN F 100 19.17 -11.76 -25.09
N THR F 101 18.79 -12.95 -25.48
CA THR F 101 19.72 -14.07 -25.53
C THR F 101 20.76 -13.92 -26.63
N SER F 102 20.55 -12.96 -27.52
CA SER F 102 21.52 -12.67 -28.55
C SER F 102 22.72 -11.98 -27.93
N TRP F 103 22.55 -11.41 -26.73
CA TRP F 103 23.65 -10.73 -26.06
C TRP F 103 24.42 -11.83 -25.37
N SER F 104 23.65 -12.71 -24.76
CA SER F 104 24.15 -13.90 -24.07
C SER F 104 23.09 -14.92 -23.89
N ASN F 105 23.38 -16.13 -24.34
CA ASN F 105 22.43 -17.21 -24.25
C ASN F 105 22.75 -18.19 -23.14
N LYS F 106 23.53 -17.74 -22.16
CA LYS F 106 23.83 -18.59 -21.01
C LYS F 106 22.70 -18.50 -19.99
N SER F 107 22.49 -19.57 -19.25
CA SER F 107 21.48 -19.61 -18.22
C SER F 107 21.87 -18.81 -17.00
N TYR F 108 20.89 -18.53 -16.14
CA TYR F 108 21.16 -17.77 -14.94
C TYR F 108 22.29 -18.44 -14.16
N ASN F 109 22.19 -19.77 -13.95
CA ASN F 109 23.21 -20.52 -13.22
C ASN F 109 24.58 -20.44 -13.86
N GLN F 110 24.63 -20.58 -15.17
CA GLN F 110 25.90 -20.53 -15.86
C GLN F 110 26.58 -19.19 -15.69
N ILE F 111 25.81 -18.11 -15.59
CA ILE F 111 26.39 -16.80 -15.42
C ILE F 111 26.74 -16.50 -13.97
N TRP F 112 25.79 -16.69 -13.07
CA TRP F 112 25.96 -16.29 -11.69
C TRP F 112 26.74 -17.20 -10.77
N ASN F 113 26.71 -18.51 -11.03
CA ASN F 113 27.34 -19.45 -10.12
C ASN F 113 28.61 -20.07 -10.66
N ASN F 114 28.81 -20.00 -11.96
CA ASN F 114 29.97 -20.66 -12.56
C ASN F 114 30.96 -19.70 -13.19
N MET F 115 30.74 -18.41 -12.98
CA MET F 115 31.61 -17.38 -13.54
C MET F 115 31.78 -16.25 -12.57
N THR F 116 32.89 -15.53 -12.72
CA THR F 116 33.13 -14.34 -11.93
C THR F 116 32.87 -13.16 -12.85
N TRP F 117 32.75 -11.96 -12.27
CA TRP F 117 32.48 -10.79 -13.11
C TRP F 117 33.61 -10.47 -14.07
N MET F 118 34.88 -10.72 -13.71
CA MET F 118 35.93 -10.31 -14.61
C MET F 118 35.86 -10.99 -15.95
N GLU F 119 35.50 -12.26 -15.96
CA GLU F 119 35.41 -12.98 -17.20
C GLU F 119 34.12 -12.72 -17.90
N TRP F 120 33.04 -12.73 -17.14
CA TRP F 120 31.75 -12.61 -17.74
C TRP F 120 31.48 -11.29 -18.43
N GLU F 121 31.82 -10.17 -17.80
CA GLU F 121 31.47 -8.90 -18.43
C GLU F 121 32.10 -8.72 -19.78
N ARG F 122 33.29 -9.24 -19.95
CA ARG F 122 34.02 -9.10 -21.19
C ARG F 122 33.28 -9.70 -22.38
N GLU F 123 32.36 -10.61 -22.13
CA GLU F 123 31.63 -11.27 -23.19
C GLU F 123 30.54 -10.39 -23.80
N ILE F 124 30.07 -9.39 -23.06
CA ILE F 124 28.99 -8.53 -23.54
C ILE F 124 29.42 -7.09 -23.58
N ASP F 125 30.72 -6.89 -23.64
CA ASP F 125 31.28 -5.55 -23.58
C ASP F 125 30.75 -4.70 -24.74
N ASN F 126 30.52 -5.36 -25.87
CA ASN F 126 30.05 -4.71 -27.07
C ASN F 126 28.58 -4.37 -27.08
N TYR F 127 27.85 -4.74 -26.03
CA TYR F 127 26.45 -4.39 -25.97
C TYR F 127 26.22 -3.34 -24.92
N THR F 128 27.29 -2.79 -24.37
CA THR F 128 27.12 -1.84 -23.29
C THR F 128 26.29 -0.63 -23.68
N SER F 129 26.59 -0.02 -24.84
CA SER F 129 25.85 1.19 -25.20
C SER F 129 24.44 0.88 -25.60
N LEU F 130 24.23 -0.32 -26.12
CA LEU F 130 22.91 -0.73 -26.50
C LEU F 130 22.01 -0.82 -25.33
N ILE F 131 22.48 -1.53 -24.34
CA ILE F 131 21.65 -1.79 -23.21
C ILE F 131 21.44 -0.53 -22.45
N TYR F 132 22.51 0.23 -22.25
CA TYR F 132 22.41 1.47 -21.50
C TYR F 132 21.37 2.37 -22.14
N THR F 133 21.33 2.43 -23.47
CA THR F 133 20.35 3.25 -24.14
C THR F 133 18.94 2.68 -23.90
N LEU F 134 18.77 1.38 -24.01
CA LEU F 134 17.44 0.82 -23.86
C LEU F 134 16.86 1.07 -22.49
N ILE F 135 17.70 0.95 -21.46
CA ILE F 135 17.22 1.16 -20.10
C ILE F 135 16.93 2.63 -19.78
N GLU F 136 17.25 3.55 -20.69
CA GLU F 136 16.92 4.95 -20.49
C GLU F 136 15.58 5.28 -21.14
N ASP F 137 15.48 5.05 -22.44
CA ASP F 137 14.27 5.46 -23.15
C ASP F 137 13.10 4.53 -22.97
N SER F 138 13.35 3.22 -22.92
CA SER F 138 12.26 2.27 -22.87
C SER F 138 11.75 2.18 -21.48
N GLN F 139 12.52 2.75 -20.57
CA GLN F 139 12.12 2.73 -19.21
C GLN F 139 11.77 4.09 -18.67
N ASN F 140 12.70 5.02 -18.56
CA ASN F 140 12.32 6.21 -17.85
C ASN F 140 11.60 7.21 -18.70
N GLN F 141 11.96 7.35 -19.97
CA GLN F 141 11.19 8.35 -20.67
C GLN F 141 9.75 7.86 -20.77
N GLN F 142 9.59 6.58 -21.10
CA GLN F 142 8.25 6.05 -21.24
C GLN F 142 7.49 5.94 -19.92
N GLU F 143 8.15 5.47 -18.87
CA GLU F 143 7.49 5.28 -17.59
C GLU F 143 7.07 6.59 -17.01
N LYS F 144 7.93 7.59 -17.12
CA LYS F 144 7.62 8.85 -16.50
C LYS F 144 6.52 9.54 -17.26
N ASN F 145 6.44 9.39 -18.59
CA ASN F 145 5.36 10.08 -19.25
C ASN F 145 4.05 9.42 -18.89
N GLU F 146 4.04 8.08 -18.78
CA GLU F 146 2.80 7.43 -18.45
C GLU F 146 2.34 7.81 -17.06
N GLN F 147 3.28 7.87 -16.12
CA GLN F 147 2.88 8.19 -14.78
C GLN F 147 2.49 9.64 -14.67
N GLU F 148 3.17 10.56 -15.36
CA GLU F 148 2.76 11.93 -15.21
C GLU F 148 1.33 12.08 -15.62
N LEU F 149 0.95 11.46 -16.73
CA LEU F 149 -0.42 11.62 -17.19
C LEU F 149 -1.40 11.03 -16.21
N LEU F 150 -1.09 9.90 -15.61
CA LEU F 150 -1.98 9.27 -14.65
C LEU F 150 -2.16 10.15 -13.43
N GLU F 151 -1.13 10.88 -13.08
CA GLU F 151 -1.16 11.73 -11.91
C GLU F 151 -1.91 13.04 -12.13
N LEU F 152 -2.37 13.32 -13.37
CA LEU F 152 -3.13 14.55 -13.59
C LEU F 152 -4.60 14.30 -13.28
N ASP F 153 -4.93 13.04 -13.00
CA ASP F 153 -6.28 12.64 -12.65
C ASP F 153 -6.35 12.42 -11.14
N GLU G 2 51.08 -17.55 2.90
CA GLU G 2 50.16 -17.43 4.01
C GLU G 2 50.56 -18.41 5.08
N VAL G 3 51.08 -17.90 6.19
CA VAL G 3 51.52 -18.78 7.26
C VAL G 3 50.97 -18.34 8.59
N LEU G 4 50.96 -19.24 9.55
CA LEU G 4 50.51 -18.89 10.88
C LEU G 4 51.63 -19.01 11.87
N VAL G 5 51.87 -17.92 12.59
CA VAL G 5 52.97 -17.95 13.53
C VAL G 5 52.54 -17.79 14.97
N GLN G 6 52.82 -18.80 15.76
CA GLN G 6 52.46 -18.81 17.16
C GLN G 6 53.61 -18.43 18.06
N SER G 7 53.25 -18.00 19.26
CA SER G 7 54.20 -17.62 20.32
C SER G 7 54.95 -18.82 20.89
N GLY G 8 55.52 -18.67 22.07
CA GLY G 8 56.33 -19.73 22.65
C GLY G 8 55.57 -20.65 23.59
N ALA G 9 56.35 -21.52 24.24
CA ALA G 9 55.84 -22.50 25.20
C ALA G 9 55.74 -21.91 26.60
N GLU G 10 54.89 -22.51 27.42
CA GLU G 10 54.69 -22.10 28.82
C GLU G 10 54.61 -23.25 29.82
N VAL G 11 54.99 -22.96 31.06
CA VAL G 11 54.84 -23.93 32.14
C VAL G 11 54.02 -23.29 33.23
N LYS G 12 52.92 -23.93 33.58
CA LYS G 12 51.98 -23.39 34.54
C LYS G 12 51.63 -24.38 35.61
N LYS G 13 51.26 -23.90 36.79
CA LYS G 13 50.79 -24.82 37.80
C LYS G 13 49.28 -24.94 37.71
N PRO G 14 48.66 -26.03 38.15
CA PRO G 14 47.24 -26.15 38.14
C PRO G 14 46.59 -24.97 38.85
N GLY G 15 45.51 -24.47 38.26
CA GLY G 15 44.74 -23.32 38.73
C GLY G 15 45.11 -22.05 37.96
N ALA G 16 46.21 -22.14 37.20
CA ALA G 16 46.76 -21.07 36.38
C ALA G 16 46.05 -20.88 35.05
N SER G 17 46.53 -19.88 34.29
CA SER G 17 46.01 -19.61 32.96
C SER G 17 47.15 -19.35 31.99
N VAL G 18 46.90 -19.65 30.72
CA VAL G 18 47.88 -19.44 29.65
C VAL G 18 47.27 -18.71 28.45
N LYS G 19 48.05 -17.87 27.78
CA LYS G 19 47.56 -17.21 26.58
C LYS G 19 48.50 -17.45 25.40
N VAL G 20 47.95 -18.03 24.34
CA VAL G 20 48.71 -18.38 23.15
C VAL G 20 48.31 -17.53 21.94
N SER G 21 49.26 -16.78 21.41
CA SER G 21 48.98 -15.93 20.26
C SER G 21 49.22 -16.66 18.95
N CYS G 22 48.67 -16.10 17.87
CA CYS G 22 48.86 -16.57 16.49
C CYS G 22 48.73 -15.44 15.48
N ARG G 23 49.86 -15.07 14.85
CA ARG G 23 49.94 -13.95 13.90
C ARG G 23 49.64 -14.31 12.45
N ALA G 24 48.81 -13.48 11.81
CA ALA G 24 48.41 -13.65 10.42
C ALA G 24 49.41 -13.17 9.41
N PHE G 25 50.49 -13.90 9.25
CA PHE G 25 51.46 -13.47 8.25
C PHE G 25 51.08 -13.88 6.84
N GLY G 26 51.20 -12.94 5.90
CA GLY G 26 50.98 -13.22 4.49
C GLY G 26 49.52 -13.16 4.01
N TYR G 27 48.58 -12.85 4.90
CA TYR G 27 47.18 -12.82 4.50
C TYR G 27 46.41 -11.82 5.33
N THR G 28 45.23 -11.44 4.87
CA THR G 28 44.46 -10.49 5.66
C THR G 28 43.94 -11.16 6.93
N PHE G 29 44.27 -10.58 8.06
CA PHE G 29 43.89 -11.10 9.36
C PHE G 29 42.42 -11.28 9.50
N THR G 30 41.69 -10.27 9.08
CA THR G 30 40.26 -10.20 9.21
C THR G 30 39.52 -10.91 8.10
N GLY G 31 40.23 -11.50 7.14
CA GLY G 31 39.59 -12.13 5.99
C GLY G 31 39.39 -13.64 6.08
N ASN G 32 39.74 -14.25 7.20
CA ASN G 32 39.61 -15.69 7.36
C ASN G 32 39.57 -16.08 8.84
N ALA G 33 38.47 -16.70 9.27
CA ALA G 33 38.26 -17.08 10.68
C ALA G 33 39.32 -18.09 11.18
N LEU G 34 39.73 -17.99 12.45
CA LEU G 34 40.75 -18.89 12.98
C LEU G 34 40.23 -19.91 14.00
N HIS G 35 40.68 -21.16 13.88
CA HIS G 35 40.36 -22.24 14.81
C HIS G 35 41.48 -22.50 15.78
N TRP G 36 41.11 -23.01 16.95
CA TRP G 36 42.07 -23.46 17.91
C TRP G 36 41.81 -24.94 18.23
N VAL G 37 42.89 -25.71 18.11
CA VAL G 37 42.91 -27.16 18.31
C VAL G 37 44.03 -27.56 19.27
N ARG G 38 43.76 -28.48 20.19
CA ARG G 38 44.78 -28.93 21.13
C ARG G 38 45.10 -30.42 21.03
N GLN G 39 46.36 -30.76 21.30
CA GLN G 39 46.71 -32.16 21.36
C GLN G 39 47.59 -32.54 22.55
N ALA G 40 46.96 -33.07 23.59
CA ALA G 40 47.63 -33.50 24.81
C ALA G 40 48.46 -34.73 24.49
N PRO G 41 49.54 -35.05 25.22
CA PRO G 41 50.35 -36.20 24.93
C PRO G 41 49.49 -37.45 24.89
N GLY G 42 49.66 -38.25 23.85
CA GLY G 42 48.93 -39.51 23.69
C GLY G 42 47.53 -39.33 23.11
N GLN G 43 47.15 -38.09 22.84
CA GLN G 43 45.81 -37.78 22.36
C GLN G 43 45.73 -37.44 20.90
N GLY G 44 44.49 -37.50 20.40
CA GLY G 44 44.15 -37.12 19.05
C GLY G 44 43.88 -35.62 19.08
N LEU G 45 43.22 -35.09 18.09
CA LEU G 45 43.04 -33.66 18.02
C LEU G 45 41.70 -33.15 18.63
N GLU G 46 41.84 -32.31 19.65
CA GLU G 46 40.73 -31.76 20.41
C GLU G 46 40.36 -30.35 19.99
N TRP G 47 39.14 -30.14 19.59
CA TRP G 47 38.76 -28.80 19.18
C TRP G 47 38.39 -27.97 20.39
N LEU G 48 38.88 -26.73 20.44
CA LEU G 48 38.55 -25.84 21.55
C LEU G 48 37.55 -24.78 21.13
N GLY G 49 37.68 -24.31 19.91
CA GLY G 49 36.81 -23.26 19.44
C GLY G 49 37.42 -22.47 18.29
N TRP G 50 36.75 -21.39 17.92
CA TRP G 50 37.25 -20.54 16.84
C TRP G 50 36.86 -19.10 17.10
N ILE G 51 37.60 -18.16 16.49
CA ILE G 51 37.29 -16.73 16.53
C ILE G 51 37.31 -16.01 15.20
N ASN G 52 36.33 -15.14 15.00
CA ASN G 52 36.22 -14.31 13.84
C ASN G 52 37.08 -13.07 14.06
N PRO G 53 38.19 -12.90 13.35
CA PRO G 53 39.14 -11.82 13.53
C PRO G 53 38.55 -10.46 13.15
N HIS G 54 37.46 -10.48 12.38
CA HIS G 54 36.82 -9.28 11.93
C HIS G 54 35.84 -8.77 12.97
N SER G 55 34.88 -9.63 13.32
CA SER G 55 33.81 -9.27 14.25
C SER G 55 34.05 -9.58 15.72
N GLY G 56 34.95 -10.51 16.02
CA GLY G 56 35.20 -10.95 17.38
C GLY G 56 34.31 -12.12 17.82
N ASP G 57 33.43 -12.59 16.92
CA ASP G 57 32.52 -13.70 17.19
C ASP G 57 33.26 -15.01 17.47
N THR G 58 32.80 -15.78 18.46
CA THR G 58 33.42 -17.06 18.76
C THR G 58 32.44 -18.19 18.97
N THR G 59 32.94 -19.41 18.84
CA THR G 59 32.21 -20.62 19.22
C THR G 59 33.20 -21.47 19.96
N THR G 60 32.78 -22.07 21.06
CA THR G 60 33.67 -22.97 21.78
C THR G 60 33.03 -24.31 22.07
N SER G 61 33.88 -25.28 22.36
CA SER G 61 33.42 -26.60 22.76
C SER G 61 32.73 -26.51 24.11
N GLN G 62 31.72 -27.34 24.29
CA GLN G 62 30.95 -27.38 25.51
C GLN G 62 31.85 -27.71 26.70
N LYS G 63 32.88 -28.50 26.44
CA LYS G 63 33.83 -28.91 27.46
C LYS G 63 34.47 -27.75 28.18
N PHE G 64 34.62 -26.64 27.48
CA PHE G 64 35.31 -25.50 28.02
C PHE G 64 34.42 -24.30 28.23
N GLN G 65 33.14 -24.49 28.42
CA GLN G 65 32.38 -23.27 28.60
C GLN G 65 32.83 -22.58 29.87
N GLY G 66 33.17 -21.30 29.74
CA GLY G 66 33.63 -20.48 30.85
C GLY G 66 35.12 -20.67 31.17
N ARG G 67 35.78 -21.58 30.44
CA ARG G 67 37.18 -21.93 30.62
C ARG G 67 38.06 -21.52 29.45
N VAL G 68 37.57 -21.70 28.24
CA VAL G 68 38.35 -21.31 27.06
C VAL G 68 37.70 -20.15 26.36
N TYR G 69 38.50 -19.13 26.16
CA TYR G 69 38.09 -17.89 25.55
C TYR G 69 38.98 -17.56 24.37
N MET G 70 38.45 -16.83 23.41
CA MET G 70 39.29 -16.37 22.32
C MET G 70 39.13 -14.89 22.16
N THR G 71 40.22 -14.24 21.86
CA THR G 71 40.18 -12.81 21.59
C THR G 71 41.03 -12.47 20.40
N ARG G 72 40.98 -11.21 20.01
CA ARG G 72 41.77 -10.75 18.87
C ARG G 72 42.12 -9.28 18.93
N ASP G 73 43.20 -8.93 18.25
CA ASP G 73 43.57 -7.54 18.08
C ASP G 73 44.08 -7.35 16.66
N LYS G 74 43.20 -6.81 15.83
CA LYS G 74 43.48 -6.66 14.42
C LYS G 74 44.57 -5.67 14.12
N SER G 75 44.91 -4.79 15.06
CA SER G 75 45.92 -3.78 14.78
C SER G 75 47.29 -4.41 14.63
N ILE G 76 47.45 -5.64 15.13
CA ILE G 76 48.68 -6.36 15.05
C ILE G 76 48.46 -7.69 14.35
N ASN G 77 47.32 -7.80 13.67
CA ASN G 77 46.97 -9.01 12.96
C ASN G 77 47.10 -10.25 13.81
N THR G 78 46.71 -10.19 15.08
CA THR G 78 46.94 -11.36 15.92
C THR G 78 45.71 -11.82 16.68
N ALA G 79 45.53 -13.13 16.65
CA ALA G 79 44.45 -13.80 17.38
C ALA G 79 45.03 -14.45 18.60
N PHE G 80 44.22 -14.62 19.63
CA PHE G 80 44.72 -15.25 20.84
C PHE G 80 43.79 -16.30 21.44
N LEU G 81 44.41 -17.33 21.98
CA LEU G 81 43.71 -18.34 22.75
C LEU G 81 43.97 -18.15 24.22
N ASP G 82 42.92 -17.92 24.99
CA ASP G 82 43.02 -17.65 26.42
C ASP G 82 42.39 -18.79 27.25
N VAL G 83 43.24 -19.59 27.90
CA VAL G 83 42.76 -20.79 28.61
C VAL G 83 42.99 -20.71 30.11
N THR G 84 41.91 -20.84 30.89
CA THR G 84 42.01 -20.78 32.35
C THR G 84 41.71 -22.12 33.02
N ARG G 85 41.80 -22.11 34.35
CA ARG G 85 41.60 -23.28 35.20
C ARG G 85 42.45 -24.43 34.74
N LEU G 86 43.71 -24.17 34.49
CA LEU G 86 44.55 -25.22 33.99
C LEU G 86 44.72 -26.33 34.98
N THR G 87 44.69 -27.54 34.46
CA THR G 87 44.93 -28.77 35.19
C THR G 87 45.91 -29.65 34.46
N SER G 88 46.24 -30.80 35.02
CA SER G 88 47.25 -31.66 34.38
C SER G 88 46.82 -32.17 32.99
N ASP G 89 45.51 -32.21 32.74
CA ASP G 89 44.95 -32.65 31.48
C ASP G 89 45.16 -31.60 30.39
N ASP G 90 45.63 -30.42 30.78
CA ASP G 90 45.85 -29.32 29.85
C ASP G 90 47.28 -29.32 29.32
N THR G 91 48.08 -30.33 29.70
CA THR G 91 49.40 -30.41 29.10
C THR G 91 49.14 -30.77 27.64
N GLY G 92 49.78 -30.06 26.72
CA GLY G 92 49.58 -30.39 25.31
C GLY G 92 50.03 -29.32 24.35
N ILE G 93 49.85 -29.60 23.07
CA ILE G 93 50.22 -28.64 22.04
C ILE G 93 48.99 -27.87 21.60
N TYR G 94 49.10 -26.56 21.65
CA TYR G 94 48.03 -25.63 21.31
C TYR G 94 48.29 -25.05 19.93
N TYR G 95 47.43 -25.40 18.97
CA TYR G 95 47.63 -24.99 17.58
C TYR G 95 46.59 -24.01 17.09
N CYS G 96 47.03 -23.12 16.21
CA CYS G 96 46.06 -22.27 15.53
C CYS G 96 45.90 -22.78 14.09
N ALA G 97 44.70 -22.65 13.53
CA ALA G 97 44.49 -23.13 12.16
C ALA G 97 43.41 -22.41 11.35
N ARG G 98 43.55 -22.45 10.04
CA ARG G 98 42.55 -21.85 9.16
C ARG G 98 41.90 -22.80 8.21
N ASP G 99 40.60 -22.56 8.04
CA ASP G 99 39.72 -23.29 7.14
C ASP G 99 39.50 -22.51 5.87
N LYS G 100 38.70 -23.09 4.98
CA LYS G 100 38.41 -22.44 3.72
C LYS G 100 37.17 -21.63 3.89
N TYR G 101 36.29 -22.12 4.76
CA TYR G 101 35.04 -21.43 5.01
C TYR G 101 34.31 -21.09 3.74
N TYR G 102 34.24 -22.02 2.80
CA TYR G 102 33.58 -21.65 1.60
C TYR G 102 32.13 -21.56 1.96
N GLY G 103 31.47 -20.47 1.58
CA GLY G 103 30.06 -20.32 1.90
C GLY G 103 29.87 -20.02 3.37
N ASN G 104 30.96 -19.65 4.05
CA ASN G 104 31.01 -19.41 5.48
C ASN G 104 30.72 -20.66 6.29
N GLU G 105 31.05 -21.85 5.77
CA GLU G 105 30.89 -23.06 6.56
C GLU G 105 32.20 -23.84 6.58
N ALA G 106 32.49 -24.50 7.69
CA ALA G 106 33.73 -25.28 7.78
C ALA G 106 33.79 -26.36 6.66
N VAL G 107 34.97 -26.46 6.01
CA VAL G 107 35.30 -27.36 4.90
C VAL G 107 36.37 -28.39 5.27
N GLY G 108 37.40 -27.86 5.92
CA GLY G 108 38.61 -28.53 6.38
C GLY G 108 39.75 -27.50 6.47
N MET G 109 40.70 -27.73 7.37
CA MET G 109 41.78 -26.76 7.59
C MET G 109 43.14 -27.09 7.00
N ASP G 110 43.59 -26.30 6.03
CA ASP G 110 44.88 -26.55 5.43
C ASP G 110 46.01 -25.67 5.92
N VAL G 111 45.72 -24.64 6.72
CA VAL G 111 46.83 -23.81 7.17
C VAL G 111 46.95 -23.91 8.67
N TRP G 112 48.09 -24.34 9.13
CA TRP G 112 48.31 -24.53 10.55
C TRP G 112 49.52 -23.80 11.07
N GLY G 113 49.44 -23.36 12.32
CA GLY G 113 50.58 -22.75 12.98
C GLY G 113 51.44 -23.88 13.44
N GLN G 114 52.57 -23.58 14.03
CA GLN G 114 53.44 -24.66 14.43
C GLN G 114 53.03 -25.34 15.72
N GLY G 115 52.18 -24.68 16.51
CA GLY G 115 51.79 -25.21 17.79
C GLY G 115 52.73 -24.79 18.91
N THR G 116 52.20 -24.55 20.08
CA THR G 116 53.08 -24.23 21.20
C THR G 116 52.78 -25.23 22.28
N SER G 117 53.70 -25.46 23.20
CA SER G 117 53.34 -26.40 24.25
C SER G 117 53.07 -25.71 25.55
N VAL G 118 52.16 -26.28 26.31
CA VAL G 118 51.92 -25.80 27.64
C VAL G 118 52.03 -27.01 28.55
N THR G 119 52.80 -26.87 29.61
CA THR G 119 52.97 -27.93 30.58
C THR G 119 52.22 -27.57 31.84
N VAL G 120 51.41 -28.49 32.38
CA VAL G 120 50.69 -28.19 33.61
C VAL G 120 50.79 -29.32 34.61
N ILE H 1 32.68 -36.21 15.92
CA ILE H 1 31.29 -36.24 16.36
C ILE H 1 30.79 -37.68 16.34
N GLN H 2 30.94 -38.37 17.47
CA GLN H 2 30.51 -39.76 17.64
C GLN H 2 31.11 -40.68 16.57
N LEU H 3 32.40 -40.51 16.35
CA LEU H 3 33.19 -41.24 15.37
C LEU H 3 34.01 -42.45 15.85
N THR H 4 33.86 -43.55 15.11
CA THR H 4 34.61 -44.78 15.28
C THR H 4 35.60 -44.93 14.13
N GLN H 5 36.85 -45.23 14.45
CA GLN H 5 37.88 -45.37 13.44
C GLN H 5 38.51 -46.75 13.39
N SER H 6 39.13 -47.04 12.25
CA SER H 6 39.87 -48.27 12.01
C SER H 6 40.90 -48.50 13.11
N PRO H 7 41.30 -49.76 13.38
CA PRO H 7 42.30 -50.09 14.37
C PRO H 7 43.49 -49.26 14.04
N SER H 8 44.19 -48.78 15.05
CA SER H 8 45.31 -47.90 14.78
C SER H 8 46.51 -48.52 14.09
N PHE H 9 46.77 -49.82 14.24
CA PHE H 9 47.98 -50.39 13.63
C PHE H 9 47.81 -50.84 12.19
N LEU H 10 47.70 -49.88 11.29
CA LEU H 10 47.41 -50.17 9.90
C LEU H 10 48.69 -50.42 9.12
N SER H 11 49.26 -51.58 9.34
CA SER H 11 50.54 -51.91 8.72
C SER H 11 50.45 -52.05 7.21
N ALA H 12 51.44 -51.51 6.52
CA ALA H 12 51.54 -51.56 5.07
C ALA H 12 52.99 -51.42 4.58
N SER H 13 53.27 -51.91 3.38
CA SER H 13 54.59 -51.73 2.78
C SER H 13 54.57 -50.56 1.80
N VAL H 14 55.73 -50.16 1.34
CA VAL H 14 55.76 -49.10 0.36
C VAL H 14 55.25 -49.61 -0.99
N GLY H 15 54.33 -48.84 -1.56
CA GLY H 15 53.66 -49.12 -2.82
C GLY H 15 52.39 -49.94 -2.57
N ASP H 16 52.11 -50.24 -1.31
CA ASP H 16 50.95 -51.03 -0.94
C ASP H 16 49.69 -50.19 -0.83
N LYS H 17 48.59 -50.85 -0.51
CA LYS H 17 47.32 -50.16 -0.37
C LYS H 17 46.84 -50.18 1.06
N VAL H 18 46.71 -49.00 1.63
CA VAL H 18 46.26 -48.93 3.01
C VAL H 18 45.09 -48.01 3.09
N THR H 19 44.09 -48.39 3.86
CA THR H 19 42.94 -47.54 4.00
C THR H 19 42.66 -47.20 5.44
N ILE H 20 42.07 -46.03 5.63
CA ILE H 20 41.64 -45.55 6.92
C ILE H 20 40.12 -45.36 6.91
N THR H 21 39.43 -45.97 7.85
CA THR H 21 37.98 -45.83 7.90
C THR H 21 37.52 -44.92 9.03
N CYS H 22 36.63 -44.01 8.68
CA CYS H 22 35.96 -43.10 9.61
C CYS H 22 34.45 -43.24 9.52
N ARG H 23 33.85 -43.93 10.49
CA ARG H 23 32.42 -44.15 10.45
C ARG H 23 31.75 -43.61 11.70
N ALA H 24 30.92 -42.61 11.53
CA ALA H 24 30.28 -41.98 12.69
C ALA H 24 28.84 -42.38 12.82
N SER H 25 28.31 -42.29 14.03
CA SER H 25 26.89 -42.53 14.21
C SER H 25 26.10 -41.37 13.64
N GLN H 26 26.71 -40.18 13.66
CA GLN H 26 26.06 -39.00 13.14
C GLN H 26 26.51 -38.76 11.72
N GLY H 27 25.58 -38.34 10.87
CA GLY H 27 25.97 -38.04 9.50
C GLY H 27 26.52 -36.64 9.38
N VAL H 28 27.34 -36.45 8.35
CA VAL H 28 27.92 -35.15 8.02
C VAL H 28 27.63 -34.92 6.58
N ARG H 29 27.09 -35.95 5.95
CA ARG H 29 26.75 -35.97 4.52
C ARG H 29 28.00 -36.06 3.66
N ASN H 30 28.85 -35.04 3.75
CA ASN H 30 30.13 -35.00 3.08
C ASN H 30 31.00 -34.03 3.82
N GLU H 31 30.47 -33.51 4.89
CA GLU H 31 31.23 -32.50 5.61
C GLU H 31 32.21 -33.13 6.58
N LEU H 32 33.23 -33.73 5.98
CA LEU H 32 34.32 -34.43 6.66
C LEU H 32 35.65 -34.00 6.10
N ALA H 33 36.57 -33.70 6.96
CA ALA H 33 37.89 -33.34 6.49
C ALA H 33 38.92 -34.40 6.88
N TRP H 34 39.67 -34.86 5.88
CA TRP H 34 40.73 -35.86 6.08
C TRP H 34 42.06 -35.18 6.27
N TYR H 35 42.78 -35.55 7.33
CA TYR H 35 44.08 -34.98 7.67
C TYR H 35 45.19 -36.01 7.82
N GLN H 36 46.43 -35.58 7.57
CA GLN H 36 47.66 -36.37 7.75
C GLN H 36 48.60 -35.64 8.74
N GLN H 37 49.13 -36.36 9.74
CA GLN H 37 50.00 -35.71 10.72
C GLN H 37 51.28 -36.47 11.08
N LYS H 38 52.38 -35.72 11.21
CA LYS H 38 53.64 -36.32 11.64
C LYS H 38 53.91 -35.94 13.08
N PRO H 39 54.65 -36.75 13.85
CA PRO H 39 55.03 -36.43 15.21
C PRO H 39 55.75 -35.11 15.23
N GLY H 40 55.40 -34.25 16.17
CA GLY H 40 56.06 -32.96 16.31
C GLY H 40 55.53 -31.90 15.36
N LYS H 41 54.57 -32.24 14.50
CA LYS H 41 54.04 -31.31 13.53
C LYS H 41 52.55 -31.07 13.68
N ALA H 42 52.09 -29.94 13.16
CA ALA H 42 50.67 -29.69 13.10
C ALA H 42 50.10 -30.66 12.09
N PRO H 43 48.86 -31.10 12.24
CA PRO H 43 48.18 -31.94 11.28
C PRO H 43 47.87 -31.07 10.10
N ASN H 44 47.78 -31.66 8.92
CA ASN H 44 47.42 -30.90 7.74
C ASN H 44 46.38 -31.62 6.90
N LEU H 45 45.62 -30.85 6.18
CA LEU H 45 44.53 -31.36 5.36
C LEU H 45 44.99 -32.04 4.09
N LEU H 46 44.36 -33.18 3.81
CA LEU H 46 44.52 -33.94 2.59
C LEU H 46 43.34 -33.73 1.64
N ILE H 47 42.16 -34.08 2.16
CA ILE H 47 40.89 -34.12 1.44
C ILE H 47 39.75 -33.39 2.13
N TYR H 48 39.04 -32.54 1.40
CA TYR H 48 37.94 -31.79 2.00
C TYR H 48 36.57 -32.04 1.39
N TYR H 49 35.53 -31.79 2.19
CA TYR H 49 34.15 -32.17 1.81
C TYR H 49 34.12 -33.66 1.53
N ALA H 50 34.92 -34.43 2.28
CA ALA H 50 35.08 -35.86 2.17
C ALA H 50 35.50 -36.38 0.80
N SER H 51 35.90 -35.53 -0.15
CA SER H 51 36.30 -36.09 -1.45
C SER H 51 37.14 -35.17 -2.35
N THR H 52 37.25 -33.89 -2.03
CA THR H 52 38.02 -33.01 -2.88
C THR H 52 39.46 -33.06 -2.46
N LEU H 53 40.33 -33.40 -3.40
CA LEU H 53 41.73 -33.50 -3.04
C LEU H 53 42.32 -32.12 -3.09
N GLN H 54 42.99 -31.74 -2.02
CA GLN H 54 43.63 -30.46 -1.93
C GLN H 54 44.83 -30.35 -2.85
N SER H 55 44.95 -29.24 -3.57
CA SER H 55 46.11 -29.11 -4.41
C SER H 55 47.35 -29.17 -3.55
N GLY H 56 48.36 -29.87 -4.04
CA GLY H 56 49.62 -30.04 -3.33
C GLY H 56 49.68 -31.39 -2.62
N VAL H 57 48.53 -32.04 -2.49
CA VAL H 57 48.46 -33.34 -1.87
C VAL H 57 48.59 -34.36 -3.01
N PRO H 58 49.47 -35.35 -2.92
CA PRO H 58 49.71 -36.35 -3.93
C PRO H 58 48.45 -37.08 -4.36
N SER H 59 48.41 -37.42 -5.65
CA SER H 59 47.31 -38.08 -6.35
C SER H 59 47.01 -39.49 -5.86
N ARG H 60 47.92 -40.05 -5.10
CA ARG H 60 47.72 -41.37 -4.51
C ARG H 60 46.66 -41.32 -3.41
N PHE H 61 46.33 -40.11 -2.92
CA PHE H 61 45.31 -39.95 -1.89
C PHE H 61 43.94 -39.70 -2.49
N SER H 62 42.98 -40.52 -2.09
CA SER H 62 41.60 -40.36 -2.55
C SER H 62 40.67 -40.82 -1.45
N ALA H 63 39.41 -40.44 -1.53
CA ALA H 63 38.49 -40.90 -0.50
C ALA H 63 37.12 -41.12 -1.10
N THR H 64 36.41 -42.07 -0.51
CA THR H 64 35.07 -42.43 -0.92
C THR H 64 34.12 -42.53 0.28
N GLY H 65 32.82 -42.63 0.00
CA GLY H 65 31.82 -42.81 1.05
C GLY H 65 30.97 -41.57 1.24
N SER H 66 29.84 -41.75 1.92
CA SER H 66 28.91 -40.65 2.15
C SER H 66 28.05 -40.84 3.39
N GLY H 67 27.43 -39.74 3.82
CA GLY H 67 26.50 -39.82 4.93
C GLY H 67 27.20 -39.91 6.26
N THR H 68 27.48 -41.15 6.64
CA THR H 68 28.15 -41.52 7.89
C THR H 68 29.45 -42.29 7.71
N HIS H 69 29.65 -42.93 6.56
CA HIS H 69 30.79 -43.82 6.40
C HIS H 69 31.76 -43.39 5.34
N PHE H 70 32.96 -43.01 5.76
CA PHE H 70 33.96 -42.52 4.82
C PHE H 70 35.26 -43.31 4.91
N THR H 71 35.90 -43.51 3.76
CA THR H 71 37.19 -44.20 3.71
C THR H 71 38.25 -43.43 2.94
N LEU H 72 39.44 -43.33 3.54
CA LEU H 72 40.60 -42.71 2.91
C LEU H 72 41.49 -43.79 2.38
N THR H 73 41.80 -43.72 1.12
CA THR H 73 42.65 -44.71 0.50
C THR H 73 43.96 -44.15 -0.01
N VAL H 74 45.05 -44.82 0.36
CA VAL H 74 46.34 -44.44 -0.19
C VAL H 74 46.70 -45.58 -1.13
N SER H 75 46.62 -45.32 -2.44
CA SER H 75 46.76 -46.38 -3.47
C SER H 75 48.17 -46.86 -3.78
N SER H 76 49.16 -46.11 -3.31
CA SER H 76 50.56 -46.44 -3.55
C SER H 76 51.36 -45.82 -2.43
N LEU H 77 51.29 -46.42 -1.25
CA LEU H 77 51.84 -45.82 -0.03
C LEU H 77 53.33 -45.52 -0.08
N GLN H 78 53.71 -44.30 0.27
CA GLN H 78 55.13 -43.92 0.22
C GLN H 78 55.69 -43.73 1.63
N PRO H 79 57.02 -43.81 1.87
CA PRO H 79 57.65 -43.62 3.17
C PRO H 79 57.20 -42.34 3.90
N GLU H 80 56.93 -41.29 3.14
CA GLU H 80 56.50 -40.04 3.73
C GLU H 80 55.07 -40.06 4.25
N ASP H 81 54.32 -41.12 3.95
CA ASP H 81 52.95 -41.25 4.35
C ASP H 81 52.79 -42.03 5.63
N PHE H 82 53.89 -42.45 6.24
CA PHE H 82 53.76 -43.20 7.49
C PHE H 82 53.59 -42.19 8.61
N ALA H 83 52.34 -41.74 8.66
CA ALA H 83 51.76 -40.67 9.42
C ALA H 83 50.52 -41.13 10.10
N THR H 84 50.02 -40.32 11.01
CA THR H 84 48.74 -40.67 11.56
C THR H 84 47.70 -40.00 10.69
N TYR H 85 46.49 -40.50 10.75
CA TYR H 85 45.40 -39.93 9.97
C TYR H 85 44.20 -39.66 10.83
N PHE H 86 43.54 -38.56 10.52
CA PHE H 86 42.36 -38.12 11.24
C PHE H 86 41.21 -37.69 10.39
N CYS H 87 40.03 -37.83 10.96
CA CYS H 87 38.85 -37.25 10.39
C CYS H 87 38.30 -36.24 11.33
N GLN H 88 37.82 -35.14 10.77
CA GLN H 88 37.13 -34.12 11.51
C GLN H 88 35.73 -34.04 10.97
N HIS H 89 34.76 -34.03 11.86
CA HIS H 89 33.37 -33.99 11.46
C HIS H 89 32.73 -32.63 11.64
N MET H 90 32.09 -32.15 10.58
CA MET H 90 31.47 -30.84 10.57
C MET H 90 29.93 -30.74 10.55
N SER H 91 29.18 -31.78 10.93
CA SER H 91 27.72 -31.62 10.91
C SER H 91 27.23 -30.60 11.92
N SER H 92 27.95 -30.53 13.01
CA SER H 92 27.73 -29.68 14.14
C SER H 92 29.05 -29.47 14.77
N TYR H 93 29.06 -29.17 16.05
CA TYR H 93 30.32 -28.98 16.73
C TYR H 93 30.11 -29.47 18.17
N PRO H 94 31.17 -29.65 18.95
CA PRO H 94 32.58 -29.35 18.74
C PRO H 94 33.15 -30.14 17.60
N LEU H 95 33.99 -29.49 16.81
CA LEU H 95 34.59 -30.12 15.64
C LEU H 95 35.82 -30.88 16.00
N THR H 96 35.64 -31.89 16.82
CA THR H 96 36.76 -32.66 17.26
C THR H 96 37.10 -33.64 16.18
N PHE H 97 38.25 -34.23 16.34
CA PHE H 97 38.76 -35.20 15.43
C PHE H 97 38.69 -36.54 16.11
N GLY H 98 38.77 -37.60 15.34
CA GLY H 98 38.78 -38.91 15.96
C GLY H 98 40.12 -39.17 16.64
N GLY H 99 40.25 -40.33 17.28
CA GLY H 99 41.48 -40.64 18.01
C GLY H 99 42.69 -40.65 17.11
N GLY H 100 42.46 -41.07 15.87
CA GLY H 100 43.47 -41.15 14.84
C GLY H 100 43.97 -42.57 14.65
N THR H 101 44.40 -42.87 13.44
CA THR H 101 44.93 -44.19 13.13
C THR H 101 46.34 -43.96 12.62
N LYS H 102 47.16 -45.00 12.55
CA LYS H 102 48.52 -44.83 12.05
C LYS H 102 48.87 -45.86 11.02
N VAL H 103 49.64 -45.46 10.02
CA VAL H 103 50.11 -46.46 9.09
C VAL H 103 51.47 -46.96 9.58
N GLU H 104 51.56 -48.27 9.74
CA GLU H 104 52.71 -48.97 10.33
C GLU H 104 53.59 -49.65 9.29
N ILE H 105 54.80 -50.01 9.70
CA ILE H 105 55.72 -50.64 8.77
C ILE H 105 55.54 -52.15 8.68
N LYS H 106 55.29 -52.63 7.47
CA LYS H 106 55.15 -54.04 7.17
C LYS H 106 56.50 -54.62 6.81
N GLN I 38 -7.02 24.26 -10.41
CA GLN I 38 -5.76 24.68 -9.81
C GLN I 38 -4.57 23.99 -10.43
N LEU I 39 -3.64 24.79 -10.95
CA LEU I 39 -2.45 24.19 -11.51
C LEU I 39 -1.36 24.20 -10.45
N TRP I 40 -0.46 23.25 -10.53
CA TRP I 40 0.62 23.03 -9.59
C TRP I 40 2.00 23.19 -10.17
N VAL I 41 2.98 23.58 -9.36
CA VAL I 41 4.31 23.68 -9.91
C VAL I 41 4.95 22.29 -10.07
N THR I 42 5.46 22.02 -11.27
CA THR I 42 6.20 20.80 -11.61
C THR I 42 7.51 21.15 -12.30
N VAL I 43 8.55 20.43 -11.91
CA VAL I 43 9.88 20.65 -12.45
C VAL I 43 10.13 19.70 -13.60
N TYR I 44 10.64 20.25 -14.69
CA TYR I 44 10.97 19.48 -15.87
C TYR I 44 12.45 19.60 -16.19
N TYR I 45 13.14 18.47 -16.26
CA TYR I 45 14.57 18.55 -16.54
C TYR I 45 14.93 17.90 -17.83
N GLY I 46 15.63 18.62 -18.68
CA GLY I 46 15.99 18.11 -19.98
C GLY I 46 15.20 18.93 -20.99
N VAL I 47 14.90 20.15 -20.62
CA VAL I 47 14.15 21.05 -21.45
C VAL I 47 15.07 21.61 -22.56
N PRO I 48 14.72 21.46 -23.84
CA PRO I 48 15.54 21.86 -24.98
C PRO I 48 15.58 23.36 -25.28
N VAL I 49 16.12 24.09 -24.33
CA VAL I 49 16.29 25.55 -24.44
C VAL I 49 17.72 25.95 -24.13
N TRP I 50 18.06 27.15 -24.51
CA TRP I 50 19.38 27.70 -24.32
C TRP I 50 19.34 29.20 -24.31
N LYS I 51 20.43 29.78 -23.85
CA LYS I 51 20.64 31.21 -23.89
C LYS I 51 21.99 31.46 -24.54
N GLU I 52 22.16 32.59 -25.20
CA GLU I 52 23.46 32.87 -25.81
C GLU I 52 24.51 33.03 -24.75
N ALA I 53 25.70 32.47 -24.99
CA ALA I 53 26.74 32.55 -23.97
C ALA I 53 28.13 32.49 -24.52
N THR I 54 29.06 33.04 -23.76
CA THR I 54 30.46 32.95 -24.14
C THR I 54 31.27 32.02 -23.28
N THR I 55 31.97 31.12 -23.97
CA THR I 55 32.90 30.20 -23.36
C THR I 55 34.11 30.05 -24.25
N THR I 56 35.04 29.27 -23.77
CA THR I 56 36.29 28.99 -24.47
C THR I 56 36.18 27.77 -25.35
N LEU I 57 36.58 27.89 -26.61
CA LEU I 57 36.56 26.72 -27.47
C LEU I 57 37.92 26.07 -27.43
N PHE I 58 37.95 24.78 -27.60
CA PHE I 58 39.22 24.08 -27.60
C PHE I 58 39.55 23.54 -28.97
N CYS I 59 40.82 23.32 -29.22
CA CYS I 59 41.26 22.83 -30.51
C CYS I 59 41.00 21.36 -30.67
N ALA I 60 40.91 20.96 -31.92
CA ALA I 60 40.93 19.56 -32.23
C ALA I 60 41.72 19.34 -33.54
N SER I 61 42.65 18.40 -33.48
CA SER I 61 43.59 18.06 -34.53
C SER I 61 43.08 17.01 -35.51
N ASP I 62 43.71 16.94 -36.69
CA ASP I 62 43.21 15.99 -37.68
C ASP I 62 43.65 14.54 -37.50
N ALA I 63 44.94 14.33 -37.48
CA ALA I 63 45.56 13.03 -37.42
C ALA I 63 47.06 13.16 -37.40
N ARG I 64 47.56 14.02 -38.27
CA ARG I 64 48.99 14.18 -38.47
C ARG I 64 49.58 15.20 -37.53
N ALA I 65 48.81 16.25 -37.20
CA ALA I 65 49.28 17.40 -36.41
C ALA I 65 49.90 16.96 -35.09
N TYR I 66 49.39 15.91 -34.50
CA TYR I 66 49.93 15.45 -33.25
C TYR I 66 51.46 15.27 -33.33
N ASP I 67 51.96 14.75 -34.47
CA ASP I 67 53.36 14.44 -34.69
C ASP I 67 54.09 15.49 -35.55
N THR I 68 53.52 16.70 -35.66
CA THR I 68 54.14 17.79 -36.43
C THR I 68 54.88 18.75 -35.53
N GLU I 69 54.94 18.40 -34.24
CA GLU I 69 55.56 19.16 -33.13
C GLU I 69 57.03 19.40 -33.33
N VAL I 70 57.60 18.62 -34.23
CA VAL I 70 58.97 18.65 -34.60
C VAL I 70 59.32 19.97 -35.26
N ARG I 71 58.31 20.65 -35.83
CA ARG I 71 58.52 21.95 -36.46
C ARG I 71 57.33 22.92 -36.24
N ASN I 72 56.11 22.41 -36.35
CA ASN I 72 54.93 23.24 -36.47
C ASN I 72 54.39 23.80 -35.16
N VAL I 73 54.28 25.12 -35.15
CA VAL I 73 53.83 25.87 -34.00
C VAL I 73 52.35 25.69 -33.65
N TRP I 74 51.51 25.82 -34.65
CA TRP I 74 50.08 25.73 -34.43
C TRP I 74 49.58 24.31 -34.43
N ALA I 75 50.20 23.48 -35.25
CA ALA I 75 49.81 22.09 -35.35
C ALA I 75 50.54 21.34 -34.27
N THR I 76 50.11 21.60 -33.07
CA THR I 76 50.77 21.06 -31.90
C THR I 76 50.35 19.67 -31.54
N HIS I 77 51.16 19.09 -30.65
CA HIS I 77 50.93 17.81 -30.03
C HIS I 77 50.00 17.93 -28.86
N ALA I 78 49.87 19.14 -28.35
CA ALA I 78 49.03 19.39 -27.20
C ALA I 78 47.61 19.70 -27.63
N CYS I 79 47.06 18.80 -28.42
CA CYS I 79 45.72 18.97 -28.93
C CYS I 79 45.08 17.63 -29.23
N VAL I 80 43.86 17.48 -28.73
CA VAL I 80 43.01 16.30 -28.86
C VAL I 80 42.61 16.18 -30.33
N PRO I 81 42.17 15.02 -30.83
CA PRO I 81 41.74 14.79 -32.20
C PRO I 81 40.35 15.30 -32.43
N THR I 82 40.00 15.51 -33.68
CA THR I 82 38.63 15.79 -34.06
C THR I 82 37.80 14.54 -34.03
N ASP I 83 36.50 14.76 -34.04
CA ASP I 83 35.53 13.71 -34.14
C ASP I 83 35.59 13.16 -35.56
N PRO I 84 35.93 11.88 -35.79
CA PRO I 84 35.99 11.28 -37.12
C PRO I 84 34.61 11.20 -37.78
N ASN I 85 33.55 11.34 -36.98
CA ASN I 85 32.21 11.29 -37.51
C ASN I 85 31.33 12.33 -36.82
N PRO I 86 31.55 13.63 -37.06
CA PRO I 86 30.90 14.72 -36.40
C PRO I 86 29.46 14.73 -36.81
N GLN I 87 28.60 15.12 -35.91
CA GLN I 87 27.19 15.18 -36.22
C GLN I 87 26.66 16.59 -36.35
N GLU I 88 25.56 16.71 -37.07
CA GLU I 88 24.91 17.99 -37.23
C GLU I 88 23.40 17.82 -37.24
N VAL I 89 22.68 18.67 -36.51
CA VAL I 89 21.23 18.55 -36.51
C VAL I 89 20.52 19.78 -37.02
N VAL I 90 19.71 19.61 -38.06
CA VAL I 90 19.00 20.75 -38.61
C VAL I 90 17.76 20.95 -37.77
N LEU I 91 17.51 22.18 -37.36
CA LEU I 91 16.37 22.48 -36.49
C LEU I 91 15.20 22.96 -37.33
N GLU I 92 13.98 22.55 -37.00
CA GLU I 92 12.83 22.91 -37.82
C GLU I 92 12.29 24.33 -37.71
N ASN I 93 12.19 24.84 -36.50
CA ASN I 93 11.56 26.12 -36.25
C ASN I 93 12.45 27.08 -35.47
N VAL I 94 13.73 26.93 -35.62
CA VAL I 94 14.61 27.79 -34.87
C VAL I 94 15.19 28.88 -35.73
N THR I 95 14.88 30.12 -35.38
CA THR I 95 15.39 31.25 -36.12
C THR I 95 16.11 32.12 -35.14
N GLU I 96 17.35 32.44 -35.44
CA GLU I 96 18.12 33.27 -34.53
C GLU I 96 18.89 34.33 -35.21
N ASN I 97 19.18 35.39 -34.45
CA ASN I 97 20.00 36.47 -34.94
C ASN I 97 21.47 36.20 -34.78
N PHE I 98 22.17 36.48 -35.85
CA PHE I 98 23.62 36.36 -35.95
C PHE I 98 24.20 37.73 -36.23
N ASN I 99 25.44 37.94 -35.82
CA ASN I 99 26.15 39.17 -36.13
C ASN I 99 27.62 38.88 -36.18
N MET I 100 28.17 38.83 -37.38
CA MET I 100 29.57 38.46 -37.49
C MET I 100 30.51 39.46 -36.83
N TRP I 101 30.10 40.71 -36.65
CA TRP I 101 31.00 41.66 -36.07
C TRP I 101 30.96 41.65 -34.56
N LYS I 102 30.13 40.78 -34.02
CA LYS I 102 29.99 40.58 -32.60
C LYS I 102 30.42 39.16 -32.25
N ASN I 103 31.04 38.47 -33.20
CA ASN I 103 31.42 37.10 -32.96
C ASN I 103 32.72 37.03 -32.19
N ASN I 104 32.62 36.66 -30.92
CA ASN I 104 33.71 36.66 -29.97
C ASN I 104 34.74 35.58 -30.24
N MET I 105 34.43 34.66 -31.14
CA MET I 105 35.36 33.58 -31.44
C MET I 105 36.57 34.18 -32.11
N VAL I 106 36.40 35.38 -32.68
CA VAL I 106 37.46 36.04 -33.38
C VAL I 106 38.51 36.48 -32.40
N GLU I 107 38.10 36.84 -31.17
CA GLU I 107 39.03 37.30 -30.18
C GLU I 107 39.81 36.13 -29.68
N GLN I 108 39.14 34.98 -29.59
CA GLN I 108 39.88 33.83 -29.12
C GLN I 108 40.93 33.48 -30.15
N MET I 109 40.59 33.55 -31.44
CA MET I 109 41.61 33.20 -32.40
C MET I 109 42.71 34.24 -32.45
N HIS I 110 42.36 35.49 -32.19
CA HIS I 110 43.35 36.55 -32.18
C HIS I 110 44.42 36.22 -31.18
N GLU I 111 43.98 35.99 -29.95
CA GLU I 111 44.90 35.74 -28.87
C GLU I 111 45.63 34.43 -28.98
N ASP I 112 44.97 33.39 -29.47
CA ASP I 112 45.63 32.11 -29.50
C ASP I 112 46.72 32.06 -30.51
N ILE I 113 46.53 32.65 -31.67
CA ILE I 113 47.58 32.57 -32.64
C ILE I 113 48.77 33.34 -32.18
N ILE I 114 48.53 34.53 -31.64
CA ILE I 114 49.63 35.33 -31.20
C ILE I 114 50.38 34.67 -30.06
N SER I 115 49.66 34.15 -29.09
CA SER I 115 50.32 33.52 -27.97
C SER I 115 51.13 32.33 -28.39
N LEU I 116 50.58 31.45 -29.22
CA LEU I 116 51.29 30.26 -29.59
C LEU I 116 52.52 30.59 -30.39
N TRP I 117 52.39 31.58 -31.27
CA TRP I 117 53.49 32.01 -32.09
C TRP I 117 54.58 32.52 -31.19
N ASP I 118 54.23 33.36 -30.21
CA ASP I 118 55.25 33.89 -29.32
C ASP I 118 55.90 32.80 -28.49
N GLN I 119 55.13 31.81 -28.04
CA GLN I 119 55.70 30.76 -27.21
C GLN I 119 56.79 30.00 -27.94
N SER I 120 56.59 29.78 -29.23
CA SER I 120 57.53 29.02 -30.01
C SER I 120 58.85 29.73 -30.21
N LEU I 121 58.88 31.04 -29.97
CA LEU I 121 60.06 31.82 -30.21
C LEU I 121 60.85 32.08 -28.95
N LYS I 122 60.38 31.56 -27.82
CA LYS I 122 61.05 31.88 -26.57
C LYS I 122 62.52 31.43 -26.51
N PRO I 123 62.92 30.24 -27.02
CA PRO I 123 64.27 29.75 -26.97
C PRO I 123 65.13 30.18 -28.16
N CYS I 124 64.64 31.10 -28.98
CA CYS I 124 65.34 31.39 -30.22
C CYS I 124 66.43 32.45 -30.07
N VAL I 125 67.19 32.68 -31.15
CA VAL I 125 68.40 33.51 -31.05
C VAL I 125 68.28 34.99 -31.22
N LYS I 126 68.79 35.74 -30.24
CA LYS I 126 68.76 37.21 -30.34
C LYS I 126 69.77 37.67 -31.37
N LEU I 127 69.35 38.60 -32.21
CA LEU I 127 70.19 39.14 -33.25
C LEU I 127 70.73 40.52 -32.88
N THR I 128 70.57 40.87 -31.61
CA THR I 128 71.01 42.14 -31.09
C THR I 128 72.46 42.50 -31.44
N PRO I 129 73.47 41.63 -31.22
CA PRO I 129 74.86 41.94 -31.47
C PRO I 129 75.20 42.00 -32.94
N LEU I 130 74.27 41.62 -33.80
CA LEU I 130 74.56 41.57 -35.20
C LEU I 130 74.19 42.86 -35.88
N CYS I 131 73.60 43.75 -35.13
CA CYS I 131 73.16 45.03 -35.65
C CYS I 131 74.26 46.06 -35.57
N VAL I 132 75.43 45.67 -35.08
CA VAL I 132 76.47 46.64 -34.86
C VAL I 132 76.99 47.37 -36.09
N THR I 133 77.28 46.67 -37.17
CA THR I 133 77.77 47.38 -38.34
C THR I 133 77.62 46.59 -39.61
N LEU I 134 77.46 47.32 -40.72
CA LEU I 134 77.41 46.76 -42.06
C LEU I 134 78.05 47.71 -43.06
N ASN I 135 78.99 47.24 -43.86
CA ASN I 135 79.60 48.01 -44.94
C ASN I 135 79.09 47.46 -46.25
N CYS I 136 78.18 48.17 -46.88
CA CYS I 136 77.47 47.53 -47.98
C CYS I 136 77.71 48.12 -49.35
N THR I 137 77.67 47.21 -50.29
CA THR I 137 77.63 47.46 -51.71
C THR I 137 76.49 46.65 -52.26
N ASP I 138 76.27 46.74 -53.53
CA ASP I 138 75.19 45.99 -54.14
C ASP I 138 75.57 44.54 -54.35
N LEU I 139 74.59 43.66 -54.40
CA LEU I 139 74.84 42.29 -54.78
C LEU I 139 75.35 42.20 -56.21
N ARG I 140 76.44 41.45 -56.41
CA ARG I 140 77.05 41.29 -57.70
C ARG I 140 76.78 39.95 -58.35
N GLY I 161 69.36 47.55 -56.48
CA GLY I 161 69.97 47.13 -55.22
C GLY I 161 68.97 46.72 -54.13
N GLU I 162 68.17 45.69 -54.43
CA GLU I 162 67.21 45.13 -53.48
C GLU I 162 67.99 44.32 -52.47
N ILE I 163 69.06 43.70 -52.95
CA ILE I 163 69.93 42.89 -52.12
C ILE I 163 71.30 43.54 -52.07
N LYS I 164 71.76 43.73 -50.85
CA LYS I 164 73.05 44.31 -50.57
C LYS I 164 74.03 43.24 -50.11
N ASN I 165 75.27 43.42 -50.52
CA ASN I 165 76.37 42.58 -50.09
C ASN I 165 77.13 43.32 -49.01
N CYS I 166 76.92 42.92 -47.78
CA CYS I 166 77.50 43.70 -46.71
C CYS I 166 78.56 42.96 -45.96
N SER I 167 79.65 43.65 -45.67
CA SER I 167 80.68 43.08 -44.83
C SER I 167 80.44 43.58 -43.44
N PHE I 168 80.96 42.89 -42.46
CA PHE I 168 80.83 43.40 -41.11
C PHE I 168 81.88 42.95 -40.14
N ASN I 169 82.06 43.78 -39.13
CA ASN I 169 82.97 43.57 -38.03
C ASN I 169 82.27 43.01 -36.83
N ILE I 170 82.64 41.82 -36.44
CA ILE I 170 82.04 41.12 -35.32
C ILE I 170 82.93 41.41 -34.10
N THR I 171 82.27 41.86 -33.05
CA THR I 171 82.90 42.25 -31.79
C THR I 171 83.37 41.00 -31.12
N THR I 172 84.08 41.11 -29.99
CA THR I 172 84.64 39.91 -29.43
C THR I 172 83.63 38.78 -29.43
N SER I 173 84.05 37.73 -30.10
CA SER I 173 83.30 36.54 -30.39
C SER I 173 83.85 35.35 -29.68
N MET I 174 84.88 34.74 -30.26
CA MET I 174 85.45 33.53 -29.70
C MET I 174 86.36 33.84 -28.54
N ARG I 175 85.75 34.31 -27.46
CA ARG I 175 86.33 34.65 -26.17
C ARG I 175 87.30 35.83 -26.17
N ASP I 176 88.38 35.72 -26.92
CA ASP I 176 89.35 36.80 -26.98
C ASP I 176 89.68 37.17 -28.43
N LYS I 177 88.86 36.70 -29.35
CA LYS I 177 89.04 36.94 -30.77
C LYS I 177 87.95 37.82 -31.35
N VAL I 178 88.26 38.42 -32.49
CA VAL I 178 87.30 39.21 -33.25
C VAL I 178 87.31 38.64 -34.65
N GLN I 179 86.31 38.93 -35.44
CA GLN I 179 86.27 38.36 -36.78
C GLN I 179 85.52 39.24 -37.76
N LYS I 180 85.71 39.00 -39.03
CA LYS I 180 84.95 39.73 -40.02
C LYS I 180 84.26 38.74 -40.93
N GLU I 181 83.04 39.08 -41.34
CA GLU I 181 82.19 38.22 -42.16
C GLU I 181 81.45 39.07 -43.17
N TYR I 182 80.67 38.42 -44.03
CA TYR I 182 79.83 39.17 -44.93
C TYR I 182 78.57 38.35 -45.11
N ALA I 183 77.52 39.01 -45.56
CA ALA I 183 76.25 38.34 -45.80
C ALA I 183 75.38 39.14 -46.74
N LEU I 184 74.35 38.50 -47.27
CA LEU I 184 73.46 39.27 -48.11
C LEU I 184 72.25 39.74 -47.31
N PHE I 185 71.86 41.00 -47.55
CA PHE I 185 70.74 41.64 -46.85
C PHE I 185 69.72 42.25 -47.78
N TYR I 186 68.46 42.26 -47.37
CA TYR I 186 67.43 42.93 -48.16
C TYR I 186 67.31 44.39 -47.73
N LYS I 187 67.03 45.26 -48.70
CA LYS I 187 66.84 46.68 -48.44
C LYS I 187 65.62 46.97 -47.60
N LEU I 188 64.74 45.98 -47.47
CA LEU I 188 63.56 46.17 -46.67
C LEU I 188 63.83 45.88 -45.20
N ASP I 189 64.96 45.23 -44.89
CA ASP I 189 65.34 44.94 -43.52
C ASP I 189 66.34 45.94 -42.95
N VAL I 190 67.15 46.54 -43.82
CA VAL I 190 68.19 47.48 -43.36
C VAL I 190 68.11 48.85 -43.99
N VAL I 191 68.71 49.82 -43.31
CA VAL I 191 68.81 51.20 -43.77
C VAL I 191 70.19 51.79 -43.62
N PRO I 192 70.57 52.72 -44.49
CA PRO I 192 71.84 53.41 -44.50
C PRO I 192 71.95 54.44 -43.41
N ILE I 193 73.18 54.77 -43.12
CA ILE I 193 73.52 55.90 -42.28
C ILE I 193 73.62 57.12 -43.17
N LYS I 194 72.87 58.14 -42.82
CA LYS I 194 72.75 59.37 -43.62
C LYS I 194 74.06 60.04 -43.99
N ASN I 195 75.01 60.09 -43.08
CA ASN I 195 76.25 60.78 -43.38
C ASN I 195 77.35 59.89 -43.94
N ASP I 196 77.03 58.63 -44.21
CA ASP I 196 78.03 57.72 -44.78
C ASP I 196 77.62 57.30 -46.19
N ASN I 197 76.39 56.79 -46.28
CA ASN I 197 75.77 56.20 -47.48
C ASN I 197 76.43 54.90 -47.92
N THR I 198 77.33 54.36 -47.09
CA THR I 198 77.99 53.09 -47.32
C THR I 198 77.75 52.16 -46.16
N SER I 199 77.36 52.73 -45.03
CA SER I 199 77.19 51.94 -43.84
C SER I 199 75.72 51.82 -43.58
N TYR I 200 75.33 50.67 -43.05
CA TYR I 200 73.96 50.30 -42.77
C TYR I 200 73.72 49.73 -41.39
N ARG I 201 72.47 49.82 -40.94
CA ARG I 201 71.97 49.25 -39.70
C ARG I 201 70.63 48.60 -39.95
N LEU I 202 70.22 47.72 -39.06
CA LEU I 202 68.92 47.10 -39.21
C LEU I 202 67.87 48.09 -38.75
N ILE I 203 66.75 48.08 -39.41
CA ILE I 203 65.69 49.06 -39.17
C ILE I 203 65.12 49.12 -37.77
N SER I 204 64.87 47.99 -37.17
CA SER I 204 64.20 47.94 -35.89
C SER I 204 65.11 48.01 -34.67
N CYS I 205 66.41 48.15 -34.89
CA CYS I 205 67.35 48.08 -33.79
C CYS I 205 67.15 49.07 -32.68
N ASN I 206 66.68 50.27 -32.96
CA ASN I 206 66.59 51.21 -31.87
C ASN I 206 65.29 51.12 -31.10
N THR I 207 64.45 50.15 -31.41
CA THR I 207 63.23 49.97 -30.64
C THR I 207 63.20 48.67 -29.89
N SER I 208 63.57 47.56 -30.53
CA SER I 208 63.48 46.30 -29.81
C SER I 208 64.32 45.14 -30.32
N VAL I 209 64.15 44.02 -29.64
CA VAL I 209 64.84 42.78 -29.92
C VAL I 209 64.13 41.92 -30.94
N ILE I 210 64.94 41.45 -31.87
CA ILE I 210 64.50 40.56 -32.89
C ILE I 210 65.26 39.27 -32.77
N THR I 211 64.53 38.17 -32.85
CA THR I 211 65.22 36.90 -32.77
C THR I 211 65.06 36.14 -34.06
N GLN I 212 66.01 35.25 -34.33
CA GLN I 212 65.93 34.37 -35.48
C GLN I 212 65.24 33.12 -35.09
N ALA I 213 64.18 32.83 -35.81
CA ALA I 213 63.37 31.68 -35.46
C ALA I 213 64.25 30.47 -35.49
N CYS I 214 63.98 29.60 -34.56
CA CYS I 214 64.73 28.41 -34.41
C CYS I 214 64.56 27.69 -35.73
N PRO I 215 65.62 27.19 -36.40
CA PRO I 215 65.55 26.50 -37.68
C PRO I 215 64.48 25.42 -37.71
N LYS I 216 64.27 24.74 -36.59
CA LYS I 216 63.27 23.70 -36.55
C LYS I 216 61.89 24.30 -36.29
N VAL I 217 61.39 25.01 -37.28
CA VAL I 217 60.12 25.69 -37.15
C VAL I 217 59.26 25.57 -38.41
N SER I 218 57.95 25.52 -38.21
CA SER I 218 56.99 25.54 -39.29
C SER I 218 55.72 26.28 -38.95
N PHE I 219 55.24 27.01 -39.93
CA PHE I 219 54.01 27.76 -39.80
C PHE I 219 52.98 27.26 -40.78
N GLU I 220 53.12 26.02 -41.21
CA GLU I 220 52.15 25.50 -42.15
C GLU I 220 50.77 25.72 -41.55
N PRO I 221 49.85 26.35 -42.28
CA PRO I 221 48.53 26.69 -41.84
C PRO I 221 47.57 25.52 -41.82
N ILE I 222 47.78 24.64 -40.86
CA ILE I 222 46.96 23.44 -40.68
C ILE I 222 45.55 23.81 -40.20
N PRO I 223 44.48 23.27 -40.82
CA PRO I 223 43.09 23.54 -40.53
C PRO I 223 42.56 22.89 -39.27
N ILE I 224 42.95 23.47 -38.15
CA ILE I 224 42.55 23.04 -36.81
C ILE I 224 41.09 23.40 -36.52
N HIS I 225 40.35 22.46 -35.93
CA HIS I 225 38.94 22.63 -35.62
C HIS I 225 38.75 23.17 -34.23
N TYR I 226 37.69 23.94 -34.01
CA TYR I 226 37.40 24.41 -32.66
C TYR I 226 36.07 23.91 -32.18
N CYS I 227 36.13 23.28 -31.02
CA CYS I 227 35.01 22.57 -30.45
C CYS I 227 34.49 23.17 -29.16
N ALA I 228 33.19 23.04 -28.94
CA ALA I 228 32.57 23.50 -27.71
C ALA I 228 32.64 22.42 -26.63
N PRO I 229 32.80 22.82 -25.35
CA PRO I 229 32.77 21.99 -24.17
C PRO I 229 31.39 21.50 -23.85
N ALA I 230 31.29 20.44 -23.06
CA ALA I 230 29.98 19.95 -22.69
C ALA I 230 29.19 21.02 -21.99
N GLY I 231 27.90 21.10 -22.33
CA GLY I 231 26.98 22.08 -21.77
C GLY I 231 26.77 23.22 -22.75
N PHE I 232 27.62 23.25 -23.78
CA PHE I 232 27.58 24.26 -24.80
C PHE I 232 27.42 23.68 -26.18
N ALA I 233 26.92 24.50 -27.07
CA ALA I 233 26.75 24.09 -28.45
C ALA I 233 26.95 25.27 -29.36
N ILE I 234 27.25 24.95 -30.60
CA ILE I 234 27.46 25.97 -31.58
C ILE I 234 26.32 25.95 -32.57
N LEU I 235 25.71 27.09 -32.80
CA LEU I 235 24.66 27.09 -33.79
C LEU I 235 25.23 27.67 -35.07
N LYS I 236 24.91 27.02 -36.16
CA LYS I 236 25.40 27.43 -37.46
C LYS I 236 24.31 27.97 -38.32
N CYS I 237 24.61 29.05 -39.03
CA CYS I 237 23.68 29.56 -40.03
C CYS I 237 24.02 28.96 -41.38
N ASN I 238 23.06 28.23 -41.93
CA ASN I 238 23.24 27.52 -43.18
C ASN I 238 22.54 28.20 -44.33
N ASP I 239 22.12 29.42 -44.11
CA ASP I 239 21.45 30.19 -45.15
C ASP I 239 22.49 30.82 -46.05
N LYS I 240 22.54 30.33 -47.28
CA LYS I 240 23.56 30.70 -48.24
C LYS I 240 23.43 32.15 -48.69
N LYS I 241 22.29 32.76 -48.43
CA LYS I 241 22.06 34.13 -48.83
C LYS I 241 22.11 35.07 -47.64
N PHE I 242 22.47 34.56 -46.48
CA PHE I 242 22.51 35.37 -45.29
C PHE I 242 23.68 36.35 -45.27
N ASN I 243 23.39 37.60 -44.95
CA ASN I 243 24.39 38.64 -44.88
C ASN I 243 25.10 38.60 -43.53
N GLY I 244 25.86 39.62 -43.19
CA GLY I 244 26.62 39.51 -41.96
C GLY I 244 25.80 39.58 -40.66
N THR I 245 24.60 40.15 -40.70
CA THR I 245 23.82 40.26 -39.47
C THR I 245 22.35 39.91 -39.70
N GLY I 246 21.63 39.69 -38.61
CA GLY I 246 20.19 39.51 -38.69
C GLY I 246 19.81 38.06 -38.52
N PRO I 247 18.52 37.72 -38.67
CA PRO I 247 17.98 36.42 -38.46
C PRO I 247 18.39 35.43 -39.51
N CYS I 248 18.52 34.19 -39.12
CA CYS I 248 18.79 33.09 -40.00
C CYS I 248 17.87 31.95 -39.63
N THR I 249 17.14 31.41 -40.61
CA THR I 249 16.19 30.35 -40.34
C THR I 249 16.77 28.97 -40.57
N ASN I 250 17.71 28.84 -41.49
CA ASN I 250 18.27 27.51 -41.64
C ASN I 250 19.41 27.37 -40.67
N VAL I 251 19.09 26.86 -39.52
CA VAL I 251 20.01 26.75 -38.44
C VAL I 251 20.17 25.33 -38.02
N SER I 252 21.42 24.97 -37.73
CA SER I 252 21.72 23.62 -37.29
C SER I 252 22.64 23.63 -36.08
N THR I 253 22.55 22.55 -35.30
CA THR I 253 23.38 22.39 -34.14
C THR I 253 24.65 21.64 -34.48
N VAL I 254 25.76 22.25 -34.09
CA VAL I 254 27.12 21.83 -34.27
C VAL I 254 27.85 21.67 -32.94
N GLN I 255 28.53 20.54 -32.72
CA GLN I 255 29.29 20.48 -31.46
C GLN I 255 30.66 21.08 -31.68
N CYS I 256 31.16 20.89 -32.89
CA CYS I 256 32.48 21.35 -33.26
C CYS I 256 32.50 21.80 -34.71
N THR I 257 33.20 22.90 -34.97
CA THR I 257 33.28 23.49 -36.31
C THR I 257 34.26 22.76 -37.16
N HIS I 258 34.26 23.10 -38.44
CA HIS I 258 35.20 22.58 -39.37
C HIS I 258 36.55 23.20 -39.07
N GLY I 259 37.59 22.73 -39.75
CA GLY I 259 38.90 23.27 -39.49
C GLY I 259 39.11 24.55 -40.23
N ILE I 260 39.81 25.47 -39.60
CA ILE I 260 40.11 26.72 -40.26
C ILE I 260 41.60 26.93 -40.30
N ARG I 261 42.13 27.14 -41.48
CA ARG I 261 43.56 27.34 -41.59
C ARG I 261 43.95 28.72 -41.06
N PRO I 262 44.98 28.86 -40.20
CA PRO I 262 45.50 30.11 -39.68
C PRO I 262 46.36 30.78 -40.73
N VAL I 263 45.70 31.22 -41.77
CA VAL I 263 46.34 31.88 -42.88
C VAL I 263 46.65 33.31 -42.57
N VAL I 264 47.86 33.70 -42.88
CA VAL I 264 48.27 35.07 -42.68
C VAL I 264 48.53 35.70 -44.03
N SER I 265 47.82 36.77 -44.29
CA SER I 265 47.95 37.46 -45.54
C SER I 265 47.45 38.87 -45.45
N THR I 266 47.83 39.68 -46.41
CA THR I 266 47.19 40.97 -46.51
C THR I 266 46.72 41.13 -47.92
N GLN I 267 45.58 41.79 -48.05
CA GLN I 267 44.91 42.07 -49.31
C GLN I 267 44.44 40.80 -50.03
N LEU I 268 44.24 39.70 -49.31
CA LEU I 268 43.77 38.47 -49.94
C LEU I 268 43.18 37.39 -49.04
N LEU I 269 42.00 36.94 -49.41
CA LEU I 269 41.37 35.83 -48.73
C LEU I 269 41.65 34.63 -49.62
N LEU I 270 42.29 33.61 -49.07
CA LEU I 270 42.71 32.47 -49.86
C LEU I 270 42.59 31.10 -49.22
N ASN I 271 42.67 30.11 -50.09
CA ASN I 271 42.68 28.68 -49.79
C ASN I 271 41.45 28.20 -49.02
N GLY I 272 40.28 28.69 -49.39
CA GLY I 272 39.06 28.20 -48.76
C GLY I 272 37.84 29.11 -48.85
N SER I 273 36.70 28.54 -48.45
CA SER I 273 35.38 29.17 -48.36
C SER I 273 34.78 29.89 -49.56
N LEU I 274 34.69 29.22 -50.70
CA LEU I 274 34.06 29.82 -51.87
C LEU I 274 32.56 29.97 -51.68
N ALA I 275 32.03 31.01 -52.31
CA ALA I 275 30.64 31.45 -52.34
C ALA I 275 29.74 30.51 -53.14
N GLU I 276 28.44 30.59 -52.87
CA GLU I 276 27.45 29.71 -53.50
C GLU I 276 27.02 30.12 -54.91
N GLU I 277 27.92 29.89 -55.85
CA GLU I 277 27.77 30.15 -57.30
C GLU I 277 27.56 31.59 -57.73
N GLU I 278 27.82 32.52 -56.85
CA GLU I 278 27.76 33.93 -57.15
C GLU I 278 28.71 34.64 -56.25
N VAL I 279 29.09 35.85 -56.60
CA VAL I 279 29.93 36.60 -55.70
C VAL I 279 29.06 37.04 -54.55
N VAL I 280 29.54 36.84 -53.35
CA VAL I 280 28.80 37.22 -52.17
C VAL I 280 29.53 38.26 -51.39
N ILE I 281 28.88 39.36 -51.17
CA ILE I 281 29.55 40.44 -50.51
C ILE I 281 28.86 40.79 -49.21
N ARG I 282 29.65 40.88 -48.15
CA ARG I 282 29.09 41.25 -46.85
C ARG I 282 29.82 42.47 -46.31
N SER I 283 29.10 43.29 -45.60
CA SER I 283 29.66 44.47 -44.98
C SER I 283 28.83 44.82 -43.81
N ALA I 284 29.42 45.51 -42.87
CA ALA I 284 28.68 45.98 -41.72
C ALA I 284 27.61 46.96 -42.17
N ASN I 285 27.84 47.67 -43.29
CA ASN I 285 26.85 48.66 -43.72
C ASN I 285 26.75 48.88 -45.24
N PHE I 286 27.87 48.80 -45.98
CA PHE I 286 27.87 49.24 -47.39
C PHE I 286 27.43 50.69 -47.53
N THR I 287 27.58 51.46 -46.48
CA THR I 287 27.08 52.80 -46.46
C THR I 287 28.13 53.70 -45.88
N ASP I 288 28.42 53.48 -44.61
CA ASP I 288 29.41 54.20 -43.85
C ASP I 288 30.81 53.94 -44.38
N ASN I 289 31.56 55.01 -44.63
CA ASN I 289 32.90 54.92 -45.17
C ASN I 289 33.89 54.39 -44.15
N ALA I 290 33.45 54.32 -42.90
CA ALA I 290 34.24 53.79 -41.80
C ALA I 290 34.21 52.26 -41.76
N LYS I 291 33.37 51.64 -42.57
CA LYS I 291 33.23 50.19 -42.58
C LYS I 291 33.90 49.60 -43.80
N ILE I 292 34.12 48.29 -43.76
CA ILE I 292 34.78 47.61 -44.87
C ILE I 292 33.91 46.54 -45.50
N ILE I 293 34.31 46.16 -46.69
CA ILE I 293 33.61 45.14 -47.45
C ILE I 293 34.38 43.86 -47.64
N ILE I 294 33.73 42.74 -47.31
CA ILE I 294 34.30 41.42 -47.45
C ILE I 294 33.70 40.71 -48.67
N VAL I 295 34.54 40.30 -49.61
CA VAL I 295 34.06 39.69 -50.84
C VAL I 295 34.42 38.23 -51.00
N GLN I 296 33.40 37.37 -51.15
CA GLN I 296 33.60 35.94 -51.35
C GLN I 296 33.39 35.59 -52.83
N LEU I 297 34.27 34.79 -53.39
CA LEU I 297 34.13 34.43 -54.78
C LEU I 297 33.58 33.04 -54.86
N ASN I 298 32.81 32.74 -55.89
CA ASN I 298 32.30 31.39 -56.07
C ASN I 298 33.28 30.44 -56.74
N LYS I 299 34.28 30.99 -57.38
CA LYS I 299 35.28 30.21 -58.07
C LYS I 299 36.59 30.77 -57.61
N SER I 300 37.60 29.94 -57.41
CA SER I 300 38.88 30.51 -57.02
C SER I 300 39.67 30.93 -58.24
N VAL I 301 40.64 31.80 -58.01
CA VAL I 301 41.57 32.21 -59.07
C VAL I 301 42.94 31.69 -58.72
N GLU I 302 43.56 31.01 -59.67
CA GLU I 302 44.86 30.43 -59.40
C GLU I 302 46.00 31.43 -59.51
N ILE I 303 46.86 31.37 -58.51
CA ILE I 303 48.09 32.15 -58.43
C ILE I 303 49.32 31.28 -58.21
N ASN I 304 50.35 31.47 -59.03
CA ASN I 304 51.60 30.72 -58.93
C ASN I 304 52.78 31.62 -58.62
N CYS I 305 53.36 31.44 -57.45
CA CYS I 305 54.44 32.32 -56.98
C CYS I 305 55.78 31.63 -56.90
N THR I 306 56.82 32.40 -57.15
CA THR I 306 58.16 31.88 -57.05
C THR I 306 59.26 32.88 -56.77
N ARG I 307 60.34 32.37 -56.19
CA ARG I 307 61.59 33.09 -55.92
C ARG I 307 62.70 32.18 -56.46
N PRO I 308 62.96 32.16 -57.79
CA PRO I 308 63.81 31.19 -58.47
C PRO I 308 65.31 31.44 -58.29
N ASN I 309 65.75 31.45 -57.05
CA ASN I 309 67.13 31.66 -56.71
C ASN I 309 67.54 30.59 -55.77
N ASN I 310 68.45 29.74 -56.21
CA ASN I 310 68.80 28.62 -55.36
C ASN I 310 69.79 29.15 -54.35
N ASN I 311 69.28 29.57 -53.23
CA ASN I 311 70.17 30.21 -52.28
C ASN I 311 70.75 29.25 -51.28
N THR I 312 71.91 29.59 -50.75
CA THR I 312 72.40 28.83 -49.63
C THR I 312 72.48 29.73 -48.42
N ARG I 313 72.86 29.16 -47.30
CA ARG I 313 72.95 29.94 -46.08
C ARG I 313 74.21 29.60 -45.31
N LYS I 314 74.73 30.60 -44.64
CA LYS I 314 75.90 30.39 -43.82
C LYS I 314 75.58 30.41 -42.37
N SER I 315 76.15 29.48 -41.63
CA SER I 315 75.99 29.48 -40.19
C SER I 315 77.15 30.26 -39.60
N ILE I 316 76.85 31.38 -38.97
CA ILE I 316 77.88 32.21 -38.43
C ILE I 316 77.89 32.13 -36.94
N HIS I 317 79.04 31.77 -36.41
CA HIS I 317 79.22 31.65 -34.99
C HIS I 317 79.88 32.93 -34.54
N ILE I 318 79.27 33.54 -33.53
CA ILE I 318 79.70 34.84 -33.02
C ILE I 318 80.12 34.75 -31.58
N GLY I 319 80.42 33.56 -31.17
CA GLY I 319 80.92 33.22 -29.87
C GLY I 319 80.70 31.76 -29.69
N PRO I 320 81.41 31.09 -28.81
CA PRO I 320 81.23 29.70 -28.61
C PRO I 320 79.81 29.55 -28.08
N GLY I 321 79.03 28.63 -28.62
CA GLY I 321 77.70 28.38 -28.10
C GLY I 321 76.62 29.27 -28.71
N ARG I 322 76.99 30.22 -29.56
CA ARG I 322 75.98 31.06 -30.15
C ARG I 322 76.22 31.32 -31.64
N TRP I 323 75.15 31.16 -32.41
CA TRP I 323 75.24 31.32 -33.84
C TRP I 323 73.90 31.60 -34.47
N PHE I 324 73.94 32.03 -35.71
CA PHE I 324 72.73 32.31 -36.47
C PHE I 324 72.97 32.05 -37.94
N TYR I 325 71.91 31.94 -38.69
CA TYR I 325 72.06 31.75 -40.11
C TYR I 325 71.88 33.03 -40.89
N THR I 326 72.63 33.15 -41.97
CA THR I 326 72.45 34.31 -42.83
C THR I 326 72.49 33.92 -44.29
N THR I 327 71.87 34.74 -45.13
CA THR I 327 71.89 34.42 -46.55
C THR I 327 73.32 34.41 -47.07
N GLY I 328 73.64 33.30 -47.74
CA GLY I 328 74.95 33.06 -48.31
C GLY I 328 74.89 33.33 -49.78
N GLU I 329 75.73 32.67 -50.55
CA GLU I 329 75.78 32.91 -51.97
C GLU I 329 74.60 32.33 -52.71
N ILE I 330 74.33 32.91 -53.87
CA ILE I 330 73.28 32.46 -54.74
C ILE I 330 73.85 31.51 -55.77
N ILE I 331 73.20 30.37 -55.92
CA ILE I 331 73.60 29.40 -56.89
C ILE I 331 72.81 29.77 -58.12
N GLY I 332 73.50 30.16 -59.17
CA GLY I 332 72.86 30.65 -60.38
C GLY I 332 72.72 32.17 -60.35
N ASP I 333 71.91 32.68 -61.26
CA ASP I 333 71.74 34.11 -61.49
C ASP I 333 70.69 34.67 -60.54
N ILE I 334 70.45 35.97 -60.61
CA ILE I 334 69.41 36.57 -59.78
C ILE I 334 68.08 36.69 -60.51
N ARG I 335 67.08 36.01 -60.00
CA ARG I 335 65.76 36.04 -60.58
C ARG I 335 64.86 36.84 -59.66
N GLN I 336 63.94 37.57 -60.25
CA GLN I 336 63.02 38.37 -59.48
C GLN I 336 61.89 37.52 -58.95
N ALA I 337 61.53 37.73 -57.68
CA ALA I 337 60.38 37.02 -57.12
C ALA I 337 59.15 37.56 -57.83
N HIS I 338 58.22 36.68 -58.15
CA HIS I 338 57.03 37.12 -58.84
C HIS I 338 55.87 36.15 -58.71
N CYS I 339 54.67 36.64 -59.05
CA CYS I 339 53.49 35.77 -59.08
C CYS I 339 52.60 35.89 -60.30
N ASN I 340 52.25 34.74 -60.84
CA ASN I 340 51.41 34.56 -62.02
C ASN I 340 49.96 34.30 -61.70
N ILE I 341 49.12 35.24 -62.04
CA ILE I 341 47.71 35.18 -61.76
C ILE I 341 46.97 35.04 -63.07
N SER I 342 46.07 34.06 -63.19
CA SER I 342 45.41 34.02 -64.49
C SER I 342 44.64 35.33 -64.67
N GLY I 343 44.94 36.06 -65.74
CA GLY I 343 44.37 37.38 -65.97
C GLY I 343 42.93 37.27 -66.29
N THR I 344 42.65 36.40 -67.24
CA THR I 344 41.28 36.22 -67.64
C THR I 344 40.47 35.77 -66.44
N LYS I 345 40.95 34.79 -65.67
CA LYS I 345 40.11 34.37 -64.58
C LYS I 345 39.90 35.49 -63.57
N TRP I 346 40.95 36.25 -63.29
CA TRP I 346 40.86 37.35 -62.37
C TRP I 346 39.88 38.39 -62.80
N ASN I 347 40.04 38.90 -64.00
CA ASN I 347 39.21 39.94 -64.51
C ASN I 347 37.81 39.49 -64.88
N ASP I 348 37.63 38.23 -65.23
CA ASP I 348 36.30 37.76 -65.53
C ASP I 348 35.55 37.73 -64.22
N THR I 349 36.24 37.28 -63.18
CA THR I 349 35.68 37.24 -61.87
C THR I 349 35.43 38.64 -61.39
N LEU I 350 36.36 39.56 -61.63
CA LEU I 350 36.22 40.92 -61.18
C LEU I 350 35.02 41.54 -61.85
N LYS I 351 34.79 41.26 -63.13
CA LYS I 351 33.59 41.78 -63.76
C LYS I 351 32.37 41.30 -62.98
N GLN I 352 32.38 40.02 -62.60
CA GLN I 352 31.28 39.45 -61.82
C GLN I 352 31.19 40.08 -60.43
N ILE I 353 32.33 40.46 -59.85
CA ILE I 353 32.32 41.08 -58.55
C ILE I 353 31.60 42.39 -58.67
N VAL I 354 31.88 43.13 -59.74
CA VAL I 354 31.23 44.40 -59.96
C VAL I 354 29.74 44.16 -60.12
N VAL I 355 29.34 43.11 -60.82
CA VAL I 355 27.93 42.86 -60.97
C VAL I 355 27.26 42.77 -59.61
N LYS I 356 27.87 42.08 -58.67
CA LYS I 356 27.28 42.07 -57.34
C LYS I 356 27.45 43.42 -56.61
N LEU I 357 28.61 44.05 -56.74
CA LEU I 357 28.90 45.27 -55.99
C LEU I 357 27.99 46.44 -56.36
N LYS I 358 27.66 46.54 -57.64
CA LYS I 358 26.86 47.63 -58.18
C LYS I 358 25.45 47.63 -57.58
N GLU I 359 25.03 46.51 -56.98
CA GLU I 359 23.70 46.48 -56.40
C GLU I 359 23.60 47.50 -55.29
N GLN I 360 24.69 47.74 -54.57
CA GLN I 360 24.67 48.70 -53.48
C GLN I 360 25.24 50.03 -53.92
N PHE I 361 26.16 50.02 -54.90
CA PHE I 361 26.84 51.26 -55.26
C PHE I 361 26.50 51.94 -56.60
N GLY I 362 25.60 51.40 -57.43
CA GLY I 362 25.23 52.07 -58.67
C GLY I 362 25.71 51.34 -59.91
N ASN I 363 24.83 51.24 -60.90
CA ASN I 363 25.08 50.48 -62.12
C ASN I 363 26.17 50.99 -63.06
N LYS I 364 26.44 52.28 -63.05
CA LYS I 364 27.48 52.82 -63.93
C LYS I 364 28.65 53.33 -63.11
N THR I 365 28.66 52.96 -61.84
CA THR I 365 29.67 53.41 -60.93
C THR I 365 31.03 52.79 -61.20
N ILE I 366 32.05 53.63 -61.24
CA ILE I 366 33.40 53.18 -61.45
C ILE I 366 33.99 52.78 -60.12
N VAL I 367 34.43 51.54 -60.09
CA VAL I 367 34.95 50.86 -58.95
C VAL I 367 36.32 50.19 -59.24
N PHE I 368 37.04 49.81 -58.18
CA PHE I 368 38.32 49.07 -58.24
C PHE I 368 39.55 49.71 -58.86
N ASN I 369 40.15 50.64 -58.14
CA ASN I 369 41.36 51.30 -58.62
C ASN I 369 42.59 50.69 -57.94
N HIS I 370 43.75 51.20 -58.30
CA HIS I 370 45.04 50.73 -57.84
C HIS I 370 45.27 50.89 -56.36
N SER I 371 46.08 50.00 -55.80
CA SER I 371 46.42 50.08 -54.39
C SER I 371 47.03 51.41 -54.01
N SER I 372 46.58 51.96 -52.89
CA SER I 372 47.07 53.22 -52.37
C SER I 372 46.77 53.38 -50.89
N GLY I 373 47.70 53.97 -50.17
CA GLY I 373 47.50 54.30 -48.75
C GLY I 373 48.25 53.37 -47.81
N GLY I 374 48.91 53.96 -46.82
CA GLY I 374 49.68 53.19 -45.84
C GLY I 374 51.12 53.00 -46.26
N ASP I 375 51.88 52.30 -45.43
CA ASP I 375 53.29 52.10 -45.70
C ASP I 375 53.36 50.89 -46.65
N PRO I 376 54.54 50.44 -47.11
CA PRO I 376 54.69 49.36 -48.05
C PRO I 376 54.05 48.03 -47.62
N GLU I 377 53.83 47.77 -46.32
CA GLU I 377 53.24 46.50 -45.93
C GLU I 377 51.73 46.56 -45.95
N ILE I 378 51.22 47.75 -46.24
CA ILE I 378 49.82 47.99 -46.33
C ILE I 378 49.47 48.03 -47.80
N VAL I 379 50.31 48.76 -48.55
CA VAL I 379 50.15 48.99 -49.97
C VAL I 379 50.43 47.73 -50.79
N MET I 380 51.52 47.00 -50.45
CA MET I 380 51.84 45.75 -51.13
C MET I 380 51.08 44.59 -50.50
N HIS I 381 50.77 43.63 -51.34
CA HIS I 381 50.12 42.37 -51.02
C HIS I 381 51.11 41.44 -50.38
N SER I 382 50.72 40.66 -49.37
CA SER I 382 51.76 39.79 -48.85
C SER I 382 51.33 38.44 -48.34
N PHE I 383 52.31 37.55 -48.43
CA PHE I 383 52.22 36.15 -48.03
C PHE I 383 53.56 35.45 -47.80
N ASN I 384 53.53 34.33 -47.08
CA ASN I 384 54.67 33.45 -46.81
C ASN I 384 54.84 32.27 -47.81
N CYS I 385 55.27 32.52 -49.04
CA CYS I 385 55.30 31.46 -50.04
C CYS I 385 56.40 30.47 -49.75
N GLY I 386 56.01 29.26 -49.35
CA GLY I 386 57.03 28.30 -48.97
C GLY I 386 57.66 28.72 -47.65
N GLY I 387 57.00 29.65 -46.96
CA GLY I 387 57.53 30.22 -45.74
C GLY I 387 58.29 31.54 -46.01
N GLU I 388 58.52 31.88 -47.29
CA GLU I 388 59.25 33.11 -47.63
C GLU I 388 58.31 34.29 -47.77
N PHE I 389 58.74 35.44 -47.32
CA PHE I 389 57.84 36.58 -47.34
C PHE I 389 57.96 37.54 -48.50
N PHE I 390 56.89 37.49 -49.30
CA PHE I 390 56.71 38.23 -50.53
C PHE I 390 55.83 39.41 -50.33
N TYR I 391 56.26 40.53 -50.90
CA TYR I 391 55.49 41.75 -50.90
C TYR I 391 55.28 42.16 -52.34
N CYS I 392 54.08 42.02 -52.85
CA CYS I 392 53.85 42.22 -54.26
C CYS I 392 53.11 43.51 -54.54
N ASN I 393 53.45 44.17 -55.63
CA ASN I 393 52.81 45.48 -55.87
C ASN I 393 51.29 45.41 -56.02
N SER I 394 50.81 44.37 -56.68
CA SER I 394 49.40 44.15 -56.93
C SER I 394 48.68 45.35 -57.51
N THR I 395 49.30 46.05 -58.44
CA THR I 395 48.65 47.18 -59.05
C THR I 395 48.11 46.82 -60.40
N GLN I 396 48.67 45.77 -61.02
CA GLN I 396 48.26 45.34 -62.35
C GLN I 396 46.83 44.83 -62.31
N LEU I 397 46.49 44.22 -61.19
CA LEU I 397 45.20 43.63 -60.96
C LEU I 397 44.12 44.68 -60.95
N PHE I 398 44.53 45.89 -60.61
CA PHE I 398 43.67 47.03 -60.48
C PHE I 398 44.19 48.17 -61.33
N ASN I 399 44.77 47.88 -62.50
CA ASN I 399 45.31 48.96 -63.33
C ASN I 399 44.25 49.49 -64.27
N SER I 400 43.05 48.98 -64.11
CA SER I 400 41.91 49.37 -64.88
C SER I 400 40.69 49.24 -63.99
N THR I 401 39.98 50.34 -63.84
CA THR I 401 38.78 50.43 -63.04
C THR I 401 37.63 49.94 -63.86
N ILE I 412 48.39 37.90 -65.69
CA ILE I 412 48.89 39.02 -64.92
C ILE I 412 50.07 38.57 -64.05
N VAL I 413 51.24 39.17 -64.25
CA VAL I 413 52.36 38.74 -63.43
C VAL I 413 52.92 39.90 -62.65
N LEU I 414 52.93 39.76 -61.34
CA LEU I 414 53.43 40.84 -60.50
C LEU I 414 54.80 40.56 -59.97
N PRO I 415 55.65 41.59 -59.84
CA PRO I 415 56.93 41.53 -59.17
C PRO I 415 56.66 41.51 -57.69
N CYS I 416 57.52 40.85 -56.96
CA CYS I 416 57.44 40.81 -55.53
C CYS I 416 58.79 41.10 -54.88
N ARG I 417 58.78 41.71 -53.71
CA ARG I 417 59.98 41.98 -52.96
C ARG I 417 60.08 41.02 -51.79
N ILE I 418 61.29 40.81 -51.30
CA ILE I 418 61.48 39.90 -50.18
C ILE I 418 61.99 40.59 -48.92
N LYS I 419 61.37 40.26 -47.79
CA LYS I 419 61.78 40.81 -46.48
C LYS I 419 61.86 39.72 -45.42
N GLN I 420 62.89 39.71 -44.58
CA GLN I 420 62.99 38.69 -43.52
C GLN I 420 62.52 39.13 -42.12
N ILE I 421 62.40 40.42 -41.83
CA ILE I 421 61.90 40.76 -40.50
C ILE I 421 60.39 40.86 -40.56
N VAL I 422 59.72 40.05 -39.76
CA VAL I 422 58.27 39.96 -39.78
C VAL I 422 57.59 40.07 -38.42
N ASN I 423 56.30 40.41 -38.47
CA ASN I 423 55.44 40.50 -37.30
C ASN I 423 54.33 39.48 -37.35
N MET I 424 53.77 39.11 -36.20
CA MET I 424 52.57 38.30 -36.22
C MET I 424 51.44 39.26 -36.45
N TRP I 425 51.25 39.63 -37.71
CA TRP I 425 50.31 40.65 -38.19
C TRP I 425 50.81 42.05 -37.83
N GLN I 426 51.14 42.24 -36.57
CA GLN I 426 51.68 43.48 -36.03
C GLN I 426 52.04 43.31 -34.57
N GLU I 427 53.31 43.47 -34.29
CA GLU I 427 53.88 43.37 -32.96
C GLU I 427 54.10 44.71 -32.35
N VAL I 428 54.25 44.72 -31.04
CA VAL I 428 54.59 45.96 -30.41
C VAL I 428 56.08 45.94 -30.08
N GLY I 429 56.84 46.73 -30.82
CA GLY I 429 58.28 46.83 -30.63
C GLY I 429 59.10 45.69 -31.24
N LYS I 430 58.90 44.49 -30.70
CA LYS I 430 59.63 43.26 -31.04
C LYS I 430 59.29 42.74 -32.42
N ALA I 431 60.13 41.87 -32.95
CA ALA I 431 59.83 41.22 -34.23
C ALA I 431 60.58 39.91 -34.36
N MET I 432 60.17 39.10 -35.30
CA MET I 432 60.82 37.83 -35.58
C MET I 432 61.57 37.91 -36.89
N TYR I 433 62.71 37.26 -36.96
CA TYR I 433 63.45 37.20 -38.18
C TYR I 433 63.34 35.85 -38.80
N ALA I 434 62.94 35.84 -40.05
CA ALA I 434 62.77 34.64 -40.81
C ALA I 434 64.14 34.16 -41.27
N PRO I 435 64.63 32.99 -40.83
CA PRO I 435 65.92 32.45 -41.15
C PRO I 435 65.96 32.32 -42.65
N PRO I 436 67.14 32.38 -43.26
CA PRO I 436 67.31 32.23 -44.68
C PRO I 436 66.87 30.84 -45.07
N ILE I 437 66.28 30.76 -46.25
CA ILE I 437 65.79 29.52 -46.79
C ILE I 437 66.68 29.02 -47.89
N LYS I 438 67.15 27.80 -47.74
CA LYS I 438 68.00 27.16 -48.73
C LYS I 438 67.17 26.69 -49.91
N GLY I 439 67.67 26.90 -51.11
CA GLY I 439 67.00 26.47 -52.33
C GLY I 439 66.04 27.52 -52.84
N GLN I 440 65.16 27.11 -53.76
CA GLN I 440 64.24 28.03 -54.42
C GLN I 440 62.87 27.98 -53.79
N ILE I 441 62.09 29.02 -54.00
CA ILE I 441 60.72 29.03 -53.51
C ILE I 441 59.72 28.82 -54.62
N ARG I 442 58.82 27.88 -54.40
CA ARG I 442 57.73 27.65 -55.32
C ARG I 442 56.48 27.35 -54.51
N CYS I 443 55.37 27.97 -54.87
CA CYS I 443 54.09 27.66 -54.23
C CYS I 443 52.97 28.13 -55.14
N SER I 444 51.76 27.77 -54.82
CA SER I 444 50.63 28.27 -55.56
C SER I 444 49.48 28.31 -54.60
N SER I 445 48.46 29.06 -54.94
CA SER I 445 47.32 29.13 -54.07
C SER I 445 46.01 29.50 -54.76
N ASN I 446 44.95 29.37 -53.99
CA ASN I 446 43.58 29.66 -54.42
C ASN I 446 43.06 30.99 -53.93
N ILE I 447 42.88 31.94 -54.82
CA ILE I 447 42.34 33.22 -54.40
C ILE I 447 40.87 33.04 -54.23
N THR I 448 40.33 33.27 -53.02
CA THR I 448 38.92 33.04 -52.80
C THR I 448 38.15 34.30 -52.41
N GLY I 449 38.86 35.41 -52.14
CA GLY I 449 38.17 36.64 -51.80
C GLY I 449 39.04 37.88 -51.59
N LEU I 450 38.34 38.99 -51.40
CA LEU I 450 38.91 40.33 -51.23
C LEU I 450 38.41 41.10 -50.02
N ILE I 451 39.23 42.03 -49.55
CA ILE I 451 38.75 43.02 -48.59
C ILE I 451 38.92 44.38 -49.21
N LEU I 452 37.83 45.15 -49.22
CA LEU I 452 37.87 46.46 -49.84
C LEU I 452 37.72 47.66 -48.94
N ILE I 453 38.45 48.68 -49.36
CA ILE I 453 38.57 50.02 -48.81
C ILE I 453 37.73 51.02 -49.59
N ARG I 454 36.90 51.77 -48.87
CA ARG I 454 36.05 52.83 -49.45
C ARG I 454 36.92 54.05 -49.76
N ASP I 455 36.55 54.86 -50.75
CA ASP I 455 37.33 56.06 -51.09
C ASP I 455 36.90 57.34 -50.37
N GLU I 465 32.80 55.56 -57.20
CA GLU I 465 32.88 54.88 -55.91
C GLU I 465 34.08 53.96 -56.00
N ILE I 466 35.25 54.52 -55.85
CA ILE I 466 36.43 53.71 -55.95
C ILE I 466 36.71 52.88 -54.75
N PHE I 467 37.00 51.65 -55.05
CA PHE I 467 37.38 50.72 -54.03
C PHE I 467 38.81 50.37 -54.28
N ARG I 468 39.52 50.14 -53.20
CA ARG I 468 40.90 49.68 -53.27
C ARG I 468 41.05 48.48 -52.35
N PRO I 469 41.97 47.54 -52.63
CA PRO I 469 42.23 46.38 -51.81
C PRO I 469 42.95 46.68 -50.51
N GLY I 470 42.69 45.86 -49.49
CA GLY I 470 43.43 45.93 -48.23
C GLY I 470 42.62 46.44 -47.06
N GLY I 471 43.30 46.63 -45.93
CA GLY I 471 42.65 47.08 -44.70
C GLY I 471 42.38 45.93 -43.73
N GLY I 472 42.20 46.29 -42.46
CA GLY I 472 41.91 45.32 -41.41
C GLY I 472 43.13 44.62 -40.84
N ASP I 473 42.86 43.66 -39.96
CA ASP I 473 43.90 42.88 -39.31
C ASP I 473 43.48 41.43 -39.25
N MET I 474 44.09 40.66 -38.37
CA MET I 474 43.83 39.24 -38.35
C MET I 474 42.41 38.92 -38.01
N ARG I 475 41.75 39.81 -37.27
CA ARG I 475 40.40 39.53 -36.87
C ARG I 475 39.44 39.73 -37.98
N ASP I 476 39.85 40.42 -39.02
CA ASP I 476 38.91 40.62 -40.09
C ASP I 476 39.00 39.39 -40.95
N ASN I 477 40.20 38.84 -41.02
CA ASN I 477 40.35 37.62 -41.79
C ASN I 477 39.76 36.45 -41.01
N TRP I 478 39.88 36.44 -39.70
CA TRP I 478 39.27 35.36 -38.94
C TRP I 478 37.76 35.46 -39.03
N ARG I 479 37.23 36.68 -38.90
CA ARG I 479 35.80 36.92 -38.93
C ARG I 479 35.19 36.46 -40.23
N SER I 480 35.95 36.60 -41.32
CA SER I 480 35.47 36.26 -42.65
C SER I 480 35.12 34.77 -42.75
N GLU I 481 35.57 33.97 -41.79
CA GLU I 481 35.24 32.56 -41.75
C GLU I 481 34.26 32.25 -40.61
N LEU I 482 34.48 32.91 -39.48
CA LEU I 482 33.75 32.63 -38.25
C LEU I 482 32.32 33.08 -38.27
N TYR I 483 31.97 33.94 -39.22
CA TYR I 483 30.64 34.48 -39.41
C TYR I 483 29.54 33.43 -39.47
N LYS I 484 29.90 32.19 -39.79
CA LYS I 484 28.90 31.15 -39.87
C LYS I 484 28.36 30.68 -38.52
N TYR I 485 29.09 30.93 -37.43
CA TYR I 485 28.70 30.34 -36.15
C TYR I 485 28.53 31.25 -34.93
N LYS I 486 27.69 30.81 -33.99
CA LYS I 486 27.58 31.48 -32.70
C LYS I 486 27.51 30.45 -31.55
N VAL I 487 27.95 30.83 -30.36
CA VAL I 487 27.92 29.91 -29.21
C VAL I 487 26.78 30.14 -28.25
N VAL I 488 26.12 29.05 -27.86
CA VAL I 488 25.04 29.13 -26.88
C VAL I 488 25.28 28.14 -25.74
N LYS I 489 24.63 28.40 -24.60
CA LYS I 489 24.69 27.55 -23.43
C LYS I 489 23.35 26.88 -23.21
N ILE I 490 23.39 25.59 -22.95
CA ILE I 490 22.17 24.83 -22.75
C ILE I 490 21.65 25.06 -21.35
N GLU I 491 20.35 25.33 -21.24
CA GLU I 491 19.67 25.60 -19.96
C GLU I 491 18.51 24.62 -19.74
N PRO I 492 18.79 23.37 -19.37
CA PRO I 492 17.84 22.27 -19.32
C PRO I 492 16.86 22.23 -18.16
N LEU I 493 17.06 23.06 -17.15
CA LEU I 493 16.20 22.95 -16.00
C LEU I 493 15.18 24.07 -15.94
N GLY I 494 13.90 23.69 -15.83
CA GLY I 494 12.85 24.69 -15.74
C GLY I 494 11.60 24.11 -15.11
N ILE I 495 10.57 24.94 -15.00
CA ILE I 495 9.31 24.56 -14.37
C ILE I 495 8.13 24.93 -15.23
N ALA I 496 6.99 24.33 -14.95
CA ALA I 496 5.76 24.71 -15.61
C ALA I 496 4.59 24.27 -14.73
N PRO I 497 3.43 24.93 -14.83
CA PRO I 497 2.22 24.53 -14.17
C PRO I 497 1.64 23.26 -14.77
N THR I 498 1.13 22.39 -13.91
CA THR I 498 0.46 21.15 -14.26
C THR I 498 -0.84 20.94 -13.55
N LYS I 499 -1.57 19.91 -13.91
CA LYS I 499 -2.82 19.67 -13.18
C LYS I 499 -2.55 18.74 -12.00
N CYS I 500 -1.37 18.16 -11.99
CA CYS I 500 -0.95 17.21 -10.97
C CYS I 500 -0.28 17.76 -9.73
N LYS I 501 -0.89 17.51 -8.58
CA LYS I 501 -0.34 17.92 -7.31
C LYS I 501 0.59 16.84 -6.79
N ARG I 502 1.61 17.24 -6.04
CA ARG I 502 2.43 16.28 -5.35
C ARG I 502 1.64 15.47 -4.32
N ARG I 503 1.89 14.17 -4.28
CA ARG I 503 1.27 13.30 -3.30
C ARG I 503 2.26 13.04 -2.19
N VAL I 504 1.76 12.89 -0.97
CA VAL I 504 2.62 12.60 0.16
C VAL I 504 2.05 11.44 0.98
N ALA J 1 -4.12 8.60 -40.13
CA ALA J 1 -4.44 8.13 -38.81
C ALA J 1 -3.63 6.88 -38.54
N VAL J 2 -2.86 6.53 -39.53
CA VAL J 2 -2.02 5.36 -39.45
C VAL J 2 -0.79 5.80 -38.69
N GLY J 3 -0.50 5.08 -37.60
CA GLY J 3 0.55 5.42 -36.63
C GLY J 3 1.98 5.25 -37.10
N ILE J 4 2.38 6.09 -38.03
CA ILE J 4 3.71 6.07 -38.56
C ILE J 4 4.54 7.17 -37.92
N GLY J 5 5.57 6.80 -37.18
CA GLY J 5 6.36 7.79 -36.48
C GLY J 5 7.23 7.11 -35.46
N ALA J 6 7.48 7.77 -34.33
CA ALA J 6 8.39 7.26 -33.29
C ALA J 6 9.80 7.14 -33.86
N VAL J 7 10.29 8.29 -34.26
CA VAL J 7 11.58 8.49 -34.89
C VAL J 7 12.43 9.46 -34.07
N PHE J 8 13.73 9.48 -34.35
CA PHE J 8 14.67 10.28 -33.59
C PHE J 8 15.45 11.34 -34.36
N LEU J 9 15.29 12.58 -33.93
CA LEU J 9 15.98 13.69 -34.57
C LEU J 9 17.32 14.05 -33.96
N GLY J 10 17.34 14.20 -32.65
CA GLY J 10 18.50 14.66 -31.91
C GLY J 10 18.30 16.15 -31.65
N PHE J 11 18.84 16.65 -30.56
CA PHE J 11 18.76 18.05 -30.15
C PHE J 11 17.34 18.58 -29.85
N LEU J 12 16.42 18.50 -30.82
CA LEU J 12 15.02 18.88 -30.63
C LEU J 12 14.82 20.26 -30.05
N GLY J 13 15.26 21.30 -30.70
CA GLY J 13 15.14 22.60 -30.04
C GLY J 13 13.67 22.96 -29.78
N ALA J 14 13.40 23.66 -28.66
CA ALA J 14 12.03 24.01 -28.22
C ALA J 14 11.40 25.11 -29.02
N ALA J 15 11.18 24.80 -30.27
CA ALA J 15 10.57 25.66 -31.23
C ALA J 15 9.88 24.74 -32.16
N GLY J 16 10.49 23.56 -32.32
CA GLY J 16 10.03 22.56 -33.30
C GLY J 16 8.76 21.88 -32.84
N SER J 17 8.49 21.96 -31.54
CA SER J 17 7.33 21.34 -30.97
C SER J 17 6.94 22.05 -29.68
N THR J 18 5.70 21.84 -29.26
CA THR J 18 5.13 22.48 -28.09
C THR J 18 5.72 21.93 -26.84
N MET J 19 5.48 22.60 -25.72
CA MET J 19 6.03 22.15 -24.46
C MET J 19 5.60 20.73 -24.16
N GLY J 20 4.34 20.43 -24.45
CA GLY J 20 3.85 19.09 -24.20
C GLY J 20 4.65 18.11 -25.03
N ALA J 21 4.73 18.35 -26.33
CA ALA J 21 5.45 17.44 -27.21
C ALA J 21 6.94 17.35 -26.88
N ALA J 22 7.51 18.47 -26.50
CA ALA J 22 8.92 18.58 -26.20
C ALA J 22 9.29 17.71 -25.01
N SER J 23 8.35 17.54 -24.08
CA SER J 23 8.59 16.77 -22.86
C SER J 23 8.84 15.30 -23.17
N MET J 24 8.59 14.87 -24.40
CA MET J 24 8.77 13.48 -24.76
C MET J 24 10.22 13.14 -25.04
N THR J 25 11.12 14.13 -24.99
CA THR J 25 12.54 13.89 -25.24
C THR J 25 13.44 14.46 -24.15
N LEU J 26 13.09 14.27 -22.87
CA LEU J 26 13.88 14.83 -21.80
C LEU J 26 15.14 14.01 -21.63
N THR J 27 15.06 12.72 -21.97
CA THR J 27 16.23 11.86 -21.88
C THR J 27 17.19 12.18 -23.00
N VAL J 28 16.68 12.78 -24.06
CA VAL J 28 17.55 13.13 -25.17
C VAL J 28 18.41 14.25 -24.72
N GLN J 29 17.79 15.26 -24.11
CA GLN J 29 18.61 16.35 -23.68
C GLN J 29 19.52 15.90 -22.58
N ALA J 30 19.05 15.05 -21.68
CA ALA J 30 19.92 14.66 -20.61
C ALA J 30 21.13 13.94 -21.15
N ARG J 31 20.94 13.09 -22.13
CA ARG J 31 22.05 12.37 -22.70
C ARG J 31 23.08 13.32 -23.29
N GLN J 32 22.58 14.41 -23.89
CA GLN J 32 23.42 15.42 -24.51
C GLN J 32 24.13 16.27 -23.46
N THR J 58 51.13 24.15 -20.89
CA THR J 58 50.96 25.50 -21.39
C THR J 58 49.47 25.84 -21.49
N VAL J 59 49.16 26.84 -22.31
CA VAL J 59 47.82 27.38 -22.46
C VAL J 59 46.80 26.32 -22.82
N TRP J 60 47.22 25.29 -23.53
CA TRP J 60 46.30 24.25 -23.89
C TRP J 60 45.79 23.55 -22.65
N GLY J 61 46.66 23.40 -21.65
CA GLY J 61 46.32 22.72 -20.42
C GLY J 61 45.30 23.54 -19.71
N ILE J 62 45.47 24.85 -19.77
CA ILE J 62 44.56 25.74 -19.12
C ILE J 62 43.21 25.60 -19.75
N LYS J 63 43.17 25.58 -21.07
CA LYS J 63 41.88 25.45 -21.70
C LYS J 63 41.21 24.11 -21.43
N GLN J 64 42.00 23.02 -21.42
CA GLN J 64 41.42 21.71 -21.17
C GLN J 64 40.85 21.70 -19.77
N LEU J 65 41.57 22.32 -18.87
CA LEU J 65 41.17 22.38 -17.51
C LEU J 65 39.92 23.19 -17.32
N GLN J 66 39.89 24.39 -17.88
CA GLN J 66 38.76 25.22 -17.61
C GLN J 66 37.54 24.63 -18.24
N ALA J 67 37.69 24.00 -19.40
CA ALA J 67 36.56 23.41 -20.06
C ALA J 67 35.95 22.32 -19.22
N ARG J 68 36.80 21.50 -18.60
CA ARG J 68 36.29 20.44 -17.77
C ARG J 68 35.69 20.99 -16.51
N VAL J 69 36.27 22.05 -15.96
CA VAL J 69 35.71 22.61 -14.76
C VAL J 69 34.34 23.16 -15.04
N LEU J 70 34.16 23.87 -16.14
CA LEU J 70 32.86 24.44 -16.43
C LEU J 70 31.83 23.37 -16.61
N ALA J 71 32.20 22.27 -17.26
CA ALA J 71 31.23 21.21 -17.47
C ALA J 71 30.77 20.65 -16.14
N VAL J 72 31.70 20.51 -15.21
CA VAL J 72 31.36 20.01 -13.89
C VAL J 72 30.45 20.98 -13.18
N GLU J 73 30.78 22.25 -13.24
CA GLU J 73 29.97 23.23 -12.56
C GLU J 73 28.56 23.25 -13.07
N ARG J 74 28.37 23.15 -14.39
CA ARG J 74 27.01 23.19 -14.87
C ARG J 74 26.25 21.97 -14.43
N TYR J 75 26.89 20.82 -14.50
CA TYR J 75 26.24 19.61 -14.11
C TYR J 75 25.80 19.67 -12.68
N LEU J 76 26.72 20.05 -11.80
CA LEU J 76 26.38 20.06 -10.42
C LEU J 76 25.32 21.08 -10.11
N LYS J 77 25.33 22.25 -10.72
CA LYS J 77 24.30 23.21 -10.34
C LYS J 77 22.91 22.66 -10.53
N ASP J 78 22.68 21.93 -11.62
CA ASP J 78 21.35 21.38 -11.81
C ASP J 78 21.07 20.29 -10.79
N GLN J 79 22.09 19.50 -10.49
CA GLN J 79 21.89 18.42 -9.55
C GLN J 79 21.67 18.93 -8.15
N GLN J 80 22.29 20.05 -7.81
CA GLN J 80 22.14 20.62 -6.49
C GLN J 80 20.72 21.07 -6.25
N LEU J 81 20.12 21.67 -7.29
CA LEU J 81 18.74 22.09 -7.16
C LEU J 81 17.78 20.91 -7.11
N LEU J 82 18.03 19.91 -7.94
CA LEU J 82 17.17 18.75 -7.94
C LEU J 82 17.33 18.02 -6.63
N GLY J 83 18.55 18.03 -6.11
CA GLY J 83 18.83 17.39 -4.84
C GLY J 83 18.03 17.99 -3.70
N ILE J 84 18.14 19.32 -3.51
CA ILE J 84 17.45 19.99 -2.41
C ILE J 84 15.93 19.90 -2.53
N TRP J 85 15.41 19.84 -3.76
CA TRP J 85 13.99 19.71 -4.00
C TRP J 85 13.49 18.28 -3.84
N GLY J 86 14.38 17.30 -3.74
CA GLY J 86 13.96 15.92 -3.67
C GLY J 86 13.53 15.40 -5.05
N CYS J 87 14.07 16.00 -6.11
CA CYS J 87 13.73 15.65 -7.48
C CYS J 87 14.90 14.99 -8.20
N SER J 88 15.86 14.53 -7.43
CA SER J 88 16.99 13.87 -8.01
C SER J 88 16.53 12.55 -8.58
N GLY J 89 16.98 12.24 -9.78
CA GLY J 89 16.62 10.98 -10.42
C GLY J 89 15.29 11.07 -11.17
N LYS J 90 14.65 12.23 -11.15
CA LYS J 90 13.39 12.36 -11.82
C LYS J 90 13.49 13.27 -13.01
N LEU J 91 12.93 12.85 -14.14
CA LEU J 91 12.89 13.73 -15.30
C LEU J 91 11.85 14.80 -15.02
N ILE J 92 10.78 14.36 -14.35
CA ILE J 92 9.68 15.22 -13.99
C ILE J 92 9.31 15.02 -12.52
N CYS J 93 9.19 16.10 -11.75
CA CYS J 93 8.74 15.90 -10.36
C CYS J 93 7.72 16.97 -9.99
N CYS J 94 6.70 16.58 -9.25
CA CYS J 94 5.69 17.54 -8.83
C CYS J 94 5.96 18.01 -7.44
N THR J 95 5.63 19.26 -7.19
CA THR J 95 5.86 19.86 -5.90
C THR J 95 4.56 20.13 -5.15
N ALA J 96 4.72 20.55 -3.90
CA ALA J 96 3.63 20.91 -3.00
C ALA J 96 3.16 22.36 -3.18
N VAL J 97 3.79 23.10 -4.08
CA VAL J 97 3.48 24.50 -4.26
C VAL J 97 2.54 24.71 -5.44
N PRO J 98 1.39 25.38 -5.25
CA PRO J 98 0.41 25.69 -6.27
C PRO J 98 0.94 26.76 -7.16
N TRP J 99 0.46 26.76 -8.38
CA TRP J 99 0.77 27.80 -9.32
C TRP J 99 0.00 29.05 -8.98
N ASN J 100 0.69 30.18 -9.01
CA ASN J 100 0.05 31.46 -8.79
C ASN J 100 -0.16 32.13 -10.14
N THR J 101 -1.39 32.56 -10.39
CA THR J 101 -1.74 33.17 -11.66
C THR J 101 -1.09 34.52 -11.88
N SER J 102 -0.52 35.07 -10.82
CA SER J 102 0.21 36.32 -10.93
C SER J 102 1.53 36.08 -11.64
N TRP J 103 1.98 34.82 -11.69
CA TRP J 103 3.22 34.51 -12.36
C TRP J 103 2.85 34.36 -13.82
N SER J 104 1.74 33.67 -14.03
CA SER J 104 1.14 33.46 -15.33
C SER J 104 -0.29 33.09 -15.23
N ASN J 105 -1.13 33.82 -15.94
CA ASN J 105 -2.55 33.58 -15.91
C ASN J 105 -3.05 32.87 -17.15
N LYS J 106 -2.15 32.18 -17.86
CA LYS J 106 -2.56 31.41 -19.02
C LYS J 106 -3.07 30.05 -18.57
N SER J 107 -4.00 29.49 -19.34
CA SER J 107 -4.55 28.18 -19.05
C SER J 107 -3.57 27.08 -19.38
N TYR J 108 -3.85 25.88 -18.88
CA TYR J 108 -2.99 24.75 -19.13
C TYR J 108 -2.79 24.57 -20.63
N ASN J 109 -3.90 24.58 -21.39
CA ASN J 109 -3.85 24.45 -22.84
C ASN J 109 -3.02 25.53 -23.52
N GLN J 110 -3.21 26.77 -23.09
CA GLN J 110 -2.48 27.86 -23.69
C GLN J 110 -0.98 27.70 -23.50
N ILE J 111 -0.56 27.13 -22.37
CA ILE J 111 0.84 26.96 -22.10
C ILE J 111 1.41 25.72 -22.78
N TRP J 112 0.77 24.58 -22.57
CA TRP J 112 1.30 23.32 -23.03
C TRP J 112 1.11 22.93 -24.49
N ASN J 113 0.02 23.39 -25.11
CA ASN J 113 -0.29 22.98 -26.45
C ASN J 113 -0.09 24.06 -27.50
N ASN J 114 -0.01 25.31 -27.07
CA ASN J 114 0.09 26.40 -28.02
C ASN J 114 1.39 27.17 -27.93
N MET J 115 2.32 26.66 -27.13
CA MET J 115 3.61 27.31 -26.94
C MET J 115 4.70 26.29 -26.81
N THR J 116 5.92 26.71 -27.13
CA THR J 116 7.08 25.86 -26.97
C THR J 116 7.80 26.39 -25.73
N TRP J 117 8.74 25.59 -25.19
CA TRP J 117 9.46 26.04 -24.00
C TRP J 117 10.30 27.28 -24.23
N MET J 118 10.88 27.46 -25.43
CA MET J 118 11.75 28.60 -25.58
C MET J 118 11.06 29.93 -25.36
N GLU J 119 9.82 30.03 -25.83
CA GLU J 119 9.09 31.25 -25.67
C GLU J 119 8.47 31.36 -24.31
N TRP J 120 7.89 30.27 -23.86
CA TRP J 120 7.17 30.31 -22.62
C TRP J 120 8.02 30.59 -21.39
N GLU J 121 9.17 29.95 -21.26
CA GLU J 121 9.93 30.15 -20.04
C GLU J 121 10.35 31.58 -19.83
N ARG J 122 10.62 32.28 -20.91
CA ARG J 122 11.06 33.65 -20.84
C ARG J 122 10.04 34.57 -20.17
N GLU J 123 8.79 34.16 -20.13
CA GLU J 123 7.75 34.98 -19.54
C GLU J 123 7.75 34.96 -18.02
N ILE J 124 8.34 33.93 -17.41
CA ILE J 124 8.35 33.80 -15.97
C ILE J 124 9.76 33.74 -15.44
N ASP J 125 10.68 34.24 -16.23
CA ASP J 125 12.10 34.15 -15.89
C ASP J 125 12.36 34.86 -14.56
N ASN J 126 11.61 35.91 -14.31
CA ASN J 126 11.75 36.72 -13.12
C ASN J 126 11.15 36.11 -11.86
N TYR J 127 10.52 34.95 -11.97
CA TYR J 127 9.97 34.30 -10.81
C TYR J 127 10.77 33.07 -10.47
N THR J 128 11.89 32.87 -11.15
CA THR J 128 12.63 31.66 -10.93
C THR J 128 13.09 31.48 -9.49
N SER J 129 13.66 32.53 -8.88
CA SER J 129 14.16 32.37 -7.53
C SER J 129 13.05 32.26 -6.53
N LEU J 130 11.92 32.87 -6.85
CA LEU J 130 10.78 32.80 -5.98
C LEU J 130 10.27 31.42 -5.87
N ILE J 131 10.06 30.82 -7.01
CA ILE J 131 9.45 29.54 -7.02
C ILE J 131 10.40 28.53 -6.47
N TYR J 132 11.67 28.60 -6.88
CA TYR J 132 12.66 27.67 -6.41
C TYR J 132 12.72 27.69 -4.90
N THR J 133 12.63 28.88 -4.30
CA THR J 133 12.65 28.96 -2.85
C THR J 133 11.39 28.32 -2.26
N LEU J 134 10.23 28.60 -2.84
CA LEU J 134 9.01 28.07 -2.26
C LEU J 134 8.99 26.56 -2.27
N ILE J 135 9.46 25.97 -3.35
CA ILE J 135 9.45 24.51 -3.45
C ILE J 135 10.49 23.84 -2.54
N GLU J 136 11.34 24.62 -1.87
CA GLU J 136 12.29 24.06 -0.93
C GLU J 136 11.72 24.08 0.48
N ASP J 137 11.37 25.27 0.96
CA ASP J 137 10.92 25.38 2.35
C ASP J 137 9.50 24.96 2.59
N SER J 138 8.60 25.25 1.64
CA SER J 138 7.19 24.97 1.86
C SER J 138 6.94 23.52 1.60
N GLN J 139 7.92 22.88 1.01
CA GLN J 139 7.79 21.49 0.72
C GLN J 139 8.71 20.63 1.53
N ASN J 140 10.01 20.71 1.35
CA ASN J 140 10.81 19.70 2.01
C ASN J 140 11.12 20.02 3.43
N GLN J 141 11.33 21.28 3.78
CA GLN J 141 11.63 21.45 5.18
C GLN J 141 10.37 21.09 5.96
N GLN J 142 9.22 21.58 5.48
CA GLN J 142 8.00 21.29 6.20
C GLN J 142 7.56 19.84 6.15
N GLU J 143 7.67 19.21 4.98
CA GLU J 143 7.22 17.83 4.83
C GLU J 143 8.07 16.92 5.63
N LYS J 144 9.38 17.14 5.63
CA LYS J 144 10.25 16.24 6.31
C LYS J 144 10.10 16.39 7.80
N ASN J 145 9.82 17.59 8.31
CA ASN J 145 9.68 17.66 9.75
C ASN J 145 8.40 16.98 10.16
N GLU J 146 7.34 17.11 9.37
CA GLU J 146 6.10 16.47 9.75
C GLU J 146 6.25 14.97 9.73
N GLN J 147 6.94 14.45 8.70
CA GLN J 147 7.06 13.02 8.63
C GLN J 147 8.01 12.50 9.68
N GLU J 148 9.09 13.23 9.99
CA GLU J 148 9.97 12.68 11.00
C GLU J 148 9.21 12.50 12.28
N LEU J 149 8.39 13.47 12.66
CA LEU J 149 7.68 13.35 13.91
C LEU J 149 6.70 12.19 13.88
N LEU J 150 6.02 11.98 12.76
CA LEU J 150 5.07 10.89 12.66
C LEU J 150 5.77 9.55 12.78
N GLU J 151 7.00 9.48 12.32
CA GLU J 151 7.75 8.25 12.34
C GLU J 151 8.35 7.93 13.73
N LEU J 152 8.20 8.83 14.71
CA LEU J 152 8.73 8.52 16.05
C LEU J 152 7.67 7.75 16.82
N ASP J 153 6.49 7.59 16.23
CA ASP J 153 5.40 6.85 16.83
C ASP J 153 5.31 5.48 16.13
N GLU K 2 16.33 19.68 -47.67
CA GLU K 2 15.97 18.30 -47.39
C GLU K 2 15.51 17.65 -48.68
N VAL K 3 16.31 16.74 -49.21
CA VAL K 3 15.95 16.10 -50.46
C VAL K 3 16.09 14.60 -50.35
N LEU K 4 15.44 13.89 -51.25
CA LEU K 4 15.56 12.45 -51.28
C LEU K 4 16.21 11.99 -52.54
N VAL K 5 17.28 11.23 -52.40
CA VAL K 5 17.99 10.78 -53.58
C VAL K 5 17.98 9.28 -53.77
N GLN K 6 17.40 8.86 -54.87
CA GLN K 6 17.29 7.45 -55.19
C GLN K 6 18.35 7.00 -56.16
N SER K 7 18.58 5.69 -56.15
CA SER K 7 19.53 5.02 -57.04
C SER K 7 19.06 5.00 -58.49
N GLY K 8 19.61 4.11 -59.30
CA GLY K 8 19.29 4.08 -60.71
C GLY K 8 18.18 3.11 -61.08
N ALA K 9 18.00 2.96 -62.40
CA ALA K 9 16.99 2.08 -62.98
C ALA K 9 17.51 0.67 -63.14
N GLU K 10 16.59 -0.29 -63.22
CA GLU K 10 16.92 -1.71 -63.41
C GLU K 10 16.03 -2.44 -64.41
N VAL K 11 16.59 -3.48 -65.03
CA VAL K 11 15.81 -4.34 -65.91
C VAL K 11 15.94 -5.76 -65.40
N LYS K 12 14.80 -6.37 -65.12
CA LYS K 12 14.75 -7.68 -64.54
C LYS K 12 13.84 -8.62 -65.30
N LYS K 13 14.10 -9.91 -65.23
CA LYS K 13 13.17 -10.84 -65.83
C LYS K 13 12.18 -11.30 -64.78
N PRO K 14 10.97 -11.74 -65.14
CA PRO K 14 10.03 -12.24 -64.19
C PRO K 14 10.66 -13.34 -63.34
N GLY K 15 10.37 -13.30 -62.04
CA GLY K 15 10.88 -14.22 -61.03
C GLY K 15 12.05 -13.61 -60.26
N ALA K 16 12.57 -12.50 -60.78
CA ALA K 16 13.69 -11.74 -60.24
C ALA K 16 13.31 -10.83 -59.08
N SER K 17 14.33 -10.15 -58.54
CA SER K 17 14.13 -9.18 -57.48
C SER K 17 14.93 -7.91 -57.76
N VAL K 18 14.44 -6.80 -57.21
CA VAL K 18 15.10 -5.50 -57.37
C VAL K 18 15.23 -4.78 -56.03
N LYS K 19 16.31 -4.02 -55.84
CA LYS K 19 16.46 -3.25 -54.62
C LYS K 19 16.72 -1.78 -54.95
N VAL K 20 15.85 -0.91 -54.44
CA VAL K 20 15.92 0.52 -54.70
C VAL K 20 16.26 1.32 -53.46
N SER K 21 17.38 2.02 -53.48
CA SER K 21 17.80 2.81 -52.33
C SER K 21 17.25 4.23 -52.39
N CYS K 22 17.28 4.90 -51.23
CA CYS K 22 16.91 6.30 -51.08
C CYS K 22 17.66 6.98 -49.92
N ARG K 23 18.57 7.90 -50.25
CA ARG K 23 19.44 8.58 -49.30
C ARG K 23 18.86 9.86 -48.69
N ALA K 24 18.98 9.98 -47.37
CA ALA K 24 18.49 11.12 -46.62
C ALA K 24 19.39 12.33 -46.64
N PHE K 25 19.43 13.01 -47.76
CA PHE K 25 20.26 14.20 -47.81
C PHE K 25 19.59 15.43 -47.18
N GLY K 26 20.33 16.14 -46.36
CA GLY K 26 19.87 17.41 -45.78
C GLY K 26 19.01 17.28 -44.52
N TYR K 27 18.78 16.06 -44.04
CA TYR K 27 17.94 15.90 -42.84
C TYR K 27 18.36 14.67 -42.07
N THR K 28 17.93 14.58 -40.82
CA THR K 28 18.31 13.40 -40.06
C THR K 28 17.56 12.18 -40.58
N PHE K 29 18.32 11.16 -40.94
CA PHE K 29 17.78 9.93 -41.50
C PHE K 29 16.78 9.29 -40.61
N THR K 30 17.12 9.22 -39.34
CA THR K 30 16.35 8.55 -38.33
C THR K 30 15.26 9.40 -37.75
N GLY K 31 15.12 10.65 -38.21
CA GLY K 31 14.14 11.58 -37.64
C GLY K 31 12.82 11.69 -38.38
N ASN K 32 12.63 10.92 -39.43
CA ASN K 32 11.41 10.99 -40.23
C ASN K 32 11.19 9.70 -41.03
N ALA K 33 10.08 9.01 -40.77
CA ALA K 33 9.77 7.72 -41.41
C ALA K 33 9.61 7.85 -42.95
N LEU K 34 10.05 6.82 -43.69
CA LEU K 34 9.97 6.89 -45.16
C LEU K 34 8.92 5.95 -45.78
N HIS K 35 8.19 6.45 -46.76
CA HIS K 35 7.20 5.69 -47.53
C HIS K 35 7.74 5.27 -48.88
N TRP K 36 7.20 4.17 -49.38
CA TRP K 36 7.48 3.74 -50.71
C TRP K 36 6.17 3.62 -51.49
N VAL K 37 6.18 4.26 -52.65
CA VAL K 37 5.04 4.36 -53.57
C VAL K 37 5.46 3.98 -55.00
N ARG K 38 4.65 3.21 -55.69
CA ARG K 38 4.96 2.82 -57.06
C ARG K 38 3.95 3.29 -58.10
N GLN K 39 4.44 3.58 -59.31
CA GLN K 39 3.52 3.92 -60.37
C GLN K 39 3.84 3.23 -61.69
N ALA K 40 3.12 2.16 -61.98
CA ALA K 40 3.27 1.36 -63.20
C ALA K 40 2.75 2.20 -64.36
N PRO K 41 3.19 2.01 -65.61
CA PRO K 41 2.72 2.78 -66.72
C PRO K 41 1.20 2.72 -66.80
N GLY K 42 0.58 3.87 -66.96
CA GLY K 42 -0.87 3.98 -67.08
C GLY K 42 -1.60 3.95 -65.74
N GLN K 43 -0.85 3.82 -64.65
CA GLN K 43 -1.44 3.70 -63.32
C GLN K 43 -1.33 4.94 -62.47
N GLY K 44 -2.15 4.94 -61.43
CA GLY K 44 -2.16 5.97 -60.41
C GLY K 44 -1.11 5.57 -59.39
N LEU K 45 -1.16 6.13 -58.20
CA LEU K 45 -0.12 5.86 -57.23
C LEU K 45 -0.46 4.71 -56.24
N GLU K 46 0.39 3.68 -56.27
CA GLU K 46 0.23 2.48 -55.48
C GLU K 46 1.11 2.47 -54.24
N TRP K 47 0.53 2.33 -53.08
CA TRP K 47 1.34 2.33 -51.89
C TRP K 47 1.90 0.93 -51.64
N LEU K 48 3.19 0.83 -51.32
CA LEU K 48 3.79 -0.46 -51.02
C LEU K 48 4.02 -0.64 -49.54
N GLY K 49 4.37 0.43 -48.87
CA GLY K 49 4.67 0.34 -47.45
C GLY K 49 5.56 1.47 -46.97
N TRP K 50 6.01 1.36 -45.73
CA TRP K 50 6.89 2.38 -45.17
C TRP K 50 7.84 1.72 -44.17
N ILE K 51 8.98 2.39 -43.92
CA ILE K 51 9.95 1.97 -42.91
C ILE K 51 10.43 3.06 -41.97
N ASN K 52 10.53 2.72 -40.69
CA ASN K 52 11.04 3.58 -39.67
C ASN K 52 12.56 3.47 -39.67
N PRO K 53 13.30 4.49 -40.08
CA PRO K 53 14.74 4.50 -40.21
C PRO K 53 15.45 4.38 -38.87
N HIS K 54 14.73 4.66 -37.79
CA HIS K 54 15.28 4.62 -36.46
C HIS K 54 15.19 3.22 -35.90
N SER K 55 13.97 2.69 -35.84
CA SER K 55 13.69 1.39 -35.25
C SER K 55 13.71 0.20 -36.20
N GLY K 56 13.52 0.43 -37.49
CA GLY K 56 13.42 -0.63 -38.48
C GLY K 56 11.99 -1.15 -38.68
N ASP K 57 11.02 -0.58 -37.96
CA ASP K 57 9.61 -0.97 -38.05
C ASP K 57 9.02 -0.70 -39.43
N THR K 58 8.22 -1.64 -39.94
CA THR K 58 7.58 -1.44 -41.24
C THR K 58 6.11 -1.79 -41.26
N THR K 59 5.42 -1.26 -42.26
CA THR K 59 4.05 -1.67 -42.57
C THR K 59 4.01 -1.82 -44.07
N THR K 60 3.37 -2.85 -44.56
CA THR K 60 3.23 -3.01 -46.00
C THR K 60 1.80 -3.27 -46.42
N SER K 61 1.55 -3.03 -47.70
CA SER K 61 0.25 -3.34 -48.28
C SER K 61 0.02 -4.83 -48.29
N GLN K 62 -1.22 -5.23 -48.11
CA GLN K 62 -1.61 -6.63 -48.09
C GLN K 62 -1.24 -7.30 -49.39
N LYS K 63 -1.29 -6.55 -50.48
CA LYS K 63 -0.98 -7.03 -51.81
C LYS K 63 0.40 -7.67 -51.90
N PHE K 64 1.32 -7.17 -51.09
CA PHE K 64 2.69 -7.61 -51.16
C PHE K 64 3.14 -8.36 -49.93
N GLN K 65 2.24 -8.97 -49.19
CA GLN K 65 2.79 -9.65 -48.03
C GLN K 65 3.71 -10.76 -48.48
N GLY K 66 4.93 -10.74 -47.95
CA GLY K 66 5.95 -11.73 -48.27
C GLY K 66 6.70 -11.42 -49.57
N ARG K 67 6.30 -10.35 -50.25
CA ARG K 67 6.87 -9.94 -51.53
C ARG K 67 7.62 -8.61 -51.44
N VAL K 68 7.08 -7.65 -50.71
CA VAL K 68 7.76 -6.37 -50.56
C VAL K 68 8.25 -6.19 -49.15
N TYR K 69 9.53 -5.89 -49.07
CA TYR K 69 10.23 -5.72 -47.82
C TYR K 69 10.93 -4.38 -47.78
N MET K 70 11.12 -3.83 -46.59
CA MET K 70 11.89 -2.61 -46.50
C MET K 70 12.97 -2.79 -45.47
N THR K 71 14.12 -2.23 -45.77
CA THR K 71 15.22 -2.26 -44.82
C THR K 71 15.89 -0.92 -44.73
N ARG K 72 16.85 -0.82 -43.82
CA ARG K 72 17.58 0.43 -43.67
C ARG K 72 18.98 0.24 -43.11
N ASP K 73 19.84 1.19 -43.41
CA ASP K 73 21.16 1.24 -42.81
C ASP K 73 21.50 2.68 -42.49
N LYS K 74 21.35 3.01 -41.22
CA LYS K 74 21.51 4.37 -40.75
C LYS K 74 22.93 4.87 -40.85
N SER K 75 23.91 3.98 -40.97
CA SER K 75 25.30 4.44 -41.01
C SER K 75 25.60 5.19 -42.29
N ILE K 76 24.74 5.02 -43.29
CA ILE K 76 24.88 5.68 -44.57
C ILE K 76 23.63 6.48 -44.87
N ASN K 77 22.81 6.69 -43.84
CA ASN K 77 21.58 7.43 -43.98
C ASN K 77 20.72 6.94 -45.13
N THR K 78 20.64 5.63 -45.33
CA THR K 78 19.91 5.16 -46.50
C THR K 78 18.87 4.09 -46.20
N ALA K 79 17.71 4.29 -46.79
CA ALA K 79 16.61 3.35 -46.70
C ALA K 79 16.52 2.57 -48.00
N PHE K 80 15.99 1.36 -47.93
CA PHE K 80 15.87 0.57 -49.14
C PHE K 80 14.54 -0.14 -49.31
N LEU K 81 14.13 -0.22 -50.56
CA LEU K 81 12.96 -0.98 -50.95
C LEU K 81 13.39 -2.27 -51.63
N ASP K 82 13.01 -3.40 -51.06
CA ASP K 82 13.41 -4.71 -51.56
C ASP K 82 12.18 -5.49 -52.10
N VAL K 83 12.10 -5.62 -53.42
CA VAL K 83 10.91 -6.22 -54.04
C VAL K 83 11.23 -7.52 -54.79
N THR K 84 10.56 -8.61 -54.40
CA THR K 84 10.79 -9.91 -55.03
C THR K 84 9.59 -10.39 -55.85
N ARG K 85 9.76 -11.57 -56.46
CA ARG K 85 8.76 -12.19 -57.32
C ARG K 85 8.30 -11.24 -58.40
N LEU K 86 9.24 -10.59 -59.05
CA LEU K 86 8.86 -9.64 -60.05
C LEU K 86 8.14 -10.27 -61.20
N THR K 87 7.11 -9.59 -61.65
CA THR K 87 6.33 -9.94 -62.82
C THR K 87 6.13 -8.74 -63.72
N SER K 88 5.46 -8.92 -64.84
CA SER K 88 5.31 -7.80 -65.78
C SER K 88 4.53 -6.61 -65.21
N ASP K 89 3.71 -6.87 -64.19
CA ASP K 89 2.91 -5.84 -63.52
C ASP K 89 3.79 -4.96 -62.63
N ASP K 90 5.05 -5.36 -62.46
CA ASP K 90 5.98 -4.64 -61.62
C ASP K 90 6.79 -3.62 -62.41
N THR K 91 6.49 -3.49 -63.71
CA THR K 91 7.15 -2.43 -64.45
C THR K 91 6.59 -1.13 -63.89
N GLY K 92 7.46 -0.18 -63.56
CA GLY K 92 6.97 1.08 -63.03
C GLY K 92 8.01 1.92 -62.36
N ILE K 93 7.57 3.08 -61.86
CA ILE K 93 8.47 3.97 -61.16
C ILE K 93 8.34 3.77 -59.66
N TYR K 94 9.46 3.52 -59.02
CA TYR K 94 9.54 3.27 -57.59
C TYR K 94 10.04 4.52 -56.89
N TYR K 95 9.19 5.13 -56.07
CA TYR K 95 9.52 6.39 -55.42
C TYR K 95 9.65 6.27 -53.92
N CYS K 96 10.55 7.08 -53.36
CA CYS K 96 10.60 7.18 -51.91
C CYS K 96 9.98 8.51 -51.50
N ALA K 97 9.33 8.55 -50.33
CA ALA K 97 8.71 9.81 -49.91
C ALA K 97 8.58 10.01 -48.39
N ARG K 98 8.52 11.27 -47.98
CA ARG K 98 8.35 11.57 -46.56
C ARG K 98 7.12 12.37 -46.25
N ASP K 99 6.53 12.00 -45.12
CA ASP K 99 5.35 12.61 -44.55
C ASP K 99 5.74 13.54 -43.41
N LYS K 100 4.74 14.17 -42.81
CA LYS K 100 4.98 15.08 -41.72
C LYS K 100 4.91 14.32 -40.44
N TYR K 101 4.07 13.29 -40.44
CA TYR K 101 3.91 12.46 -39.26
C TYR K 101 3.64 13.28 -38.03
N TYR K 102 2.78 14.27 -38.12
CA TYR K 102 2.58 15.07 -36.95
C TYR K 102 1.83 14.18 -36.00
N GLY K 103 2.29 14.07 -34.77
CA GLY K 103 1.60 13.23 -33.80
C GLY K 103 1.85 11.76 -34.10
N ASN K 104 2.85 11.49 -34.94
CA ASN K 104 3.19 10.16 -35.43
C ASN K 104 2.07 9.54 -36.26
N GLU K 105 1.27 10.36 -36.96
CA GLU K 105 0.27 9.80 -37.86
C GLU K 105 0.42 10.41 -39.23
N ALA K 106 0.16 9.63 -40.27
CA ALA K 106 0.27 10.17 -41.64
C ALA K 106 -0.66 11.40 -41.84
N VAL K 107 -0.09 12.45 -42.47
CA VAL K 107 -0.71 13.74 -42.76
C VAL K 107 -0.87 13.99 -44.27
N GLY K 108 0.22 13.69 -44.97
CA GLY K 108 0.43 13.85 -46.41
C GLY K 108 1.93 14.01 -46.68
N MET K 109 2.39 13.58 -47.86
CA MET K 109 3.82 13.61 -48.16
C MET K 109 4.31 14.71 -49.08
N ASP K 110 5.13 15.62 -48.56
CA ASP K 110 5.64 16.70 -49.37
C ASP K 110 7.06 16.50 -49.88
N VAL K 111 7.78 15.48 -49.41
CA VAL K 111 9.14 15.35 -49.92
C VAL K 111 9.25 14.05 -50.67
N TRP K 112 9.61 14.14 -51.93
CA TRP K 112 9.71 12.96 -52.77
C TRP K 112 11.05 12.80 -53.43
N GLY K 113 11.46 11.55 -53.63
CA GLY K 113 12.67 11.27 -54.38
C GLY K 113 12.31 11.39 -55.82
N GLN K 114 13.27 11.22 -56.70
CA GLN K 114 12.95 11.38 -58.10
C GLN K 114 12.26 10.18 -58.72
N GLY K 115 12.36 9.01 -58.07
CA GLY K 115 11.81 7.80 -58.59
C GLY K 115 12.79 7.06 -59.48
N THR K 116 12.77 5.75 -59.46
CA THR K 116 13.64 5.00 -60.36
C THR K 116 12.75 4.09 -61.15
N SER K 117 13.18 3.64 -62.32
CA SER K 117 12.30 2.73 -63.02
C SER K 117 12.81 1.32 -62.96
N VAL K 118 11.87 0.39 -62.95
CA VAL K 118 12.23 -1.00 -63.05
C VAL K 118 11.39 -1.57 -64.19
N THR K 119 12.05 -2.27 -65.09
CA THR K 119 11.37 -2.90 -66.22
C THR K 119 11.33 -4.39 -65.99
N VAL K 120 10.15 -5.01 -66.15
CA VAL K 120 10.07 -6.45 -65.95
C VAL K 120 9.29 -7.12 -67.08
N ILE L 1 -8.45 4.36 -50.41
CA ILE L 1 -9.27 3.44 -49.63
C ILE L 1 -10.72 3.54 -50.07
N GLN L 2 -11.09 2.69 -51.03
CA GLN L 2 -12.45 2.63 -51.59
C GLN L 2 -12.93 4.00 -52.10
N LEU L 3 -12.04 4.65 -52.84
CA LEU L 3 -12.24 5.97 -53.42
C LEU L 3 -12.69 6.06 -54.88
N THR L 4 -13.72 6.88 -55.10
CA THR L 4 -14.25 7.23 -56.40
C THR L 4 -13.89 8.68 -56.73
N GLN L 5 -13.35 8.90 -57.91
CA GLN L 5 -12.94 10.24 -58.33
C GLN L 5 -13.69 10.77 -59.54
N SER L 6 -13.64 12.09 -59.67
CA SER L 6 -14.21 12.81 -60.80
C SER L 6 -13.71 12.24 -62.13
N PRO L 7 -14.45 12.37 -63.24
CA PRO L 7 -14.05 11.90 -64.54
C PRO L 7 -12.70 12.50 -64.79
N SER L 8 -11.82 11.76 -65.43
CA SER L 8 -10.48 12.26 -65.62
C SER L 8 -10.33 13.44 -66.55
N PHE L 9 -11.20 13.64 -67.53
CA PHE L 9 -10.99 14.75 -68.48
C PHE L 9 -11.57 16.08 -68.02
N LEU L 10 -10.94 16.69 -67.03
CA LEU L 10 -11.46 17.89 -66.42
C LEU L 10 -10.96 19.12 -67.15
N SER L 11 -11.54 19.35 -68.31
CA SER L 11 -11.10 20.46 -69.16
C SER L 11 -11.39 21.82 -68.56
N ALA L 12 -10.42 22.72 -68.69
CA ALA L 12 -10.53 24.08 -68.19
C ALA L 12 -9.59 25.04 -68.94
N SER L 13 -9.92 26.33 -68.93
CA SER L 13 -9.05 27.33 -69.53
C SER L 13 -8.21 28.01 -68.46
N VAL L 14 -7.24 28.80 -68.87
CA VAL L 14 -6.45 29.50 -67.88
C VAL L 14 -7.26 30.63 -67.26
N GLY L 15 -7.24 30.66 -65.94
CA GLY L 15 -7.97 31.61 -65.10
C GLY L 15 -9.35 31.05 -64.75
N ASP L 16 -9.65 29.85 -65.24
CA ASP L 16 -10.94 29.23 -65.02
C ASP L 16 -11.00 28.51 -63.68
N LYS L 17 -12.16 27.92 -63.40
CA LYS L 17 -12.34 27.20 -62.15
C LYS L 17 -12.53 25.73 -62.41
N VAL L 18 -11.61 24.94 -61.88
CA VAL L 18 -11.70 23.51 -62.08
C VAL L 18 -11.65 22.82 -60.75
N THR L 19 -12.48 21.81 -60.57
CA THR L 19 -12.46 21.10 -59.32
C THR L 19 -12.25 19.64 -59.52
N ILE L 20 -11.64 19.02 -58.51
CA ILE L 20 -11.40 17.60 -58.45
C ILE L 20 -12.14 17.01 -57.25
N THR L 21 -12.97 16.00 -57.49
CA THR L 21 -13.70 15.39 -56.38
C THR L 21 -13.15 14.03 -56.02
N CYS L 22 -12.98 13.85 -54.71
CA CYS L 22 -12.57 12.58 -54.10
C CYS L 22 -13.58 12.12 -53.06
N ARG L 23 -14.41 11.14 -53.43
CA ARG L 23 -15.44 10.69 -52.51
C ARG L 23 -15.29 9.19 -52.24
N ALA L 24 -14.99 8.86 -50.99
CA ALA L 24 -14.78 7.45 -50.67
C ALA L 24 -15.93 6.87 -49.91
N SER L 25 -16.07 5.56 -49.98
CA SER L 25 -17.09 4.90 -49.17
C SER L 25 -16.67 4.91 -47.71
N GLN L 26 -15.36 4.91 -47.47
CA GLN L 26 -14.83 4.92 -46.13
C GLN L 26 -14.50 6.33 -45.74
N GLY L 27 -14.78 6.69 -44.50
CA GLY L 27 -14.42 8.02 -44.04
C GLY L 27 -12.98 8.09 -43.59
N VAL L 28 -12.43 9.29 -43.65
CA VAL L 28 -11.08 9.58 -43.19
C VAL L 28 -11.17 10.73 -42.26
N ARG L 29 -12.37 11.29 -42.19
CA ARG L 29 -12.70 12.46 -41.39
C ARG L 29 -12.10 13.73 -41.99
N ASN L 30 -10.77 13.79 -42.04
CA ASN L 30 -10.05 14.86 -42.66
C ASN L 30 -8.70 14.34 -43.04
N GLU L 31 -8.50 13.07 -42.81
CA GLU L 31 -7.18 12.52 -43.06
C GLU L 31 -7.03 12.11 -44.53
N LEU L 32 -6.96 13.15 -45.36
CA LEU L 32 -6.81 13.06 -46.80
C LEU L 32 -5.74 14.01 -47.27
N ALA L 33 -4.88 13.50 -48.12
CA ALA L 33 -3.84 14.36 -48.66
C ALA L 33 -4.06 14.58 -50.16
N TRP L 34 -4.07 15.86 -50.56
CA TRP L 34 -4.23 16.25 -51.96
C TRP L 34 -2.88 16.45 -52.61
N TYR L 35 -2.66 15.82 -53.75
CA TYR L 35 -1.41 15.90 -54.50
C TYR L 35 -1.57 16.36 -55.95
N GLN L 36 -0.52 16.98 -56.48
CA GLN L 36 -0.41 17.41 -57.88
C GLN L 36 0.81 16.74 -58.54
N GLN L 37 0.63 16.16 -59.74
CA GLN L 37 1.75 15.48 -60.40
C GLN L 37 1.92 15.77 -61.89
N LYS L 38 3.18 15.93 -62.31
CA LYS L 38 3.48 16.11 -63.72
C LYS L 38 4.07 14.83 -64.29
N PRO L 39 3.92 14.55 -65.59
CA PRO L 39 4.51 13.41 -66.23
C PRO L 39 5.99 13.42 -66.01
N GLY L 40 6.55 12.27 -65.65
CA GLY L 40 7.99 12.15 -65.45
C GLY L 40 8.46 12.63 -64.08
N LYS L 41 7.54 13.11 -63.24
CA LYS L 41 7.90 13.63 -61.93
C LYS L 41 7.21 12.89 -60.80
N ALA L 42 7.81 12.99 -59.61
CA ALA L 42 7.17 12.46 -58.43
C ALA L 42 5.98 13.35 -58.15
N PRO L 43 4.90 12.83 -57.58
CA PRO L 43 3.75 13.59 -57.18
C PRO L 43 4.16 14.40 -55.99
N ASN L 44 3.54 15.54 -55.77
CA ASN L 44 3.84 16.34 -54.61
C ASN L 44 2.58 16.85 -53.94
N LEU L 45 2.69 17.08 -52.64
CA LEU L 45 1.57 17.51 -51.82
C LEU L 45 1.19 18.96 -52.02
N LEU L 46 -0.12 19.19 -52.10
CA LEU L 46 -0.73 20.50 -52.15
C LEU L 46 -1.34 20.88 -50.80
N ILE L 47 -2.28 20.03 -50.38
CA ILE L 47 -3.11 20.22 -49.19
C ILE L 47 -3.14 19.02 -48.24
N TYR L 48 -2.94 19.28 -46.95
CA TYR L 48 -2.94 18.18 -45.99
C TYR L 48 -4.00 18.26 -44.90
N TYR L 49 -4.35 17.10 -44.34
CA TYR L 49 -5.49 17.00 -43.41
C TYR L 49 -6.75 17.52 -44.13
N ALA L 50 -6.82 17.27 -45.44
CA ALA L 50 -7.88 17.69 -46.33
C ALA L 50 -8.16 19.20 -46.35
N SER L 51 -7.32 20.06 -45.77
CA SER L 51 -7.64 21.48 -45.84
C SER L 51 -6.48 22.44 -45.55
N THR L 52 -5.36 21.96 -45.04
CA THR L 52 -4.28 22.87 -44.75
C THR L 52 -3.43 23.04 -45.98
N LEU L 53 -3.27 24.28 -46.41
CA LEU L 53 -2.48 24.49 -47.61
C LEU L 53 -1.03 24.50 -47.23
N GLN L 54 -0.25 23.71 -47.93
CA GLN L 54 1.17 23.63 -47.69
C GLN L 54 1.88 24.90 -48.11
N SER L 55 2.78 25.40 -47.29
CA SER L 55 3.51 26.58 -47.68
C SER L 55 4.27 26.26 -48.96
N GLY L 56 4.26 27.21 -49.88
CA GLY L 56 4.93 27.07 -51.17
C GLY L 56 3.93 26.70 -52.27
N VAL L 57 2.74 26.27 -51.88
CA VAL L 57 1.71 25.92 -52.82
C VAL L 57 0.88 27.18 -53.02
N PRO L 58 0.61 27.61 -54.25
CA PRO L 58 -0.13 28.80 -54.57
C PRO L 58 -1.50 28.87 -53.91
N SER L 59 -1.90 30.09 -53.54
CA SER L 59 -3.14 30.43 -52.85
C SER L 59 -4.41 30.12 -53.62
N ARG L 60 -4.26 29.87 -54.92
CA ARG L 60 -5.39 29.50 -55.77
C ARG L 60 -5.89 28.09 -55.43
N PHE L 61 -5.07 27.31 -54.71
CA PHE L 61 -5.46 25.96 -54.31
C PHE L 61 -6.12 25.95 -52.94
N SER L 62 -7.31 25.38 -52.88
CA SER L 62 -8.03 25.25 -51.62
C SER L 62 -8.86 23.98 -51.66
N ALA L 63 -9.31 23.51 -50.51
CA ALA L 63 -10.14 22.32 -50.53
C ALA L 63 -11.17 22.39 -49.44
N THR L 64 -12.30 21.76 -49.71
CA THR L 64 -13.42 21.69 -48.79
C THR L 64 -13.96 20.27 -48.66
N GLY L 65 -14.83 20.07 -47.67
CA GLY L 65 -15.48 18.77 -47.48
C GLY L 65 -14.97 18.04 -46.25
N SER L 66 -15.72 17.03 -45.81
CA SER L 66 -15.38 16.28 -44.62
C SER L 66 -15.94 14.86 -44.62
N GLY L 67 -15.39 14.04 -43.73
CA GLY L 67 -15.90 12.70 -43.55
C GLY L 67 -15.46 11.78 -44.66
N THR L 68 -16.26 11.76 -45.72
CA THR L 68 -16.06 10.94 -46.92
C THR L 68 -15.92 11.72 -48.21
N HIS L 69 -16.41 12.96 -48.24
CA HIS L 69 -16.47 13.69 -49.51
C HIS L 69 -15.63 14.95 -49.52
N PHE L 70 -14.59 14.94 -50.34
CA PHE L 70 -13.68 16.08 -50.38
C PHE L 70 -13.53 16.63 -51.80
N THR L 71 -13.41 17.96 -51.90
CA THR L 71 -13.21 18.60 -53.20
C THR L 71 -12.02 19.56 -53.20
N LEU L 72 -11.20 19.45 -54.24
CA LEU L 72 -10.07 20.35 -54.46
C LEU L 72 -10.45 21.35 -55.50
N THR L 73 -10.31 22.60 -55.17
CA THR L 73 -10.66 23.67 -56.08
C THR L 73 -9.47 24.51 -56.49
N VAL L 74 -9.34 24.72 -57.80
CA VAL L 74 -8.32 25.62 -58.29
C VAL L 74 -9.10 26.82 -58.81
N SER L 75 -9.05 27.94 -58.07
CA SER L 75 -9.89 29.11 -58.35
C SER L 75 -9.46 30.01 -59.51
N SER L 76 -8.25 29.82 -59.98
CA SER L 76 -7.70 30.62 -61.08
C SER L 76 -6.64 29.78 -61.74
N LEU L 77 -7.06 28.79 -62.51
CA LEU L 77 -6.16 27.79 -63.06
C LEU L 77 -5.04 28.34 -63.93
N GLN L 78 -3.81 27.94 -63.66
CA GLN L 78 -2.67 28.44 -64.44
C GLN L 78 -2.07 27.33 -65.31
N PRO L 79 -1.33 27.63 -66.40
CA PRO L 79 -0.70 26.64 -67.28
C PRO L 79 0.11 25.58 -66.52
N GLU L 80 0.74 25.97 -65.42
CA GLU L 80 1.54 25.06 -64.64
C GLU L 80 0.72 24.05 -63.85
N ASP L 81 -0.60 24.24 -63.80
CA ASP L 81 -1.48 23.38 -63.06
C ASP L 81 -2.09 22.30 -63.90
N PHE L 82 -1.73 22.23 -65.18
CA PHE L 82 -2.31 21.20 -66.02
C PHE L 82 -1.50 19.92 -65.77
N ALA L 83 -1.88 19.33 -64.65
CA ALA L 83 -1.30 18.22 -63.94
C ALA L 83 -2.35 17.23 -63.58
N THR L 84 -1.92 16.06 -63.15
CA THR L 84 -2.91 15.14 -62.65
C THR L 84 -3.06 15.42 -61.18
N TYR L 85 -4.17 15.01 -60.62
CA TYR L 85 -4.42 15.21 -59.20
C TYR L 85 -4.84 13.93 -58.54
N PHE L 86 -4.37 13.77 -57.32
CA PHE L 86 -4.66 12.59 -56.53
C PHE L 86 -5.06 12.85 -55.09
N CYS L 87 -5.83 11.92 -54.57
CA CYS L 87 -6.10 11.89 -53.16
C CYS L 87 -5.54 10.63 -52.58
N GLN L 88 -4.99 10.78 -51.39
CA GLN L 88 -4.51 9.65 -50.61
C GLN L 88 -5.33 9.60 -49.35
N HIS L 89 -5.82 8.43 -49.02
CA HIS L 89 -6.64 8.27 -47.83
C HIS L 89 -5.91 7.62 -46.68
N MET L 90 -5.98 8.26 -45.51
CA MET L 90 -5.30 7.79 -44.31
C MET L 90 -6.14 7.22 -43.16
N SER L 91 -7.38 6.78 -43.37
CA SER L 91 -8.12 6.23 -42.22
C SER L 91 -7.51 4.94 -41.71
N SER L 92 -6.93 4.20 -42.63
CA SER L 92 -6.29 2.93 -42.45
C SER L 92 -5.29 2.82 -43.53
N TYR L 93 -4.94 1.60 -43.89
CA TYR L 93 -3.99 1.42 -44.95
C TYR L 93 -4.39 0.12 -45.67
N PRO L 94 -3.84 -0.16 -46.86
CA PRO L 94 -2.78 0.51 -47.60
C PRO L 94 -3.17 1.90 -48.00
N LEU L 95 -2.22 2.82 -47.90
CA LEU L 95 -2.46 4.22 -48.21
C LEU L 95 -2.32 4.49 -49.67
N THR L 96 -3.17 3.86 -50.44
CA THR L 96 -3.09 4.02 -51.86
C THR L 96 -3.76 5.31 -52.23
N PHE L 97 -3.54 5.70 -53.45
CA PHE L 97 -4.10 6.90 -53.99
C PHE L 97 -5.15 6.49 -54.98
N GLY L 98 -6.02 7.42 -55.32
CA GLY L 98 -7.02 7.10 -56.33
C GLY L 98 -6.39 7.03 -57.71
N GLY L 99 -7.18 6.70 -58.72
CA GLY L 99 -6.64 6.56 -60.08
C GLY L 99 -6.01 7.84 -60.58
N GLY L 100 -6.59 8.95 -60.16
CA GLY L 100 -6.13 10.28 -60.49
C GLY L 100 -6.99 10.90 -61.58
N THR L 101 -7.09 12.21 -61.56
CA THR L 101 -7.86 12.94 -62.57
C THR L 101 -6.88 13.88 -63.24
N LYS L 102 -7.23 14.44 -64.39
CA LYS L 102 -6.33 15.37 -65.05
C LYS L 102 -7.04 16.63 -65.47
N VAL L 103 -6.35 17.75 -65.39
CA VAL L 103 -6.95 18.96 -65.91
C VAL L 103 -6.50 19.11 -67.37
N GLU L 104 -7.49 19.24 -68.24
CA GLU L 104 -7.32 19.27 -69.70
C GLU L 104 -7.44 20.66 -70.29
N ILE L 105 -6.98 20.81 -71.53
CA ILE L 105 -7.02 22.11 -72.18
C ILE L 105 -8.35 22.40 -72.87
N LYS L 106 -8.97 23.50 -72.45
CA LYS L 106 -10.22 23.97 -73.04
C LYS L 106 -9.91 24.91 -74.19
N GLN M 38 1.84 -25.47 -9.69
CA GLN M 38 1.04 -25.78 -8.51
C GLN M 38 -0.32 -25.14 -8.57
N LEU M 39 -1.37 -25.96 -8.47
CA LEU M 39 -2.70 -25.39 -8.45
C LEU M 39 -3.14 -25.26 -7.01
N TRP M 40 -4.00 -24.29 -6.76
CA TRP M 40 -4.50 -23.94 -5.44
C TRP M 40 -5.98 -24.12 -5.27
N VAL M 41 -6.43 -24.39 -4.05
CA VAL M 41 -7.86 -24.51 -3.86
C VAL M 41 -8.54 -23.13 -3.85
N THR M 42 -9.57 -22.99 -4.68
CA THR M 42 -10.42 -21.79 -4.76
C THR M 42 -11.89 -22.17 -4.69
N VAL M 43 -12.64 -21.38 -3.92
CA VAL M 43 -14.05 -21.62 -3.73
C VAL M 43 -14.85 -20.81 -4.71
N TYR M 44 -15.81 -21.47 -5.36
CA TYR M 44 -16.68 -20.82 -6.32
C TYR M 44 -18.13 -20.93 -5.86
N TYR M 45 -18.82 -19.81 -5.72
CA TYR M 45 -20.19 -19.86 -5.26
C TYR M 45 -21.14 -19.34 -6.29
N GLY M 46 -22.15 -20.15 -6.60
CA GLY M 46 -23.10 -19.78 -7.62
C GLY M 46 -22.87 -20.72 -8.79
N VAL M 47 -22.40 -21.90 -8.46
CA VAL M 47 -22.12 -22.91 -9.45
C VAL M 47 -23.44 -23.56 -9.92
N PRO M 48 -23.75 -23.57 -11.22
CA PRO M 48 -25.01 -24.07 -11.76
C PRO M 48 -25.15 -25.60 -11.84
N VAL M 49 -25.13 -26.21 -10.66
CA VAL M 49 -25.30 -27.65 -10.51
C VAL M 49 -26.39 -27.98 -9.51
N TRP M 50 -26.84 -29.20 -9.55
CA TRP M 50 -27.89 -29.70 -8.68
C TRP M 50 -27.80 -31.18 -8.53
N LYS M 51 -28.52 -31.67 -7.53
CA LYS M 51 -28.68 -33.09 -7.31
C LYS M 51 -30.17 -33.37 -7.18
N GLU M 52 -30.60 -34.55 -7.56
CA GLU M 52 -32.02 -34.87 -7.42
C GLU M 52 -32.43 -34.88 -5.97
N ALA M 53 -33.61 -34.32 -5.68
CA ALA M 53 -34.02 -34.25 -4.29
C ALA M 53 -35.50 -34.22 -4.10
N THR M 54 -35.94 -34.64 -2.93
CA THR M 54 -37.35 -34.56 -2.60
C THR M 54 -37.68 -33.52 -1.56
N THR M 55 -38.65 -32.68 -1.93
CA THR M 55 -39.20 -31.67 -1.06
C THR M 55 -40.68 -31.59 -1.26
N THR M 56 -41.29 -30.73 -0.48
CA THR M 56 -42.73 -30.49 -0.51
C THR M 56 -43.09 -29.38 -1.47
N LEU M 57 -44.05 -29.64 -2.36
CA LEU M 57 -44.49 -28.57 -3.26
C LEU M 57 -45.67 -27.89 -2.64
N PHE M 58 -45.82 -26.61 -2.92
CA PHE M 58 -46.95 -25.88 -2.38
C PHE M 58 -47.91 -25.49 -3.47
N CYS M 59 -49.15 -25.28 -3.10
CA CYS M 59 -50.17 -24.92 -4.06
C CYS M 59 -50.06 -23.48 -4.50
N ALA M 60 -50.60 -23.22 -5.67
CA ALA M 60 -50.81 -21.87 -6.09
C ALA M 60 -52.13 -21.78 -6.87
N SER M 61 -52.95 -20.80 -6.47
CA SER M 61 -54.28 -20.56 -6.98
C SER M 61 -54.34 -19.65 -8.19
N ASP M 62 -55.46 -19.68 -8.91
CA ASP M 62 -55.53 -18.87 -10.12
C ASP M 62 -55.87 -17.40 -9.92
N ALA M 63 -57.00 -17.15 -9.31
CA ALA M 63 -57.55 -15.83 -9.10
C ALA M 63 -58.85 -15.91 -8.35
N ARG M 64 -59.69 -16.86 -8.77
CA ARG M 64 -61.02 -17.00 -8.23
C ARG M 64 -61.06 -17.89 -7.02
N ALA M 65 -60.20 -18.91 -6.99
CA ALA M 65 -60.20 -19.95 -5.94
C ALA M 65 -60.12 -19.35 -4.55
N TYR M 66 -59.41 -18.25 -4.40
CA TYR M 66 -59.30 -17.63 -3.10
C TYR M 66 -60.69 -17.43 -2.45
N ASP M 67 -61.68 -17.02 -3.27
CA ASP M 67 -63.03 -16.70 -2.82
C ASP M 67 -64.05 -17.82 -3.09
N THR M 68 -63.58 -19.05 -3.33
CA THR M 68 -64.45 -20.20 -3.58
C THR M 68 -64.64 -21.03 -2.32
N GLU M 69 -64.08 -20.54 -1.22
CA GLU M 69 -64.07 -21.14 0.14
C GLU M 69 -65.45 -21.37 0.69
N VAL M 70 -66.39 -20.67 0.09
CA VAL M 70 -67.78 -20.71 0.44
C VAL M 70 -68.36 -22.09 0.18
N ARG M 71 -67.73 -22.86 -0.72
CA ARG M 71 -68.17 -24.21 -1.01
C ARG M 71 -67.00 -25.18 -1.29
N ASN M 72 -66.00 -24.72 -2.04
CA ASN M 72 -65.00 -25.60 -2.61
C ASN M 72 -63.88 -26.03 -1.68
N VAL M 73 -63.74 -27.33 -1.58
CA VAL M 73 -62.78 -27.96 -0.70
C VAL M 73 -61.32 -27.79 -1.13
N TRP M 74 -61.04 -28.04 -2.40
CA TRP M 74 -59.69 -27.99 -2.90
C TRP M 74 -59.31 -26.58 -3.30
N ALA M 75 -60.26 -25.84 -3.81
CA ALA M 75 -60.02 -24.48 -4.24
C ALA M 75 -60.16 -23.60 -3.04
N THR M 76 -59.20 -23.73 -2.16
CA THR M 76 -59.23 -23.04 -0.89
C THR M 76 -58.72 -21.63 -0.94
N HIS M 77 -59.02 -20.93 0.15
CA HIS M 77 -58.56 -19.59 0.44
C HIS M 77 -57.17 -19.61 1.02
N ALA M 78 -56.78 -20.76 1.54
CA ALA M 78 -55.48 -20.90 2.17
C ALA M 78 -54.44 -21.28 1.14
N CYS M 79 -54.37 -20.50 0.09
CA CYS M 79 -53.44 -20.77 -0.98
C CYS M 79 -53.05 -19.49 -1.70
N VAL M 80 -51.74 -19.32 -1.86
CA VAL M 80 -51.11 -18.19 -2.53
C VAL M 80 -51.46 -18.25 -4.01
N PRO M 81 -51.35 -17.17 -4.79
CA PRO M 81 -51.64 -17.11 -6.21
C PRO M 81 -50.51 -17.69 -7.02
N THR M 82 -50.81 -18.04 -8.25
CA THR M 82 -49.78 -18.39 -9.21
C THR M 82 -49.07 -17.18 -9.73
N ASP M 83 -47.94 -17.43 -10.34
CA ASP M 83 -47.17 -16.42 -11.01
C ASP M 83 -47.91 -16.04 -12.27
N PRO M 84 -48.36 -14.79 -12.46
CA PRO M 84 -49.08 -14.34 -13.65
C PRO M 84 -48.19 -14.38 -14.89
N ASN M 85 -46.87 -14.46 -14.70
CA ASN M 85 -45.95 -14.50 -15.81
C ASN M 85 -44.82 -15.49 -15.52
N PRO M 86 -45.10 -16.80 -15.48
CA PRO M 86 -44.17 -17.83 -15.09
C PRO M 86 -43.11 -17.92 -16.15
N GLN M 87 -41.90 -18.24 -15.73
CA GLN M 87 -40.82 -18.37 -16.67
C GLN M 87 -40.38 -19.80 -16.88
N GLU M 88 -39.76 -20.03 -18.02
CA GLU M 88 -39.22 -21.35 -18.33
C GLU M 88 -37.92 -21.21 -19.08
N VAL M 89 -36.91 -21.99 -18.70
CA VAL M 89 -35.64 -21.92 -19.41
C VAL M 89 -35.23 -23.22 -20.06
N VAL M 90 -35.02 -23.20 -21.36
CA VAL M 90 -34.63 -24.41 -22.06
C VAL M 90 -33.13 -24.56 -21.90
N LEU M 91 -32.68 -25.74 -21.53
CA LEU M 91 -31.26 -25.96 -21.30
C LEU M 91 -30.63 -26.57 -22.54
N GLU M 92 -29.41 -26.16 -22.88
CA GLU M 92 -28.79 -26.65 -24.11
C GLU M 92 -28.24 -28.06 -24.11
N ASN M 93 -27.54 -28.43 -23.04
CA ASN M 93 -26.82 -29.70 -22.99
C ASN M 93 -27.20 -30.54 -21.79
N VAL M 94 -28.40 -30.36 -21.31
CA VAL M 94 -28.78 -31.12 -20.14
C VAL M 94 -29.67 -32.27 -20.48
N THR M 95 -29.20 -33.47 -20.19
CA THR M 95 -29.97 -34.66 -20.45
C THR M 95 -30.11 -35.39 -19.16
N GLU M 96 -31.33 -35.71 -18.78
CA GLU M 96 -31.54 -36.41 -17.53
C GLU M 96 -32.51 -37.52 -17.63
N ASN M 97 -32.37 -38.48 -16.72
CA ASN M 97 -33.29 -39.58 -16.61
C ASN M 97 -34.51 -39.24 -15.80
N PHE M 98 -35.63 -39.63 -16.36
CA PHE M 98 -36.95 -39.48 -15.77
C PHE M 98 -37.55 -40.86 -15.58
N ASN M 99 -38.44 -40.98 -14.60
CA ASN M 99 -39.17 -42.21 -14.38
C ASN M 99 -40.49 -41.89 -13.76
N MET M 100 -41.55 -41.97 -14.54
CA MET M 100 -42.84 -41.56 -14.01
C MET M 100 -43.31 -42.46 -12.86
N TRP M 101 -42.82 -43.68 -12.77
CA TRP M 101 -43.32 -44.54 -11.72
C TRP M 101 -42.55 -44.36 -10.44
N LYS M 102 -41.60 -43.45 -10.45
CA LYS M 102 -40.79 -43.11 -9.31
C LYS M 102 -41.05 -41.65 -8.96
N ASN M 103 -42.06 -41.05 -9.57
CA ASN M 103 -42.32 -39.65 -9.33
C ASN M 103 -43.09 -39.45 -8.04
N ASN M 104 -42.40 -38.95 -7.03
CA ASN M 104 -42.90 -38.81 -5.68
C ASN M 104 -43.96 -37.74 -5.53
N MET M 105 -44.15 -36.93 -6.56
CA MET M 105 -45.14 -35.88 -6.52
C MET M 105 -46.51 -36.51 -6.45
N VAL M 106 -46.59 -37.77 -6.88
CA VAL M 106 -47.84 -38.47 -6.90
C VAL M 106 -48.27 -38.77 -5.49
N GLU M 107 -47.32 -39.00 -4.59
CA GLU M 107 -47.64 -39.31 -3.23
C GLU M 107 -48.11 -38.07 -2.55
N GLN M 108 -47.52 -36.94 -2.93
CA GLN M 108 -47.98 -35.73 -2.29
C GLN M 108 -49.41 -35.46 -2.71
N MET M 109 -49.72 -35.69 -3.98
CA MET M 109 -51.08 -35.42 -4.38
C MET M 109 -52.04 -36.42 -3.77
N HIS M 110 -51.57 -37.64 -3.57
CA HIS M 110 -52.41 -38.67 -2.98
C HIS M 110 -52.87 -38.20 -1.62
N GLU M 111 -51.90 -37.84 -0.78
CA GLU M 111 -52.19 -37.44 0.57
C GLU M 111 -52.93 -36.13 0.67
N ASP M 112 -52.62 -35.17 -0.18
CA ASP M 112 -53.24 -33.89 -0.04
C ASP M 112 -54.69 -33.92 -0.40
N ILE M 113 -55.06 -34.64 -1.43
CA ILE M 113 -56.44 -34.64 -1.78
C ILE M 113 -57.25 -35.33 -0.71
N ILE M 114 -56.75 -36.45 -0.22
CA ILE M 114 -57.47 -37.17 0.78
C ILE M 114 -57.61 -36.37 2.05
N SER M 115 -56.51 -35.75 2.49
CA SER M 115 -56.58 -34.98 3.70
C SER M 115 -57.53 -33.81 3.60
N LEU M 116 -57.46 -33.06 2.51
CA LEU M 116 -58.30 -31.89 2.40
C LEU M 116 -59.76 -32.28 2.33
N TRP M 117 -60.03 -33.37 1.62
CA TRP M 117 -61.38 -33.86 1.49
C TRP M 117 -61.88 -34.23 2.85
N ASP M 118 -61.09 -34.96 3.63
CA ASP M 118 -61.53 -35.36 4.94
C ASP M 118 -61.73 -34.15 5.87
N GLN M 119 -60.87 -33.15 5.77
CA GLN M 119 -61.00 -32.00 6.65
C GLN M 119 -62.33 -31.29 6.45
N SER M 120 -62.78 -31.23 5.22
CA SER M 120 -64.01 -30.53 4.90
C SER M 120 -65.24 -31.23 5.44
N LEU M 121 -65.10 -32.49 5.81
CA LEU M 121 -66.23 -33.27 6.26
C LEU M 121 -66.31 -33.35 7.77
N LYS M 122 -65.37 -32.73 8.46
CA LYS M 122 -65.35 -32.88 9.91
C LYS M 122 -66.61 -32.39 10.61
N PRO M 123 -67.24 -31.25 10.24
CA PRO M 123 -68.43 -30.72 10.87
C PRO M 123 -69.73 -31.25 10.30
N CYS M 124 -69.68 -32.27 9.46
CA CYS M 124 -70.87 -32.69 8.75
C CYS M 124 -71.72 -33.69 9.52
N VAL M 125 -72.90 -34.02 8.98
CA VAL M 125 -73.90 -34.79 9.74
C VAL M 125 -73.82 -36.30 9.71
N LYS M 126 -73.78 -36.91 10.89
CA LYS M 126 -73.76 -38.38 10.95
C LYS M 126 -75.13 -38.92 10.60
N LEU M 127 -75.13 -39.95 9.76
CA LEU M 127 -76.36 -40.58 9.32
C LEU M 127 -76.62 -41.89 10.06
N THR M 128 -75.85 -42.10 11.12
CA THR M 128 -75.95 -43.30 11.93
C THR M 128 -77.38 -43.65 12.37
N PRO M 129 -78.18 -42.73 12.95
CA PRO M 129 -79.51 -43.03 13.45
C PRO M 129 -80.52 -43.24 12.33
N LEU M 130 -80.12 -43.00 11.09
CA LEU M 130 -81.05 -43.08 10.01
C LEU M 130 -81.02 -44.45 9.38
N CYS M 131 -80.12 -45.27 9.86
CA CYS M 131 -79.94 -46.61 9.34
C CYS M 131 -80.84 -47.61 10.05
N VAL M 132 -81.64 -47.12 10.99
CA VAL M 132 -82.41 -48.04 11.80
C VAL M 132 -83.44 -48.87 11.06
N THR M 133 -84.24 -48.29 10.19
CA THR M 133 -85.21 -49.12 9.48
C THR M 133 -85.71 -48.48 8.21
N LEU M 134 -86.09 -49.33 7.26
CA LEU M 134 -86.71 -48.94 6.01
C LEU M 134 -87.71 -49.98 5.55
N ASN M 135 -88.94 -49.56 5.26
CA ASN M 135 -89.97 -50.44 4.70
C ASN M 135 -90.17 -50.05 3.25
N CYS M 136 -89.66 -50.86 2.34
CA CYS M 136 -89.59 -50.36 0.98
C CYS M 136 -90.43 -51.10 -0.02
N THR M 137 -90.88 -50.30 -0.97
CA THR M 137 -91.52 -50.72 -2.19
C THR M 137 -90.82 -50.00 -3.31
N ASP M 138 -91.23 -50.25 -4.52
CA ASP M 138 -90.60 -49.60 -5.65
C ASP M 138 -91.08 -48.16 -5.82
N LEU M 139 -90.26 -47.33 -6.43
CA LEU M 139 -90.71 -46.00 -6.79
C LEU M 139 -91.85 -46.06 -7.79
N ARG M 140 -92.91 -45.31 -7.52
CA ARG M 140 -94.09 -45.27 -8.38
C ARG M 140 -94.19 -44.02 -9.23
N GLY M 161 -86.58 -51.58 -10.32
CA GLY M 161 -86.51 -51.00 -8.97
C GLY M 161 -85.13 -50.50 -8.56
N GLU M 162 -84.60 -49.53 -9.32
CA GLU M 162 -83.32 -48.89 -9.02
C GLU M 162 -83.53 -47.96 -7.85
N ILE M 163 -84.73 -47.37 -7.82
CA ILE M 163 -85.10 -46.45 -6.77
C ILE M 163 -86.26 -47.04 -6.00
N LYS M 164 -86.07 -47.08 -4.70
CA LYS M 164 -87.06 -47.57 -3.76
C LYS M 164 -87.72 -46.45 -3.01
N ASN M 165 -88.99 -46.64 -2.75
CA ASN M 165 -89.79 -45.72 -1.95
C ASN M 165 -89.91 -46.31 -0.56
N CYS M 166 -89.14 -45.77 0.38
CA CYS M 166 -89.11 -46.41 1.66
C CYS M 166 -89.70 -45.57 2.75
N SER M 167 -90.49 -46.19 3.60
CA SER M 167 -91.01 -45.49 4.75
C SER M 167 -90.11 -45.84 5.91
N PHE M 168 -90.12 -45.04 6.94
CA PHE M 168 -89.33 -45.39 8.09
C PHE M 168 -89.80 -44.80 9.40
N ASN M 169 -89.45 -45.51 10.46
CA ASN M 169 -89.73 -45.15 11.82
C ASN M 169 -88.55 -44.48 12.46
N ILE M 170 -88.72 -43.23 12.86
CA ILE M 170 -87.68 -42.45 13.46
C ILE M 170 -87.86 -42.56 14.97
N THR M 171 -86.76 -42.91 15.63
CA THR M 171 -86.69 -43.13 17.06
C THR M 171 -86.82 -41.80 17.73
N THR M 172 -86.90 -41.77 19.07
CA THR M 172 -87.16 -40.49 19.70
C THR M 172 -86.30 -39.41 19.08
N SER M 173 -87.02 -38.43 18.57
CA SER M 173 -86.54 -37.29 17.83
C SER M 173 -86.71 -36.02 18.58
N MET M 174 -87.91 -35.45 18.50
CA MET M 174 -88.17 -34.17 19.13
C MET M 174 -88.40 -34.32 20.61
N ARG M 175 -87.33 -34.68 21.31
CA ARG M 175 -87.21 -34.85 22.74
C ARG M 175 -88.03 -35.99 23.35
N ASP M 176 -89.34 -35.95 23.21
CA ASP M 176 -90.20 -37.00 23.74
C ASP M 176 -91.16 -37.52 22.68
N LYS M 177 -90.90 -37.17 21.44
CA LYS M 177 -91.74 -37.57 20.31
C LYS M 177 -91.03 -38.53 19.39
N VAL M 178 -91.83 -39.25 18.61
CA VAL M 178 -91.34 -40.15 17.58
C VAL M 178 -92.04 -39.74 16.29
N GLN M 179 -91.54 -40.16 15.15
CA GLN M 179 -92.16 -39.74 13.91
C GLN M 179 -91.95 -40.74 12.81
N LYS M 180 -92.74 -40.65 11.75
CA LYS M 180 -92.53 -41.51 10.61
C LYS M 180 -92.39 -40.64 9.38
N GLU M 181 -91.51 -41.06 8.48
CA GLU M 181 -91.18 -40.33 7.25
C GLU M 181 -91.00 -41.30 6.11
N TYR M 182 -90.75 -40.78 4.92
CA TYR M 182 -90.43 -41.64 3.82
C TYR M 182 -89.44 -40.89 2.96
N ALA M 183 -88.71 -41.63 2.14
CA ALA M 183 -87.73 -41.02 1.25
C ALA M 183 -87.40 -41.95 0.11
N LEU M 184 -86.77 -41.41 -0.93
CA LEU M 184 -86.37 -42.30 -2.00
C LEU M 184 -84.92 -42.71 -1.84
N PHE M 185 -84.65 -43.99 -2.08
CA PHE M 185 -83.32 -44.58 -1.95
C PHE M 185 -82.84 -45.31 -3.19
N TYR M 186 -81.55 -45.32 -3.43
CA TYR M 186 -81.01 -46.11 -4.53
C TYR M 186 -80.66 -47.51 -4.06
N LYS M 187 -80.85 -48.49 -4.93
CA LYS M 187 -80.52 -49.89 -4.64
C LYS M 187 -79.04 -50.11 -4.47
N LEU M 188 -78.23 -49.15 -4.88
CA LEU M 188 -76.81 -49.27 -4.75
C LEU M 188 -76.35 -48.80 -3.36
N ASP M 189 -77.21 -48.09 -2.63
CA ASP M 189 -76.89 -47.64 -1.28
C ASP M 189 -77.45 -48.54 -0.19
N VAL M 190 -78.57 -49.22 -0.49
CA VAL M 190 -79.23 -50.06 0.52
C VAL M 190 -79.43 -51.50 0.08
N VAL M 191 -79.60 -52.37 1.07
CA VAL M 191 -79.86 -53.79 0.88
C VAL M 191 -80.99 -54.31 1.74
N PRO M 192 -81.71 -55.32 1.27
CA PRO M 192 -82.80 -55.98 1.95
C PRO M 192 -82.35 -56.87 3.06
N ILE M 193 -83.27 -57.14 3.94
CA ILE M 193 -83.14 -58.15 4.96
C ILE M 193 -83.62 -59.46 4.38
N LYS M 194 -82.76 -60.46 4.43
CA LYS M 194 -83.01 -61.76 3.82
C LYS M 194 -84.31 -62.45 4.21
N ASN M 195 -84.70 -62.36 5.47
CA ASN M 195 -85.92 -63.05 5.88
C ASN M 195 -87.17 -62.20 5.82
N ASP M 196 -87.06 -60.98 5.29
CA ASP M 196 -88.23 -60.11 5.17
C ASP M 196 -88.57 -59.86 3.71
N ASN M 197 -87.55 -59.40 2.97
CA ASN M 197 -87.60 -58.97 1.58
C ASN M 197 -88.43 -57.71 1.35
N THR M 198 -88.83 -57.05 2.45
CA THR M 198 -89.56 -55.80 2.43
C THR M 198 -88.82 -54.75 3.21
N SER M 199 -87.92 -55.20 4.08
CA SER M 199 -87.23 -54.28 4.94
C SER M 199 -85.81 -54.18 4.44
N TYR M 200 -85.25 -52.99 4.59
CA TYR M 200 -83.91 -52.64 4.13
C TYR M 200 -83.06 -51.92 5.14
N ARG M 201 -81.75 -51.99 4.94
CA ARG M 201 -80.73 -51.29 5.71
C ARG M 201 -79.69 -50.72 4.78
N LEU M 202 -78.94 -49.75 5.26
CA LEU M 202 -77.88 -49.20 4.44
C LEU M 202 -76.71 -50.17 4.44
N ILE M 203 -76.05 -50.26 3.31
CA ILE M 203 -74.98 -51.23 3.13
C ILE M 203 -73.80 -51.15 4.07
N SER M 204 -73.33 -49.96 4.35
CA SER M 204 -72.12 -49.79 5.15
C SER M 204 -72.33 -49.71 6.65
N CYS M 205 -73.57 -49.83 7.09
CA CYS M 205 -73.86 -49.61 8.49
C CYS M 205 -73.13 -50.47 9.47
N ASN M 206 -72.82 -51.70 9.13
CA ASN M 206 -72.19 -52.52 10.16
C ASN M 206 -70.68 -52.39 10.19
N THR M 207 -70.12 -51.48 9.40
CA THR M 207 -68.69 -51.25 9.46
C THR M 207 -68.35 -49.86 9.95
N SER M 208 -69.01 -48.82 9.44
CA SER M 208 -68.61 -47.50 9.89
C SER M 208 -69.63 -46.39 9.72
N VAL M 209 -69.19 -45.20 10.10
CA VAL M 209 -69.95 -43.98 10.05
C VAL M 209 -69.86 -43.26 8.73
N ILE M 210 -71.02 -42.88 8.26
CA ILE M 210 -71.17 -42.12 7.05
C ILE M 210 -71.80 -40.80 7.38
N THR M 211 -71.24 -39.74 6.84
CA THR M 211 -71.84 -38.45 7.10
C THR M 211 -72.34 -37.84 5.81
N GLN M 212 -73.33 -36.96 5.94
CA GLN M 212 -73.84 -36.22 4.80
C GLN M 212 -73.08 -34.96 4.66
N ALA M 213 -72.51 -34.77 3.50
CA ALA M 213 -71.67 -33.62 3.28
C ALA M 213 -72.48 -32.40 3.55
N CYS M 214 -71.83 -31.43 4.13
CA CYS M 214 -72.45 -30.21 4.47
C CYS M 214 -72.95 -29.66 3.16
N PRO M 215 -74.22 -29.19 3.05
CA PRO M 215 -74.79 -28.66 1.82
C PRO M 215 -73.90 -27.62 1.15
N LYS M 216 -73.20 -26.82 1.95
CA LYS M 216 -72.33 -25.82 1.38
C LYS M 216 -70.99 -26.42 1.01
N VAL M 217 -71.00 -27.26 -0.01
CA VAL M 217 -69.80 -27.96 -0.43
C VAL M 217 -69.66 -28.01 -1.95
N SER M 218 -68.42 -27.96 -2.42
CA SER M 218 -68.10 -28.15 -3.82
C SER M 218 -66.79 -28.88 -4.05
N PHE M 219 -66.83 -29.73 -5.05
CA PHE M 219 -65.67 -30.49 -5.44
C PHE M 219 -65.25 -30.13 -6.84
N GLU M 220 -65.61 -28.94 -7.29
CA GLU M 220 -65.24 -28.56 -8.63
C GLU M 220 -63.73 -28.76 -8.75
N PRO M 221 -63.26 -29.48 -9.77
CA PRO M 221 -61.88 -29.82 -9.97
C PRO M 221 -61.06 -28.68 -10.55
N ILE M 222 -60.82 -27.69 -9.72
CA ILE M 222 -60.05 -26.51 -10.09
C ILE M 222 -58.57 -26.85 -10.31
N PRO M 223 -57.95 -26.42 -11.43
CA PRO M 223 -56.57 -26.70 -11.81
C PRO M 223 -55.52 -25.93 -11.04
N ILE M 224 -55.31 -26.36 -9.82
CA ILE M 224 -54.33 -25.79 -8.90
C ILE M 224 -52.90 -26.16 -9.31
N HIS M 225 -51.99 -25.19 -9.26
CA HIS M 225 -50.60 -25.37 -9.65
C HIS M 225 -49.75 -25.74 -8.47
N TYR M 226 -48.70 -26.52 -8.70
CA TYR M 226 -47.78 -26.83 -7.62
C TYR M 226 -46.40 -26.32 -7.90
N CYS M 227 -45.91 -25.57 -6.93
CA CYS M 227 -44.67 -24.84 -7.06
C CYS M 227 -43.59 -25.30 -6.12
N ALA M 228 -42.34 -25.18 -6.58
CA ALA M 228 -41.19 -25.51 -5.75
C ALA M 228 -40.77 -24.32 -4.89
N PRO M 229 -40.28 -24.57 -3.67
CA PRO M 229 -39.71 -23.60 -2.74
C PRO M 229 -38.35 -23.14 -3.19
N ALA M 230 -37.92 -21.99 -2.67
CA ALA M 230 -36.61 -21.50 -3.03
C ALA M 230 -35.54 -22.52 -2.68
N GLY M 231 -34.58 -22.66 -3.58
CA GLY M 231 -33.48 -23.60 -3.44
C GLY M 231 -33.74 -24.84 -4.26
N PHE M 232 -34.97 -24.97 -4.74
CA PHE M 232 -35.40 -26.09 -5.53
C PHE M 232 -35.94 -25.66 -6.88
N ALA M 233 -35.90 -26.60 -7.79
CA ALA M 233 -36.43 -26.36 -9.12
C ALA M 233 -37.02 -27.62 -9.69
N ILE M 234 -37.88 -27.44 -10.65
CA ILE M 234 -38.51 -28.55 -11.29
C ILE M 234 -37.99 -28.68 -12.71
N LEU M 235 -37.53 -29.86 -13.07
CA LEU M 235 -37.09 -29.99 -14.43
C LEU M 235 -38.18 -30.70 -15.21
N LYS M 236 -38.46 -30.18 -16.38
CA LYS M 236 -39.50 -30.72 -17.22
C LYS M 236 -38.94 -31.39 -18.44
N CYS M 237 -39.52 -32.53 -18.79
CA CYS M 237 -39.17 -33.18 -20.04
C CYS M 237 -40.12 -32.73 -21.13
N ASN M 238 -39.58 -32.09 -22.16
CA ASN M 238 -40.35 -31.52 -23.23
C ASN M 238 -40.28 -32.34 -24.50
N ASP M 239 -39.77 -33.55 -24.37
CA ASP M 239 -39.66 -34.45 -25.50
C ASP M 239 -40.98 -35.15 -25.71
N LYS M 240 -41.63 -34.79 -26.81
CA LYS M 240 -42.98 -35.25 -27.12
C LYS M 240 -43.04 -36.74 -27.40
N LYS M 241 -41.90 -37.34 -27.67
CA LYS M 241 -41.86 -38.76 -27.97
C LYS M 241 -41.30 -39.56 -26.80
N PHE M 242 -41.07 -38.91 -25.67
CA PHE M 242 -40.51 -39.59 -24.53
C PHE M 242 -41.49 -40.52 -23.84
N ASN M 243 -41.04 -41.72 -23.57
CA ASN M 243 -41.86 -42.73 -22.91
C ASN M 243 -41.83 -42.51 -21.40
N GLY M 244 -42.31 -43.46 -20.61
CA GLY M 244 -42.38 -43.20 -19.19
C GLY M 244 -41.04 -43.14 -18.45
N THR M 245 -39.98 -43.76 -18.99
CA THR M 245 -38.70 -43.73 -18.30
C THR M 245 -37.55 -43.46 -19.24
N GLY M 246 -36.39 -43.14 -18.66
CA GLY M 246 -35.18 -43.01 -19.45
C GLY M 246 -34.80 -41.56 -19.64
N PRO M 247 -33.76 -41.28 -20.43
CA PRO M 247 -33.21 -39.98 -20.65
C PRO M 247 -34.12 -39.12 -21.49
N CYS M 248 -34.07 -37.83 -21.22
CA CYS M 248 -34.76 -36.82 -21.98
C CYS M 248 -33.81 -35.68 -22.23
N THR M 249 -33.67 -35.27 -23.50
CA THR M 249 -32.73 -34.22 -23.84
C THR M 249 -33.39 -32.85 -23.91
N ASN M 250 -34.66 -32.80 -24.26
CA ASN M 250 -35.26 -31.48 -24.29
C ASN M 250 -35.80 -31.20 -22.91
N VAL M 251 -34.98 -30.57 -22.13
CA VAL M 251 -35.26 -30.32 -20.75
C VAL M 251 -35.25 -28.85 -20.47
N SER M 252 -36.21 -28.43 -19.66
CA SER M 252 -36.30 -27.03 -19.28
C SER M 252 -36.52 -26.87 -17.78
N THR M 253 -36.10 -25.72 -17.28
CA THR M 253 -36.28 -25.40 -15.87
C THR M 253 -37.57 -24.66 -15.65
N VAL M 254 -38.34 -25.19 -14.70
CA VAL M 254 -39.63 -24.75 -14.26
C VAL M 254 -39.64 -24.42 -12.77
N GLN M 255 -40.15 -23.26 -12.37
CA GLN M 255 -40.21 -23.04 -10.93
C GLN M 255 -41.50 -23.62 -10.39
N CYS M 256 -42.52 -23.55 -11.22
CA CYS M 256 -43.85 -24.01 -10.86
C CYS M 256 -44.55 -24.62 -12.06
N THR M 257 -45.26 -25.72 -11.82
CA THR M 257 -45.96 -26.45 -12.88
C THR M 257 -47.25 -25.80 -13.24
N HIS M 258 -47.85 -26.28 -14.29
CA HIS M 258 -49.14 -25.84 -14.71
C HIS M 258 -50.16 -26.38 -13.73
N GLY M 259 -51.41 -25.96 -13.88
CA GLY M 259 -52.43 -26.42 -12.96
C GLY M 259 -52.92 -27.78 -13.35
N ILE M 260 -53.21 -28.61 -12.37
CA ILE M 260 -53.75 -29.91 -12.66
C ILE M 260 -55.06 -30.08 -11.94
N ARG M 261 -56.09 -30.40 -12.70
CA ARG M 261 -57.39 -30.57 -12.08
C ARG M 261 -57.44 -31.88 -11.28
N PRO M 262 -57.92 -31.88 -10.02
CA PRO M 262 -58.09 -33.06 -9.18
C PRO M 262 -59.33 -33.81 -9.59
N VAL M 263 -59.24 -34.39 -10.77
CA VAL M 263 -60.32 -35.14 -11.36
C VAL M 263 -60.40 -36.52 -10.77
N VAL M 264 -61.60 -36.91 -10.42
CA VAL M 264 -61.82 -38.24 -9.89
C VAL M 264 -62.67 -39.01 -10.86
N SER M 265 -62.14 -40.13 -11.31
CA SER M 265 -62.85 -40.95 -12.27
C SER M 265 -62.32 -42.35 -12.26
N THR M 266 -63.10 -43.25 -12.83
CA THR M 266 -62.54 -44.57 -13.07
C THR M 266 -62.81 -44.90 -14.50
N GLN M 267 -61.85 -45.60 -15.09
CA GLN M 267 -61.86 -46.04 -16.48
C GLN M 267 -61.84 -44.88 -17.48
N LEU M 268 -61.35 -43.70 -17.07
CA LEU M 268 -61.28 -42.56 -17.98
C LEU M 268 -60.36 -41.41 -17.60
N LEU M 269 -59.51 -41.03 -18.55
CA LEU M 269 -58.67 -39.88 -18.39
C LEU M 269 -59.38 -38.77 -19.16
N LEU M 270 -59.70 -37.69 -18.48
CA LEU M 270 -60.49 -36.62 -19.10
C LEU M 270 -60.11 -35.20 -18.75
N ASN M 271 -60.63 -34.30 -19.58
CA ASN M 271 -60.53 -32.85 -19.48
C ASN M 271 -59.10 -32.33 -19.46
N GLY M 272 -58.24 -32.89 -20.29
CA GLY M 272 -56.88 -32.37 -20.40
C GLY M 272 -55.83 -33.32 -20.95
N SER M 273 -54.66 -32.74 -21.21
CA SER M 273 -53.44 -33.39 -21.70
C SER M 273 -53.46 -34.26 -22.95
N LEU M 274 -53.96 -33.72 -24.06
CA LEU M 274 -53.95 -34.47 -25.31
C LEU M 274 -52.54 -34.65 -25.86
N ALA M 275 -52.35 -35.78 -26.54
CA ALA M 275 -51.14 -36.24 -27.18
C ALA M 275 -50.77 -35.42 -28.42
N GLU M 276 -49.50 -35.51 -28.81
CA GLU M 276 -48.95 -34.74 -29.92
C GLU M 276 -49.25 -35.32 -31.31
N GLU M 277 -50.49 -35.17 -31.73
CA GLU M 277 -51.05 -35.59 -33.02
C GLU M 277 -51.03 -37.08 -33.34
N GLU M 278 -50.80 -37.90 -32.35
CA GLU M 278 -50.85 -39.33 -32.47
C GLU M 278 -51.24 -39.91 -31.15
N VAL M 279 -51.70 -41.14 -31.14
CA VAL M 279 -51.98 -41.76 -29.87
C VAL M 279 -50.65 -42.10 -29.23
N VAL M 280 -50.50 -41.74 -27.98
CA VAL M 280 -49.27 -42.01 -27.27
C VAL M 280 -49.51 -42.92 -26.13
N ILE M 281 -48.80 -44.02 -26.13
CA ILE M 281 -49.03 -45.00 -25.10
C ILE M 281 -47.80 -45.21 -24.27
N ARG M 282 -47.97 -45.17 -22.95
CA ARG M 282 -46.85 -45.40 -22.06
C ARG M 282 -47.20 -46.53 -21.10
N SER M 283 -46.19 -47.29 -20.73
CA SER M 283 -46.35 -48.37 -19.79
C SER M 283 -45.05 -48.61 -19.14
N ALA M 284 -45.10 -49.17 -17.96
CA ALA M 284 -43.88 -49.53 -17.26
C ALA M 284 -43.13 -50.59 -18.06
N ASN M 285 -43.85 -51.42 -18.84
CA ASN M 285 -43.17 -52.47 -19.57
C ASN M 285 -43.80 -52.87 -20.92
N PHE M 286 -45.14 -52.84 -21.04
CA PHE M 286 -45.81 -53.44 -22.21
C PHE M 286 -45.45 -54.90 -22.39
N THR M 287 -45.05 -55.54 -21.31
CA THR M 287 -44.57 -56.89 -21.39
C THR M 287 -45.19 -57.69 -20.27
N ASP M 288 -44.82 -57.31 -19.06
CA ASP M 288 -45.30 -57.92 -17.83
C ASP M 288 -46.80 -57.67 -17.64
N ASN M 289 -47.54 -58.75 -17.39
CA ASN M 289 -48.98 -58.68 -17.22
C ASN M 289 -49.37 -58.01 -15.91
N ALA M 290 -48.38 -57.81 -15.05
CA ALA M 290 -48.56 -57.15 -13.78
C ALA M 290 -48.56 -55.62 -13.93
N LYS M 291 -48.24 -55.13 -15.11
CA LYS M 291 -48.15 -53.69 -15.35
C LYS M 291 -49.35 -53.21 -16.15
N ILE M 292 -49.56 -51.90 -16.15
CA ILE M 292 -50.69 -51.33 -16.89
C ILE M 292 -50.27 -50.37 -17.96
N ILE M 293 -51.21 -50.11 -18.85
CA ILE M 293 -50.98 -49.21 -19.96
C ILE M 293 -51.79 -47.92 -19.90
N ILE M 294 -51.09 -46.80 -20.06
CA ILE M 294 -51.69 -45.48 -20.04
C ILE M 294 -51.78 -44.94 -21.48
N VAL M 295 -52.98 -44.61 -21.92
CA VAL M 295 -53.17 -44.16 -23.31
C VAL M 295 -53.61 -42.72 -23.43
N GLN M 296 -52.80 -41.91 -24.14
CA GLN M 296 -53.12 -40.51 -24.40
C GLN M 296 -53.66 -40.33 -25.81
N LEU M 297 -54.72 -39.58 -25.97
CA LEU M 297 -55.28 -39.37 -27.29
C LEU M 297 -54.88 -38.02 -27.79
N ASN M 298 -54.71 -37.86 -29.08
CA ASN M 298 -54.39 -36.55 -29.64
C ASN M 298 -55.59 -35.66 -29.85
N LYS M 299 -56.77 -36.26 -29.86
CA LYS M 299 -58.00 -35.52 -30.07
C LYS M 299 -58.90 -35.99 -28.97
N SER M 300 -59.72 -35.11 -28.41
CA SER M 300 -60.63 -35.61 -27.40
C SER M 300 -61.90 -36.13 -28.02
N VAL M 301 -62.61 -36.94 -27.26
CA VAL M 301 -63.92 -37.43 -27.69
C VAL M 301 -64.98 -36.84 -26.77
N GLU M 302 -66.00 -36.26 -27.38
CA GLU M 302 -67.02 -35.62 -26.59
C GLU M 302 -68.04 -36.59 -26.03
N ILE M 303 -68.32 -36.39 -24.74
CA ILE M 303 -69.33 -37.12 -23.99
C ILE M 303 -70.33 -36.19 -23.31
N ASN M 304 -71.62 -36.45 -23.50
CA ASN M 304 -72.69 -35.65 -22.89
C ASN M 304 -73.54 -36.48 -21.95
N CYS M 305 -73.49 -36.15 -20.67
CA CYS M 305 -74.19 -36.94 -19.66
C CYS M 305 -75.35 -36.20 -19.01
N THR M 306 -76.35 -36.97 -18.64
CA THR M 306 -77.50 -36.40 -17.97
C THR M 306 -78.29 -37.34 -17.08
N ARG M 307 -78.97 -36.73 -16.12
CA ARG M 307 -79.92 -37.37 -15.20
C ARG M 307 -81.18 -36.50 -15.25
N PRO M 308 -82.04 -36.62 -16.27
CA PRO M 308 -83.15 -35.71 -16.56
C PRO M 308 -84.37 -35.89 -15.65
N ASN M 309 -84.15 -35.75 -14.37
CA ASN M 309 -85.19 -35.89 -13.38
C ASN M 309 -85.14 -34.70 -12.49
N ASN M 310 -86.17 -33.87 -12.52
CA ASN M 310 -86.09 -32.68 -11.74
C ASN M 310 -86.46 -33.05 -10.33
N ASN M 311 -85.46 -33.36 -9.55
CA ASN M 311 -85.77 -33.85 -8.23
C ASN M 311 -85.83 -32.77 -7.20
N THR M 312 -86.57 -33.02 -6.13
CA THR M 312 -86.48 -32.12 -5.01
C THR M 312 -85.95 -32.88 -3.82
N ARG M 313 -85.75 -32.18 -2.73
CA ARG M 313 -85.22 -32.81 -1.54
C ARG M 313 -85.96 -32.35 -0.30
N LYS M 314 -86.07 -33.25 0.66
CA LYS M 314 -86.71 -32.92 1.89
C LYS M 314 -85.72 -32.79 3.01
N SER M 315 -85.89 -31.76 3.83
CA SER M 315 -85.06 -31.60 5.01
C SER M 315 -85.77 -32.28 6.15
N ILE M 316 -85.17 -33.32 6.68
CA ILE M 316 -85.79 -34.05 7.75
C ILE M 316 -85.08 -33.82 9.04
N HIS M 317 -85.85 -33.36 10.02
CA HIS M 317 -85.32 -33.08 11.32
C HIS M 317 -85.64 -34.28 12.17
N ILE M 318 -84.60 -34.79 12.82
CA ILE M 318 -84.70 -36.01 13.62
C ILE M 318 -84.37 -35.75 15.06
N GLY M 319 -84.48 -34.51 15.43
CA GLY M 319 -84.31 -34.02 16.76
C GLY M 319 -84.06 -32.55 16.64
N PRO M 320 -84.27 -31.77 17.68
CA PRO M 320 -84.06 -30.36 17.61
C PRO M 320 -82.57 -30.19 17.37
N GLY M 321 -82.17 -29.36 16.43
CA GLY M 321 -80.76 -29.10 16.21
C GLY M 321 -80.08 -30.08 15.26
N ARG M 322 -80.80 -31.10 14.80
CA ARG M 322 -80.17 -32.04 13.89
C ARG M 322 -81.09 -32.45 12.75
N TRP M 323 -80.54 -32.41 11.55
CA TRP M 323 -81.29 -32.74 10.36
C TRP M 323 -80.40 -33.13 9.21
N PHE M 324 -81.03 -33.69 8.20
CA PHE M 324 -80.33 -34.10 6.99
C PHE M 324 -81.25 -33.99 5.80
N TYR M 325 -80.69 -34.00 4.62
CA TYR M 325 -81.51 -33.96 3.43
C TYR M 325 -81.69 -35.32 2.82
N THR M 326 -82.87 -35.55 2.25
CA THR M 326 -83.09 -36.79 1.54
C THR M 326 -83.84 -36.58 0.25
N THR M 327 -83.68 -37.50 -0.69
CA THR M 327 -84.39 -37.35 -1.95
C THR M 327 -85.90 -37.35 -1.72
N GLY M 328 -86.53 -36.31 -2.27
CA GLY M 328 -87.96 -36.10 -2.15
C GLY M 328 -88.60 -36.54 -3.44
N GLU M 329 -89.73 -35.94 -3.76
CA GLU M 329 -90.45 -36.34 -4.95
C GLU M 329 -89.79 -35.88 -6.23
N ILE M 330 -90.10 -36.60 -7.29
CA ILE M 330 -89.61 -36.28 -8.61
C ILE M 330 -90.63 -35.43 -9.34
N ILE M 331 -90.17 -34.34 -9.91
CA ILE M 331 -91.01 -33.48 -10.67
C ILE M 331 -90.90 -34.00 -12.08
N GLY M 332 -92.01 -34.49 -12.61
CA GLY M 332 -92.01 -35.13 -13.92
C GLY M 332 -91.82 -36.64 -13.79
N ASP M 333 -91.54 -37.27 -14.92
CA ASP M 333 -91.46 -38.72 -15.03
C ASP M 333 -90.07 -39.21 -14.66
N ILE M 334 -89.85 -40.51 -14.69
CA ILE M 334 -88.53 -41.06 -14.40
C ILE M 334 -87.72 -41.28 -15.66
N ARG M 335 -86.61 -40.58 -15.76
CA ARG M 335 -85.73 -40.72 -16.90
C ARG M 335 -84.47 -41.42 -16.46
N GLN M 336 -83.94 -42.24 -17.33
CA GLN M 336 -82.73 -42.99 -17.00
C GLN M 336 -81.50 -42.12 -17.19
N ALA M 337 -80.58 -42.19 -16.24
CA ALA M 337 -79.33 -41.46 -16.39
C ALA M 337 -78.57 -42.10 -17.53
N HIS M 338 -77.94 -41.29 -18.35
CA HIS M 338 -77.21 -41.84 -19.47
C HIS M 338 -76.17 -40.90 -20.04
N CYS M 339 -75.27 -41.46 -20.86
CA CYS M 339 -74.27 -40.63 -21.54
C CYS M 339 -74.08 -40.92 -23.02
N ASN M 340 -74.06 -39.84 -23.79
CA ASN M 340 -73.90 -39.83 -25.24
C ASN M 340 -72.49 -39.56 -25.69
N ILE M 341 -71.88 -40.56 -26.28
CA ILE M 341 -70.51 -40.52 -26.73
C ILE M 341 -70.51 -40.53 -28.24
N SER M 342 -69.79 -39.62 -28.89
CA SER M 342 -69.85 -39.74 -30.35
C SER M 342 -69.22 -41.08 -30.72
N GLY M 343 -69.98 -41.92 -31.42
CA GLY M 343 -69.56 -43.26 -31.75
C GLY M 343 -68.45 -43.24 -32.73
N THR M 344 -68.69 -42.49 -33.80
CA THR M 344 -67.68 -42.40 -34.82
C THR M 344 -66.42 -41.83 -34.22
N LYS M 345 -66.50 -40.76 -33.43
CA LYS M 345 -65.24 -40.25 -32.92
C LYS M 345 -64.54 -41.26 -32.04
N TRP M 346 -65.30 -41.94 -31.19
CA TRP M 346 -64.75 -42.94 -30.31
C TRP M 346 -64.06 -44.05 -31.04
N ASN M 347 -64.77 -44.68 -31.95
CA ASN M 347 -64.25 -45.80 -32.67
C ASN M 347 -63.23 -45.44 -33.73
N ASP M 348 -63.28 -44.22 -34.26
CA ASP M 348 -62.27 -43.84 -35.22
C ASP M 348 -60.98 -43.68 -34.44
N THR M 349 -61.10 -43.09 -33.25
CA THR M 349 -59.98 -42.92 -32.38
C THR M 349 -59.48 -44.27 -31.93
N LEU M 350 -60.39 -45.18 -31.59
CA LEU M 350 -60.01 -46.48 -31.11
C LEU M 350 -59.26 -47.22 -32.19
N LYS M 351 -59.68 -47.08 -33.45
CA LYS M 351 -58.92 -47.70 -34.52
C LYS M 351 -57.49 -47.17 -34.49
N GLN M 352 -57.35 -45.86 -34.29
CA GLN M 352 -56.03 -45.24 -34.22
C GLN M 352 -55.26 -45.71 -32.98
N ILE M 353 -55.97 -45.99 -31.88
CA ILE M 353 -55.32 -46.47 -30.68
C ILE M 353 -54.71 -47.80 -31.00
N VAL M 354 -55.45 -48.64 -31.70
CA VAL M 354 -54.94 -49.95 -32.07
C VAL M 354 -53.72 -49.77 -32.94
N VAL M 355 -53.74 -48.82 -33.86
CA VAL M 355 -52.58 -48.64 -34.71
C VAL M 355 -51.34 -48.41 -33.85
N LYS M 356 -51.45 -47.59 -32.82
CA LYS M 356 -50.30 -47.46 -31.95
C LYS M 356 -50.05 -48.71 -31.09
N LEU M 357 -51.11 -49.31 -30.56
CA LEU M 357 -50.97 -50.44 -29.63
C LEU M 357 -50.31 -51.67 -30.26
N LYS M 358 -50.64 -51.92 -31.53
CA LYS M 358 -50.16 -53.08 -32.25
C LYS M 358 -48.65 -53.05 -32.42
N GLU M 359 -48.02 -51.89 -32.23
CA GLU M 359 -46.58 -51.82 -32.36
C GLU M 359 -45.92 -52.73 -31.34
N GLN M 360 -46.52 -52.85 -30.15
CA GLN M 360 -45.95 -53.67 -29.11
C GLN M 360 -46.63 -55.03 -29.07
N PHE M 361 -47.90 -55.10 -29.47
CA PHE M 361 -48.64 -56.36 -29.32
C PHE M 361 -48.97 -57.20 -30.58
N GLY M 362 -48.59 -56.79 -31.78
CA GLY M 362 -48.85 -57.59 -32.97
C GLY M 362 -49.89 -57.00 -33.90
N ASN M 363 -49.59 -57.03 -35.19
CA ASN M 363 -50.42 -56.41 -36.22
C ASN M 363 -51.82 -56.99 -36.45
N LYS M 364 -52.01 -58.27 -36.18
CA LYS M 364 -53.32 -58.87 -36.36
C LYS M 364 -53.94 -59.24 -35.03
N THR M 365 -53.36 -58.73 -33.97
CA THR M 365 -53.79 -59.05 -32.65
C THR M 365 -55.12 -58.43 -32.30
N ILE M 366 -56.02 -59.24 -31.74
CA ILE M 366 -57.31 -58.77 -31.32
C ILE M 366 -57.19 -58.21 -29.93
N VAL M 367 -57.60 -56.97 -29.83
CA VAL M 367 -57.54 -56.13 -28.66
C VAL M 367 -58.89 -55.47 -28.33
N PHE M 368 -59.03 -54.95 -27.11
CA PHE M 368 -60.19 -54.19 -26.62
C PHE M 368 -61.55 -54.85 -26.50
N ASN M 369 -61.70 -55.68 -25.48
CA ASN M 369 -62.97 -56.36 -25.24
C ASN M 369 -63.75 -55.64 -24.13
N HIS M 370 -64.92 -56.15 -23.82
CA HIS M 370 -65.84 -55.59 -22.86
C HIS M 370 -65.32 -55.57 -21.43
N SER M 371 -65.78 -54.60 -20.66
CA SER M 371 -65.40 -54.51 -19.26
C SER M 371 -65.72 -55.78 -18.49
N SER M 372 -64.76 -56.21 -17.67
CA SER M 372 -64.91 -57.39 -16.84
C SER M 372 -63.93 -57.39 -15.69
N GLY M 373 -64.37 -57.88 -14.53
CA GLY M 373 -63.51 -58.05 -13.37
C GLY M 373 -63.75 -56.99 -12.30
N GLY M 374 -63.83 -57.45 -11.04
CA GLY M 374 -64.05 -56.55 -9.92
C GLY M 374 -65.51 -56.37 -9.60
N ASP M 375 -65.80 -55.56 -8.59
CA ASP M 375 -67.17 -55.35 -8.18
C ASP M 375 -67.73 -54.25 -9.11
N PRO M 376 -68.99 -53.83 -8.99
CA PRO M 376 -69.61 -52.84 -9.85
C PRO M 376 -68.89 -51.50 -9.94
N GLU M 377 -68.07 -51.11 -8.94
CA GLU M 377 -67.40 -49.80 -9.03
C GLU M 377 -66.09 -49.92 -9.78
N ILE M 378 -65.75 -51.15 -10.12
CA ILE M 378 -64.55 -51.43 -10.87
C ILE M 378 -64.96 -51.66 -12.30
N VAL M 379 -66.03 -52.44 -12.45
CA VAL M 379 -66.57 -52.83 -13.74
C VAL M 379 -67.25 -51.66 -14.46
N MET M 380 -68.06 -50.87 -13.74
CA MET M 380 -68.70 -49.70 -14.31
C MET M 380 -67.77 -48.50 -14.26
N HIS M 381 -67.93 -47.64 -15.25
CA HIS M 381 -67.25 -46.38 -15.42
C HIS M 381 -67.82 -45.35 -14.49
N SER M 382 -67.02 -44.48 -13.90
CA SER M 382 -67.71 -43.52 -13.04
C SER M 382 -67.13 -42.14 -12.95
N PHE M 383 -68.06 -41.23 -12.66
CA PHE M 383 -67.82 -39.80 -12.52
C PHE M 383 -68.91 -39.04 -11.75
N ASN M 384 -68.57 -37.85 -11.27
CA ASN M 384 -69.46 -36.91 -10.59
C ASN M 384 -70.12 -35.85 -11.49
N CYS M 385 -71.09 -36.22 -12.32
CA CYS M 385 -71.63 -35.28 -13.32
C CYS M 385 -72.48 -34.23 -12.64
N GLY M 386 -71.98 -33.00 -12.60
CA GLY M 386 -72.72 -31.97 -11.90
C GLY M 386 -72.62 -32.22 -10.40
N GLY M 387 -71.69 -33.08 -10.01
CA GLY M 387 -71.54 -33.51 -8.64
C GLY M 387 -72.30 -34.82 -8.35
N GLU M 388 -73.11 -35.29 -9.32
CA GLU M 388 -73.88 -36.53 -9.12
C GLU M 388 -73.09 -37.75 -9.57
N PHE M 389 -73.22 -38.83 -8.83
CA PHE M 389 -72.40 -39.99 -9.15
C PHE M 389 -73.04 -41.06 -10.00
N PHE M 390 -72.49 -41.13 -11.21
CA PHE M 390 -72.90 -42.01 -12.28
C PHE M 390 -71.99 -43.20 -12.41
N TYR M 391 -72.61 -44.34 -12.57
CA TYR M 391 -71.91 -45.59 -12.80
C TYR M 391 -72.42 -46.16 -14.11
N CYS M 392 -71.60 -46.12 -15.14
CA CYS M 392 -72.08 -46.48 -16.46
C CYS M 392 -71.52 -47.82 -16.91
N ASN M 393 -72.33 -48.59 -17.63
CA ASN M 393 -71.84 -49.94 -17.99
C ASN M 393 -70.59 -49.92 -18.87
N SER M 394 -70.52 -48.98 -19.78
CA SER M 394 -69.40 -48.83 -20.71
C SER M 394 -69.02 -50.12 -21.41
N THR M 395 -70.00 -50.89 -21.85
CA THR M 395 -69.68 -52.11 -22.57
C THR M 395 -69.87 -51.91 -24.05
N GLN M 396 -70.69 -50.93 -24.43
CA GLN M 396 -70.99 -50.65 -25.83
C GLN M 396 -69.74 -50.18 -26.54
N LEU M 397 -68.92 -49.45 -25.80
CA LEU M 397 -67.69 -48.89 -26.30
C LEU M 397 -66.71 -49.96 -26.68
N PHE M 398 -66.86 -51.12 -26.05
CA PHE M 398 -66.02 -52.25 -26.22
C PHE M 398 -66.84 -53.48 -26.58
N ASN M 399 -67.93 -53.30 -27.35
CA ASN M 399 -68.76 -54.45 -27.70
C ASN M 399 -68.28 -55.11 -28.96
N SER M 400 -67.17 -54.62 -29.46
CA SER M 400 -66.52 -55.13 -30.64
C SER M 400 -65.03 -54.93 -30.46
N THR M 401 -64.31 -56.03 -30.55
CA THR M 401 -62.86 -56.07 -30.41
C THR M 401 -62.27 -55.71 -31.74
N ILE M 412 -72.93 -43.64 -29.51
CA ILE M 412 -72.96 -44.65 -28.46
C ILE M 412 -73.58 -44.08 -27.20
N VAL M 413 -74.69 -44.65 -26.74
CA VAL M 413 -75.29 -44.10 -25.54
C VAL M 413 -75.37 -45.16 -24.45
N LEU M 414 -74.75 -44.86 -23.32
CA LEU M 414 -74.75 -45.83 -22.24
C LEU M 414 -75.70 -45.46 -21.15
N PRO M 415 -76.36 -46.44 -20.50
CA PRO M 415 -77.16 -46.26 -19.33
C PRO M 415 -76.21 -46.09 -18.18
N CYS M 416 -76.64 -45.32 -17.19
CA CYS M 416 -75.87 -45.13 -15.99
C CYS M 416 -76.74 -45.29 -14.75
N ARG M 417 -76.14 -45.77 -13.67
CA ARG M 417 -76.83 -45.93 -12.40
C ARG M 417 -76.38 -44.83 -11.45
N ILE M 418 -77.20 -44.53 -10.46
CA ILE M 418 -76.87 -43.49 -9.50
C ILE M 418 -76.68 -44.02 -8.09
N LYS M 419 -75.60 -43.58 -7.42
CA LYS M 419 -75.31 -43.98 -6.04
C LYS M 419 -74.90 -42.77 -5.20
N GLN M 420 -75.41 -42.63 -3.97
CA GLN M 420 -75.01 -41.51 -3.12
C GLN M 420 -73.91 -41.80 -2.08
N ILE M 421 -73.63 -43.05 -1.74
CA ILE M 421 -72.54 -43.25 -0.78
C ILE M 421 -71.24 -43.40 -1.55
N VAL M 422 -70.30 -42.52 -1.27
CA VAL M 422 -69.04 -42.49 -2.00
C VAL M 422 -67.78 -42.45 -1.13
N ASN M 423 -66.67 -42.83 -1.75
CA ASN M 423 -65.35 -42.82 -1.15
C ASN M 423 -64.43 -41.84 -1.84
N MET M 424 -63.39 -41.36 -1.15
CA MET M 424 -62.38 -40.59 -1.83
C MET M 424 -61.47 -41.60 -2.48
N TRP M 425 -61.90 -42.12 -3.62
CA TRP M 425 -61.28 -43.22 -4.37
C TRP M 425 -61.51 -44.56 -3.67
N GLN M 426 -61.17 -44.60 -2.39
CA GLN M 426 -61.36 -45.74 -1.52
C GLN M 426 -60.97 -45.40 -0.10
N GLU M 427 -61.95 -45.50 0.78
CA GLU M 427 -61.81 -45.22 2.19
C GLU M 427 -61.67 -46.47 2.98
N VAL M 428 -61.16 -46.34 4.19
CA VAL M 428 -61.13 -47.49 5.05
C VAL M 428 -62.27 -47.39 6.05
N GLY M 429 -63.27 -48.23 5.86
CA GLY M 429 -64.44 -48.27 6.73
C GLY M 429 -65.49 -47.18 6.48
N LYS M 430 -65.08 -45.94 6.71
CA LYS M 430 -65.93 -44.75 6.61
C LYS M 430 -66.30 -44.38 5.20
N ALA M 431 -67.32 -43.55 5.05
CA ALA M 431 -67.69 -43.06 3.71
C ALA M 431 -68.44 -41.74 3.82
N MET M 432 -68.57 -41.06 2.71
CA MET M 432 -69.31 -39.81 2.65
C MET M 432 -70.59 -40.02 1.87
N TYR M 433 -71.64 -39.35 2.29
CA TYR M 433 -72.88 -39.41 1.58
C TYR M 433 -73.13 -38.14 0.83
N ALA M 434 -73.38 -38.29 -0.46
CA ALA M 434 -73.63 -37.18 -1.32
C ALA M 434 -75.07 -36.71 -1.13
N PRO M 435 -75.31 -35.49 -0.64
CA PRO M 435 -76.62 -34.96 -0.35
C PRO M 435 -77.38 -34.99 -1.65
N PRO M 436 -78.70 -35.08 -1.61
CA PRO M 436 -79.54 -35.09 -2.77
C PRO M 436 -79.38 -33.77 -3.48
N ILE M 437 -79.44 -33.84 -4.80
CA ILE M 437 -79.30 -32.68 -5.64
C ILE M 437 -80.63 -32.28 -6.24
N LYS M 438 -81.00 -31.03 -6.02
CA LYS M 438 -82.24 -30.50 -6.53
C LYS M 438 -82.09 -30.18 -8.01
N GLY M 439 -83.11 -30.51 -8.79
CA GLY M 439 -83.11 -30.24 -10.22
C GLY M 439 -82.49 -31.37 -11.01
N GLN M 440 -82.18 -31.09 -12.27
CA GLN M 440 -81.66 -32.10 -13.19
C GLN M 440 -80.16 -32.02 -13.31
N ILE M 441 -79.55 -33.10 -13.75
CA ILE M 441 -78.12 -33.10 -13.98
C ILE M 441 -77.78 -33.04 -15.45
N ARG M 442 -76.92 -32.11 -15.80
CA ARG M 442 -76.41 -32.02 -17.15
C ARG M 442 -74.93 -31.66 -17.09
N CYS M 443 -74.11 -32.36 -17.86
CA CYS M 443 -72.70 -32.01 -17.96
C CYS M 443 -72.14 -32.61 -19.23
N SER M 444 -70.93 -32.27 -19.58
CA SER M 444 -70.29 -32.86 -20.71
C SER M 444 -68.82 -32.83 -20.43
N SER M 445 -68.07 -33.64 -21.12
CA SER M 445 -66.63 -33.65 -20.92
C SER M 445 -65.83 -34.13 -22.11
N ASN M 446 -64.52 -33.95 -21.96
CA ASN M 446 -63.52 -34.32 -22.97
C ASN M 446 -62.79 -35.61 -22.63
N ILE M 447 -63.04 -36.66 -23.38
CA ILE M 447 -62.33 -37.90 -23.13
C ILE M 447 -60.96 -37.74 -23.72
N THR M 448 -59.90 -37.84 -22.91
CA THR M 448 -58.56 -37.63 -23.42
C THR M 448 -57.66 -38.86 -23.31
N GLY M 449 -58.13 -39.91 -22.61
CA GLY M 449 -57.31 -41.12 -22.49
C GLY M 449 -57.94 -42.30 -21.76
N LEU M 450 -57.21 -43.40 -21.80
CA LEU M 450 -57.59 -44.69 -21.24
C LEU M 450 -56.54 -45.34 -20.33
N ILE M 451 -57.01 -46.19 -19.43
CA ILE M 451 -56.10 -47.08 -18.70
C ILE M 451 -56.50 -48.49 -19.02
N LEU M 452 -55.53 -49.29 -19.46
CA LEU M 452 -55.83 -50.66 -19.84
C LEU M 452 -55.22 -51.76 -18.99
N ILE M 453 -56.04 -52.80 -18.89
CA ILE M 453 -55.84 -54.06 -18.21
C ILE M 453 -55.45 -55.16 -19.18
N ARG M 454 -54.36 -55.86 -18.86
CA ARG M 454 -53.86 -56.99 -19.65
C ARG M 454 -54.73 -58.22 -19.37
N ASP M 455 -54.86 -59.14 -20.32
CA ASP M 455 -55.67 -60.35 -20.11
C ASP M 455 -54.92 -61.55 -19.54
N GLU M 465 -54.67 -60.68 -27.66
CA GLU M 465 -54.13 -59.85 -26.56
C GLU M 465 -55.25 -58.92 -26.17
N ILE M 466 -56.19 -59.42 -25.42
CA ILE M 466 -57.29 -58.59 -25.03
C ILE M 466 -56.99 -57.62 -23.94
N PHE M 467 -57.42 -56.43 -24.20
CA PHE M 467 -57.29 -55.38 -23.24
C PHE M 467 -58.67 -55.02 -22.80
N ARG M 468 -58.78 -54.64 -21.54
CA ARG M 468 -60.04 -54.16 -21.00
C ARG M 468 -59.77 -52.85 -20.26
N PRO M 469 -60.73 -51.93 -20.17
CA PRO M 469 -60.60 -50.67 -19.46
C PRO M 469 -60.61 -50.80 -17.94
N GLY M 470 -59.90 -49.89 -17.28
CA GLY M 470 -59.93 -49.78 -15.82
C GLY M 470 -58.65 -50.19 -15.13
N GLY M 471 -58.69 -50.24 -13.81
CA GLY M 471 -57.52 -50.56 -13.00
C GLY M 471 -56.85 -49.33 -12.42
N GLY M 472 -56.08 -49.53 -11.35
CA GLY M 472 -55.33 -48.46 -10.70
C GLY M 472 -56.15 -47.67 -9.68
N ASP M 473 -55.52 -46.63 -9.17
CA ASP M 473 -56.14 -45.74 -8.18
C ASP M 473 -55.79 -44.30 -8.50
N MET M 474 -55.92 -43.42 -7.52
CA MET M 474 -55.73 -42.02 -7.79
C MET M 474 -54.33 -41.70 -8.21
N ARG M 475 -53.37 -42.52 -7.79
CA ARG M 475 -52.00 -42.24 -8.12
C ARG M 475 -51.69 -42.60 -9.54
N ASP M 476 -52.53 -43.38 -10.17
CA ASP M 476 -52.22 -43.73 -11.52
C ASP M 476 -52.74 -42.60 -12.36
N ASN M 477 -53.84 -42.03 -11.91
CA ASN M 477 -54.38 -40.91 -12.64
C ASN M 477 -53.53 -39.67 -12.39
N TRP M 478 -52.99 -39.51 -11.18
CA TRP M 478 -52.13 -38.37 -10.94
C TRP M 478 -50.84 -38.52 -11.73
N ARG M 479 -50.28 -39.73 -11.74
CA ARG M 479 -49.04 -40.02 -12.42
C ARG M 479 -49.15 -39.72 -13.91
N SER M 480 -50.33 -39.97 -14.48
CA SER M 480 -50.56 -39.79 -15.90
C SER M 480 -50.34 -38.33 -16.32
N GLU M 481 -50.30 -37.41 -15.35
CA GLU M 481 -50.03 -36.02 -15.64
C GLU M 481 -48.63 -35.61 -15.15
N LEU M 482 -48.26 -36.13 -13.99
CA LEU M 482 -47.04 -35.74 -13.30
C LEU M 482 -45.78 -36.23 -13.96
N TYR M 483 -45.91 -37.20 -14.85
CA TYR M 483 -44.81 -37.80 -15.61
C TYR M 483 -43.92 -36.79 -16.31
N LYS M 484 -44.42 -35.59 -16.55
CA LYS M 484 -43.61 -34.60 -17.22
C LYS M 484 -42.50 -33.99 -16.36
N TYR M 485 -42.61 -34.10 -15.03
CA TYR M 485 -41.67 -33.37 -14.17
C TYR M 485 -40.91 -34.14 -13.09
N LYS M 486 -39.74 -33.62 -12.73
CA LYS M 486 -38.99 -34.15 -11.58
C LYS M 486 -38.42 -33.00 -10.74
N VAL M 487 -38.21 -33.24 -9.45
CA VAL M 487 -37.66 -32.19 -8.57
C VAL M 487 -36.18 -32.35 -8.25
N VAL M 488 -35.45 -31.24 -8.36
CA VAL M 488 -34.03 -31.23 -8.03
C VAL M 488 -33.72 -30.11 -7.02
N LYS M 489 -32.60 -30.27 -6.32
CA LYS M 489 -32.11 -29.28 -5.36
C LYS M 489 -30.86 -28.63 -5.90
N ILE M 490 -30.80 -27.32 -5.80
CA ILE M 490 -29.66 -26.58 -6.30
C ILE M 490 -28.52 -26.66 -5.30
N GLU M 491 -27.32 -26.96 -5.80
CA GLU M 491 -26.10 -27.10 -4.99
C GLU M 491 -25.01 -26.14 -5.46
N PRO M 492 -25.11 -24.85 -5.15
CA PRO M 492 -24.29 -23.77 -5.68
C PRO M 492 -22.87 -23.63 -5.15
N LEU M 493 -22.54 -24.34 -4.09
CA LEU M 493 -21.22 -24.13 -3.51
C LEU M 493 -20.28 -25.25 -3.83
N GLY M 494 -19.11 -24.91 -4.39
CA GLY M 494 -18.12 -25.92 -4.70
C GLY M 494 -16.73 -25.32 -4.83
N ILE M 495 -15.76 -26.16 -5.13
CA ILE M 495 -14.36 -25.74 -5.24
C ILE M 495 -13.73 -26.24 -6.51
N ALA M 496 -12.62 -25.64 -6.89
CA ALA M 496 -11.84 -26.13 -8.00
C ALA M 496 -10.41 -25.63 -7.86
N PRO M 497 -9.42 -26.34 -8.43
CA PRO M 497 -8.06 -25.89 -8.48
C PRO M 497 -7.87 -24.72 -9.42
N THR M 498 -7.04 -23.78 -9.02
CA THR M 498 -6.65 -22.60 -9.78
C THR M 498 -5.18 -22.36 -9.83
N LYS M 499 -4.75 -21.39 -10.60
CA LYS M 499 -3.31 -21.10 -10.59
C LYS M 499 -3.00 -20.04 -9.54
N CYS M 500 -4.05 -19.42 -9.04
CA CYS M 500 -3.95 -18.36 -8.05
C CYS M 500 -3.93 -18.74 -6.58
N LYS M 501 -2.85 -18.39 -5.92
CA LYS M 501 -2.70 -18.63 -4.50
C LYS M 501 -3.30 -17.47 -3.71
N ARG M 502 -3.82 -17.76 -2.53
CA ARG M 502 -4.23 -16.70 -1.63
C ARG M 502 -3.07 -15.80 -1.22
N ARG M 503 -3.31 -14.50 -1.21
CA ARG M 503 -2.32 -13.54 -0.76
C ARG M 503 -2.66 -13.13 0.66
N VAL M 504 -1.64 -12.86 1.45
CA VAL M 504 -1.85 -12.42 2.82
C VAL M 504 -0.99 -11.19 3.13
N ALA N 1 -15.48 -13.19 -35.89
CA ALA N 1 -14.57 -12.58 -34.95
C ALA N 1 -15.19 -11.29 -34.47
N VAL N 2 -16.35 -11.02 -35.00
CA VAL N 2 -17.08 -9.83 -34.65
C VAL N 2 -17.78 -10.14 -33.35
N GLY N 3 -17.53 -9.29 -32.34
CA GLY N 3 -17.97 -9.49 -30.96
C GLY N 3 -19.46 -9.33 -30.69
N ILE N 4 -20.22 -10.27 -31.22
CA ILE N 4 -21.65 -10.27 -31.05
C ILE N 4 -22.03 -11.27 -29.96
N GLY N 5 -22.59 -10.78 -28.86
CA GLY N 5 -22.91 -11.67 -27.77
C GLY N 5 -23.20 -10.85 -26.53
N ALA N 6 -22.86 -11.37 -25.35
CA ALA N 6 -23.17 -10.72 -24.08
C ALA N 6 -24.69 -10.62 -23.90
N VAL N 7 -25.28 -11.80 -23.88
CA VAL N 7 -26.70 -12.03 -23.78
C VAL N 7 -27.03 -12.86 -22.55
N PHE N 8 -28.30 -12.89 -22.17
CA PHE N 8 -28.72 -13.58 -20.97
C PHE N 8 -29.75 -14.68 -21.14
N LEU N 9 -29.37 -15.87 -20.71
CA LEU N 9 -30.25 -17.03 -20.80
C LEU N 9 -31.13 -17.27 -19.59
N GLY N 10 -30.51 -17.27 -18.42
CA GLY N 10 -31.15 -17.62 -17.16
C GLY N 10 -30.81 -19.07 -16.87
N PHE N 11 -30.74 -19.43 -15.60
CA PHE N 11 -30.43 -20.78 -15.12
C PHE N 11 -29.02 -21.32 -15.50
N LEU N 12 -28.69 -21.36 -16.78
CA LEU N 12 -27.36 -21.76 -17.26
C LEU N 12 -26.87 -23.07 -16.69
N GLY N 13 -27.54 -24.17 -16.93
CA GLY N 13 -27.07 -25.40 -16.27
C GLY N 13 -25.66 -25.76 -16.71
N ALA N 14 -24.85 -26.34 -15.79
CA ALA N 14 -23.44 -26.68 -16.03
C ALA N 14 -23.23 -27.88 -16.91
N ALA N 15 -23.66 -27.73 -18.13
CA ALA N 15 -23.56 -28.70 -19.15
C ALA N 15 -23.42 -27.91 -20.41
N GLY N 16 -24.07 -26.73 -20.38
CA GLY N 16 -24.16 -25.87 -21.56
C GLY N 16 -22.85 -25.18 -21.85
N SER N 17 -21.99 -25.12 -20.84
CA SER N 17 -20.71 -24.47 -20.97
C SER N 17 -19.74 -25.04 -19.97
N THR N 18 -18.45 -24.82 -20.22
CA THR N 18 -17.38 -25.34 -19.41
C THR N 18 -17.30 -24.63 -18.09
N MET N 19 -16.54 -25.19 -17.16
CA MET N 19 -16.42 -24.58 -15.85
C MET N 19 -15.94 -23.15 -15.96
N GLY N 20 -14.99 -22.92 -16.86
CA GLY N 20 -14.48 -21.57 -17.02
C GLY N 20 -15.61 -20.67 -17.48
N ALA N 21 -16.29 -21.05 -18.53
CA ALA N 21 -17.37 -20.24 -19.06
C ALA N 21 -18.52 -20.06 -18.07
N ALA N 22 -18.81 -21.11 -17.33
CA ALA N 22 -19.90 -21.15 -16.39
C ALA N 22 -19.67 -20.14 -15.27
N SER N 23 -18.41 -19.88 -14.93
CA SER N 23 -18.05 -18.98 -13.84
C SER N 23 -18.46 -17.54 -14.14
N MET N 24 -18.84 -17.27 -15.39
CA MET N 24 -19.21 -15.93 -15.77
C MET N 24 -20.64 -15.57 -15.35
N THR N 25 -21.37 -16.52 -14.77
CA THR N 25 -22.74 -16.28 -14.33
C THR N 25 -22.99 -16.69 -12.88
N LEU N 26 -22.07 -16.38 -11.97
CA LEU N 26 -22.22 -16.79 -10.58
C LEU N 26 -23.28 -15.91 -9.92
N THR N 27 -23.41 -14.67 -10.41
CA THR N 27 -24.41 -13.78 -9.86
C THR N 27 -25.79 -14.19 -10.33
N VAL N 28 -25.83 -14.92 -11.44
CA VAL N 28 -27.11 -15.37 -11.95
C VAL N 28 -27.61 -16.41 -11.02
N GLN N 29 -26.75 -17.35 -10.66
CA GLN N 29 -27.23 -18.36 -9.77
C GLN N 29 -27.51 -17.77 -8.43
N ALA N 30 -26.69 -16.84 -7.97
CA ALA N 30 -26.95 -16.30 -6.65
C ALA N 30 -28.29 -15.62 -6.62
N ARG N 31 -28.62 -14.89 -7.67
CA ARG N 31 -29.89 -14.20 -7.71
C ARG N 31 -31.04 -15.19 -7.63
N GLN N 32 -30.88 -16.34 -8.27
CA GLN N 32 -31.87 -17.39 -8.28
C GLN N 32 -31.96 -18.10 -6.92
N THR N 58 -54.14 -24.86 9.20
CA THR N 58 -54.19 -26.26 8.83
C THR N 58 -52.93 -26.65 8.06
N VAL N 59 -53.02 -27.74 7.32
CA VAL N 59 -51.91 -28.34 6.60
C VAL N 59 -51.22 -27.35 5.67
N TRP N 60 -51.95 -26.40 5.15
CA TRP N 60 -51.35 -25.44 4.27
C TRP N 60 -50.33 -24.62 5.03
N GLY N 61 -50.61 -24.33 6.30
CA GLY N 61 -49.74 -23.52 7.12
C GLY N 61 -48.49 -24.28 7.34
N ILE N 62 -48.63 -25.58 7.52
CA ILE N 62 -47.49 -26.42 7.76
C ILE N 62 -46.62 -26.39 6.53
N LYS N 63 -47.21 -26.53 5.37
CA LYS N 63 -46.39 -26.51 4.19
C LYS N 63 -45.72 -25.16 3.94
N GLN N 64 -46.43 -24.06 4.21
CA GLN N 64 -45.85 -22.75 4.00
C GLN N 64 -44.68 -22.58 4.94
N LEU N 65 -44.85 -23.09 6.15
CA LEU N 65 -43.84 -23.00 7.14
C LEU N 65 -42.64 -23.82 6.79
N GLN N 66 -42.85 -25.08 6.42
CA GLN N 66 -41.70 -25.90 6.21
C GLN N 66 -40.95 -25.42 5.00
N ALA N 67 -41.66 -24.92 4.00
CA ALA N 67 -41.01 -24.45 2.80
C ALA N 67 -40.10 -23.28 3.12
N ARG N 68 -40.57 -22.39 3.99
CA ARG N 68 -39.76 -21.25 4.33
C ARG N 68 -38.60 -21.67 5.21
N VAL N 69 -38.82 -22.64 6.08
CA VAL N 69 -37.74 -23.08 6.92
C VAL N 69 -36.64 -23.71 6.09
N LEU N 70 -37.00 -24.54 5.12
CA LEU N 70 -35.98 -25.17 4.31
C LEU N 70 -35.20 -24.15 3.53
N ALA N 71 -35.87 -23.12 3.01
CA ALA N 71 -35.15 -22.12 2.26
C ALA N 71 -34.12 -21.44 3.12
N VAL N 72 -34.49 -21.17 4.37
CA VAL N 72 -33.57 -20.53 5.29
C VAL N 72 -32.41 -21.43 5.59
N GLU N 73 -32.69 -22.71 5.82
CA GLU N 73 -31.63 -23.62 6.14
C GLU N 73 -30.63 -23.74 5.02
N ARG N 74 -31.10 -23.79 3.77
CA ARG N 74 -30.15 -23.93 2.69
C ARG N 74 -29.31 -22.68 2.57
N TYR N 75 -29.94 -21.53 2.69
CA TYR N 75 -29.21 -20.31 2.58
C TYR N 75 -28.14 -20.21 3.63
N LEU N 76 -28.50 -20.47 4.87
CA LEU N 76 -27.54 -20.33 5.91
C LEU N 76 -26.44 -21.34 5.79
N LYS N 77 -26.71 -22.57 5.39
CA LYS N 77 -25.59 -23.51 5.33
C LYS N 77 -24.48 -23.02 4.44
N ASP N 78 -24.82 -22.43 3.30
CA ASP N 78 -23.76 -21.95 2.43
C ASP N 78 -23.06 -20.76 3.06
N GLN N 79 -23.83 -19.91 3.72
CA GLN N 79 -23.24 -18.73 4.32
C GLN N 79 -22.35 -19.09 5.49
N GLN N 80 -22.70 -20.15 6.21
CA GLN N 80 -21.92 -20.56 7.35
C GLN N 80 -20.55 -21.03 6.91
N LEU N 81 -20.50 -21.76 5.80
CA LEU N 81 -19.22 -22.20 5.29
C LEU N 81 -18.39 -21.05 4.74
N LEU N 82 -19.04 -20.15 4.02
CA LEU N 82 -18.31 -19.03 3.48
C LEU N 82 -17.85 -18.14 4.62
N GLY N 83 -18.66 -18.05 5.66
CA GLY N 83 -18.32 -17.26 6.82
C GLY N 83 -17.05 -17.76 7.50
N ILE N 84 -17.03 -19.05 7.86
CA ILE N 84 -15.87 -19.61 8.57
C ILE N 84 -14.59 -19.58 7.72
N TRP N 85 -14.73 -19.68 6.40
CA TRP N 85 -13.61 -19.62 5.49
C TRP N 85 -13.13 -18.20 5.23
N GLY N 86 -13.89 -17.19 5.64
CA GLY N 86 -13.53 -15.81 5.32
C GLY N 86 -13.83 -15.48 3.86
N CYS N 87 -14.80 -16.17 3.27
CA CYS N 87 -15.18 -15.99 1.88
C CYS N 87 -16.56 -15.38 1.74
N SER N 88 -17.05 -14.81 2.82
CA SER N 88 -18.33 -14.19 2.78
C SER N 88 -18.24 -12.96 1.92
N GLY N 89 -19.23 -12.76 1.06
CA GLY N 89 -19.26 -11.59 0.19
C GLY N 89 -18.46 -11.81 -1.09
N LYS N 90 -17.85 -12.98 -1.24
CA LYS N 90 -17.07 -13.21 -2.43
C LYS N 90 -17.70 -14.26 -3.31
N LEU N 91 -17.76 -13.98 -4.60
CA LEU N 91 -18.26 -14.98 -5.54
C LEU N 91 -17.18 -16.03 -5.67
N ILE N 92 -15.94 -15.56 -5.66
CA ILE N 92 -14.78 -16.41 -5.78
C ILE N 92 -13.75 -16.06 -4.70
N CYS N 93 -13.24 -17.04 -3.96
CA CYS N 93 -12.18 -16.71 -3.00
C CYS N 93 -11.08 -17.75 -3.05
N CYS N 94 -9.84 -17.30 -2.94
CA CYS N 94 -8.73 -18.25 -2.96
C CYS N 94 -8.28 -18.56 -1.56
N THR N 95 -7.83 -19.78 -1.36
CA THR N 95 -7.39 -20.23 -0.07
C THR N 95 -5.89 -20.44 -0.02
N ALA N 96 -5.42 -20.71 1.19
CA ALA N 96 -4.02 -21.00 1.49
C ALA N 96 -3.65 -22.48 1.28
N VAL N 97 -4.62 -23.29 0.89
CA VAL N 97 -4.39 -24.71 0.74
C VAL N 97 -4.13 -25.08 -0.72
N PRO N 98 -3.01 -25.76 -1.04
CA PRO N 98 -2.64 -26.20 -2.35
C PRO N 98 -3.49 -27.36 -2.76
N TRP N 99 -3.66 -27.51 -4.04
CA TRP N 99 -4.36 -28.64 -4.60
C TRP N 99 -3.48 -29.87 -4.53
N ASN N 100 -4.07 -30.98 -4.10
CA ASN N 100 -3.36 -32.24 -4.07
C ASN N 100 -3.80 -33.06 -5.26
N THR N 101 -2.85 -33.56 -6.03
CA THR N 101 -3.14 -34.30 -7.24
C THR N 101 -3.77 -35.64 -6.96
N SER N 102 -3.74 -36.06 -5.70
CA SER N 102 -4.39 -37.30 -5.31
C SER N 102 -5.90 -37.11 -5.32
N TRP N 103 -6.35 -35.85 -5.28
CA TRP N 103 -7.78 -35.57 -5.31
C TRP N 103 -8.16 -35.60 -6.77
N SER N 104 -7.30 -34.98 -7.55
CA SER N 104 -7.42 -34.92 -9.00
C SER N 104 -6.12 -34.59 -9.64
N ASN N 105 -5.71 -35.41 -10.58
CA ASN N 105 -4.46 -35.21 -11.27
C ASN N 105 -4.63 -34.67 -12.67
N LYS N 106 -5.78 -34.04 -12.93
CA LYS N 106 -6.00 -33.42 -14.22
C LYS N 106 -5.38 -32.03 -14.24
N SER N 107 -4.96 -31.58 -15.41
CA SER N 107 -4.38 -30.26 -15.58
C SER N 107 -5.43 -29.18 -15.51
N TYR N 108 -4.97 -27.94 -15.34
CA TYR N 108 -5.88 -26.82 -15.28
C TYR N 108 -6.78 -26.82 -16.51
N ASN N 109 -6.18 -26.94 -17.70
CA ASN N 109 -6.93 -26.96 -18.95
C ASN N 109 -7.94 -28.09 -19.01
N GLN N 110 -7.53 -29.28 -18.60
CA GLN N 110 -8.44 -30.41 -18.64
C GLN N 110 -9.65 -30.19 -17.77
N ILE N 111 -9.49 -29.49 -16.66
CA ILE N 111 -10.60 -29.24 -15.77
C ILE N 111 -11.46 -28.07 -16.22
N TRP N 112 -10.83 -26.94 -16.47
CA TRP N 112 -11.56 -25.71 -16.77
C TRP N 112 -12.10 -25.51 -18.17
N ASN N 113 -11.43 -26.06 -19.18
CA ASN N 113 -11.82 -25.82 -20.54
C ASN N 113 -12.47 -27.00 -21.23
N ASN N 114 -12.29 -28.19 -20.67
CA ASN N 114 -12.81 -29.37 -21.33
C ASN N 114 -13.89 -30.09 -20.54
N MET N 115 -14.33 -29.47 -19.46
CA MET N 115 -15.35 -30.06 -18.59
C MET N 115 -16.28 -28.99 -18.07
N THR N 116 -17.48 -29.41 -17.72
CA THR N 116 -18.44 -28.52 -17.11
C THR N 116 -18.46 -28.87 -15.62
N TRP N 117 -19.04 -28.01 -14.80
CA TRP N 117 -19.08 -28.29 -13.36
C TRP N 117 -19.90 -29.53 -13.02
N MET N 118 -20.97 -29.83 -13.76
CA MET N 118 -21.78 -30.95 -13.35
C MET N 118 -21.03 -32.26 -13.35
N GLU N 119 -20.17 -32.45 -14.33
CA GLU N 119 -19.42 -33.67 -14.41
C GLU N 119 -18.23 -33.64 -13.51
N TRP N 120 -17.53 -32.53 -13.52
CA TRP N 120 -16.30 -32.45 -12.79
C TRP N 120 -16.45 -32.56 -11.28
N GLU N 121 -17.40 -31.88 -10.68
CA GLU N 121 -17.48 -31.91 -9.23
C GLU N 121 -17.70 -33.30 -8.69
N ARG N 122 -18.44 -34.11 -9.42
CA ARG N 122 -18.75 -35.46 -8.99
C ARG N 122 -17.51 -36.32 -8.80
N GLU N 123 -16.40 -35.95 -9.41
CA GLU N 123 -15.18 -36.72 -9.31
C GLU N 123 -14.46 -36.52 -7.99
N ILE N 124 -14.71 -35.42 -7.29
CA ILE N 124 -14.02 -35.13 -6.04
C ILE N 124 -15.01 -34.96 -4.92
N ASP N 125 -16.18 -35.53 -5.10
CA ASP N 125 -17.26 -35.36 -4.14
C ASP N 125 -16.83 -35.90 -2.77
N ASN N 126 -16.01 -36.95 -2.79
CA ASN N 126 -15.55 -37.61 -1.60
C ASN N 126 -14.44 -36.87 -0.87
N TYR N 127 -13.98 -35.76 -1.40
CA TYR N 127 -12.94 -35.00 -0.72
C TYR N 127 -13.51 -33.72 -0.18
N THR N 128 -14.83 -33.56 -0.26
CA THR N 128 -15.41 -32.31 0.15
C THR N 128 -15.12 -31.96 1.60
N SER N 129 -15.30 -32.92 2.52
CA SER N 129 -15.09 -32.59 3.93
C SER N 129 -13.63 -32.40 4.24
N LEU N 130 -12.78 -33.07 3.50
CA LEU N 130 -11.37 -32.94 3.69
C LEU N 130 -10.90 -31.57 3.39
N ILE N 131 -11.30 -31.10 2.22
CA ILE N 131 -10.80 -29.84 1.78
C ILE N 131 -11.40 -28.76 2.60
N TYR N 132 -12.70 -28.84 2.86
CA TYR N 132 -13.37 -27.83 3.65
C TYR N 132 -12.70 -27.69 4.99
N THR N 133 -12.30 -28.80 5.60
CA THR N 133 -11.62 -28.72 6.88
C THR N 133 -10.25 -28.05 6.71
N LEU N 134 -9.50 -28.43 5.68
CA LEU N 134 -8.16 -27.87 5.54
C LEU N 134 -8.19 -26.37 5.35
N ILE N 135 -9.15 -25.89 4.58
CA ILE N 135 -9.23 -24.46 4.32
C ILE N 135 -9.72 -23.66 5.53
N GLU N 136 -10.12 -24.33 6.61
CA GLU N 136 -10.51 -23.65 7.83
C GLU N 136 -9.33 -23.52 8.78
N ASP N 137 -8.76 -24.66 9.15
CA ASP N 137 -7.70 -24.63 10.16
C ASP N 137 -6.35 -24.22 9.64
N SER N 138 -6.01 -24.64 8.42
CA SER N 138 -4.68 -24.39 7.89
C SER N 138 -4.62 -22.98 7.38
N GLN N 139 -5.79 -22.38 7.27
CA GLN N 139 -5.85 -21.05 6.80
C GLN N 139 -6.29 -20.07 7.85
N ASN N 140 -7.52 -20.13 8.33
CA ASN N 140 -7.92 -19.03 9.18
C ASN N 140 -7.50 -19.18 10.59
N GLN N 141 -7.49 -20.38 11.14
CA GLN N 141 -7.06 -20.39 12.52
C GLN N 141 -5.60 -19.98 12.55
N GLN N 142 -4.81 -20.54 11.64
CA GLN N 142 -3.40 -20.22 11.64
C GLN N 142 -3.09 -18.79 11.21
N GLU N 143 -3.76 -18.30 10.17
CA GLU N 143 -3.48 -16.96 9.69
C GLU N 143 -3.87 -15.93 10.68
N LYS N 144 -5.01 -16.12 11.33
CA LYS N 144 -5.47 -15.12 12.25
C LYS N 144 -4.61 -15.11 13.49
N ASN N 145 -4.09 -16.25 13.94
CA ASN N 145 -3.27 -16.16 15.12
C ASN N 145 -1.98 -15.46 14.79
N GLU N 146 -1.42 -15.73 13.60
CA GLU N 146 -0.17 -15.08 13.27
C GLU N 146 -0.36 -13.59 13.15
N GLN N 147 -1.47 -13.17 12.53
CA GLN N 147 -1.65 -11.76 12.37
C GLN N 147 -2.00 -11.09 13.68
N GLU N 148 -2.76 -11.75 14.56
CA GLU N 148 -3.06 -11.07 15.80
C GLU N 148 -1.79 -10.76 16.52
N LEU N 149 -0.86 -11.71 16.57
CA LEU N 149 0.37 -11.47 17.29
C LEU N 149 1.17 -10.36 16.67
N LEU N 150 1.22 -10.29 15.35
CA LEU N 150 1.97 -9.24 14.67
C LEU N 150 1.38 -7.88 14.97
N GLU N 151 0.08 -7.83 15.15
CA GLU N 151 -0.60 -6.58 15.40
C GLU N 151 -0.47 -6.09 16.84
N LEU N 152 0.17 -6.88 17.74
CA LEU N 152 0.33 -6.40 19.10
C LEU N 152 1.61 -5.57 19.18
N ASP N 153 2.35 -5.52 18.08
CA ASP N 153 3.58 -4.75 17.99
C ASP N 153 3.28 -3.47 17.20
N GLU O 2 -36.69 -24.44 -31.35
CA GLU O 2 -36.28 -23.05 -31.43
C GLU O 2 -36.52 -22.56 -32.84
N VAL O 3 -37.50 -21.70 -33.02
CA VAL O 3 -37.81 -21.21 -34.35
C VAL O 3 -37.93 -19.70 -34.37
N LEU O 4 -37.81 -19.12 -35.54
CA LEU O 4 -37.97 -17.69 -35.66
C LEU O 4 -39.16 -17.35 -36.50
N VAL O 5 -40.05 -16.55 -35.95
CA VAL O 5 -41.25 -16.23 -36.68
C VAL O 5 -41.38 -14.75 -37.02
N GLN O 6 -41.41 -14.47 -38.30
CA GLN O 6 -41.51 -13.11 -38.80
C GLN O 6 -42.93 -12.75 -39.18
N SER O 7 -43.16 -11.44 -39.21
CA SER O 7 -44.44 -10.84 -39.61
C SER O 7 -44.72 -11.01 -41.09
N GLY O 8 -45.62 -10.19 -41.63
CA GLY O 8 -46.02 -10.33 -43.01
C GLY O 8 -45.26 -9.44 -43.98
N ALA O 9 -45.73 -9.45 -45.22
CA ALA O 9 -45.15 -8.67 -46.32
C ALA O 9 -45.74 -7.27 -46.37
N GLU O 10 -44.99 -6.35 -46.98
CA GLU O 10 -45.41 -4.96 -47.14
C GLU O 10 -45.14 -4.36 -48.53
N VAL O 11 -45.96 -3.39 -48.92
CA VAL O 11 -45.73 -2.65 -50.15
C VAL O 11 -45.63 -1.19 -49.80
N LYS O 12 -44.52 -0.58 -50.19
CA LYS O 12 -44.23 0.79 -49.85
C LYS O 12 -43.83 1.61 -51.05
N LYS O 13 -44.06 2.91 -51.01
CA LYS O 13 -43.56 3.73 -52.09
C LYS O 13 -42.20 4.28 -51.70
N PRO O 14 -41.33 4.63 -52.65
CA PRO O 14 -40.06 5.21 -52.34
C PRO O 14 -40.23 6.43 -51.42
N GLY O 15 -39.35 6.52 -50.42
CA GLY O 15 -39.34 7.56 -49.40
C GLY O 15 -39.98 7.08 -48.11
N ALA O 16 -40.65 5.94 -48.18
CA ALA O 16 -41.35 5.27 -47.09
C ALA O 16 -40.43 4.49 -46.15
N SER O 17 -41.05 3.90 -45.12
CA SER O 17 -40.33 3.06 -44.18
C SER O 17 -41.14 1.79 -43.89
N VAL O 18 -40.41 0.73 -43.53
CA VAL O 18 -41.03 -0.56 -43.20
C VAL O 18 -40.47 -1.13 -41.89
N LYS O 19 -41.30 -1.82 -41.13
CA LYS O 19 -40.82 -2.45 -39.90
C LYS O 19 -41.17 -3.94 -39.90
N VAL O 20 -40.13 -4.78 -39.78
CA VAL O 20 -40.27 -6.22 -39.81
C VAL O 20 -39.95 -6.86 -38.47
N SER O 21 -40.93 -7.53 -37.87
CA SER O 21 -40.72 -8.17 -36.59
C SER O 21 -40.22 -9.60 -36.74
N CYS O 22 -39.67 -10.13 -35.64
CA CYS O 22 -39.23 -11.53 -35.53
C CYS O 22 -39.31 -12.04 -34.09
N ARG O 23 -40.25 -12.96 -33.84
CA ARG O 23 -40.53 -13.52 -32.51
C ARG O 23 -39.69 -14.73 -32.12
N ALA O 24 -39.16 -14.70 -30.91
CA ALA O 24 -38.32 -15.77 -30.36
C ALA O 24 -39.09 -16.95 -29.80
N PHE O 25 -39.64 -17.74 -30.68
CA PHE O 25 -40.36 -18.90 -30.19
C PHE O 25 -39.44 -20.07 -29.83
N GLY O 26 -39.67 -20.67 -28.68
CA GLY O 26 -38.95 -21.87 -28.26
C GLY O 26 -37.60 -21.63 -27.58
N TYR O 27 -37.19 -20.37 -27.41
CA TYR O 27 -35.90 -20.09 -26.80
C TYR O 27 -35.92 -18.77 -26.06
N THR O 28 -34.95 -18.55 -25.19
CA THR O 28 -34.94 -17.29 -24.48
C THR O 28 -34.57 -16.16 -25.43
N PHE O 29 -35.44 -15.17 -25.51
CA PHE O 29 -35.28 -14.02 -26.39
C PHE O 29 -33.98 -13.31 -26.16
N THR O 30 -33.68 -13.09 -24.90
CA THR O 30 -32.54 -12.34 -24.48
C THR O 30 -31.28 -13.15 -24.40
N GLY O 31 -31.34 -14.45 -24.73
CA GLY O 31 -30.18 -15.33 -24.59
C GLY O 31 -29.37 -15.57 -25.86
N ASN O 32 -29.74 -14.92 -26.96
CA ASN O 32 -29.05 -15.12 -28.23
C ASN O 32 -29.29 -13.93 -29.17
N ALA O 33 -28.20 -13.25 -29.56
CA ALA O 33 -28.28 -12.05 -30.42
C ALA O 33 -28.88 -12.36 -31.80
N LEU O 34 -29.65 -11.41 -32.37
CA LEU O 34 -30.29 -11.65 -33.67
C LEU O 34 -29.70 -10.81 -34.81
N HIS O 35 -29.50 -11.44 -35.97
CA HIS O 35 -29.04 -10.80 -37.20
C HIS O 35 -30.16 -10.52 -38.16
N TRP O 36 -29.97 -9.50 -38.96
CA TRP O 36 -30.87 -9.21 -40.05
C TRP O 36 -30.10 -9.21 -41.37
N VAL O 37 -30.65 -9.99 -42.31
CA VAL O 37 -30.09 -10.22 -43.64
C VAL O 37 -31.16 -10.00 -44.72
N ARG O 38 -30.80 -9.33 -45.80
CA ARG O 38 -31.75 -9.09 -46.88
C ARG O 38 -31.35 -9.71 -48.22
N GLN O 39 -32.35 -10.11 -48.99
CA GLN O 39 -32.05 -10.60 -50.32
C GLN O 39 -32.99 -10.05 -51.40
N ALA O 40 -32.53 -9.03 -52.12
CA ALA O 40 -33.27 -8.38 -53.20
C ALA O 40 -33.35 -9.36 -54.36
N PRO O 41 -34.34 -9.29 -55.25
CA PRO O 41 -34.44 -10.20 -56.36
C PRO O 41 -33.16 -10.19 -57.16
N GLY O 42 -32.65 -11.38 -57.48
CA GLY O 42 -31.43 -11.54 -58.26
C GLY O 42 -30.15 -11.38 -57.46
N GLN O 43 -30.28 -11.10 -56.17
CA GLN O 43 -29.14 -10.85 -55.31
C GLN O 43 -28.78 -11.99 -54.38
N GLY O 44 -27.56 -11.89 -53.86
CA GLY O 44 -27.04 -12.80 -52.87
C GLY O 44 -27.47 -12.26 -51.52
N LEU O 45 -26.84 -12.67 -50.45
CA LEU O 45 -27.30 -12.27 -49.14
C LEU O 45 -26.56 -11.03 -48.57
N GLU O 46 -27.34 -9.98 -48.31
CA GLU O 46 -26.85 -8.71 -47.82
C GLU O 46 -27.03 -8.53 -46.33
N TRP O 47 -25.96 -8.28 -45.62
CA TRP O 47 -26.11 -8.11 -44.19
C TRP O 47 -26.51 -6.69 -43.86
N LEU O 48 -27.48 -6.52 -42.96
CA LEU O 48 -27.91 -5.18 -42.57
C LEU O 48 -27.40 -4.83 -41.20
N GLY O 49 -27.36 -5.81 -40.32
CA GLY O 49 -26.93 -5.55 -38.95
C GLY O 49 -27.45 -6.59 -37.98
N TRP O 50 -27.25 -6.33 -36.69
CA TRP O 50 -27.73 -7.25 -35.66
C TRP O 50 -28.09 -6.46 -34.41
N ILE O 51 -28.96 -7.06 -33.57
CA ILE O 51 -29.33 -6.50 -32.27
C ILE O 51 -29.26 -7.47 -31.10
N ASN O 52 -28.75 -6.97 -29.98
CA ASN O 52 -28.67 -7.71 -28.75
C ASN O 52 -30.01 -7.55 -28.03
N PRO O 53 -30.83 -8.59 -27.91
CA PRO O 53 -32.15 -8.57 -27.34
C PRO O 53 -32.13 -8.28 -25.84
N HIS O 54 -30.97 -8.46 -25.23
CA HIS O 54 -30.82 -8.25 -23.81
C HIS O 54 -30.51 -6.79 -23.51
N SER O 55 -29.42 -6.31 -24.11
CA SER O 55 -28.93 -4.95 -23.88
C SER O 55 -29.44 -3.87 -24.83
N GLY O 56 -29.88 -4.26 -26.02
CA GLY O 56 -30.32 -3.31 -27.05
C GLY O 56 -29.17 -2.87 -27.96
N ASP O 57 -27.96 -3.38 -27.74
CA ASP O 57 -26.77 -3.05 -28.54
C ASP O 57 -26.92 -3.48 -29.99
N THR O 58 -26.49 -2.63 -30.94
CA THR O 58 -26.54 -3.00 -32.35
C THR O 58 -25.28 -2.69 -33.12
N THR O 59 -25.14 -3.35 -34.26
CA THR O 59 -24.10 -3.03 -35.24
C THR O 59 -24.79 -3.05 -36.58
N THR O 60 -24.50 -2.09 -37.44
CA THR O 60 -25.07 -2.10 -38.76
C THR O 60 -24.04 -1.92 -39.85
N SER O 61 -24.42 -2.32 -41.06
CA SER O 61 -23.58 -2.12 -42.21
C SER O 61 -23.42 -0.64 -42.50
N GLN O 62 -22.26 -0.26 -42.99
CA GLN O 62 -21.94 1.12 -43.31
C GLN O 62 -22.92 1.65 -44.34
N LYS O 63 -23.38 0.78 -45.23
CA LYS O 63 -24.30 1.12 -46.29
C LYS O 63 -25.57 1.77 -45.77
N PHE O 64 -25.98 1.41 -44.58
CA PHE O 64 -27.22 1.87 -44.03
C PHE O 64 -27.04 2.76 -42.82
N GLN O 65 -25.92 3.44 -42.68
CA GLN O 65 -25.86 4.25 -41.48
C GLN O 65 -26.91 5.33 -41.56
N GLY O 66 -27.73 5.40 -40.51
CA GLY O 66 -28.80 6.39 -40.40
C GLY O 66 -30.08 5.96 -41.14
N ARG O 67 -30.03 4.80 -41.80
CA ARG O 67 -31.13 4.26 -42.59
C ARG O 67 -31.71 2.98 -42.01
N VAL O 68 -30.85 2.09 -41.52
CA VAL O 68 -31.33 0.85 -40.92
C VAL O 68 -31.08 0.85 -39.44
N TYR O 69 -32.15 0.61 -38.71
CA TYR O 69 -32.16 0.59 -37.27
C TYR O 69 -32.71 -0.72 -36.76
N MET O 70 -32.29 -1.13 -35.57
CA MET O 70 -32.89 -2.31 -34.97
C MET O 70 -33.34 -1.98 -33.59
N THR O 71 -34.48 -2.52 -33.22
CA THR O 71 -34.99 -2.36 -31.87
C THR O 71 -35.49 -3.66 -31.32
N ARG O 72 -35.90 -3.63 -30.06
CA ARG O 72 -36.43 -4.83 -29.44
C ARG O 72 -37.38 -4.55 -28.30
N ASP O 73 -38.26 -5.49 -28.04
CA ASP O 73 -39.12 -5.44 -26.88
C ASP O 73 -39.22 -6.82 -26.27
N LYS O 74 -38.46 -7.01 -25.19
CA LYS O 74 -38.35 -8.30 -24.56
C LYS O 74 -39.62 -8.77 -23.91
N SER O 75 -40.56 -7.87 -23.64
CA SER O 75 -41.78 -8.29 -22.95
C SER O 75 -42.64 -9.17 -23.84
N ILE O 76 -42.38 -9.14 -25.14
CA ILE O 76 -43.09 -9.94 -26.10
C ILE O 76 -42.13 -10.81 -26.88
N ASN O 77 -40.91 -10.92 -26.36
CA ASN O 77 -39.87 -11.70 -26.99
C ASN O 77 -39.68 -11.38 -28.46
N THR O 78 -39.76 -10.09 -28.82
CA THR O 78 -39.69 -9.78 -30.24
C THR O 78 -38.66 -8.72 -30.60
N ALA O 79 -37.93 -9.02 -31.66
CA ALA O 79 -36.95 -8.10 -32.21
C ALA O 79 -37.52 -7.48 -33.47
N PHE O 80 -37.05 -6.28 -33.80
CA PHE O 80 -37.56 -5.63 -34.99
C PHE O 80 -36.49 -4.99 -35.86
N LEU O 81 -36.73 -5.08 -37.15
CA LEU O 81 -35.92 -4.39 -38.14
C LEU O 81 -36.66 -3.18 -38.67
N ASP O 82 -36.09 -2.00 -38.49
CA ASP O 82 -36.72 -0.75 -38.89
C ASP O 82 -35.93 -0.06 -40.02
N VAL O 83 -36.49 -0.09 -41.23
CA VAL O 83 -35.77 0.41 -42.41
C VAL O 83 -36.44 1.61 -43.05
N THR O 84 -35.70 2.73 -43.15
CA THR O 84 -36.24 3.95 -43.75
C THR O 84 -35.60 4.30 -45.09
N ARG O 85 -36.08 5.41 -45.67
CA ARG O 85 -35.64 5.90 -46.97
C ARG O 85 -35.73 4.83 -48.01
N LEU O 86 -36.84 4.13 -48.06
CA LEU O 86 -36.96 3.06 -49.01
C LEU O 86 -36.90 3.54 -50.43
N THR O 87 -36.20 2.78 -51.23
CA THR O 87 -36.09 2.98 -52.66
C THR O 87 -36.32 1.68 -53.40
N SER O 88 -36.27 1.71 -54.73
CA SER O 88 -36.57 0.49 -55.49
C SER O 88 -35.57 -0.66 -55.24
N ASP O 89 -34.37 -0.30 -54.77
CA ASP O 89 -33.32 -1.27 -54.46
C ASP O 89 -33.63 -2.02 -53.16
N ASP O 90 -34.67 -1.56 -52.44
CA ASP O 90 -35.06 -2.16 -51.19
C ASP O 90 -36.12 -3.23 -51.38
N THR O 91 -36.47 -3.53 -52.63
CA THR O 91 -37.38 -4.64 -52.84
C THR O 91 -36.58 -5.88 -52.47
N GLY O 92 -37.16 -6.76 -51.67
CA GLY O 92 -36.43 -7.97 -51.29
C GLY O 92 -37.00 -8.71 -50.12
N ILE O 93 -36.34 -9.80 -49.77
CA ILE O 93 -36.77 -10.59 -48.62
C ILE O 93 -35.93 -10.23 -47.41
N TYR O 94 -36.61 -9.87 -46.33
CA TYR O 94 -36.00 -9.45 -45.09
C TYR O 94 -36.07 -10.60 -44.09
N TYR O 95 -34.90 -11.15 -43.73
CA TYR O 95 -34.84 -12.32 -42.86
C TYR O 95 -34.24 -12.03 -41.51
N CYS O 96 -34.74 -12.73 -40.49
CA CYS O 96 -34.08 -12.67 -39.20
C CYS O 96 -33.30 -13.96 -38.99
N ALA O 97 -32.17 -13.90 -38.28
CA ALA O 97 -31.38 -15.11 -38.07
C ALA O 97 -30.54 -15.15 -36.79
N ARG O 98 -30.25 -16.34 -36.32
CA ARG O 98 -29.41 -16.50 -35.14
C ARG O 98 -28.15 -17.29 -35.36
N ASP O 99 -27.10 -16.81 -34.71
CA ASP O 99 -25.78 -17.39 -34.72
C ASP O 99 -25.54 -18.18 -33.43
N LYS O 100 -24.36 -18.75 -33.33
CA LYS O 100 -24.02 -19.53 -32.15
C LYS O 100 -23.36 -18.63 -31.17
N TYR O 101 -22.66 -17.64 -31.69
CA TYR O 101 -21.97 -16.69 -30.84
C TYR O 101 -21.12 -17.38 -29.80
N TYR O 102 -20.38 -18.39 -30.19
CA TYR O 102 -19.62 -19.06 -29.17
C TYR O 102 -18.53 -18.08 -28.82
N GLY O 103 -18.35 -17.83 -27.53
CA GLY O 103 -17.30 -16.90 -27.11
C GLY O 103 -17.71 -15.47 -27.42
N ASN O 104 -19.00 -15.26 -27.70
CA ASN O 104 -19.56 -13.99 -28.11
C ASN O 104 -19.00 -13.50 -29.44
N GLU O 105 -18.62 -14.42 -30.34
CA GLU O 105 -18.19 -14.00 -31.66
C GLU O 105 -18.97 -14.74 -32.72
N ALA O 106 -19.25 -14.10 -33.84
CA ALA O 106 -19.99 -14.78 -34.91
C ALA O 106 -19.25 -16.06 -35.40
N VAL O 107 -20.02 -17.15 -35.56
CA VAL O 107 -19.58 -18.49 -35.96
C VAL O 107 -20.15 -18.92 -37.32
N GLY O 108 -21.45 -18.65 -37.43
CA GLY O 108 -22.33 -18.97 -38.56
C GLY O 108 -23.77 -19.11 -38.06
N MET O 109 -24.75 -18.81 -38.91
CA MET O 109 -26.15 -18.83 -38.48
C MET O 109 -26.99 -20.02 -38.92
N ASP O 110 -27.43 -20.84 -37.96
CA ASP O 110 -28.24 -21.98 -38.30
C ASP O 110 -29.73 -21.81 -38.08
N VAL O 111 -30.17 -20.72 -37.45
CA VAL O 111 -31.61 -20.60 -37.26
C VAL O 111 -32.10 -19.40 -38.01
N TRP O 112 -33.02 -19.61 -38.91
CA TRP O 112 -33.54 -18.54 -39.73
C TRP O 112 -35.05 -18.42 -39.67
N GLY O 113 -35.54 -17.18 -39.79
CA GLY O 113 -36.96 -16.95 -39.87
C GLY O 113 -37.34 -17.24 -41.30
N GLN O 114 -38.61 -17.14 -41.62
CA GLN O 114 -39.00 -17.47 -42.97
C GLN O 114 -38.73 -16.36 -43.97
N GLY O 115 -38.53 -15.14 -43.49
CA GLY O 115 -38.34 -14.01 -44.36
C GLY O 115 -39.66 -13.34 -44.74
N THR O 116 -39.66 -12.03 -44.87
CA THR O 116 -40.88 -11.37 -45.32
C THR O 116 -40.51 -10.58 -46.54
N SER O 117 -41.46 -10.26 -47.40
CA SER O 117 -41.05 -9.45 -48.54
C SER O 117 -41.51 -8.03 -48.41
N VAL O 118 -40.70 -7.14 -48.94
CA VAL O 118 -41.11 -5.76 -49.01
C VAL O 118 -40.94 -5.35 -50.47
N THR O 119 -41.97 -4.74 -51.02
CA THR O 119 -41.93 -4.26 -52.39
C THR O 119 -41.83 -2.75 -52.39
N VAL O 120 -40.90 -2.18 -53.17
CA VAL O 120 -40.78 -0.73 -53.20
C VAL O 120 -40.66 -0.21 -54.63
N ILE P 1 -16.75 -10.25 -47.39
CA ILE P 1 -15.68 -9.28 -47.21
C ILE P 1 -14.63 -9.47 -48.28
N GLN P 2 -14.79 -8.75 -49.39
CA GLN P 2 -13.87 -8.79 -50.53
C GLN P 2 -13.66 -10.21 -51.05
N LEU P 3 -14.77 -10.92 -51.20
CA LEU P 3 -14.83 -12.31 -51.64
C LEU P 3 -15.15 -12.57 -53.12
N THR P 4 -14.32 -13.44 -53.72
CA THR P 4 -14.47 -13.95 -55.06
C THR P 4 -14.91 -15.42 -55.01
N GLN P 5 -15.95 -15.75 -55.77
CA GLN P 5 -16.47 -17.11 -55.77
C GLN P 5 -16.39 -17.80 -57.13
N SER P 6 -16.45 -19.12 -57.07
CA SER P 6 -16.46 -19.99 -58.24
C SER P 6 -17.57 -19.55 -59.21
N PRO P 7 -17.44 -19.83 -60.52
CA PRO P 7 -18.44 -19.50 -61.52
C PRO P 7 -19.72 -20.08 -61.02
N SER P 8 -20.83 -19.38 -61.23
CA SER P 8 -22.07 -19.87 -60.69
C SER P 8 -22.62 -21.15 -61.29
N PHE P 9 -22.32 -21.49 -62.55
CA PHE P 9 -22.93 -22.68 -63.14
C PHE P 9 -22.17 -23.98 -62.88
N LEU P 10 -22.23 -24.44 -61.64
CA LEU P 10 -21.44 -25.58 -61.22
C LEU P 10 -22.19 -26.88 -61.49
N SER P 11 -22.24 -27.25 -62.75
CA SER P 11 -23.00 -28.44 -63.15
C SER P 11 -22.41 -29.73 -62.61
N ALA P 12 -23.30 -30.60 -62.15
CA ALA P 12 -22.93 -31.91 -61.62
C ALA P 12 -24.08 -32.92 -61.72
N SER P 13 -23.75 -34.21 -61.72
CA SER P 13 -24.77 -35.24 -61.71
C SER P 13 -24.98 -35.77 -60.29
N VAL P 14 -26.00 -36.57 -60.09
CA VAL P 14 -26.19 -37.14 -58.78
C VAL P 14 -25.15 -38.20 -58.50
N GLY P 15 -24.53 -38.09 -57.33
CA GLY P 15 -23.47 -38.96 -56.85
C GLY P 15 -22.11 -38.41 -57.28
N ASP P 16 -22.11 -37.28 -57.98
CA ASP P 16 -20.89 -36.67 -58.48
C ASP P 16 -20.21 -35.80 -57.44
N LYS P 17 -19.08 -35.23 -57.81
CA LYS P 17 -18.34 -34.38 -56.89
C LYS P 17 -18.34 -32.95 -57.37
N VAL P 18 -18.92 -32.08 -56.56
CA VAL P 18 -18.97 -30.68 -56.94
C VAL P 18 -18.40 -29.85 -55.83
N THR P 19 -17.61 -28.85 -56.19
CA THR P 19 -17.04 -28.01 -55.17
C THR P 19 -17.37 -26.56 -55.40
N ILE P 20 -17.44 -25.83 -54.31
CA ILE P 20 -17.66 -24.39 -54.30
C ILE P 20 -16.45 -23.70 -53.69
N THR P 21 -15.87 -22.75 -54.40
CA THR P 21 -14.71 -22.03 -53.87
C THR P 21 -15.05 -20.63 -53.43
N CYS P 22 -14.58 -20.29 -52.24
CA CYS P 22 -14.69 -18.96 -51.66
C CYS P 22 -13.31 -18.41 -51.30
N ARG P 23 -12.79 -17.51 -52.12
CA ARG P 23 -11.47 -16.97 -51.86
C ARG P 23 -11.50 -15.47 -51.72
N ALA P 24 -11.18 -14.98 -50.54
CA ALA P 24 -11.25 -13.54 -50.31
C ALA P 24 -9.89 -12.92 -50.27
N SER P 25 -9.83 -11.62 -50.55
CA SER P 25 -8.57 -10.90 -50.41
C SER P 25 -8.24 -10.74 -48.94
N GLN P 26 -9.27 -10.67 -48.10
CA GLN P 26 -9.08 -10.52 -46.68
C GLN P 26 -9.15 -11.86 -46.02
N GLY P 27 -8.29 -12.09 -45.03
CA GLY P 27 -8.35 -13.34 -44.32
C GLY P 27 -9.40 -13.32 -43.22
N VAL P 28 -9.87 -14.50 -42.87
CA VAL P 28 -10.82 -14.70 -41.78
C VAL P 28 -10.26 -15.74 -40.90
N ARG P 29 -9.17 -16.33 -41.36
CA ARG P 29 -8.45 -17.42 -40.68
C ARG P 29 -9.23 -18.73 -40.77
N ASN P 30 -10.41 -18.75 -40.18
CA ASN P 30 -11.32 -19.86 -40.24
C ASN P 30 -12.70 -19.34 -39.98
N GLU P 31 -12.80 -18.05 -39.82
CA GLU P 31 -14.09 -17.49 -39.47
C GLU P 31 -14.94 -17.25 -40.72
N LEU P 32 -15.37 -18.37 -41.29
CA LEU P 32 -16.19 -18.45 -42.48
C LEU P 32 -17.34 -19.40 -42.27
N ALA P 33 -18.51 -18.97 -42.65
CA ALA P 33 -19.66 -19.86 -42.53
C ALA P 33 -20.18 -20.25 -43.90
N TRP P 34 -20.33 -21.56 -44.11
CA TRP P 34 -20.85 -22.12 -45.37
C TRP P 34 -22.34 -22.35 -45.25
N TYR P 35 -23.10 -21.85 -46.22
CA TYR P 35 -24.56 -21.97 -46.25
C TYR P 35 -25.10 -22.60 -47.54
N GLN P 36 -26.26 -23.25 -47.42
CA GLN P 36 -27.02 -23.83 -48.53
C GLN P 36 -28.43 -23.20 -48.60
N GLN P 37 -28.86 -22.77 -49.79
CA GLN P 37 -30.18 -22.13 -49.90
C GLN P 37 -31.04 -22.58 -51.08
N LYS P 38 -32.34 -22.74 -50.83
CA LYS P 38 -33.27 -23.08 -51.88
C LYS P 38 -34.10 -21.85 -52.25
N PRO P 39 -34.61 -21.73 -53.47
CA PRO P 39 -35.46 -20.64 -53.87
C PRO P 39 -36.66 -20.59 -52.97
N GLY P 40 -37.01 -19.39 -52.52
CA GLY P 40 -38.17 -19.21 -51.66
C GLY P 40 -37.90 -19.52 -50.18
N LYS P 41 -36.68 -19.93 -49.85
CA LYS P 41 -36.35 -20.29 -48.48
C LYS P 41 -35.23 -19.45 -47.90
N ALA P 42 -35.18 -19.39 -46.58
CA ALA P 42 -34.07 -18.75 -45.92
C ALA P 42 -32.85 -19.63 -46.16
N PRO P 43 -31.66 -19.09 -46.24
CA PRO P 43 -30.43 -19.84 -46.35
C PRO P 43 -30.20 -20.49 -45.03
N ASN P 44 -29.51 -21.62 -45.02
CA ASN P 44 -29.19 -22.27 -43.77
C ASN P 44 -27.75 -22.74 -43.73
N LEU P 45 -27.22 -22.81 -42.53
CA LEU P 45 -25.83 -23.18 -42.31
C LEU P 45 -25.55 -24.66 -42.50
N LEU P 46 -24.44 -24.93 -43.17
CA LEU P 46 -23.88 -26.26 -43.36
C LEU P 46 -22.70 -26.50 -42.45
N ILE P 47 -21.69 -25.64 -42.62
CA ILE P 47 -20.38 -25.71 -41.97
C ILE P 47 -19.93 -24.42 -41.30
N TYR P 48 -19.48 -24.52 -40.05
CA TYR P 48 -19.05 -23.32 -39.33
C TYR P 48 -17.58 -23.31 -38.90
N TYR P 49 -17.05 -22.10 -38.70
CA TYR P 49 -15.60 -21.94 -38.46
C TYR P 49 -14.84 -22.57 -39.63
N ALA P 50 -15.42 -22.48 -40.83
CA ALA P 50 -14.89 -23.02 -42.07
C ALA P 50 -14.62 -24.53 -42.05
N SER P 51 -15.06 -25.29 -41.05
CA SER P 51 -14.76 -26.72 -41.10
C SER P 51 -15.61 -27.62 -40.18
N THR P 52 -16.37 -27.05 -39.26
CA THR P 52 -17.15 -27.88 -38.37
C THR P 52 -18.47 -28.16 -39.01
N LEU P 53 -18.79 -29.43 -39.17
CA LEU P 53 -20.04 -29.77 -39.82
C LEU P 53 -21.14 -29.68 -38.78
N GLN P 54 -22.18 -28.96 -39.11
CA GLN P 54 -23.31 -28.81 -38.23
C GLN P 54 -24.11 -30.10 -38.11
N SER P 55 -24.48 -30.47 -36.89
CA SER P 55 -25.27 -31.67 -36.75
C SER P 55 -26.56 -31.48 -37.54
N GLY P 56 -26.97 -32.53 -38.23
CA GLY P 56 -28.18 -32.51 -39.04
C GLY P 56 -27.85 -32.29 -40.52
N VAL P 57 -26.62 -31.86 -40.80
CA VAL P 57 -26.18 -31.64 -42.15
C VAL P 57 -25.52 -32.94 -42.59
N PRO P 58 -25.87 -33.52 -43.74
CA PRO P 58 -25.33 -34.76 -44.24
C PRO P 58 -23.82 -34.78 -44.32
N SER P 59 -23.25 -35.97 -44.06
CA SER P 59 -21.82 -36.27 -44.01
C SER P 59 -21.10 -36.08 -45.34
N ARG P 60 -21.86 -35.98 -46.42
CA ARG P 60 -21.29 -35.74 -47.74
C ARG P 60 -20.72 -34.32 -47.83
N PHE P 61 -21.12 -33.43 -46.91
CA PHE P 61 -20.62 -32.07 -46.89
C PHE P 61 -19.39 -31.91 -46.03
N SER P 62 -18.33 -31.38 -46.61
CA SER P 62 -17.10 -31.13 -45.89
C SER P 62 -16.42 -29.90 -46.46
N ALA P 63 -15.50 -29.31 -45.73
CA ALA P 63 -14.81 -28.16 -46.28
C ALA P 63 -13.38 -28.14 -45.82
N THR P 64 -12.54 -27.57 -46.68
CA THR P 64 -11.12 -27.43 -46.42
C THR P 64 -10.62 -26.03 -46.72
N GLY P 65 -9.39 -25.73 -46.32
CA GLY P 65 -8.77 -24.43 -46.61
C GLY P 65 -8.64 -23.57 -45.37
N SER P 66 -7.81 -22.54 -45.47
CA SER P 66 -7.55 -21.65 -44.35
C SER P 66 -7.10 -20.25 -44.78
N GLY P 67 -7.18 -19.32 -43.84
CA GLY P 67 -6.68 -17.99 -44.08
C GLY P 67 -7.63 -17.18 -44.94
N THR P 68 -7.44 -17.30 -46.24
CA THR P 68 -8.22 -16.62 -47.28
C THR P 68 -8.94 -17.54 -48.25
N HIS P 69 -8.49 -18.79 -48.37
CA HIS P 69 -9.03 -19.66 -49.41
C HIS P 69 -9.72 -20.88 -48.88
N PHE P 70 -11.03 -20.94 -49.09
CA PHE P 70 -11.82 -22.04 -48.57
C PHE P 70 -12.61 -22.75 -49.66
N THR P 71 -12.73 -24.07 -49.54
CA THR P 71 -13.52 -24.86 -50.50
C THR P 71 -14.52 -25.78 -49.83
N LEU P 72 -15.75 -25.75 -50.34
CA LEU P 72 -16.82 -26.63 -49.88
C LEU P 72 -16.97 -27.76 -50.85
N THR P 73 -16.88 -28.97 -50.36
CA THR P 73 -16.99 -30.14 -51.21
C THR P 73 -18.20 -30.99 -50.89
N VAL P 74 -18.94 -31.33 -51.94
CA VAL P 74 -20.05 -32.26 -51.77
C VAL P 74 -19.57 -33.53 -52.46
N SER P 75 -19.24 -34.55 -51.67
CA SER P 75 -18.60 -35.77 -52.19
C SER P 75 -19.51 -36.78 -52.89
N SER P 76 -20.80 -36.62 -52.74
CA SER P 76 -21.78 -37.50 -53.34
C SER P 76 -23.06 -36.73 -53.50
N LEU P 77 -23.09 -35.84 -54.48
CA LEU P 77 -24.18 -34.89 -54.64
C LEU P 77 -25.56 -35.50 -54.80
N GLN P 78 -26.52 -35.02 -54.00
CA GLN P 78 -27.87 -35.58 -54.08
C GLN P 78 -28.85 -34.57 -54.68
N PRO P 79 -30.02 -34.96 -55.23
CA PRO P 79 -31.02 -34.06 -55.80
C PRO P 79 -31.40 -32.90 -54.88
N GLU P 80 -31.41 -33.14 -53.57
CA GLU P 80 -31.76 -32.12 -52.62
C GLU P 80 -30.69 -31.06 -52.43
N ASP P 81 -29.50 -31.28 -53.00
CA ASP P 81 -28.39 -30.36 -52.88
C ASP P 81 -28.30 -29.41 -54.03
N PHE P 82 -29.23 -29.47 -54.97
CA PHE P 82 -29.16 -28.55 -56.09
C PHE P 82 -29.79 -27.24 -55.64
N ALA P 83 -28.93 -26.54 -54.91
CA ALA P 83 -29.13 -25.34 -54.13
C ALA P 83 -28.07 -24.34 -54.44
N THR P 84 -28.27 -23.12 -53.99
CA THR P 84 -27.19 -22.18 -54.15
C THR P 84 -26.34 -22.30 -52.90
N TYR P 85 -25.11 -21.86 -53.00
CA TYR P 85 -24.21 -21.90 -51.86
C TYR P 85 -23.56 -20.57 -51.63
N PHE P 86 -23.38 -20.25 -50.36
CA PHE P 86 -22.78 -19.01 -49.94
C PHE P 86 -21.73 -19.12 -48.87
N CYS P 87 -20.84 -18.16 -48.89
CA CYS P 87 -19.92 -17.98 -47.81
C CYS P 87 -20.16 -16.65 -47.16
N GLN P 88 -20.07 -16.64 -45.85
CA GLN P 88 -20.15 -15.42 -45.07
C GLN P 88 -18.83 -15.25 -44.37
N HIS P 89 -18.27 -14.06 -44.46
CA HIS P 89 -16.99 -13.79 -43.83
C HIS P 89 -17.09 -13.00 -42.56
N MET P 90 -16.44 -13.51 -41.50
CA MET P 90 -16.48 -12.88 -40.19
C MET P 90 -15.21 -12.21 -39.66
N SER P 91 -14.23 -11.84 -40.48
CA SER P 91 -13.04 -11.18 -39.89
C SER P 91 -13.37 -9.81 -39.31
N SER P 92 -14.34 -9.18 -39.91
CA SER P 92 -14.85 -7.88 -39.59
C SER P 92 -16.26 -7.86 -40.06
N TYR P 93 -16.77 -6.69 -40.34
CA TYR P 93 -18.12 -6.59 -40.83
C TYR P 93 -18.15 -5.40 -41.79
N PRO P 94 -19.21 -5.23 -42.58
CA PRO P 94 -20.48 -5.95 -42.65
C PRO P 94 -20.28 -7.39 -43.02
N LEU P 95 -21.05 -8.26 -42.39
CA LEU P 95 -20.94 -9.69 -42.61
C LEU P 95 -21.76 -10.13 -43.78
N THR P 96 -21.41 -9.62 -44.93
CA THR P 96 -22.16 -9.92 -46.11
C THR P 96 -21.71 -11.26 -46.61
N PHE P 97 -22.48 -11.79 -47.52
CA PHE P 97 -22.21 -13.06 -48.11
C PHE P 97 -21.78 -12.80 -49.53
N GLY P 98 -21.16 -13.78 -50.15
CA GLY P 98 -20.78 -13.61 -51.54
C GLY P 98 -22.00 -13.66 -52.44
N GLY P 99 -21.80 -13.48 -53.74
CA GLY P 99 -22.93 -13.47 -54.67
C GLY P 99 -23.68 -14.78 -54.66
N GLY P 100 -22.95 -15.86 -54.45
CA GLY P 100 -23.47 -17.20 -54.37
C GLY P 100 -23.22 -17.96 -55.66
N THR P 101 -23.09 -19.27 -55.54
CA THR P 101 -22.88 -20.13 -56.70
C THR P 101 -24.03 -21.12 -56.71
N LYS P 102 -24.26 -21.81 -57.82
CA LYS P 102 -25.34 -22.78 -57.86
C LYS P 102 -24.88 -24.11 -58.41
N VAL P 103 -25.43 -25.18 -57.88
CA VAL P 103 -25.12 -26.46 -58.49
C VAL P 103 -26.20 -26.76 -59.52
N GLU P 104 -25.75 -27.01 -60.74
CA GLU P 104 -26.60 -27.20 -61.92
C GLU P 104 -26.75 -28.66 -62.34
N ILE P 105 -27.75 -28.93 -63.18
CA ILE P 105 -27.97 -30.30 -63.61
C ILE P 105 -27.14 -30.70 -64.82
N LYS P 106 -26.36 -31.76 -64.65
CA LYS P 106 -25.54 -32.33 -65.69
C LYS P 106 -26.33 -33.39 -66.44
N GLN Q 38 -1.51 0.62 27.27
CA GLN Q 38 -2.94 0.70 27.00
C GLN Q 38 -3.47 -0.53 26.32
N LEU Q 39 -4.46 -1.17 26.95
CA LEU Q 39 -5.05 -2.32 26.32
C LEU Q 39 -6.29 -1.89 25.57
N TRP Q 40 -6.62 -2.61 24.51
CA TRP Q 40 -7.72 -2.33 23.61
C TRP Q 40 -8.79 -3.39 23.60
N VAL Q 41 -10.02 -3.01 23.30
CA VAL Q 41 -11.05 -4.03 23.21
C VAL Q 41 -10.95 -4.81 21.90
N THR Q 42 -10.91 -6.15 22.02
CA THR Q 42 -10.90 -7.09 20.90
C THR Q 42 -11.97 -8.15 21.10
N VAL Q 43 -12.66 -8.47 20.01
CA VAL Q 43 -13.72 -9.44 20.03
C VAL Q 43 -13.19 -10.80 19.63
N TYR Q 44 -13.54 -11.81 20.41
CA TYR Q 44 -13.12 -13.18 20.14
C TYR Q 44 -14.35 -14.07 19.94
N TYR Q 45 -14.43 -14.73 18.80
CA TYR Q 45 -15.59 -15.57 18.57
C TYR Q 45 -15.23 -17.01 18.42
N GLY Q 46 -15.90 -17.84 19.20
CA GLY Q 46 -15.59 -19.26 19.20
C GLY Q 46 -14.98 -19.57 20.55
N VAL Q 47 -15.37 -18.79 21.54
CA VAL Q 47 -14.88 -18.93 22.88
C VAL Q 47 -15.57 -20.14 23.56
N PRO Q 48 -14.83 -21.12 24.07
CA PRO Q 48 -15.37 -22.35 24.64
C PRO Q 48 -15.97 -22.23 26.05
N VAL Q 49 -17.03 -21.45 26.12
CA VAL Q 49 -17.77 -21.23 27.37
C VAL Q 49 -19.26 -21.47 27.16
N TRP Q 50 -19.95 -21.64 28.25
CA TRP Q 50 -21.37 -21.89 28.26
C TRP Q 50 -21.99 -21.46 29.56
N LYS Q 51 -23.31 -21.38 29.54
CA LYS Q 51 -24.09 -21.13 30.72
C LYS Q 51 -25.17 -22.21 30.81
N GLU Q 52 -25.60 -22.54 32.00
CA GLU Q 52 -26.65 -23.55 32.12
C GLU Q 52 -27.93 -23.06 31.50
N ALA Q 53 -28.63 -23.93 30.78
CA ALA Q 53 -29.84 -23.48 30.11
C ALA Q 53 -30.84 -24.58 29.88
N THR Q 54 -32.09 -24.19 29.75
CA THR Q 54 -33.14 -25.14 29.44
C THR Q 54 -33.67 -25.02 28.04
N THR Q 55 -33.67 -26.15 27.34
CA THR Q 55 -34.25 -26.28 26.02
C THR Q 55 -34.95 -27.60 25.91
N THR Q 56 -35.55 -27.81 24.76
CA THR Q 56 -36.29 -29.01 24.44
C THR Q 56 -35.40 -30.06 23.79
N LEU Q 57 -35.42 -31.28 24.31
CA LEU Q 57 -34.64 -32.33 23.67
C LEU Q 57 -35.53 -33.06 22.69
N PHE Q 58 -34.94 -33.57 21.64
CA PHE Q 58 -35.71 -34.31 20.66
C PHE Q 58 -35.35 -35.77 20.68
N CYS Q 59 -36.27 -36.59 20.22
CA CYS Q 59 -36.05 -38.03 20.21
C CYS Q 59 -35.14 -38.45 19.09
N ALA Q 60 -34.53 -39.60 19.29
CA ALA Q 60 -33.84 -40.25 18.21
C ALA Q 60 -34.03 -41.77 18.34
N SER Q 61 -34.43 -42.38 17.22
CA SER Q 61 -34.77 -43.79 17.10
C SER Q 61 -33.59 -44.69 16.77
N ASP Q 62 -33.75 -45.99 17.01
CA ASP Q 62 -32.63 -46.88 16.75
C ASP Q 62 -32.42 -47.31 15.30
N ALA Q 63 -33.43 -47.91 14.73
CA ALA Q 63 -33.41 -48.47 13.40
C ALA Q 63 -34.75 -49.08 13.06
N ARG Q 64 -35.29 -49.81 14.02
CA ARG Q 64 -36.52 -50.56 13.83
C ARG Q 64 -37.74 -49.73 14.13
N ALA Q 65 -37.63 -48.83 15.13
CA ALA Q 65 -38.77 -48.06 15.64
C ALA Q 65 -39.50 -47.30 14.53
N TYR Q 66 -38.78 -46.86 13.53
CA TYR Q 66 -39.41 -46.14 12.45
C TYR Q 66 -40.61 -46.93 11.89
N ASP Q 67 -40.47 -48.26 11.76
CA ASP Q 67 -41.46 -49.14 11.18
C ASP Q 67 -42.29 -49.92 12.23
N THR Q 68 -42.30 -49.45 13.47
CA THR Q 68 -43.08 -50.08 14.56
C THR Q 68 -44.39 -49.37 14.79
N GLU Q 69 -44.67 -48.37 13.93
CA GLU Q 69 -45.85 -47.49 13.93
C GLU Q 69 -47.15 -48.24 13.79
N VAL Q 70 -47.02 -49.46 13.33
CA VAL Q 70 -48.10 -50.38 13.11
C VAL Q 70 -48.77 -50.74 14.43
N ARG Q 71 -48.04 -50.60 15.53
CA ARG Q 71 -48.60 -50.88 16.86
C ARG Q 71 -48.08 -49.92 17.94
N ASN Q 72 -46.78 -49.63 17.91
CA ASN Q 72 -46.11 -48.98 19.03
C ASN Q 72 -46.27 -47.48 19.12
N VAL Q 73 -46.76 -47.06 20.28
CA VAL Q 73 -47.04 -45.68 20.58
C VAL Q 73 -45.81 -44.79 20.72
N TRP Q 74 -44.84 -45.24 21.49
CA TRP Q 74 -43.66 -44.46 21.75
C TRP Q 74 -42.62 -44.62 20.66
N ALA Q 75 -42.54 -45.82 20.12
CA ALA Q 75 -41.58 -46.12 19.08
C ALA Q 75 -42.19 -45.71 17.77
N THR Q 76 -42.30 -44.42 17.61
CA THR Q 76 -42.97 -43.84 16.47
C THR Q 76 -42.11 -43.72 15.24
N HIS Q 77 -42.80 -43.46 14.14
CA HIS Q 77 -42.24 -43.19 12.84
C HIS Q 77 -41.84 -41.73 12.74
N ALA Q 78 -42.41 -40.91 13.60
CA ALA Q 78 -42.14 -39.48 13.58
C ALA Q 78 -40.94 -39.17 14.44
N CYS Q 79 -39.84 -39.85 14.16
CA CYS Q 79 -38.64 -39.65 14.92
C CYS Q 79 -37.41 -39.99 14.07
N VAL Q 80 -36.46 -39.06 14.10
CA VAL Q 80 -35.18 -39.14 13.39
C VAL Q 80 -34.36 -40.25 14.03
N PRO Q 81 -33.33 -40.81 13.37
CA PRO Q 81 -32.47 -41.85 13.86
C PRO Q 81 -31.43 -41.31 14.81
N THR Q 82 -30.86 -42.18 15.61
CA THR Q 82 -29.71 -41.82 16.41
C THR Q 82 -28.46 -41.78 15.57
N ASP Q 83 -27.45 -41.17 16.15
CA ASP Q 83 -26.13 -41.11 15.57
C ASP Q 83 -25.53 -42.50 15.68
N PRO Q 84 -25.19 -43.20 14.58
CA PRO Q 84 -24.60 -44.52 14.59
C PRO Q 84 -23.20 -44.51 15.22
N ASN Q 85 -22.59 -43.33 15.32
CA ASN Q 85 -21.26 -43.21 15.88
C ASN Q 85 -21.17 -41.96 16.75
N PRO Q 86 -21.85 -41.92 17.90
CA PRO Q 86 -21.97 -40.76 18.76
C PRO Q 86 -20.63 -40.50 19.35
N GLN Q 87 -20.33 -39.24 19.57
CA GLN Q 87 -19.06 -38.88 20.17
C GLN Q 87 -19.19 -38.38 21.58
N GLU Q 88 -18.10 -38.48 22.32
CA GLU Q 88 -18.05 -37.99 23.68
C GLU Q 88 -16.69 -37.39 23.98
N VAL Q 89 -16.66 -36.23 24.60
CA VAL Q 89 -15.37 -35.63 24.94
C VAL Q 89 -15.15 -35.43 26.42
N VAL Q 90 -14.09 -36.01 26.95
CA VAL Q 90 -13.81 -35.87 28.37
C VAL Q 90 -13.10 -34.55 28.55
N LEU Q 91 -13.54 -33.76 29.52
CA LEU Q 91 -12.95 -32.45 29.74
C LEU Q 91 -11.92 -32.52 30.85
N GLU Q 92 -10.80 -31.82 30.72
CA GLU Q 92 -9.74 -31.93 31.72
C GLU Q 92 -9.94 -31.23 33.05
N ASN Q 93 -10.43 -30.00 33.00
CA ASN Q 93 -10.51 -29.16 34.19
C ASN Q 93 -11.91 -28.63 34.42
N VAL Q 94 -12.90 -29.34 33.98
CA VAL Q 94 -14.24 -28.85 34.15
C VAL Q 94 -14.95 -29.56 35.28
N THR Q 95 -15.34 -28.79 36.28
CA THR Q 95 -16.05 -29.34 37.41
C THR Q 95 -17.33 -28.58 37.54
N GLU Q 96 -18.43 -29.29 37.57
CA GLU Q 96 -19.71 -28.62 37.68
C GLU Q 96 -20.64 -29.26 38.65
N ASN Q 97 -21.56 -28.45 39.16
CA ASN Q 97 -22.59 -28.92 40.05
C ASN Q 97 -23.77 -29.51 39.31
N PHE Q 98 -24.17 -30.65 39.79
CA PHE Q 98 -25.32 -31.40 39.31
C PHE Q 98 -26.33 -31.52 40.43
N ASN Q 99 -27.59 -31.66 40.07
CA ASN Q 99 -28.65 -31.90 41.05
C ASN Q 99 -29.75 -32.67 40.38
N MET Q 100 -29.85 -33.94 40.69
CA MET Q 100 -30.84 -34.74 40.00
C MET Q 100 -32.27 -34.32 40.31
N TRP Q 101 -32.51 -33.65 41.43
CA TRP Q 101 -33.87 -33.30 41.74
C TRP Q 101 -34.27 -31.98 41.12
N LYS Q 102 -33.35 -31.39 40.37
CA LYS Q 102 -33.56 -30.17 39.65
C LYS Q 102 -33.42 -30.43 38.17
N ASN Q 103 -33.36 -31.70 37.79
CA ASN Q 103 -33.16 -32.04 36.40
C ASN Q 103 -34.46 -31.95 35.64
N ASN Q 104 -34.59 -30.91 34.82
CA ASN Q 104 -35.79 -30.58 34.10
C ASN Q 104 -36.13 -31.54 32.98
N MET Q 105 -35.20 -32.42 32.65
CA MET Q 105 -35.42 -33.39 31.58
C MET Q 105 -36.53 -34.32 32.02
N VAL Q 106 -36.73 -34.41 33.33
CA VAL Q 106 -37.71 -35.30 33.89
C VAL Q 106 -39.09 -34.79 33.54
N GLU Q 107 -39.26 -33.46 33.45
CA GLU Q 107 -40.54 -32.89 33.17
C GLU Q 107 -40.84 -33.12 31.72
N GLN Q 108 -39.80 -33.06 30.89
CA GLN Q 108 -40.07 -33.29 29.50
C GLN Q 108 -40.51 -34.73 29.31
N MET Q 109 -39.87 -35.66 30.01
CA MET Q 109 -40.30 -37.02 29.81
C MET Q 109 -41.68 -37.26 30.39
N HIS Q 110 -42.00 -36.55 31.47
CA HIS Q 110 -43.29 -36.70 32.09
C HIS Q 110 -44.37 -36.39 31.06
N GLU Q 111 -44.25 -35.19 30.48
CA GLU Q 111 -45.25 -34.73 29.55
C GLU Q 111 -45.26 -35.50 28.25
N ASP Q 112 -44.10 -35.92 27.75
CA ASP Q 112 -44.10 -36.57 26.48
C ASP Q 112 -44.71 -37.93 26.53
N ILE Q 113 -44.46 -38.68 27.58
CA ILE Q 113 -45.02 -39.99 27.60
C ILE Q 113 -46.52 -39.90 27.74
N ILE Q 114 -46.99 -39.02 28.60
CA ILE Q 114 -48.41 -38.90 28.78
C ILE Q 114 -49.10 -38.44 27.52
N SER Q 115 -48.53 -37.43 26.86
CA SER Q 115 -49.15 -36.92 25.67
C SER Q 115 -49.21 -37.95 24.57
N LEU Q 116 -48.10 -38.67 24.34
CA LEU Q 116 -48.09 -39.61 23.25
C LEU Q 116 -49.04 -40.75 23.52
N TRP Q 117 -49.10 -41.18 24.77
CA TRP Q 117 -49.98 -42.24 25.16
C TRP Q 117 -51.39 -41.81 24.90
N ASP Q 118 -51.76 -40.59 25.31
CA ASP Q 118 -53.11 -40.13 25.09
C ASP Q 118 -53.43 -39.98 23.61
N GLN Q 119 -52.48 -39.53 22.81
CA GLN Q 119 -52.76 -39.35 21.39
C GLN Q 119 -53.14 -40.65 20.73
N SER Q 120 -52.49 -41.73 21.13
CA SER Q 120 -52.74 -43.02 20.53
C SER Q 120 -54.11 -43.57 20.84
N LEU Q 121 -54.76 -43.03 21.85
CA LEU Q 121 -56.04 -43.54 22.28
C LEU Q 121 -57.20 -42.73 21.73
N LYS Q 122 -56.91 -41.69 20.96
CA LYS Q 122 -57.98 -40.83 20.51
C LYS Q 122 -59.05 -41.54 19.67
N PRO Q 123 -58.73 -42.46 18.74
CA PRO Q 123 -59.69 -43.14 17.90
C PRO Q 123 -60.25 -44.42 18.51
N CYS Q 124 -59.99 -44.67 19.79
CA CYS Q 124 -60.35 -45.96 20.35
C CYS Q 124 -61.77 -46.01 20.89
N VAL Q 125 -62.21 -47.21 21.31
CA VAL Q 125 -63.63 -47.44 21.61
C VAL Q 125 -64.13 -47.12 23.00
N LYS Q 126 -65.17 -46.30 23.09
CA LYS Q 126 -65.75 -45.98 24.40
C LYS Q 126 -66.51 -47.18 24.92
N LEU Q 127 -66.30 -47.47 26.20
CA LEU Q 127 -66.95 -48.60 26.85
C LEU Q 127 -68.12 -48.13 27.72
N THR Q 128 -68.51 -46.88 27.54
CA THR Q 128 -69.59 -46.28 28.29
C THR Q 128 -70.87 -47.12 28.32
N PRO Q 129 -71.43 -47.60 27.18
CA PRO Q 129 -72.67 -48.33 27.14
C PRO Q 129 -72.55 -49.74 27.69
N LEU Q 130 -71.33 -50.17 28.01
CA LEU Q 130 -71.14 -51.52 28.46
C LEU Q 130 -71.20 -51.59 29.95
N CYS Q 131 -71.31 -50.45 30.59
CA CYS Q 131 -71.33 -50.36 32.03
C CYS Q 131 -72.74 -50.49 32.57
N VAL Q 132 -73.71 -50.68 31.69
CA VAL Q 132 -75.08 -50.69 32.12
C VAL Q 132 -75.48 -51.77 33.10
N THR Q 133 -75.11 -53.02 32.86
CA THR Q 133 -75.48 -54.05 33.82
C THR Q 133 -74.64 -55.29 33.72
N LEU Q 134 -74.49 -55.98 34.85
CA LEU Q 134 -73.82 -57.26 34.95
C LEU Q 134 -74.48 -58.13 36.00
N ASN Q 135 -74.83 -59.36 35.65
CA ASN Q 135 -75.38 -60.35 36.58
C ASN Q 135 -74.31 -61.40 36.81
N CYS Q 136 -73.66 -61.35 37.96
CA CYS Q 136 -72.46 -62.16 38.07
C CYS Q 136 -72.51 -63.28 39.08
N THR Q 137 -71.80 -64.32 38.69
CA THR Q 137 -71.46 -65.46 39.52
C THR Q 137 -69.98 -65.65 39.38
N ASP Q 138 -69.45 -66.63 40.06
CA ASP Q 138 -68.03 -66.88 39.99
C ASP Q 138 -67.66 -67.61 38.72
N LEU Q 139 -66.43 -67.46 38.27
CA LEU Q 139 -65.94 -68.27 37.17
C LEU Q 139 -65.91 -69.74 37.54
N ARG Q 140 -66.46 -70.58 36.66
CA ARG Q 140 -66.52 -72.01 36.89
C ARG Q 140 -65.51 -72.82 36.09
N GLY Q 161 -63.06 -65.94 44.03
CA GLY Q 161 -63.77 -65.23 42.96
C GLY Q 161 -63.06 -63.97 42.44
N GLU Q 162 -61.84 -64.15 41.92
CA GLU Q 162 -61.06 -63.08 41.32
C GLU Q 162 -61.67 -62.76 39.98
N ILE Q 163 -62.17 -63.81 39.33
CA ILE Q 163 -62.80 -63.68 38.04
C ILE Q 163 -64.26 -64.05 38.17
N LYS Q 164 -65.10 -63.16 37.68
CA LYS Q 164 -66.53 -63.33 37.68
C LYS Q 164 -67.03 -63.64 36.29
N ASN Q 165 -68.05 -64.48 36.25
CA ASN Q 165 -68.74 -64.83 35.02
C ASN Q 165 -70.03 -64.03 34.98
N CYS Q 166 -70.04 -62.99 34.18
CA CYS Q 166 -71.19 -62.11 34.23
C CYS Q 166 -71.99 -62.13 32.97
N SER Q 167 -73.31 -62.15 33.13
CA SER Q 167 -74.18 -62.05 31.98
C SER Q 167 -74.60 -60.60 31.91
N PHE Q 168 -75.04 -60.18 30.75
CA PHE Q 168 -75.53 -58.83 30.67
C PHE Q 168 -76.52 -58.57 29.55
N ASN Q 169 -77.34 -57.56 29.80
CA ASN Q 169 -78.34 -57.08 28.88
C ASN Q 169 -77.86 -55.88 28.11
N ILE Q 170 -77.77 -56.02 26.81
CA ILE Q 170 -77.29 -54.99 25.93
C ILE Q 170 -78.52 -54.26 25.40
N THR Q 171 -78.47 -52.94 25.54
CA THR Q 171 -79.54 -52.03 25.17
C THR Q 171 -79.60 -51.99 23.67
N THR Q 172 -80.59 -51.30 23.09
CA THR Q 172 -80.71 -51.38 21.65
C THR Q 172 -79.36 -51.25 20.99
N SER Q 173 -79.06 -52.30 20.25
CA SER Q 173 -77.82 -52.52 19.56
C SER Q 173 -77.98 -52.48 18.08
N MET Q 174 -78.42 -53.59 17.49
CA MET Q 174 -78.54 -53.68 16.05
C MET Q 174 -79.80 -52.99 15.56
N ARG Q 175 -79.80 -51.67 15.70
CA ARG Q 175 -80.81 -50.73 15.28
C ARG Q 175 -82.16 -50.84 16.00
N ASP Q 176 -82.82 -51.97 15.90
CA ASP Q 176 -84.09 -52.18 16.57
C ASP Q 176 -84.10 -53.45 17.39
N LYS Q 177 -82.92 -54.02 17.62
CA LYS Q 177 -82.77 -55.25 18.37
C LYS Q 177 -82.05 -55.03 19.68
N VAL Q 178 -82.23 -55.98 20.59
CA VAL Q 178 -81.54 -56.01 21.87
C VAL Q 178 -80.89 -57.37 21.95
N GLN Q 179 -79.93 -57.55 22.84
CA GLN Q 179 -79.25 -58.83 22.91
C GLN Q 179 -78.71 -59.10 24.30
N LYS Q 180 -78.39 -60.35 24.57
CA LYS Q 180 -77.77 -60.67 25.84
C LYS Q 180 -76.48 -61.42 25.57
N GLU Q 181 -75.48 -61.14 26.39
CA GLU Q 181 -74.13 -61.71 26.25
C GLU Q 181 -73.57 -62.03 27.62
N TYR Q 182 -72.38 -62.60 27.65
CA TYR Q 182 -71.72 -62.82 28.91
C TYR Q 182 -70.25 -62.64 28.66
N ALA Q 183 -69.50 -62.39 29.72
CA ALA Q 183 -68.06 -62.23 29.62
C ALA Q 183 -67.39 -62.44 30.96
N LEU Q 184 -66.08 -62.62 30.93
CA LEU Q 184 -65.41 -62.75 32.21
C LEU Q 184 -64.82 -61.41 32.63
N PHE Q 185 -64.97 -61.10 33.93
CA PHE Q 185 -64.50 -59.85 34.51
C PHE Q 185 -63.61 -60.03 35.73
N TYR Q 186 -62.68 -59.13 35.94
CA TYR Q 186 -61.86 -59.18 37.14
C TYR Q 186 -62.52 -58.37 38.25
N LYS Q 187 -62.37 -58.85 39.49
CA LYS Q 187 -62.90 -58.17 40.67
C LYS Q 187 -62.24 -56.83 40.92
N LEU Q 188 -61.11 -56.59 40.28
CA LEU Q 188 -60.41 -55.35 40.45
C LEU Q 188 -60.95 -54.29 39.50
N ASP Q 189 -61.72 -54.69 38.48
CA ASP Q 189 -62.32 -53.75 37.55
C ASP Q 189 -63.77 -53.42 37.88
N VAL Q 190 -64.47 -54.37 38.52
CA VAL Q 190 -65.90 -54.17 38.82
C VAL Q 190 -66.24 -54.31 40.30
N VAL Q 191 -67.37 -53.72 40.67
CA VAL Q 191 -67.92 -53.79 42.02
C VAL Q 191 -69.39 -54.11 42.05
N PRO Q 192 -69.87 -54.77 43.10
CA PRO Q 192 -71.24 -55.14 43.33
C PRO Q 192 -72.11 -53.98 43.72
N ILE Q 193 -73.38 -54.18 43.53
CA ILE Q 193 -74.41 -53.30 44.04
C ILE Q 193 -74.77 -53.78 45.43
N LYS Q 194 -74.68 -52.87 46.40
CA LYS Q 194 -74.87 -53.18 47.81
C LYS Q 194 -76.17 -53.88 48.16
N ASN Q 195 -77.27 -53.50 47.54
CA ASN Q 195 -78.54 -54.12 47.90
C ASN Q 195 -78.91 -55.32 47.04
N ASP Q 196 -78.02 -55.75 46.16
CA ASP Q 196 -78.30 -56.92 45.33
C ASP Q 196 -77.36 -58.06 45.68
N ASN Q 197 -76.06 -57.75 45.64
CA ASN Q 197 -74.93 -58.66 45.81
C ASN Q 197 -74.79 -59.68 44.69
N THR Q 198 -75.57 -59.50 43.60
CA THR Q 198 -75.51 -60.33 42.42
C THR Q 198 -75.24 -59.48 41.21
N SER Q 199 -75.50 -58.18 41.34
CA SER Q 199 -75.36 -57.30 40.21
C SER Q 199 -74.12 -56.47 40.43
N TYR Q 200 -73.46 -56.15 39.33
CA TYR Q 200 -72.21 -55.41 39.31
C TYR Q 200 -72.16 -54.27 38.31
N ARG Q 201 -71.27 -53.32 38.57
CA ARG Q 201 -70.96 -52.19 37.70
C ARG Q 201 -69.46 -52.00 37.65
N LEU Q 202 -69.00 -51.29 36.64
CA LEU Q 202 -67.58 -51.01 36.56
C LEU Q 202 -67.26 -49.89 37.53
N ILE Q 203 -66.09 -49.99 38.13
CA ILE Q 203 -65.69 -49.06 39.17
C ILE Q 203 -65.64 -47.59 38.81
N SER Q 204 -65.12 -47.27 37.65
CA SER Q 204 -64.91 -45.89 37.27
C SER Q 204 -66.07 -45.22 36.57
N CYS Q 205 -67.16 -45.94 36.39
CA CYS Q 205 -68.26 -45.42 35.60
C CYS Q 205 -68.85 -44.11 36.05
N ASN Q 206 -68.88 -43.83 37.33
CA ASN Q 206 -69.55 -42.59 37.70
C ASN Q 206 -68.63 -41.39 37.70
N THR Q 207 -67.40 -41.55 37.23
CA THR Q 207 -66.51 -40.41 37.12
C THR Q 207 -66.14 -40.11 35.69
N SER Q 208 -65.78 -41.12 34.89
CA SER Q 208 -65.36 -40.79 33.54
C SER Q 208 -65.43 -41.91 32.52
N VAL Q 209 -65.00 -41.55 31.32
CA VAL Q 209 -64.96 -42.42 30.16
C VAL Q 209 -63.69 -43.22 30.06
N ILE Q 210 -63.90 -44.50 29.80
CA ILE Q 210 -62.84 -45.44 29.59
C ILE Q 210 -62.95 -45.99 28.22
N THR Q 211 -61.84 -46.04 27.51
CA THR Q 211 -61.89 -46.62 26.18
C THR Q 211 -61.04 -47.86 26.11
N GLN Q 212 -61.39 -48.74 25.18
CA GLN Q 212 -60.59 -49.93 24.94
C GLN Q 212 -59.58 -49.63 23.91
N ALA Q 213 -58.34 -49.86 24.27
CA ALA Q 213 -57.25 -49.53 23.37
C ALA Q 213 -57.47 -50.25 22.09
N CYS Q 214 -57.14 -49.57 21.03
CA CYS Q 214 -57.29 -50.10 19.72
C CYS Q 214 -56.44 -51.35 19.70
N PRO Q 215 -56.94 -52.51 19.24
CA PRO Q 215 -56.20 -53.77 19.20
C PRO Q 215 -54.81 -53.63 18.60
N LYS Q 216 -54.66 -52.75 17.61
CA LYS Q 216 -53.37 -52.56 17.00
C LYS Q 216 -52.55 -51.58 17.81
N VAL Q 217 -52.13 -52.01 18.98
CA VAL Q 217 -51.38 -51.18 19.89
C VAL Q 217 -50.23 -51.91 20.56
N SER Q 218 -49.15 -51.19 20.81
CA SER Q 218 -48.02 -51.69 21.58
C SER Q 218 -47.36 -50.65 22.44
N PHE Q 219 -46.98 -51.09 23.62
CA PHE Q 219 -46.31 -50.24 24.57
C PHE Q 219 -44.92 -50.76 24.86
N GLU Q 220 -44.37 -51.52 23.92
CA GLU Q 220 -43.05 -52.05 24.15
C GLU Q 220 -42.15 -50.88 24.50
N PRO Q 221 -41.42 -50.94 25.62
CA PRO Q 221 -40.58 -49.89 26.13
C PRO Q 221 -39.25 -49.77 25.39
N ILE Q 222 -39.33 -49.29 24.17
CA ILE Q 222 -38.17 -49.10 23.31
C ILE Q 222 -37.27 -47.96 23.83
N PRO Q 223 -35.94 -48.18 23.95
CA PRO Q 223 -34.96 -47.25 24.48
C PRO Q 223 -34.60 -46.10 23.54
N ILE Q 224 -35.51 -45.16 23.44
CA ILE Q 224 -35.38 -43.95 22.64
C ILE Q 224 -34.38 -42.97 23.27
N HIS Q 225 -33.52 -42.39 22.43
CA HIS Q 225 -32.48 -41.47 22.87
C HIS Q 225 -32.96 -40.05 22.79
N TYR Q 226 -32.46 -39.19 23.68
CA TYR Q 226 -32.82 -37.78 23.60
C TYR Q 226 -31.61 -36.92 23.37
N CYS Q 227 -31.73 -36.12 22.33
CA CYS Q 227 -30.63 -35.34 21.81
C CYS Q 227 -30.83 -33.84 21.93
N ALA Q 228 -29.73 -33.12 22.12
CA ALA Q 228 -29.77 -31.67 22.18
C ALA Q 228 -29.68 -31.06 20.77
N PRO Q 229 -30.36 -29.92 20.55
CA PRO Q 229 -30.33 -29.11 19.34
C PRO Q 229 -29.03 -28.37 19.20
N ALA Q 230 -28.72 -27.94 17.98
CA ALA Q 230 -27.50 -27.19 17.80
C ALA Q 230 -27.50 -25.94 18.65
N GLY Q 231 -26.34 -25.65 19.23
CA GLY Q 231 -26.14 -24.52 20.12
C GLY Q 231 -26.17 -24.96 21.57
N PHE Q 232 -26.61 -26.20 21.77
CA PHE Q 232 -26.72 -26.80 23.08
C PHE Q 232 -25.92 -28.06 23.19
N ALA Q 233 -25.58 -28.39 24.43
CA ALA Q 233 -24.86 -29.61 24.71
C ALA Q 233 -25.27 -30.17 26.04
N ILE Q 234 -25.02 -31.45 26.20
CA ILE Q 234 -25.35 -32.11 27.42
C ILE Q 234 -24.08 -32.47 28.15
N LEU Q 235 -23.99 -32.09 29.41
CA LEU Q 235 -22.81 -32.49 30.12
C LEU Q 235 -23.17 -33.67 31.00
N LYS Q 236 -22.29 -34.66 30.99
CA LYS Q 236 -22.51 -35.87 31.74
C LYS Q 236 -21.56 -36.00 32.88
N CYS Q 237 -22.07 -36.45 34.02
CA CYS Q 237 -21.22 -36.76 35.15
C CYS Q 237 -20.84 -38.23 35.09
N ASN Q 238 -19.54 -38.49 34.98
CA ASN Q 238 -19.02 -39.83 34.83
C ASN Q 238 -18.38 -40.33 36.12
N ASP Q 239 -18.62 -39.63 37.20
CA ASP Q 239 -18.08 -40.01 38.48
C ASP Q 239 -18.97 -41.08 39.11
N LYS Q 240 -18.44 -42.28 39.17
CA LYS Q 240 -19.18 -43.46 39.60
C LYS Q 240 -19.58 -43.40 41.06
N LYS Q 241 -18.94 -42.52 41.82
CA LYS Q 241 -19.23 -42.40 43.23
C LYS Q 241 -20.03 -41.15 43.53
N PHE Q 242 -20.45 -40.44 42.49
CA PHE Q 242 -21.20 -39.21 42.69
C PHE Q 242 -22.62 -39.45 43.17
N ASN Q 243 -23.00 -38.70 44.20
CA ASN Q 243 -24.33 -38.80 44.77
C ASN Q 243 -25.32 -37.96 43.96
N GLY Q 244 -26.51 -37.73 44.47
CA GLY Q 244 -27.47 -37.03 43.64
C GLY Q 244 -27.19 -35.53 43.40
N THR Q 245 -26.41 -34.89 44.26
CA THR Q 245 -26.14 -33.47 44.07
C THR Q 245 -24.68 -33.12 44.31
N GLY Q 246 -24.29 -31.93 43.87
CA GLY Q 246 -22.97 -31.42 44.17
C GLY Q 246 -22.06 -31.50 42.96
N PRO Q 247 -20.78 -31.15 43.12
CA PRO Q 247 -19.81 -31.08 42.07
C PRO Q 247 -19.43 -32.44 41.55
N CYS Q 248 -19.10 -32.49 40.28
CA CYS Q 248 -18.59 -33.66 39.61
C CYS Q 248 -17.42 -33.24 38.74
N THR Q 249 -16.28 -33.93 38.91
CA THR Q 249 -15.09 -33.57 38.16
C THR Q 249 -14.91 -34.39 36.90
N ASN Q 250 -15.39 -35.62 36.89
CA ASN Q 250 -15.24 -36.35 35.65
C ASN Q 250 -16.44 -36.04 34.79
N VAL Q 251 -16.27 -35.05 33.97
CA VAL Q 251 -17.34 -34.54 33.16
C VAL Q 251 -16.98 -34.64 31.70
N SER Q 252 -17.97 -35.04 30.91
CA SER Q 252 -17.77 -35.15 29.48
C SER Q 252 -18.91 -34.50 28.71
N THR Q 253 -18.60 -34.08 27.49
CA THR Q 253 -19.58 -33.50 26.61
C THR Q 253 -20.23 -34.54 25.74
N VAL Q 254 -21.55 -34.52 25.78
CA VAL Q 254 -22.47 -35.39 25.09
C VAL Q 254 -23.42 -34.60 24.17
N GLN Q 255 -23.58 -35.01 22.92
CA GLN Q 255 -24.55 -34.28 22.12
C GLN Q 255 -25.92 -34.90 22.32
N CYS Q 256 -25.91 -36.20 22.51
CA CYS Q 256 -27.12 -36.98 22.67
C CYS Q 256 -26.91 -38.11 23.67
N THR Q 257 -27.90 -38.35 24.51
CA THR Q 257 -27.84 -39.37 25.55
C THR Q 257 -28.10 -40.73 24.99
N HIS Q 258 -27.87 -41.72 25.82
CA HIS Q 258 -28.18 -43.08 25.48
C HIS Q 258 -29.68 -43.24 25.49
N GLY Q 259 -30.16 -44.41 25.07
CA GLY Q 259 -31.59 -44.61 25.03
C GLY Q 259 -32.11 -44.99 26.38
N ILE Q 260 -33.29 -44.51 26.71
CA ILE Q 260 -33.89 -44.87 27.96
C ILE Q 260 -35.23 -45.49 27.72
N ARG Q 261 -35.43 -46.68 28.24
CA ARG Q 261 -36.70 -47.34 28.04
C ARG Q 261 -37.79 -46.68 28.89
N PRO Q 262 -38.98 -46.36 28.35
CA PRO Q 262 -40.11 -45.81 29.05
C PRO Q 262 -40.83 -46.90 29.81
N VAL Q 263 -40.16 -47.39 30.82
CA VAL Q 263 -40.66 -48.45 31.65
C VAL Q 263 -41.63 -47.94 32.67
N VAL Q 264 -42.75 -48.62 32.78
CA VAL Q 264 -43.75 -48.26 33.75
C VAL Q 264 -43.85 -49.35 34.78
N SER Q 265 -43.63 -48.98 36.02
CA SER Q 265 -43.67 -49.93 37.09
C SER Q 265 -43.89 -49.25 38.42
N THR Q 266 -44.28 -50.04 39.40
CA THR Q 266 -44.27 -49.48 40.74
C THR Q 266 -43.53 -50.45 41.60
N GLN Q 267 -42.80 -49.88 42.56
CA GLN Q 267 -41.98 -50.61 43.53
C GLN Q 267 -40.82 -51.37 42.88
N LEU Q 268 -40.38 -50.95 41.68
CA LEU Q 268 -39.26 -51.63 41.02
C LEU Q 268 -38.56 -50.88 39.90
N LEU Q 269 -37.24 -50.81 40.01
CA LEU Q 269 -36.42 -50.25 38.97
C LEU Q 269 -35.88 -51.46 38.22
N LEU Q 270 -36.15 -51.54 36.93
CA LEU Q 270 -35.77 -52.71 36.15
C LEU Q 270 -35.27 -52.47 34.74
N ASN Q 271 -34.64 -53.52 34.23
CA ASN Q 271 -34.12 -53.65 32.87
C ASN Q 271 -33.09 -52.59 32.50
N GLY Q 272 -32.20 -52.26 33.42
CA GLY Q 272 -31.13 -51.33 33.10
C GLY Q 272 -30.47 -50.62 34.28
N SER Q 273 -29.36 -49.95 33.96
CA SER Q 273 -28.54 -49.12 34.85
C SER Q 273 -27.99 -49.69 36.14
N LEU Q 274 -27.29 -50.81 36.07
CA LEU Q 274 -26.67 -51.39 37.26
C LEU Q 274 -25.51 -50.53 37.77
N ALA Q 275 -25.33 -50.56 39.07
CA ALA Q 275 -24.33 -49.86 39.87
C ALA Q 275 -22.92 -50.42 39.66
N GLU Q 276 -21.92 -49.60 39.99
CA GLU Q 276 -20.52 -49.93 39.79
C GLU Q 276 -19.92 -50.85 40.87
N GLU Q 277 -20.30 -52.12 40.79
CA GLU Q 277 -19.86 -53.23 41.66
C GLU Q 277 -20.18 -53.12 43.15
N GLU Q 278 -21.06 -52.22 43.50
CA GLU Q 278 -21.53 -52.08 44.86
C GLU Q 278 -22.93 -51.52 44.81
N VAL Q 279 -23.66 -51.66 45.89
CA VAL Q 279 -24.97 -51.06 45.91
C VAL Q 279 -24.76 -49.57 46.07
N VAL Q 280 -25.44 -48.80 45.25
CA VAL Q 280 -25.32 -47.36 45.30
C VAL Q 280 -26.63 -46.73 45.64
N ILE Q 281 -26.62 -45.97 46.69
CA ILE Q 281 -27.85 -45.40 47.15
C ILE Q 281 -27.79 -43.89 47.11
N ARG Q 282 -28.82 -43.29 46.52
CA ARG Q 282 -28.89 -41.84 46.45
C ARG Q 282 -30.21 -41.36 47.06
N SER Q 283 -30.15 -40.21 47.68
CA SER Q 283 -31.33 -39.61 48.27
C SER Q 283 -31.11 -38.15 48.33
N ALA Q 284 -32.19 -37.41 48.35
CA ALA Q 284 -32.10 -35.98 48.50
C ALA Q 284 -31.49 -35.64 49.84
N ASN Q 285 -31.67 -36.50 50.85
CA ASN Q 285 -31.13 -36.19 52.17
C ASN Q 285 -30.69 -37.38 53.03
N PHE Q 286 -31.39 -38.53 52.94
CA PHE Q 286 -31.17 -39.62 53.91
C PHE Q 286 -31.38 -39.16 55.34
N THR Q 287 -32.15 -38.12 55.51
CA THR Q 287 -32.32 -37.52 56.82
C THR Q 287 -33.77 -37.25 57.03
N ASP Q 288 -34.29 -36.33 56.23
CA ASP Q 288 -35.68 -35.91 56.23
C ASP Q 288 -36.60 -37.05 55.82
N ASN Q 289 -37.62 -37.30 56.63
CA ASN Q 289 -38.57 -38.38 56.38
C ASN Q 289 -39.49 -38.07 55.20
N ALA Q 290 -39.44 -36.82 54.75
CA ALA Q 290 -40.21 -36.38 53.60
C ALA Q 290 -39.54 -36.73 52.28
N LYS Q 291 -38.31 -37.24 52.34
CA LYS Q 291 -37.56 -37.56 51.14
C LYS Q 291 -37.51 -39.06 50.93
N ILE Q 292 -37.14 -39.48 49.73
CA ILE Q 292 -37.08 -40.90 49.41
C ILE Q 292 -35.70 -41.35 49.02
N ILE Q 293 -35.52 -42.66 49.07
CA ILE Q 293 -34.25 -43.27 48.72
C ILE Q 293 -34.29 -44.11 47.46
N ILE Q 294 -33.34 -43.86 46.56
CA ILE Q 294 -33.22 -44.57 45.31
C ILE Q 294 -32.04 -45.55 45.39
N VAL Q 295 -32.30 -46.83 45.17
CA VAL Q 295 -31.26 -47.84 45.32
C VAL Q 295 -30.89 -48.54 44.01
N GLN Q 296 -29.61 -48.44 43.64
CA GLN Q 296 -29.09 -49.10 42.44
C GLN Q 296 -28.33 -50.36 42.82
N LEU Q 297 -28.56 -51.44 42.11
CA LEU Q 297 -27.87 -52.68 42.42
C LEU Q 297 -26.77 -52.88 41.43
N ASN Q 298 -25.69 -53.51 41.82
CA ASN Q 298 -24.61 -53.81 40.88
C ASN Q 298 -24.84 -55.06 40.06
N LYS Q 299 -25.75 -55.90 40.51
CA LYS Q 299 -26.04 -57.14 39.83
C LYS Q 299 -27.54 -57.16 39.72
N SER Q 300 -28.10 -57.66 38.64
CA SER Q 300 -29.54 -57.72 38.60
C SER Q 300 -30.05 -59.00 39.23
N VAL Q 301 -31.32 -58.99 39.59
CA VAL Q 301 -31.96 -60.19 40.11
C VAL Q 301 -33.02 -60.63 39.11
N GLU Q 302 -32.98 -61.89 38.75
CA GLU Q 302 -33.90 -62.39 37.75
C GLU Q 302 -35.27 -62.71 38.32
N ILE Q 303 -36.28 -62.24 37.59
CA ILE Q 303 -37.69 -62.49 37.88
C ILE Q 303 -38.42 -63.08 36.67
N ASN Q 304 -39.14 -64.18 36.88
CA ASN Q 304 -39.91 -64.84 35.81
C ASN Q 304 -41.39 -64.84 36.11
N CYS Q 305 -42.15 -64.13 35.29
CA CYS Q 305 -43.59 -63.97 35.54
C CYS Q 305 -44.46 -64.66 34.52
N THR Q 306 -45.60 -65.12 34.98
CA THR Q 306 -46.55 -65.76 34.09
C THR Q 306 -48.00 -65.73 34.52
N ARG Q 307 -48.87 -65.83 33.52
CA ARG Q 307 -50.32 -65.95 33.65
C ARG Q 307 -50.71 -67.15 32.77
N PRO Q 308 -50.53 -68.41 33.23
CA PRO Q 308 -50.63 -69.63 32.43
C PRO Q 308 -52.07 -70.06 32.12
N ASN Q 309 -52.81 -69.18 31.49
CA ASN Q 309 -54.18 -69.43 31.12
C ASN Q 309 -54.34 -69.10 29.68
N ASN Q 310 -54.62 -70.09 28.87
CA ASN Q 310 -54.68 -69.82 27.46
C ASN Q 310 -56.05 -69.23 27.19
N ASN Q 311 -56.13 -67.93 27.24
CA ASN Q 311 -57.44 -67.34 27.12
C ASN Q 311 -57.81 -67.00 25.72
N THR Q 312 -59.10 -66.94 25.45
CA THR Q 312 -59.52 -66.39 24.17
C THR Q 312 -60.34 -65.16 24.42
N ARG Q 313 -60.74 -64.51 23.35
CA ARG Q 313 -61.51 -63.29 23.49
C ARG Q 313 -62.67 -63.26 22.51
N LYS Q 314 -63.75 -62.64 22.93
CA LYS Q 314 -64.89 -62.52 22.06
C LYS Q 314 -65.05 -61.11 21.57
N SER Q 315 -65.35 -60.97 20.29
CA SER Q 315 -65.64 -59.67 19.73
C SER Q 315 -67.14 -59.46 19.82
N ILE Q 316 -67.55 -58.49 20.61
CA ILE Q 316 -68.96 -58.25 20.78
C ILE Q 316 -69.37 -56.99 20.10
N HIS Q 317 -70.35 -57.13 19.23
CA HIS Q 317 -70.86 -56.02 18.48
C HIS Q 317 -72.11 -55.58 19.19
N ILE Q 318 -72.16 -54.28 19.48
CA ILE Q 318 -73.24 -53.68 20.26
C ILE Q 318 -73.98 -52.65 19.46
N GLY Q 319 -73.84 -52.76 18.17
CA GLY Q 319 -74.51 -51.94 17.20
C GLY Q 319 -73.73 -52.09 15.92
N PRO Q 320 -74.31 -51.80 14.78
CA PRO Q 320 -73.61 -51.94 13.55
C PRO Q 320 -72.49 -50.90 13.62
N GLY Q 321 -71.26 -51.28 13.27
CA GLY Q 321 -70.18 -50.31 13.23
C GLY Q 321 -69.46 -50.13 14.57
N ARG Q 322 -69.95 -50.77 15.63
CA ARG Q 322 -69.28 -50.62 16.91
C ARG Q 322 -69.15 -51.93 17.67
N TRP Q 323 -67.95 -52.17 18.17
CA TRP Q 323 -67.67 -53.39 18.90
C TRP Q 323 -66.47 -53.27 19.79
N PHE Q 324 -66.32 -54.24 20.66
CA PHE Q 324 -65.20 -54.29 21.58
C PHE Q 324 -64.86 -55.73 21.89
N TYR Q 325 -63.68 -55.95 22.42
CA TYR Q 325 -63.31 -57.28 22.81
C TYR Q 325 -63.49 -57.53 24.29
N THR Q 326 -63.86 -58.75 24.63
CA THR Q 326 -63.95 -59.10 26.03
C THR Q 326 -63.39 -60.48 26.30
N THR Q 327 -62.97 -60.72 27.53
CA THR Q 327 -62.43 -62.03 27.85
C THR Q 327 -63.48 -63.11 27.63
N GLY Q 328 -63.08 -64.12 26.86
CA GLY Q 328 -63.92 -65.24 26.51
C GLY Q 328 -63.55 -66.40 27.38
N GLU Q 329 -63.76 -67.60 26.88
CA GLU Q 329 -63.48 -68.78 27.67
C GLU Q 329 -62.00 -69.06 27.83
N ILE Q 330 -61.69 -69.79 28.88
CA ILE Q 330 -60.34 -70.20 29.17
C ILE Q 330 -60.11 -71.58 28.61
N ILE Q 331 -59.02 -71.73 27.89
CA ILE Q 331 -58.66 -73.01 27.34
C ILE Q 331 -57.77 -73.62 28.41
N GLY Q 332 -58.23 -74.72 28.98
CA GLY Q 332 -57.54 -75.35 30.09
C GLY Q 332 -58.08 -74.85 31.43
N ASP Q 333 -57.35 -75.14 32.49
CA ASP Q 333 -57.76 -74.88 33.86
C ASP Q 333 -57.39 -73.46 34.27
N ILE Q 334 -57.73 -73.07 35.49
CA ILE Q 334 -57.35 -71.74 35.96
C ILE Q 334 -56.06 -71.76 36.75
N ARG Q 335 -55.07 -71.07 36.26
CA ARG Q 335 -53.79 -70.98 36.90
C ARG Q 335 -53.62 -69.58 37.47
N GLN Q 336 -53.00 -69.50 38.62
CA GLN Q 336 -52.79 -68.21 39.26
C GLN Q 336 -51.61 -67.50 38.64
N ALA Q 337 -51.77 -66.20 38.40
CA ALA Q 337 -50.65 -65.41 37.90
C ALA Q 337 -49.63 -65.33 39.01
N HIS Q 338 -48.36 -65.44 38.65
CA HIS Q 338 -47.34 -65.39 39.68
C HIS Q 338 -45.97 -65.05 39.14
N CYS Q 339 -45.06 -64.69 40.05
CA CYS Q 339 -43.67 -64.42 39.66
C CYS Q 339 -42.61 -65.05 40.54
N ASN Q 340 -41.64 -65.69 39.88
CA ASN Q 340 -40.50 -66.38 40.47
C ASN Q 340 -39.25 -65.55 40.53
N ILE Q 341 -38.84 -65.22 41.73
CA ILE Q 341 -37.70 -64.38 41.98
C ILE Q 341 -36.62 -65.23 42.62
N SER Q 342 -35.40 -65.19 42.10
CA SER Q 342 -34.43 -66.04 42.80
C SER Q 342 -34.30 -65.50 44.22
N GLY Q 343 -34.55 -66.36 45.22
CA GLY Q 343 -34.58 -65.96 46.61
C GLY Q 343 -33.21 -65.64 47.07
N THR Q 344 -32.30 -66.56 46.81
CA THR Q 344 -30.95 -66.35 47.22
C THR Q 344 -30.42 -65.10 46.57
N LYS Q 345 -30.63 -64.90 45.27
CA LYS Q 345 -30.06 -63.71 44.69
C LYS Q 345 -30.65 -62.46 45.30
N TRP Q 346 -31.96 -62.47 45.53
CA TRP Q 346 -32.64 -61.33 46.12
C TRP Q 346 -32.13 -61.00 47.48
N ASN Q 347 -32.13 -61.98 48.37
CA ASN Q 347 -31.72 -61.77 49.72
C ASN Q 347 -30.24 -61.60 49.91
N ASP Q 348 -29.43 -62.16 49.01
CA ASP Q 348 -28.01 -61.97 49.14
C ASP Q 348 -27.74 -60.52 48.78
N THR Q 349 -28.44 -60.04 47.75
CA THR Q 349 -28.33 -58.69 47.33
C THR Q 349 -28.86 -57.79 48.42
N LEU Q 350 -29.99 -58.16 49.03
CA LEU Q 350 -30.59 -57.34 50.05
C LEU Q 350 -29.65 -57.23 51.22
N LYS Q 351 -28.95 -58.30 51.58
CA LYS Q 351 -27.97 -58.18 52.65
C LYS Q 351 -26.95 -57.11 52.26
N GLN Q 352 -26.51 -57.13 51.00
CA GLN Q 352 -25.56 -56.14 50.51
C GLN Q 352 -26.17 -54.73 50.50
N ILE Q 353 -27.47 -54.63 50.25
CA ILE Q 353 -28.12 -53.34 50.24
C ILE Q 353 -28.04 -52.79 51.63
N VAL Q 354 -28.28 -53.63 52.63
CA VAL Q 354 -28.21 -53.19 54.01
C VAL Q 354 -26.80 -52.74 54.30
N VAL Q 355 -25.79 -53.45 53.81
CA VAL Q 355 -24.44 -53.04 54.08
C VAL Q 355 -24.23 -51.60 53.63
N LYS Q 356 -24.73 -51.24 52.46
CA LYS Q 356 -24.61 -49.85 52.08
C LYS Q 356 -25.56 -48.93 52.88
N LEU Q 357 -26.79 -49.36 53.14
CA LEU Q 357 -27.79 -48.52 53.78
C LEU Q 357 -27.41 -48.13 55.21
N LYS Q 358 -26.79 -49.07 55.93
CA LYS Q 358 -26.43 -48.88 57.33
C LYS Q 358 -25.41 -47.76 57.48
N GLU Q 359 -24.73 -47.36 56.40
CA GLU Q 359 -23.76 -46.30 56.52
C GLU Q 359 -24.45 -45.03 56.98
N GLN Q 360 -25.69 -44.81 56.55
CA GLN Q 360 -26.41 -43.61 56.93
C GLN Q 360 -27.35 -43.88 58.09
N PHE Q 361 -27.83 -45.12 58.21
CA PHE Q 361 -28.84 -45.40 59.23
C PHE Q 361 -28.46 -46.22 60.48
N GLY Q 362 -27.22 -46.68 60.62
CA GLY Q 362 -26.83 -47.41 61.83
C GLY Q 362 -26.55 -48.89 61.57
N ASN Q 363 -25.46 -49.38 62.16
CA ASN Q 363 -24.99 -50.73 61.95
C ASN Q 363 -25.87 -51.88 62.46
N LYS Q 364 -26.65 -51.65 63.49
CA LYS Q 364 -27.52 -52.70 64.01
C LYS Q 364 -28.98 -52.37 63.75
N THR Q 365 -29.21 -51.39 62.90
CA THR Q 365 -30.52 -50.92 62.62
C THR Q 365 -31.33 -51.91 61.80
N ILE Q 366 -32.56 -52.16 62.24
CA ILE Q 366 -33.44 -53.05 61.54
C ILE Q 366 -34.16 -52.27 60.46
N VAL Q 367 -34.01 -52.77 59.26
CA VAL Q 367 -34.49 -52.20 58.03
C VAL Q 367 -35.28 -53.22 57.19
N PHE Q 368 -36.04 -52.74 56.20
CA PHE Q 368 -36.79 -53.54 55.21
C PHE Q 368 -37.94 -54.43 55.65
N ASN Q 369 -39.06 -53.83 55.98
CA ASN Q 369 -40.24 -54.59 56.39
C ASN Q 369 -41.22 -54.71 55.23
N HIS Q 370 -42.32 -55.39 55.47
CA HIS Q 370 -43.35 -55.67 54.49
C HIS Q 370 -44.05 -54.45 53.94
N SER Q 371 -44.51 -54.57 52.70
CA SER Q 371 -45.25 -53.48 52.09
C SER Q 371 -46.46 -53.06 52.89
N SER Q 372 -46.65 -51.75 53.03
CA SER Q 372 -47.77 -51.17 53.75
C SER Q 372 -48.02 -49.74 53.36
N GLY Q 373 -49.29 -49.35 53.29
CA GLY Q 373 -49.67 -47.97 53.04
C GLY Q 373 -50.18 -47.74 51.63
N GLY Q 374 -51.29 -47.02 51.52
CA GLY Q 374 -51.89 -46.72 50.22
C GLY Q 374 -52.92 -47.75 49.82
N ASP Q 375 -53.51 -47.56 48.64
CA ASP Q 375 -54.54 -48.46 48.17
C ASP Q 375 -53.79 -49.63 47.51
N PRO Q 376 -54.46 -50.66 46.97
CA PRO Q 376 -53.85 -51.82 46.37
C PRO Q 376 -52.85 -51.53 45.25
N GLU Q 377 -52.93 -50.38 44.55
CA GLU Q 377 -51.99 -50.14 43.46
C GLU Q 377 -50.72 -49.49 43.97
N ILE Q 378 -50.73 -49.19 45.26
CA ILE Q 378 -49.60 -48.59 45.92
C ILE Q 378 -48.90 -49.69 46.68
N VAL Q 379 -49.72 -50.51 47.36
CA VAL Q 379 -49.26 -51.59 48.20
C VAL Q 379 -48.71 -52.75 47.38
N MET Q 380 -49.41 -53.14 46.30
CA MET Q 380 -48.94 -54.19 45.41
C MET Q 380 -47.98 -53.64 44.37
N HIS Q 381 -47.05 -54.49 43.98
CA HIS Q 381 -46.04 -54.27 42.97
C HIS Q 381 -46.67 -54.39 41.60
N SER Q 382 -46.29 -53.56 40.63
CA SER Q 382 -46.95 -53.81 39.35
C SER Q 382 -46.16 -53.54 38.11
N PHE Q 383 -46.57 -54.29 37.09
CA PHE Q 383 -46.00 -54.27 35.75
C PHE Q 383 -46.91 -54.85 34.66
N ASN Q 384 -46.61 -54.53 33.40
CA ASN Q 384 -47.27 -55.03 32.20
C ASN Q 384 -46.61 -56.27 31.56
N CYS Q 385 -46.73 -57.45 32.15
CA CYS Q 385 -45.99 -58.61 31.65
C CYS Q 385 -46.59 -59.10 30.35
N GLY Q 386 -45.85 -58.91 29.26
CA GLY Q 386 -46.40 -59.30 27.98
C GLY Q 386 -47.51 -58.31 27.60
N GLY Q 387 -47.57 -57.18 28.30
CA GLY Q 387 -48.62 -56.21 28.13
C GLY Q 387 -49.76 -56.43 29.15
N GLU Q 388 -49.73 -57.53 29.91
CA GLU Q 388 -50.78 -57.81 30.90
C GLU Q 388 -50.45 -57.21 32.25
N PHE Q 389 -51.46 -56.70 32.92
CA PHE Q 389 -51.19 -56.01 34.17
C PHE Q 389 -51.36 -56.81 35.45
N PHE Q 390 -50.19 -57.04 36.04
CA PHE Q 390 -49.99 -57.82 37.25
C PHE Q 390 -49.81 -56.95 38.45
N TYR Q 391 -50.49 -57.32 39.51
CA TYR Q 391 -50.38 -56.67 40.80
C TYR Q 391 -49.95 -57.71 41.81
N CYS Q 392 -48.72 -57.65 42.25
CA CYS Q 392 -48.19 -58.72 43.09
C CYS Q 392 -48.04 -58.28 44.53
N ASN Q 393 -48.30 -59.19 45.46
CA ASN Q 393 -48.25 -58.77 46.87
C ASN Q 393 -46.88 -58.26 47.32
N SER Q 394 -45.83 -58.90 46.84
CA SER Q 394 -44.46 -58.55 47.17
C SER Q 394 -44.21 -58.41 48.66
N THR Q 395 -44.76 -59.30 49.46
CA THR Q 395 -44.52 -59.23 50.89
C THR Q 395 -43.50 -60.26 51.29
N GLN Q 396 -43.34 -61.31 50.49
CA GLN Q 396 -42.41 -62.40 50.80
C GLN Q 396 -40.99 -61.88 50.76
N LEU Q 397 -40.76 -60.94 49.86
CA LEU Q 397 -39.47 -60.33 49.65
C LEU Q 397 -39.02 -59.57 50.86
N PHE Q 398 -39.99 -59.13 51.64
CA PHE Q 398 -39.79 -58.34 52.82
C PHE Q 398 -40.48 -58.98 54.01
N ASN Q 399 -40.51 -60.32 54.07
CA ASN Q 399 -41.19 -60.98 55.19
C ASN Q 399 -40.25 -61.18 56.35
N SER Q 400 -39.04 -60.67 56.20
CA SER Q 400 -38.01 -60.72 57.18
C SER Q 400 -37.18 -59.46 57.06
N THR Q 401 -37.10 -58.73 58.15
CA THR Q 401 -36.36 -57.50 58.26
C THR Q 401 -34.93 -57.83 58.51
N ILE Q 412 -38.31 -67.32 45.76
CA ILE Q 412 -39.45 -66.58 46.25
C ILE Q 412 -40.51 -66.46 45.17
N VAL Q 413 -41.70 -66.98 45.41
CA VAL Q 413 -42.71 -66.88 44.37
C VAL Q 413 -43.93 -66.14 44.87
N LEU Q 414 -44.26 -65.05 44.20
CA LEU Q 414 -45.40 -64.27 44.64
C LEU Q 414 -46.60 -64.47 43.77
N PRO Q 415 -47.82 -64.46 44.34
CA PRO Q 415 -49.06 -64.46 43.63
C PRO Q 415 -49.27 -63.08 43.08
N CYS Q 416 -49.93 -63.00 41.96
CA CYS Q 416 -50.27 -61.74 41.35
C CYS Q 416 -51.72 -61.70 40.93
N ARG Q 417 -52.33 -60.52 40.97
CA ARG Q 417 -53.69 -60.33 40.53
C ARG Q 417 -53.70 -59.63 39.19
N ILE Q 418 -54.79 -59.78 38.44
CA ILE Q 418 -54.88 -59.15 37.13
C ILE Q 418 -55.99 -58.10 37.06
N LYS Q 419 -55.65 -56.95 36.47
CA LYS Q 419 -56.63 -55.85 36.29
C LYS Q 419 -56.53 -55.27 34.88
N GLN Q 420 -57.66 -54.99 34.21
CA GLN Q 420 -57.60 -54.40 32.88
C GLN Q 420 -57.81 -52.88 32.81
N ILE Q 421 -58.35 -52.24 33.83
CA ILE Q 421 -58.47 -50.78 33.71
C ILE Q 421 -57.21 -50.14 34.27
N VAL Q 422 -56.52 -49.39 33.43
CA VAL Q 422 -55.24 -48.80 33.79
C VAL Q 422 -55.11 -47.30 33.52
N ASN Q 423 -54.15 -46.70 34.21
CA ASN Q 423 -53.80 -45.29 34.06
C ASN Q 423 -52.39 -45.12 33.52
N MET Q 424 -52.10 -43.99 32.90
CA MET Q 424 -50.72 -43.70 32.56
C MET Q 424 -50.10 -43.15 33.81
N TRP Q 425 -49.73 -44.06 34.71
CA TRP Q 425 -49.24 -43.78 36.07
C TRP Q 425 -50.38 -43.32 36.98
N GLN Q 426 -51.11 -42.32 36.52
CA GLN Q 426 -52.27 -41.77 37.19
C GLN Q 426 -52.93 -40.71 36.33
N GLU Q 427 -54.17 -40.98 35.98
CA GLU Q 427 -54.99 -40.12 35.16
C GLU Q 427 -55.94 -39.32 36.00
N VAL Q 428 -56.46 -38.26 35.42
CA VAL Q 428 -57.48 -37.53 36.12
C VAL Q 428 -58.84 -37.90 35.53
N GLY Q 429 -59.61 -38.65 36.29
CA GLY Q 429 -60.93 -39.09 35.88
C GLY Q 429 -60.97 -40.27 34.90
N LYS Q 430 -60.43 -40.04 33.71
CA LYS Q 430 -60.41 -41.00 32.59
C LYS Q 430 -59.48 -42.16 32.81
N ALA Q 431 -59.67 -43.22 32.03
CA ALA Q 431 -58.75 -44.36 32.10
C ALA Q 431 -58.78 -45.15 30.79
N MET Q 432 -57.80 -46.01 30.62
CA MET Q 432 -57.73 -46.86 29.45
C MET Q 432 -58.01 -48.29 29.85
N TYR Q 433 -58.68 -49.02 28.99
CA TYR Q 433 -58.92 -50.41 29.23
C TYR Q 433 -58.06 -51.27 28.36
N ALA Q 434 -57.34 -52.17 28.99
CA ALA Q 434 -56.45 -53.07 28.32
C ALA Q 434 -57.27 -54.19 27.70
N PRO Q 435 -57.31 -54.34 26.36
CA PRO Q 435 -58.09 -55.32 25.66
C PRO Q 435 -57.62 -56.66 26.16
N PRO Q 436 -58.46 -57.68 26.12
CA PRO Q 436 -58.13 -59.01 26.54
C PRO Q 436 -57.03 -59.52 25.64
N ILE Q 437 -56.16 -60.31 26.23
CA ILE Q 437 -55.03 -60.90 25.53
C ILE Q 437 -55.24 -62.37 25.30
N LYS Q 438 -55.15 -62.77 24.05
CA LYS Q 438 -55.32 -64.16 23.66
C LYS Q 438 -54.05 -64.94 24.00
N GLY Q 439 -54.22 -66.14 24.54
CA GLY Q 439 -53.10 -67.00 24.86
C GLY Q 439 -52.59 -66.74 26.28
N GLN Q 440 -51.40 -67.25 26.56
CA GLN Q 440 -50.82 -67.18 27.90
C GLN Q 440 -49.81 -66.06 27.99
N ILE Q 441 -49.54 -65.62 29.21
CA ILE Q 441 -48.53 -64.60 29.41
C ILE Q 441 -47.26 -65.17 30.00
N ARG Q 442 -46.15 -64.85 29.35
CA ARG Q 442 -44.85 -65.22 29.86
C ARG Q 442 -43.89 -64.07 29.63
N CYS Q 443 -43.11 -63.73 30.65
CA CYS Q 443 -42.08 -62.71 30.49
C CYS Q 443 -41.06 -62.87 31.61
N SER Q 444 -39.98 -62.15 31.52
CA SER Q 444 -39.01 -62.18 32.58
C SER Q 444 -38.33 -60.85 32.56
N SER Q 445 -37.69 -60.49 33.64
CA SER Q 445 -36.99 -59.21 33.68
C SER Q 445 -35.85 -59.15 34.67
N ASN Q 446 -35.11 -58.06 34.55
CA ASN Q 446 -33.95 -57.76 35.38
C ASN Q 446 -34.23 -56.75 36.48
N ILE Q 447 -34.24 -57.18 37.72
CA ILE Q 447 -34.46 -56.25 38.80
C ILE Q 447 -33.17 -55.51 39.01
N THR Q 448 -33.17 -54.17 38.86
CA THR Q 448 -31.93 -53.43 38.99
C THR Q 448 -31.94 -52.42 40.13
N GLY Q 449 -33.10 -52.21 40.77
CA GLY Q 449 -33.15 -51.27 41.88
C GLY Q 449 -34.49 -51.14 42.61
N LEU Q 450 -34.44 -50.37 43.69
CA LEU Q 450 -35.55 -50.13 44.60
C LEU Q 450 -35.82 -48.65 44.91
N ILE Q 451 -37.06 -48.35 45.26
CA ILE Q 451 -37.37 -47.05 45.85
C ILE Q 451 -37.92 -47.29 47.23
N LEU Q 452 -37.33 -46.62 48.22
CA LEU Q 452 -37.74 -46.83 49.59
C LEU Q 452 -38.41 -45.66 50.30
N ILE Q 453 -39.35 -46.07 51.14
CA ILE Q 453 -40.19 -45.29 52.01
C ILE Q 453 -39.68 -45.32 53.44
N ARG Q 454 -39.52 -44.14 54.04
CA ARG Q 454 -39.08 -43.99 55.43
C ARG Q 454 -40.26 -44.30 56.36
N ASP Q 455 -40.00 -44.78 57.58
CA ASP Q 455 -41.09 -45.08 58.52
C ASP Q 455 -41.50 -43.94 59.45
N GLU Q 465 -35.21 -48.50 61.99
CA GLU Q 465 -35.37 -47.61 60.84
C GLU Q 465 -35.96 -48.45 59.73
N ILE Q 466 -37.25 -48.69 59.80
CA ILE Q 466 -37.86 -49.50 58.80
C ILE Q 466 -38.10 -48.83 57.50
N PHE Q 467 -37.72 -49.53 56.48
CA PHE Q 467 -37.95 -49.06 55.16
C PHE Q 467 -38.94 -49.99 54.53
N ARG Q 468 -39.76 -49.44 53.67
CA ARG Q 468 -40.71 -50.22 52.90
C ARG Q 468 -40.59 -49.83 51.43
N PRO Q 469 -40.87 -50.72 50.49
CA PRO Q 469 -40.84 -50.44 49.06
C PRO Q 469 -41.97 -49.56 48.57
N GLY Q 470 -41.69 -48.79 47.51
CA GLY Q 470 -42.71 -48.00 46.82
C GLY Q 470 -42.59 -46.50 47.02
N GLY Q 471 -43.59 -45.78 46.51
CA GLY Q 471 -43.59 -44.33 46.57
C GLY Q 471 -43.15 -43.67 45.27
N GLY Q 472 -43.53 -42.41 45.08
CA GLY Q 472 -43.17 -41.64 43.91
C GLY Q 472 -44.07 -41.86 42.71
N ASP Q 473 -43.68 -41.26 41.59
CA ASP Q 473 -44.43 -41.35 40.34
C ASP Q 473 -43.45 -41.52 39.19
N MET Q 474 -43.90 -41.23 37.98
CA MET Q 474 -43.07 -41.48 36.83
C MET Q 474 -41.82 -40.65 36.83
N ARG Q 475 -41.86 -39.49 37.48
CA ARG Q 475 -40.71 -38.63 37.47
C ARG Q 475 -39.65 -39.13 38.40
N ASP Q 476 -39.98 -40.01 39.31
CA ASP Q 476 -38.96 -40.47 40.19
C ASP Q 476 -38.25 -41.57 39.46
N ASN Q 477 -39.01 -42.31 38.67
CA ASN Q 477 -38.39 -43.36 37.91
C ASN Q 477 -37.61 -42.75 36.75
N TRP Q 478 -38.09 -41.67 36.15
CA TRP Q 478 -37.32 -41.05 35.09
C TRP Q 478 -36.06 -40.44 35.65
N ARG Q 479 -36.17 -39.77 36.80
CA ARG Q 479 -35.05 -39.11 37.45
C ARG Q 479 -33.95 -40.09 37.77
N SER Q 480 -34.33 -41.32 38.13
CA SER Q 480 -33.38 -42.34 38.53
C SER Q 480 -32.41 -42.67 37.40
N GLU Q 481 -32.73 -42.26 36.17
CA GLU Q 481 -31.84 -42.47 35.05
C GLU Q 481 -31.21 -41.14 34.59
N LEU Q 482 -32.02 -40.09 34.61
CA LEU Q 482 -31.65 -38.79 34.07
C LEU Q 482 -30.61 -38.06 34.90
N TYR Q 483 -30.41 -38.50 36.13
CA TYR Q 483 -29.45 -37.93 37.08
C TYR Q 483 -28.05 -37.80 36.51
N LYS Q 484 -27.72 -38.55 35.49
CA LYS Q 484 -26.38 -38.47 34.92
C LYS Q 484 -26.13 -37.20 34.10
N TYR Q 485 -27.18 -36.51 33.65
CA TYR Q 485 -26.97 -35.40 32.71
C TYR Q 485 -27.58 -34.04 33.04
N LYS Q 486 -26.95 -32.98 32.51
CA LYS Q 486 -27.53 -31.64 32.59
C LYS Q 486 -27.36 -30.90 31.25
N VAL Q 487 -28.25 -29.96 30.95
CA VAL Q 487 -28.16 -29.21 29.69
C VAL Q 487 -27.57 -27.83 29.82
N VAL Q 488 -26.65 -27.50 28.91
CA VAL Q 488 -26.05 -26.17 28.88
C VAL Q 488 -26.17 -25.55 27.49
N LYS Q 489 -26.06 -24.23 27.44
CA LYS Q 489 -26.08 -23.47 26.19
C LYS Q 489 -24.72 -22.88 25.91
N ILE Q 490 -24.27 -23.03 24.69
CA ILE Q 490 -22.96 -22.53 24.31
C ILE Q 490 -23.03 -21.03 24.07
N GLU Q 491 -22.07 -20.30 24.65
CA GLU Q 491 -21.99 -18.84 24.54
C GLU Q 491 -20.65 -18.40 23.95
N PRO Q 492 -20.45 -18.54 22.64
CA PRO Q 492 -19.18 -18.38 21.95
C PRO Q 492 -18.67 -16.97 21.73
N LEU Q 493 -19.49 -15.97 21.96
CA LEU Q 493 -19.05 -14.62 21.64
C LEU Q 493 -18.69 -13.83 22.87
N GLY Q 494 -17.47 -13.29 22.88
CA GLY Q 494 -17.04 -12.48 24.01
C GLY Q 494 -15.90 -11.55 23.62
N ILE Q 495 -15.42 -10.78 24.59
CA ILE Q 495 -14.36 -9.80 24.38
C ILE Q 495 -13.28 -9.92 25.39
N ALA Q 496 -12.12 -9.35 25.09
CA ALA Q 496 -11.05 -9.28 26.05
C ALA Q 496 -10.11 -8.14 25.66
N PRO Q 497 -9.39 -7.54 26.61
CA PRO Q 497 -8.38 -6.56 26.34
C PRO Q 497 -7.16 -7.15 25.68
N THR Q 498 -6.61 -6.42 24.72
CA THR Q 498 -5.39 -6.78 24.00
C THR Q 498 -4.40 -5.65 23.92
N LYS Q 499 -3.22 -5.92 23.39
CA LYS Q 499 -2.27 -4.82 23.25
C LYS Q 499 -2.45 -4.17 21.87
N CYS Q 500 -3.19 -4.83 21.02
CA CYS Q 500 -3.44 -4.39 19.66
C CYS Q 500 -4.62 -3.47 19.42
N LYS Q 501 -4.33 -2.29 18.89
CA LYS Q 501 -5.35 -1.32 18.56
C LYS Q 501 -5.83 -1.56 17.13
N ARG Q 502 -7.09 -1.26 16.86
CA ARG Q 502 -7.57 -1.27 15.51
C ARG Q 502 -6.85 -0.27 14.62
N ARG Q 503 -6.51 -0.69 13.41
CA ARG Q 503 -5.89 0.18 12.43
C ARG Q 503 -6.95 0.64 11.45
N VAL Q 504 -6.82 1.86 10.97
CA VAL Q 504 -7.76 2.39 9.99
C VAL Q 504 -7.01 3.02 8.82
N ALA R 1 11.59 -30.39 25.37
CA ALA R 1 11.68 -29.24 24.51
C ALA R 1 11.45 -29.69 23.09
N VAL R 2 11.24 -30.98 22.97
CA VAL R 2 11.01 -31.59 21.68
C VAL R 2 9.54 -31.34 21.37
N GLY R 3 9.29 -30.74 20.22
CA GLY R 3 7.97 -30.27 19.80
C GLY R 3 6.96 -31.34 19.42
N ILE R 4 6.54 -32.08 20.42
CA ILE R 4 5.56 -33.12 20.24
C ILE R 4 4.19 -32.64 20.67
N GLY R 5 3.26 -32.55 19.73
CA GLY R 5 1.95 -32.02 20.07
C GLY R 5 1.20 -31.71 18.79
N ALA R 6 0.37 -30.67 18.81
CA ALA R 6 -0.48 -30.31 17.67
C ALA R 6 -1.46 -31.45 17.40
N VAL R 7 -2.28 -31.68 18.40
CA VAL R 7 -3.26 -32.74 18.46
C VAL R 7 -4.65 -32.15 18.70
N PHE R 8 -5.69 -32.94 18.45
CA PHE R 8 -7.05 -32.49 18.55
C PHE R 8 -7.95 -33.21 19.54
N LEU R 9 -8.48 -32.43 20.48
CA LEU R 9 -9.37 -32.98 21.51
C LEU R 9 -10.84 -32.96 21.15
N GLY R 10 -11.31 -31.79 20.72
CA GLY R 10 -12.72 -31.53 20.48
C GLY R 10 -13.27 -30.83 21.70
N PHE R 11 -14.27 -29.98 21.52
CA PHE R 11 -14.94 -29.23 22.58
C PHE R 11 -14.04 -28.21 23.33
N LEU R 12 -12.94 -28.66 23.93
CA LEU R 12 -11.96 -27.79 24.59
C LEU R 12 -12.56 -26.83 25.59
N GLY R 13 -13.21 -27.30 26.63
CA GLY R 13 -13.86 -26.33 27.52
C GLY R 13 -12.84 -25.38 28.15
N ALA R 14 -13.24 -24.10 28.36
CA ALA R 14 -12.37 -23.03 28.88
C ALA R 14 -12.07 -23.15 30.34
N ALA R 15 -11.39 -24.22 30.66
CA ALA R 15 -10.96 -24.55 31.98
C ALA R 15 -9.68 -25.29 31.78
N GLY R 16 -9.65 -26.01 30.66
CA GLY R 16 -8.54 -26.91 30.35
C GLY R 16 -7.30 -26.15 29.94
N SER R 17 -7.49 -24.90 29.54
CA SER R 17 -6.39 -24.07 29.12
C SER R 17 -6.75 -22.61 29.30
N THR R 18 -5.72 -21.77 29.31
CA THR R 18 -5.87 -20.33 29.53
C THR R 18 -6.50 -19.66 28.37
N MET R 19 -6.92 -18.42 28.56
CA MET R 19 -7.55 -17.69 27.49
C MET R 19 -6.66 -17.63 26.26
N GLY R 20 -5.38 -17.41 26.49
CA GLY R 20 -4.45 -17.35 25.38
C GLY R 20 -4.45 -18.68 24.65
N ALA R 21 -4.24 -19.76 25.38
CA ALA R 21 -4.20 -21.07 24.75
C ALA R 21 -5.53 -21.46 24.11
N ALA R 22 -6.62 -21.08 24.73
CA ALA R 22 -7.95 -21.42 24.28
C ALA R 22 -8.23 -20.79 22.93
N SER R 23 -7.64 -19.61 22.67
CA SER R 23 -7.87 -18.88 21.43
C SER R 23 -7.36 -19.64 20.21
N MET R 24 -6.58 -20.71 20.44
CA MET R 24 -6.03 -21.47 19.36
C MET R 24 -7.04 -22.44 18.74
N THR R 25 -8.25 -22.52 19.30
CA THR R 25 -9.27 -23.42 18.79
C THR R 25 -10.61 -22.72 18.56
N LEU R 26 -10.61 -21.52 17.96
CA LEU R 26 -11.84 -20.78 17.77
C LEU R 26 -12.61 -21.41 16.61
N THR R 27 -11.87 -22.02 15.67
CA THR R 27 -12.52 -22.68 14.55
C THR R 27 -13.15 -23.97 15.02
N VAL R 28 -12.66 -24.51 16.12
CA VAL R 28 -13.23 -25.73 16.62
C VAL R 28 -14.58 -25.42 17.16
N GLN R 29 -14.67 -24.36 17.93
CA GLN R 29 -15.97 -24.05 18.46
C GLN R 29 -16.87 -23.63 17.35
N ALA R 30 -16.37 -22.87 16.38
CA ALA R 30 -17.26 -22.44 15.33
C ALA R 30 -17.81 -23.62 14.59
N ARG R 31 -17.00 -24.61 14.33
CA ARG R 31 -17.46 -25.77 13.61
C ARG R 31 -18.56 -26.48 14.39
N GLN R 32 -18.44 -26.49 15.70
CA GLN R 32 -19.41 -27.11 16.58
C GLN R 32 -20.70 -26.28 16.68
N THR R 58 -47.86 -33.70 14.42
CA THR R 58 -48.15 -33.69 15.84
C THR R 58 -47.00 -33.04 16.61
N VAL R 59 -46.93 -33.34 17.90
CA VAL R 59 -45.98 -32.75 18.82
C VAL R 59 -44.54 -32.89 18.37
N TRP R 60 -44.25 -33.96 17.65
CA TRP R 60 -42.90 -34.16 17.18
C TRP R 60 -42.53 -33.06 16.22
N GLY R 61 -43.50 -32.61 15.41
CA GLY R 61 -43.27 -31.59 14.41
C GLY R 61 -42.97 -30.32 15.12
N ILE R 62 -43.67 -30.10 16.21
CA ILE R 62 -43.48 -28.90 16.97
C ILE R 62 -42.08 -28.89 17.52
N LYS R 63 -41.65 -30.01 18.06
CA LYS R 63 -40.31 -30.03 18.60
C LYS R 63 -39.24 -29.88 17.53
N GLN R 64 -39.44 -30.48 16.36
CA GLN R 64 -38.45 -30.38 15.30
C GLN R 64 -38.37 -28.93 14.87
N LEU R 65 -39.53 -28.30 14.81
CA LEU R 65 -39.60 -26.94 14.42
C LEU R 65 -38.96 -26.02 15.40
N GLN R 66 -39.28 -26.17 16.68
CA GLN R 66 -38.76 -25.22 17.62
C GLN R 66 -37.28 -25.38 17.72
N ALA R 67 -36.79 -26.63 17.62
CA ALA R 67 -35.38 -26.86 17.73
C ALA R 67 -34.64 -26.16 16.62
N ARG R 68 -35.19 -26.22 15.41
CA ARG R 68 -34.53 -25.57 14.31
C ARG R 68 -34.63 -24.07 14.42
N VAL R 69 -35.75 -23.57 14.93
CA VAL R 69 -35.87 -22.15 15.08
C VAL R 69 -34.86 -21.63 16.08
N LEU R 70 -34.69 -22.32 17.20
CA LEU R 70 -33.75 -21.85 18.19
C LEU R 70 -32.35 -21.84 17.64
N ALA R 71 -31.99 -22.86 16.86
CA ALA R 71 -30.65 -22.90 16.32
C ALA R 71 -30.41 -21.70 15.42
N VAL R 72 -31.42 -21.34 14.64
CA VAL R 72 -31.29 -20.21 13.76
C VAL R 72 -31.15 -18.94 14.55
N GLU R 73 -31.96 -18.79 15.59
CA GLU R 73 -31.90 -17.59 16.38
C GLU R 73 -30.56 -17.41 17.03
N ARG R 74 -29.97 -18.48 17.55
CA ARG R 74 -28.68 -18.30 18.20
C ARG R 74 -27.64 -17.91 17.18
N TYR R 75 -27.66 -18.57 16.02
CA TYR R 75 -26.70 -18.27 15.02
C TYR R 75 -26.78 -16.84 14.59
N LEU R 76 -27.98 -16.38 14.29
CA LEU R 76 -28.10 -15.05 13.82
C LEU R 76 -27.74 -14.03 14.88
N LYS R 77 -28.08 -14.25 16.14
CA LYS R 77 -27.73 -13.22 17.11
C LYS R 77 -26.24 -12.93 17.12
N ASP R 78 -25.41 -13.96 17.03
CA ASP R 78 -23.98 -13.69 17.02
C ASP R 78 -23.57 -12.98 15.74
N GLN R 79 -24.18 -13.38 14.64
CA GLN R 79 -23.82 -12.78 13.38
C GLN R 79 -24.27 -11.33 13.29
N GLN R 80 -25.38 -11.02 13.93
CA GLN R 80 -25.90 -9.66 13.90
C GLN R 80 -24.95 -8.73 14.62
N LEU R 81 -24.40 -9.19 15.74
CA LEU R 81 -23.44 -8.37 16.45
C LEU R 81 -22.13 -8.23 15.70
N LEU R 82 -21.66 -9.32 15.12
CA LEU R 82 -20.42 -9.25 14.38
C LEU R 82 -20.63 -8.39 13.15
N GLY R 83 -21.82 -8.47 12.58
CA GLY R 83 -22.15 -7.68 11.41
C GLY R 83 -22.08 -6.19 11.71
N ILE R 84 -22.81 -5.72 12.73
CA ILE R 84 -22.83 -4.29 13.04
C ILE R 84 -21.46 -3.75 13.46
N TRP R 85 -20.64 -4.60 14.08
CA TRP R 85 -19.31 -4.22 14.48
C TRP R 85 -18.30 -4.25 13.33
N GLY R 86 -18.66 -4.82 12.19
CA GLY R 86 -17.71 -4.95 11.11
C GLY R 86 -16.72 -6.09 11.37
N CYS R 87 -17.13 -7.07 12.16
CA CYS R 87 -16.29 -8.20 12.53
C CYS R 87 -16.78 -9.50 11.92
N SER R 88 -17.63 -9.39 10.92
CA SER R 88 -18.12 -10.55 10.27
C SER R 88 -17.00 -11.18 9.50
N GLY R 89 -16.89 -12.50 9.60
CA GLY R 89 -15.85 -13.23 8.89
C GLY R 89 -14.54 -13.28 9.67
N LYS R 90 -14.50 -12.67 10.85
CA LYS R 90 -13.29 -12.67 11.61
C LYS R 90 -13.42 -13.48 12.87
N LEU R 91 -12.43 -14.32 13.14
CA LEU R 91 -12.43 -15.07 14.39
C LEU R 91 -12.09 -14.08 15.49
N ILE R 92 -11.19 -13.17 15.16
CA ILE R 92 -10.74 -12.14 16.08
C ILE R 92 -10.77 -10.78 15.40
N CYS R 93 -11.37 -9.76 16.03
CA CYS R 93 -11.30 -8.43 15.42
C CYS R 93 -11.00 -7.39 16.48
N CYS R 94 -10.18 -6.40 16.13
CA CYS R 94 -9.87 -5.36 17.09
C CYS R 94 -10.72 -4.14 16.83
N THR R 95 -11.05 -3.45 17.90
CA THR R 95 -11.89 -2.27 17.81
C THR R 95 -11.11 -1.00 18.11
N ALA R 96 -11.80 0.12 17.90
CA ALA R 96 -11.30 1.45 18.15
C ALA R 96 -11.48 1.90 19.61
N VAL R 97 -12.07 1.05 20.44
CA VAL R 97 -12.36 1.41 21.81
C VAL R 97 -11.30 0.86 22.77
N PRO R 98 -10.67 1.70 23.59
CA PRO R 98 -9.68 1.33 24.57
C PRO R 98 -10.32 0.62 25.71
N TRP R 99 -9.56 -0.21 26.37
CA TRP R 99 -10.00 -0.88 27.56
C TRP R 99 -10.00 0.09 28.72
N ASN R 100 -11.06 0.06 29.50
CA ASN R 100 -11.14 0.88 30.70
C ASN R 100 -10.85 -0.01 31.90
N THR R 101 -9.92 0.42 32.73
CA THR R 101 -9.51 -0.36 33.89
C THR R 101 -10.59 -0.46 34.95
N SER R 102 -11.63 0.35 34.81
CA SER R 102 -12.75 0.27 35.73
C SER R 102 -13.56 -0.98 35.43
N TRP R 103 -13.38 -1.55 34.23
CA TRP R 103 -14.10 -2.76 33.87
C TRP R 103 -13.30 -3.89 34.47
N SER R 104 -12.00 -3.76 34.29
CA SER R 104 -11.00 -4.69 34.82
C SER R 104 -9.65 -4.08 34.89
N ASN R 105 -9.05 -4.12 36.06
CA ASN R 105 -7.75 -3.55 36.26
C ASN R 105 -6.65 -4.58 36.31
N LYS R 106 -6.91 -5.76 35.76
CA LYS R 106 -5.88 -6.79 35.69
C LYS R 106 -4.98 -6.55 34.49
N SER R 107 -3.72 -6.96 34.60
CA SER R 107 -2.77 -6.83 33.52
C SER R 107 -3.03 -7.83 32.42
N TYR R 108 -2.42 -7.59 31.26
CA TYR R 108 -2.59 -8.49 30.13
C TYR R 108 -2.23 -9.92 30.57
N ASN R 109 -1.07 -10.08 31.22
CA ASN R 109 -0.63 -11.40 31.69
C ASN R 109 -1.60 -12.04 32.66
N GLN R 110 -2.10 -11.27 33.60
CA GLN R 110 -3.03 -11.81 34.57
C GLN R 110 -4.29 -12.32 33.92
N ILE R 111 -4.73 -11.70 32.84
CA ILE R 111 -5.93 -12.13 32.15
C ILE R 111 -5.67 -13.28 31.20
N TRP R 112 -4.69 -13.13 30.33
CA TRP R 112 -4.46 -14.11 29.28
C TRP R 112 -3.71 -15.37 29.61
N ASN R 113 -2.79 -15.30 30.59
CA ASN R 113 -1.95 -16.44 30.89
C ASN R 113 -2.29 -17.13 32.19
N ASN R 114 -3.02 -16.46 33.06
CA ASN R 114 -3.30 -17.03 34.37
C ASN R 114 -4.77 -17.31 34.61
N MET R 115 -5.58 -17.17 33.57
CA MET R 115 -7.01 -17.39 33.66
C MET R 115 -7.53 -18.03 32.41
N THR R 116 -8.66 -18.72 32.54
CA THR R 116 -9.33 -19.31 31.40
C THR R 116 -10.54 -18.42 31.12
N TRP R 117 -11.14 -18.58 29.95
CA TRP R 117 -12.30 -17.75 29.62
C TRP R 117 -13.49 -17.98 30.54
N MET R 118 -13.71 -19.20 31.02
CA MET R 118 -14.90 -19.41 31.81
C MET R 118 -14.95 -18.57 33.06
N GLU R 119 -13.81 -18.40 33.70
CA GLU R 119 -13.76 -17.62 34.91
C GLU R 119 -13.69 -16.15 34.61
N TRP R 120 -12.85 -15.80 33.66
CA TRP R 120 -12.62 -14.42 33.38
C TRP R 120 -13.83 -13.66 32.86
N GLU R 121 -14.57 -14.22 31.91
CA GLU R 121 -15.67 -13.44 31.35
C GLU R 121 -16.70 -13.06 32.38
N ARG R 122 -16.92 -13.91 33.35
CA ARG R 122 -17.91 -13.68 34.37
C ARG R 122 -17.64 -12.42 35.18
N GLU R 123 -16.40 -11.94 35.18
CA GLU R 123 -16.04 -10.78 35.94
C GLU R 123 -16.49 -9.46 35.29
N ILE R 124 -16.72 -9.48 33.98
CA ILE R 124 -17.10 -8.27 33.26
C ILE R 124 -18.42 -8.45 32.57
N ASP R 125 -19.20 -9.40 33.06
CA ASP R 125 -20.46 -9.74 32.43
C ASP R 125 -21.39 -8.52 32.39
N ASN R 126 -21.28 -7.69 33.42
CA ASN R 126 -22.11 -6.52 33.57
C ASN R 126 -21.70 -5.34 32.70
N TYR R 127 -20.63 -5.48 31.95
CA TYR R 127 -20.22 -4.40 31.06
C TYR R 127 -20.46 -4.80 29.63
N THR R 128 -21.13 -5.92 29.41
CA THR R 128 -21.30 -6.38 28.05
C THR R 128 -22.03 -5.39 27.17
N SER R 129 -23.15 -4.83 27.65
CA SER R 129 -23.91 -3.93 26.79
C SER R 129 -23.21 -2.62 26.61
N LEU R 130 -22.42 -2.23 27.60
CA LEU R 130 -21.68 -1.02 27.51
C LEU R 130 -20.67 -1.07 26.43
N ILE R 131 -19.90 -2.12 26.45
CA ILE R 131 -18.82 -2.21 25.53
C ILE R 131 -19.35 -2.42 24.16
N TYR R 132 -20.34 -3.31 24.02
CA TYR R 132 -20.92 -3.59 22.72
C TYR R 132 -21.43 -2.30 22.10
N THR R 133 -22.04 -1.43 22.89
CA THR R 133 -22.52 -0.18 22.36
C THR R 133 -21.34 0.71 21.93
N LEU R 134 -20.30 0.79 22.75
CA LEU R 134 -19.20 1.68 22.42
C LEU R 134 -18.53 1.28 21.13
N ILE R 135 -18.35 -0.02 20.93
CA ILE R 135 -17.69 -0.49 19.72
C ILE R 135 -18.55 -0.34 18.46
N GLU R 136 -19.81 0.07 18.60
CA GLU R 136 -20.65 0.32 17.44
C GLU R 136 -20.59 1.79 17.04
N ASP R 137 -20.94 2.67 17.98
CA ASP R 137 -21.03 4.09 17.62
C ASP R 137 -19.70 4.80 17.57
N SER R 138 -18.78 4.45 18.48
CA SER R 138 -17.53 5.17 18.57
C SER R 138 -16.61 4.68 17.50
N GLN R 139 -16.99 3.57 16.91
CA GLN R 139 -16.19 3.01 15.88
C GLN R 139 -16.84 3.07 14.53
N ASN R 140 -17.92 2.36 14.29
CA ASN R 140 -18.35 2.32 12.92
C ASN R 140 -19.18 3.49 12.50
N GLN R 141 -20.01 4.03 13.38
CA GLN R 141 -20.75 5.16 12.85
C GLN R 141 -19.76 6.29 12.59
N GLN R 142 -18.85 6.50 13.54
CA GLN R 142 -17.89 7.57 13.36
C GLN R 142 -16.87 7.32 12.25
N GLU R 143 -16.34 6.10 12.17
CA GLU R 143 -15.32 5.79 11.19
C GLU R 143 -15.88 5.87 9.80
N LYS R 144 -17.09 5.36 9.62
CA LYS R 144 -17.64 5.33 8.30
C LYS R 144 -18.02 6.71 7.85
N ASN R 145 -18.46 7.60 8.76
CA ASN R 145 -18.80 8.92 8.26
C ASN R 145 -17.53 9.64 7.87
N GLU R 146 -16.45 9.46 8.63
CA GLU R 146 -15.23 10.14 8.28
C GLU R 146 -14.69 9.66 6.96
N GLN R 147 -14.75 8.34 6.74
CA GLN R 147 -14.22 7.84 5.50
C GLN R 147 -15.11 8.19 4.35
N GLU R 148 -16.43 8.19 4.51
CA GLU R 148 -17.24 8.53 3.36
C GLU R 148 -16.89 9.90 2.90
N LEU R 149 -16.73 10.85 3.82
CA LEU R 149 -16.43 12.21 3.40
C LEU R 149 -15.10 12.29 2.71
N LEU R 150 -14.10 11.57 3.19
CA LEU R 150 -12.78 11.60 2.57
C LEU R 150 -12.83 11.04 1.17
N GLU R 151 -13.71 10.10 0.94
CA GLU R 151 -13.82 9.46 -0.35
C GLU R 151 -14.60 10.30 -1.37
N LEU R 152 -15.15 11.46 -0.97
CA LEU R 152 -15.86 12.29 -1.94
C LEU R 152 -14.85 13.21 -2.63
N ASP R 153 -13.61 13.17 -2.17
CA ASP R 153 -12.53 13.95 -2.73
C ASP R 153 -11.66 13.03 -3.59
N GLU S 2 -8.40 -42.79 32.01
CA GLU S 2 -7.58 -42.76 30.82
C GLU S 2 -6.53 -43.84 30.93
N VAL S 3 -6.66 -44.89 30.14
CA VAL S 3 -5.71 -45.99 30.21
C VAL S 3 -5.20 -46.36 28.84
N LEU S 4 -4.08 -47.03 28.80
CA LEU S 4 -3.55 -47.50 27.54
C LEU S 4 -3.52 -48.99 27.48
N VAL S 5 -4.15 -49.53 26.44
CA VAL S 5 -4.21 -50.98 26.35
C VAL S 5 -3.49 -51.54 25.14
N GLN S 6 -2.49 -52.34 25.41
CA GLN S 6 -1.69 -52.95 24.36
C GLN S 6 -2.11 -54.37 24.07
N SER S 7 -1.74 -54.81 22.88
CA SER S 7 -1.99 -56.18 22.38
C SER S 7 -1.16 -57.22 23.12
N GLY S 8 -1.00 -58.39 22.53
CA GLY S 8 -0.30 -59.47 23.19
C GLY S 8 1.18 -59.57 22.83
N ALA S 9 1.78 -60.66 23.30
CA ALA S 9 3.20 -60.96 23.09
C ALA S 9 3.41 -61.71 21.79
N GLU S 10 4.63 -61.62 21.27
CA GLU S 10 5.02 -62.32 20.03
C GLU S 10 6.39 -62.99 20.08
N VAL S 11 6.56 -64.04 19.28
CA VAL S 11 7.85 -64.69 19.15
C VAL S 11 8.21 -64.69 17.68
N LYS S 12 9.36 -64.12 17.37
CA LYS S 12 9.80 -63.95 16.00
C LYS S 12 11.20 -64.45 15.79
N LYS S 13 11.53 -64.86 14.57
CA LYS S 13 12.90 -65.22 14.31
C LYS S 13 13.64 -64.01 13.76
N PRO S 14 14.96 -63.91 13.89
CA PRO S 14 15.70 -62.81 13.34
C PRO S 14 15.40 -62.65 11.85
N GLY S 15 15.24 -61.41 11.43
CA GLY S 15 14.91 -61.01 10.06
C GLY S 15 13.42 -60.70 9.92
N ALA S 16 12.65 -61.07 10.95
CA ALA S 16 11.21 -60.88 11.04
C ALA S 16 10.79 -59.48 11.45
N SER S 17 9.47 -59.28 11.51
CA SER S 17 8.91 -58.01 11.96
C SER S 17 7.75 -58.26 12.92
N VAL S 18 7.52 -57.28 13.80
CA VAL S 18 6.44 -57.35 14.79
C VAL S 18 5.62 -56.06 14.82
N LYS S 19 4.32 -56.17 15.06
CA LYS S 19 3.50 -54.97 15.18
C LYS S 19 2.74 -54.97 16.51
N VAL S 20 2.95 -53.93 17.30
CA VAL S 20 2.35 -53.80 18.62
C VAL S 20 1.34 -52.65 18.67
N SER S 21 0.09 -52.98 18.96
CA SER S 21 -0.95 -51.96 19.03
C SER S 21 -1.09 -51.39 20.43
N CYS S 22 -1.74 -50.23 20.52
CA CYS S 22 -2.08 -49.55 21.77
C CYS S 22 -3.35 -48.71 21.64
N ARG S 23 -4.43 -49.15 22.31
CA ARG S 23 -5.75 -48.52 22.24
C ARG S 23 -5.99 -47.40 23.26
N ALA S 24 -6.54 -46.29 22.77
CA ALA S 24 -6.83 -45.12 23.58
C ALA S 24 -8.12 -45.21 24.37
N PHE S 25 -8.12 -46.00 25.41
CA PHE S 25 -9.33 -46.08 26.21
C PHE S 25 -9.47 -44.93 27.20
N GLY S 26 -10.66 -44.35 27.25
CA GLY S 26 -10.98 -43.32 28.23
C GLY S 26 -10.58 -41.89 27.84
N TYR S 27 -9.99 -41.70 26.66
CA TYR S 27 -9.56 -40.36 26.27
C TYR S 27 -9.61 -40.20 24.78
N THR S 28 -9.57 -38.96 24.29
CA THR S 28 -9.60 -38.79 22.86
C THR S 28 -8.28 -39.24 22.24
N PHE S 29 -8.38 -40.16 21.30
CA PHE S 29 -7.22 -40.73 20.63
C PHE S 29 -6.35 -39.70 20.00
N THR S 30 -6.99 -38.79 19.31
CA THR S 30 -6.33 -37.76 18.54
C THR S 30 -5.95 -36.56 19.36
N GLY S 31 -6.24 -36.55 20.67
CA GLY S 31 -5.98 -35.39 21.51
C GLY S 31 -4.68 -35.42 22.31
N ASN S 32 -3.87 -36.45 22.14
CA ASN S 32 -2.63 -36.59 22.89
C ASN S 32 -1.65 -37.53 22.18
N ALA S 33 -0.48 -37.01 21.81
CA ALA S 33 0.53 -37.77 21.06
C ALA S 33 1.06 -38.98 21.85
N LEU S 34 1.36 -40.09 21.16
CA LEU S 34 1.82 -41.30 21.85
C LEU S 34 3.30 -41.63 21.60
N HIS S 35 4.01 -42.01 22.67
CA HIS S 35 5.40 -42.45 22.62
C HIS S 35 5.52 -43.95 22.67
N TRP S 36 6.60 -44.45 22.08
CA TRP S 36 6.95 -45.84 22.19
C TRP S 36 8.35 -45.97 22.80
N VAL S 37 8.40 -46.79 23.84
CA VAL S 37 9.60 -47.06 24.64
C VAL S 37 9.82 -48.57 24.78
N ARG S 38 11.06 -49.03 24.66
CA ARG S 38 11.36 -50.44 24.80
C ARG S 38 12.33 -50.76 25.94
N GLN S 39 12.14 -51.93 26.54
CA GLN S 39 13.08 -52.36 27.55
C GLN S 39 13.51 -53.83 27.42
N ALA S 40 14.67 -54.05 26.82
CA ALA S 40 15.24 -55.37 26.61
C ALA S 40 15.66 -55.91 27.97
N PRO S 41 15.74 -57.24 28.19
CA PRO S 41 16.14 -57.78 29.46
C PRO S 41 17.48 -57.21 29.89
N GLY S 42 17.55 -56.76 31.13
CA GLY S 42 18.77 -56.20 31.70
C GLY S 42 19.02 -54.74 31.33
N GLN S 43 18.11 -54.17 30.54
CA GLN S 43 18.27 -52.81 30.06
C GLN S 43 17.39 -51.79 30.73
N GLY S 44 17.78 -50.52 30.54
CA GLY S 44 17.04 -49.38 31.00
C GLY S 44 16.02 -49.06 29.92
N LEU S 45 15.48 -47.87 29.92
CA LEU S 45 14.42 -47.57 28.98
C LEU S 45 14.91 -46.88 27.68
N GLU S 46 14.65 -47.55 26.56
CA GLU S 46 15.07 -47.12 25.24
C GLU S 46 13.96 -46.45 24.45
N TRP S 47 14.18 -45.23 24.03
CA TRP S 47 13.13 -44.56 23.27
C TRP S 47 13.20 -44.96 21.81
N LEU S 48 12.04 -45.26 21.22
CA LEU S 48 12.01 -45.63 19.80
C LEU S 48 11.46 -44.50 18.96
N GLY S 49 10.49 -43.79 19.49
CA GLY S 49 9.86 -42.72 18.74
C GLY S 49 8.47 -42.40 19.25
N TRP S 50 7.77 -41.55 18.50
CA TRP S 50 6.41 -41.18 18.88
C TRP S 50 5.60 -40.91 17.62
N ILE S 51 4.26 -41.01 17.75
CA ILE S 51 3.32 -40.67 16.68
C ILE S 51 2.16 -39.78 17.09
N ASN S 52 1.84 -38.82 16.23
CA ASN S 52 0.74 -37.93 16.40
C ASN S 52 -0.51 -38.63 15.86
N PRO S 53 -1.46 -39.02 16.69
CA PRO S 53 -2.65 -39.76 16.32
C PRO S 53 -3.60 -38.95 15.45
N HIS S 54 -3.43 -37.63 15.46
CA HIS S 54 -4.27 -36.74 14.70
C HIS S 54 -3.75 -36.60 13.28
N SER S 55 -2.50 -36.15 13.17
CA SER S 55 -1.87 -35.88 11.88
C SER S 55 -1.08 -37.02 11.25
N GLY S 56 -0.64 -37.98 12.05
CA GLY S 56 0.19 -39.08 11.57
C GLY S 56 1.69 -38.77 11.63
N ASP S 57 2.05 -37.57 12.11
CA ASP S 57 3.45 -37.14 12.23
C ASP S 57 4.24 -38.00 13.20
N THR S 58 5.49 -38.34 12.85
CA THR S 58 6.32 -39.13 13.76
C THR S 58 7.74 -38.60 13.90
N THR S 59 8.39 -39.02 14.97
CA THR S 59 9.83 -38.80 15.16
C THR S 59 10.36 -40.11 15.67
N THR S 60 11.51 -40.54 15.17
CA THR S 60 12.12 -41.75 15.67
C THR S 60 13.57 -41.56 16.05
N SER S 61 14.05 -42.48 16.86
CA SER S 61 15.46 -42.51 17.22
C SER S 61 16.31 -42.82 16.01
N GLN S 62 17.49 -42.22 15.97
CA GLN S 62 18.42 -42.40 14.87
C GLN S 62 18.79 -43.88 14.72
N LYS S 63 18.82 -44.58 15.84
CA LYS S 63 19.16 -45.99 15.88
C LYS S 63 18.29 -46.84 14.98
N PHE S 64 17.05 -46.41 14.79
CA PHE S 64 16.10 -47.18 14.03
C PHE S 64 15.67 -46.52 12.75
N GLN S 65 16.49 -45.67 12.17
CA GLN S 65 15.97 -45.08 10.96
C GLN S 65 15.81 -46.17 9.91
N GLY S 66 14.60 -46.24 9.35
CA GLY S 66 14.26 -47.22 8.32
C GLY S 66 13.87 -48.59 8.91
N ARG S 67 13.94 -48.71 10.23
CA ARG S 67 13.66 -49.94 10.96
C ARG S 67 12.42 -49.85 11.84
N VAL S 68 12.24 -48.72 12.51
CA VAL S 68 11.07 -48.55 13.36
C VAL S 68 10.16 -47.49 12.78
N TYR S 69 8.91 -47.90 12.62
CA TYR S 69 7.87 -47.09 12.04
C TYR S 69 6.68 -46.99 12.98
N MET S 70 5.94 -45.91 12.90
CA MET S 70 4.71 -45.84 13.68
C MET S 70 3.58 -45.47 12.77
N THR S 71 2.44 -46.07 13.04
CA THR S 71 1.24 -45.74 12.29
C THR S 71 0.06 -45.61 13.21
N ARG S 72 -1.07 -45.22 12.64
CA ARG S 72 -2.28 -45.07 13.43
C ARG S 72 -3.55 -45.24 12.62
N ASP S 73 -4.61 -45.62 13.30
CA ASP S 73 -5.93 -45.67 12.71
C ASP S 73 -6.94 -45.14 13.72
N LYS S 74 -7.33 -43.90 13.51
CA LYS S 74 -8.20 -43.21 14.44
C LYS S 74 -9.59 -43.77 14.49
N SER S 75 -10.00 -44.54 13.49
CA SER S 75 -11.37 -45.06 13.48
C SER S 75 -11.58 -46.08 14.58
N ILE S 76 -10.48 -46.62 15.11
CA ILE S 76 -10.51 -47.59 16.17
C ILE S 76 -9.71 -47.10 17.35
N ASN S 77 -9.40 -45.80 17.34
CA ASN S 77 -8.63 -45.19 18.40
C ASN S 77 -7.35 -45.94 18.71
N THR S 78 -6.66 -46.43 17.68
CA THR S 78 -5.49 -47.24 17.99
C THR S 78 -4.23 -46.82 17.25
N ALA S 79 -3.15 -46.78 18.02
CA ALA S 79 -1.82 -46.47 17.50
C ALA S 79 -1.04 -47.74 17.39
N PHE S 80 -0.07 -47.78 16.48
CA PHE S 80 0.72 -48.98 16.33
C PHE S 80 2.22 -48.75 16.20
N LEU S 81 2.97 -49.65 16.78
CA LEU S 81 4.41 -49.69 16.62
C LEU S 81 4.80 -50.80 15.68
N ASP S 82 5.45 -50.45 14.57
CA ASP S 82 5.83 -51.41 13.55
C ASP S 82 7.37 -51.55 13.46
N VAL S 83 7.89 -52.69 13.92
CA VAL S 83 9.34 -52.87 14.01
C VAL S 83 9.85 -53.99 13.12
N THR S 84 10.79 -53.66 12.22
CA THR S 84 11.35 -54.65 11.30
C THR S 84 12.82 -54.96 11.58
N ARG S 85 13.36 -55.87 10.77
CA ARG S 85 14.74 -56.35 10.88
C ARG S 85 15.03 -56.82 12.28
N LEU S 86 14.14 -57.62 12.84
CA LEU S 86 14.35 -58.05 14.19
C LEU S 86 15.57 -58.89 14.34
N THR S 87 16.28 -58.65 15.42
CA THR S 87 17.45 -59.41 15.83
C THR S 87 17.36 -59.78 17.29
N SER S 88 18.34 -60.50 17.81
CA SER S 88 18.26 -60.95 19.21
C SER S 88 18.23 -59.79 20.22
N ASP S 89 18.74 -58.63 19.82
CA ASP S 89 18.78 -57.43 20.65
C ASP S 89 17.39 -56.81 20.77
N ASP S 90 16.43 -57.32 19.99
CA ASP S 90 15.08 -56.80 19.98
C ASP S 90 14.19 -57.57 20.96
N THR S 91 14.77 -58.52 21.71
CA THR S 91 13.97 -59.16 22.73
C THR S 91 13.71 -58.08 23.77
N GLY S 92 12.46 -57.93 24.19
CA GLY S 92 12.17 -56.91 25.21
C GLY S 92 10.72 -56.56 25.34
N ILE S 93 10.45 -55.64 26.25
CA ILE S 93 9.08 -55.18 26.47
C ILE S 93 8.85 -53.89 25.71
N TYR S 94 7.81 -53.89 24.89
CA TYR S 94 7.43 -52.76 24.05
C TYR S 94 6.25 -52.04 24.68
N TYR S 95 6.47 -50.81 25.13
CA TYR S 95 5.45 -50.05 25.84
C TYR S 95 4.94 -48.85 25.07
N CYS S 96 3.67 -48.56 25.26
CA CYS S 96 3.15 -47.30 24.73
C CYS S 96 2.98 -46.31 25.89
N ALA S 97 3.17 -45.02 25.63
CA ALA S 97 3.03 -44.04 26.71
C ALA S 97 2.60 -42.63 26.29
N ARG S 98 1.99 -41.92 27.21
CA ARG S 98 1.58 -40.54 26.94
C ARG S 98 2.18 -39.52 27.85
N ASP S 99 2.52 -38.39 27.23
CA ASP S 99 3.08 -37.22 27.87
C ASP S 99 2.02 -36.17 28.09
N LYS S 100 2.42 -35.05 28.66
CA LYS S 100 1.49 -33.97 28.92
C LYS S 100 1.51 -33.05 27.75
N TYR S 101 2.68 -32.96 27.12
CA TYR S 101 2.83 -32.10 25.96
C TYR S 101 2.33 -30.70 26.23
N TYR S 102 2.66 -30.14 27.38
CA TYR S 102 2.14 -28.83 27.63
C TYR S 102 2.89 -27.94 26.68
N GLY S 103 2.18 -27.10 25.94
CA GLY S 103 2.84 -26.20 25.02
C GLY S 103 3.36 -26.95 23.81
N ASN S 104 2.88 -28.19 23.63
CA ASN S 104 3.31 -29.10 22.59
C ASN S 104 4.77 -29.50 22.74
N GLU S 105 5.30 -29.54 23.96
CA GLU S 105 6.66 -30.02 24.16
C GLU S 105 6.67 -31.11 25.21
N ALA S 106 7.54 -32.09 25.06
CA ALA S 106 7.62 -33.18 26.05
C ALA S 106 7.93 -32.62 27.47
N VAL S 107 7.18 -33.12 28.47
CA VAL S 107 7.23 -32.75 29.89
C VAL S 107 7.70 -33.91 30.78
N GLY S 108 7.11 -35.07 30.49
CA GLY S 108 7.29 -36.35 31.16
C GLY S 108 6.02 -37.19 30.96
N MET S 109 6.16 -38.52 30.96
CA MET S 109 5.02 -39.40 30.69
C MET S 109 4.39 -40.10 31.87
N ASP S 110 3.14 -39.77 32.19
CA ASP S 110 2.49 -40.40 33.31
C ASP S 110 1.51 -41.51 32.95
N VAL S 111 1.20 -41.70 31.66
CA VAL S 111 0.26 -42.76 31.35
C VAL S 111 0.95 -43.81 30.52
N TRP S 112 0.97 -45.01 31.01
CA TRP S 112 1.65 -46.10 30.32
C TRP S 112 0.77 -47.29 30.07
N GLY S 113 1.03 -47.98 28.95
CA GLY S 113 0.33 -49.22 28.67
C GLY S 113 1.02 -50.27 29.47
N GLN S 114 0.53 -51.49 29.41
CA GLN S 114 1.14 -52.51 30.23
C GLN S 114 2.44 -53.06 29.65
N GLY S 115 2.66 -52.86 28.36
CA GLY S 115 3.82 -53.41 27.70
C GLY S 115 3.57 -54.80 27.15
N THR S 116 4.15 -55.11 26.01
CA THR S 116 4.00 -56.47 25.49
C THR S 116 5.39 -57.00 25.30
N SER S 117 5.56 -58.32 25.28
CA SER S 117 6.92 -58.78 25.05
C SER S 117 7.08 -59.33 23.66
N VAL S 118 8.28 -59.16 23.13
CA VAL S 118 8.61 -59.77 21.88
C VAL S 118 9.90 -60.54 22.11
N THR S 119 9.91 -61.79 21.69
CA THR S 119 11.09 -62.62 21.82
C THR S 119 11.71 -62.81 20.45
N VAL S 120 13.03 -62.61 20.34
CA VAL S 120 13.67 -62.80 19.04
C VAL S 120 14.96 -63.61 19.16
N ILE T 1 20.16 -38.48 27.30
CA ILE T 1 21.01 -37.69 26.42
C ILE T 1 22.34 -37.42 27.12
N GLN T 2 23.30 -38.31 26.90
CA GLN T 2 24.65 -38.22 27.48
C GLN T 2 24.61 -38.08 29.00
N LEU T 3 23.79 -38.93 29.62
CA LEU T 3 23.56 -38.98 31.05
C LEU T 3 24.33 -40.02 31.87
N THR T 4 24.92 -39.54 32.97
CA THR T 4 25.60 -40.33 33.97
C THR T 4 24.75 -40.38 35.24
N GLN T 5 24.56 -41.58 35.78
CA GLN T 5 23.74 -41.75 36.97
C GLN T 5 24.50 -42.33 38.16
N SER T 6 23.93 -42.12 39.34
CA SER T 6 24.44 -42.64 40.60
C SER T 6 24.64 -44.15 40.51
N PRO T 7 25.55 -44.74 41.31
CA PRO T 7 25.79 -46.16 41.33
C PRO T 7 24.47 -46.80 41.55
N SER T 8 24.22 -47.94 40.91
CA SER T 8 22.92 -48.55 41.03
C SER T 8 22.55 -49.09 42.39
N PHE T 9 23.49 -49.50 43.24
CA PHE T 9 23.11 -50.11 44.52
C PHE T 9 22.89 -49.11 45.65
N LEU T 10 21.80 -48.37 45.56
CA LEU T 10 21.54 -47.30 46.50
C LEU T 10 20.80 -47.81 47.72
N SER T 11 21.53 -48.50 48.57
CA SER T 11 20.93 -49.11 49.75
C SER T 11 20.40 -48.11 50.75
N ALA T 12 19.23 -48.39 51.29
CA ALA T 12 18.57 -47.56 52.29
C ALA T 12 17.59 -48.36 53.16
N SER T 13 17.31 -47.86 54.35
CA SER T 13 16.30 -48.48 55.20
C SER T 13 14.97 -47.74 55.09
N VAL T 14 13.93 -48.31 55.64
CA VAL T 14 12.66 -47.61 55.61
C VAL T 14 12.68 -46.43 56.56
N GLY T 15 12.25 -45.29 56.03
CA GLY T 15 12.21 -44.00 56.70
C GLY T 15 13.53 -43.25 56.49
N ASP T 16 14.45 -43.85 55.76
CA ASP T 16 15.75 -43.27 55.50
C ASP T 16 15.73 -42.29 54.34
N LYS T 17 16.88 -41.70 54.07
CA LYS T 17 16.99 -40.75 52.98
C LYS T 17 17.86 -41.28 51.87
N VAL T 18 17.26 -41.44 50.71
CA VAL T 18 18.02 -41.95 49.58
C VAL T 18 17.89 -41.02 48.42
N THR T 19 18.98 -40.77 47.73
CA THR T 19 18.91 -39.89 46.59
C THR T 19 19.42 -40.55 45.34
N ILE T 20 18.87 -40.11 44.22
CA ILE T 20 19.27 -40.55 42.90
C ILE T 20 19.80 -39.36 42.11
N THR T 21 21.02 -39.48 41.59
CA THR T 21 21.58 -38.37 40.82
C THR T 21 21.60 -38.66 39.33
N CYS T 22 21.15 -37.66 38.58
CA CYS T 22 21.16 -37.65 37.12
C CYS T 22 21.92 -36.44 36.58
N ARG T 23 23.16 -36.66 36.14
CA ARG T 23 23.95 -35.54 35.67
C ARG T 23 24.40 -35.77 34.23
N ALA T 24 23.93 -34.93 33.33
CA ALA T 24 24.25 -35.11 31.92
C ALA T 24 25.27 -34.13 31.45
N SER T 25 25.98 -34.47 30.39
CA SER T 25 26.90 -33.51 29.79
C SER T 25 26.11 -32.43 29.06
N GLN T 26 24.93 -32.81 28.58
CA GLN T 26 24.08 -31.88 27.88
C GLN T 26 23.06 -31.30 28.82
N GLY T 27 22.77 -30.02 28.69
CA GLY T 27 21.76 -29.42 29.54
C GLY T 27 20.37 -29.65 28.98
N VAL T 28 19.39 -29.62 29.88
CA VAL T 28 17.98 -29.73 29.54
C VAL T 28 17.29 -28.58 30.16
N ARG T 29 18.05 -27.86 30.97
CA ARG T 29 17.58 -26.70 31.75
C ARG T 29 16.69 -27.13 32.91
N ASN T 30 15.56 -27.75 32.59
CA ASN T 30 14.65 -28.30 33.56
C ASN T 30 13.85 -29.36 32.86
N GLU T 31 14.16 -29.59 31.62
CA GLU T 31 13.36 -30.53 30.86
C GLU T 31 13.83 -31.96 31.08
N LEU T 32 13.56 -32.42 32.30
CA LEU T 32 13.91 -33.75 32.79
C LEU T 32 12.72 -34.38 33.47
N ALA T 33 12.46 -35.61 33.15
CA ALA T 33 11.37 -36.30 33.81
C ALA T 33 11.89 -37.43 34.68
N TRP T 34 11.46 -37.42 35.95
CA TRP T 34 11.84 -38.45 36.92
C TRP T 34 10.79 -39.53 36.97
N TYR T 35 11.23 -40.79 36.85
CA TYR T 35 10.34 -41.95 36.85
C TYR T 35 10.71 -43.00 37.90
N GLN T 36 9.70 -43.76 38.34
CA GLN T 36 9.83 -44.89 39.27
C GLN T 36 9.28 -46.17 38.61
N GLN T 37 10.03 -47.28 38.66
CA GLN T 37 9.58 -48.51 38.02
C GLN T 37 9.74 -49.79 38.84
N LYS T 38 8.72 -50.66 38.77
CA LYS T 38 8.80 -51.95 39.44
C LYS T 38 9.03 -53.04 38.40
N PRO T 39 9.66 -54.16 38.75
CA PRO T 39 9.85 -55.28 37.86
C PRO T 39 8.52 -55.74 37.34
N GLY T 40 8.43 -55.98 36.04
CA GLY T 40 7.20 -56.46 35.43
C GLY T 40 6.19 -55.36 35.13
N LYS T 41 6.52 -54.11 35.46
CA LYS T 41 5.60 -53.00 35.26
C LYS T 41 6.16 -51.93 34.35
N ALA T 42 5.27 -51.14 33.76
CA ALA T 42 5.69 -49.99 33.01
C ALA T 42 6.26 -49.00 34.01
N PRO T 43 7.22 -48.18 33.64
CA PRO T 43 7.75 -47.12 34.47
C PRO T 43 6.69 -46.06 34.54
N ASN T 44 6.66 -45.30 35.61
CA ASN T 44 5.72 -44.21 35.72
C ASN T 44 6.37 -42.95 36.25
N LEU T 45 5.80 -41.83 35.88
CA LEU T 45 6.32 -40.52 36.24
C LEU T 45 6.07 -40.13 37.68
N LEU T 46 7.11 -39.58 38.29
CA LEU T 46 7.07 -39.00 39.61
C LEU T 46 7.02 -37.47 39.57
N ILE T 47 8.07 -36.93 38.93
CA ILE T 47 8.35 -35.49 38.84
C ILE T 47 8.61 -34.98 37.43
N TYR T 48 7.95 -33.90 37.05
CA TYR T 48 8.14 -33.36 35.70
C TYR T 48 8.70 -31.94 35.64
N TYR T 49 9.33 -31.62 34.50
CA TYR T 49 10.07 -30.36 34.37
C TYR T 49 11.12 -30.29 35.48
N ALA T 50 11.68 -31.45 35.84
CA ALA T 50 12.67 -31.63 36.88
C ALA T 50 12.26 -31.13 38.27
N SER T 51 11.00 -30.77 38.52
CA SER T 51 10.67 -30.30 39.87
C SER T 51 9.18 -30.30 40.24
N THR T 52 8.28 -30.48 39.28
CA THR T 52 6.88 -30.46 39.61
C THR T 52 6.45 -31.84 40.02
N LEU T 53 5.89 -31.95 41.21
CA LEU T 53 5.49 -33.26 41.67
C LEU T 53 4.14 -33.56 41.10
N GLN T 54 4.02 -34.72 40.48
CA GLN T 54 2.78 -35.15 39.89
C GLN T 54 1.74 -35.48 40.94
N SER T 55 0.51 -35.03 40.75
CA SER T 55 -0.49 -35.37 41.73
C SER T 55 -0.63 -36.88 41.77
N GLY T 56 -0.76 -37.42 42.98
CA GLY T 56 -0.89 -38.85 43.19
C GLY T 56 0.44 -39.46 43.61
N VAL T 57 1.53 -38.72 43.44
CA VAL T 57 2.84 -39.17 43.83
C VAL T 57 3.06 -38.64 45.25
N PRO T 58 3.45 -39.47 46.21
CA PRO T 58 3.67 -39.11 47.59
C PRO T 58 4.61 -37.93 47.77
N SER T 59 4.31 -37.12 48.79
CA SER T 59 5.01 -35.88 49.15
C SER T 59 6.45 -36.09 49.59
N ARG T 60 6.81 -37.32 49.87
CA ARG T 60 8.18 -37.66 50.24
C ARG T 60 9.12 -37.53 49.04
N PHE T 61 8.55 -37.47 47.81
CA PHE T 61 9.35 -37.32 46.60
C PHE T 61 9.52 -35.87 46.22
N SER T 62 10.76 -35.45 46.06
CA SER T 62 11.06 -34.09 45.63
C SER T 62 12.33 -34.10 44.81
N ALA T 63 12.58 -33.05 44.05
CA ALA T 63 13.81 -33.03 43.28
C ALA T 63 14.33 -31.62 43.19
N THR T 64 15.65 -31.52 43.10
CA THR T 64 16.36 -30.26 42.98
C THR T 64 17.40 -30.29 41.87
N GLY T 65 17.94 -29.13 41.53
CA GLY T 65 19.01 -29.04 40.52
C GLY T 65 18.52 -28.39 39.24
N SER T 66 19.47 -27.97 38.42
CA SER T 66 19.15 -27.29 37.17
C SER T 66 20.24 -27.43 36.11
N GLY T 67 19.87 -27.12 34.87
CA GLY T 67 20.84 -27.11 33.80
C GLY T 67 21.19 -28.50 33.33
N THR T 68 22.19 -29.06 33.99
CA THR T 68 22.73 -30.40 33.73
C THR T 68 22.65 -31.36 34.91
N HIS T 69 22.54 -30.84 36.13
CA HIS T 69 22.64 -31.71 37.30
C HIS T 69 21.39 -31.74 38.14
N PHE T 70 20.74 -32.90 38.17
CA PHE T 70 19.49 -33.03 38.90
C PHE T 70 19.55 -34.17 39.92
N THR T 71 18.89 -33.95 41.07
CA THR T 71 18.82 -34.97 42.11
C THR T 71 17.40 -35.24 42.58
N LEU T 72 17.05 -36.52 42.67
CA LEU T 72 15.77 -36.96 43.20
C LEU T 72 15.95 -37.42 44.61
N THR T 73 15.20 -36.86 45.51
CA THR T 73 15.30 -37.21 46.91
C THR T 73 14.04 -37.85 47.46
N VAL T 74 14.23 -38.98 48.13
CA VAL T 74 13.10 -39.59 48.81
C VAL T 74 13.41 -39.38 50.29
N SER T 75 12.66 -38.47 50.93
CA SER T 75 12.94 -38.02 52.31
C SER T 75 12.53 -38.96 53.44
N SER T 76 11.72 -39.96 53.11
CA SER T 76 11.24 -40.91 54.09
C SER T 76 10.89 -42.17 53.34
N LEU T 77 11.91 -42.91 52.94
CA LEU T 77 11.74 -44.06 52.04
C LEU T 77 10.80 -45.14 52.55
N GLN T 78 9.85 -45.55 51.73
CA GLN T 78 8.89 -46.58 52.15
C GLN T 78 9.12 -47.89 51.39
N PRO T 79 8.68 -49.07 51.88
CA PRO T 79 8.83 -50.36 51.21
C PRO T 79 8.38 -50.36 49.74
N GLU T 80 7.35 -49.57 49.44
CA GLU T 80 6.84 -49.50 48.08
C GLU T 80 7.74 -48.73 47.13
N ASP T 81 8.76 -48.06 47.66
CA ASP T 81 9.68 -47.26 46.87
C ASP T 81 10.91 -48.02 46.48
N PHE T 82 11.01 -49.29 46.84
CA PHE T 82 12.20 -50.04 46.47
C PHE T 82 12.00 -50.53 45.04
N ALA T 83 12.24 -49.56 44.17
CA ALA T 83 12.02 -49.49 42.75
C ALA T 83 13.24 -49.00 42.06
N THR T 84 13.26 -49.13 40.75
CA THR T 84 14.35 -48.51 40.05
C THR T 84 13.92 -47.10 39.71
N TYR T 85 14.88 -46.25 39.45
CA TYR T 85 14.59 -44.87 39.10
C TYR T 85 15.30 -44.46 37.85
N PHE T 86 14.62 -43.66 37.06
CA PHE T 86 15.14 -43.17 35.80
C PHE T 86 14.96 -41.71 35.55
N CYS T 87 15.85 -41.17 34.75
CA CYS T 87 15.69 -39.84 34.22
C CYS T 87 15.58 -39.92 32.74
N GLN T 88 14.70 -39.10 32.19
CA GLN T 88 14.55 -38.94 30.77
C GLN T 88 14.89 -37.52 30.44
N HIS T 89 15.72 -37.33 29.44
CA HIS T 89 16.15 -36.00 29.04
C HIS T 89 15.47 -35.50 27.78
N MET T 90 14.91 -34.30 27.87
CA MET T 90 14.18 -33.69 26.77
C MET T 90 14.80 -32.49 26.04
N SER T 91 16.11 -32.24 26.12
CA SER T 91 16.64 -31.08 25.37
C SER T 91 16.53 -31.25 23.87
N SER T 92 16.63 -32.49 23.46
CA SER T 92 16.58 -32.96 22.10
C SER T 92 16.10 -34.36 22.15
N TYR T 93 16.43 -35.14 21.17
CA TYR T 93 16.02 -36.52 21.17
C TYR T 93 17.14 -37.31 20.48
N PRO T 94 17.14 -38.64 20.57
CA PRO T 94 16.17 -39.56 21.14
C PRO T 94 16.01 -39.36 22.62
N LEU T 95 14.78 -39.45 23.08
CA LEU T 95 14.47 -39.23 24.49
C LEU T 95 14.65 -40.47 25.29
N THR T 96 15.88 -40.94 25.32
CA THR T 96 16.17 -42.16 26.03
C THR T 96 16.28 -41.83 27.49
N PHE T 97 16.28 -42.86 28.27
CA PHE T 97 16.39 -42.77 29.69
C PHE T 97 17.76 -43.27 30.08
N GLY T 98 18.20 -42.94 31.26
CA GLY T 98 19.48 -43.45 31.70
C GLY T 98 19.38 -44.94 32.03
N GLY T 99 20.50 -45.54 32.41
CA GLY T 99 20.50 -46.98 32.69
C GLY T 99 19.56 -47.34 33.81
N GLY T 100 19.43 -46.43 34.76
CA GLY T 100 18.57 -46.56 35.92
C GLY T 100 19.36 -46.96 37.15
N THR T 101 18.86 -46.55 38.30
CA THR T 101 19.49 -46.88 39.57
C THR T 101 18.45 -47.63 40.38
N LYS T 102 18.85 -48.32 41.44
CA LYS T 102 17.87 -49.02 42.26
C LYS T 102 18.05 -48.74 43.72
N VAL T 103 16.94 -48.67 44.45
CA VAL T 103 17.08 -48.53 45.87
C VAL T 103 17.07 -49.94 46.49
N GLU T 104 18.11 -50.22 47.25
CA GLU T 104 18.39 -51.54 47.83
C GLU T 104 18.05 -51.63 49.31
N ILE T 105 17.96 -52.85 49.82
CA ILE T 105 17.62 -53.04 51.22
C ILE T 105 18.83 -52.97 52.15
N LYS T 106 18.76 -52.06 53.11
CA LYS T 106 19.79 -51.89 54.12
C LYS T 106 19.45 -52.75 55.32
N GLN U 38 -20.15 14.15 -11.82
CA GLN U 38 -20.78 12.84 -11.90
C GLN U 38 -21.07 12.25 -10.54
N LEU U 39 -22.34 11.94 -10.30
CA LEU U 39 -22.67 11.32 -9.03
C LEU U 39 -22.70 9.81 -9.23
N TRP U 40 -22.41 9.08 -8.18
CA TRP U 40 -22.32 7.63 -8.16
C TRP U 40 -23.32 6.96 -7.27
N VAL U 41 -23.71 5.73 -7.59
CA VAL U 41 -24.63 5.05 -6.72
C VAL U 41 -23.93 4.53 -5.46
N THR U 42 -24.49 4.87 -4.29
CA THR U 42 -24.04 4.41 -2.98
C THR U 42 -25.21 3.86 -2.18
N VAL U 43 -24.95 2.75 -1.51
CA VAL U 43 -25.96 2.09 -0.71
C VAL U 43 -25.86 2.53 0.73
N TYR U 44 -27.01 2.88 1.31
CA TYR U 44 -27.08 3.30 2.69
C TYR U 44 -27.99 2.37 3.48
N TYR U 45 -27.48 1.78 4.55
CA TYR U 45 -28.30 0.86 5.31
C TYR U 45 -28.53 1.34 6.70
N GLY U 46 -29.80 1.40 7.09
CA GLY U 46 -30.15 1.90 8.40
C GLY U 46 -30.86 3.22 8.17
N VAL U 47 -31.51 3.32 7.03
CA VAL U 47 -32.23 4.50 6.66
C VAL U 47 -33.57 4.55 7.42
N PRO U 48 -33.87 5.62 8.18
CA PRO U 48 -35.06 5.73 9.01
C PRO U 48 -36.37 6.03 8.27
N VAL U 49 -36.76 5.08 7.45
CA VAL U 49 -38.00 5.15 6.68
C VAL U 49 -38.83 3.88 6.86
N TRP U 50 -40.08 3.97 6.51
CA TRP U 50 -41.02 2.89 6.62
C TRP U 50 -42.15 3.04 5.65
N LYS U 51 -42.88 1.97 5.48
CA LYS U 51 -44.10 1.96 4.70
C LYS U 51 -45.20 1.34 5.56
N GLU U 52 -46.44 1.74 5.34
CA GLU U 52 -47.52 1.15 6.13
C GLU U 52 -47.65 -0.33 5.82
N ALA U 53 -47.87 -1.14 6.86
CA ALA U 53 -47.94 -2.58 6.62
C ALA U 53 -48.77 -3.30 7.63
N THR U 54 -49.28 -4.45 7.23
CA THR U 54 -50.02 -5.30 8.14
C THR U 54 -49.29 -6.55 8.55
N THR U 55 -49.22 -6.73 9.86
CA THR U 55 -48.66 -7.92 10.47
C THR U 55 -49.49 -8.30 11.67
N THR U 56 -49.10 -9.40 12.27
CA THR U 56 -49.77 -9.95 13.45
C THR U 56 -49.16 -9.42 14.73
N LEU U 57 -50.00 -8.92 15.63
CA LEU U 57 -49.48 -8.46 16.91
C LEU U 57 -49.58 -9.60 17.89
N PHE U 58 -48.67 -9.63 18.84
CA PHE U 58 -48.70 -10.67 19.84
C PHE U 58 -49.05 -10.11 21.19
N CYS U 59 -49.57 -10.95 22.06
CA CYS U 59 -49.97 -10.52 23.38
C CYS U 59 -48.79 -10.35 24.30
N ALA U 60 -49.00 -9.53 25.31
CA ALA U 60 -48.07 -9.48 26.39
C ALA U 60 -48.84 -9.27 27.71
N SER U 61 -48.51 -10.12 28.68
CA SER U 61 -49.14 -10.20 29.99
C SER U 61 -48.54 -9.29 31.04
N ASP U 62 -49.29 -9.04 32.12
CA ASP U 62 -48.78 -8.12 33.12
C ASP U 62 -47.78 -8.69 34.12
N ALA U 63 -48.20 -9.72 34.81
CA ALA U 63 -47.45 -10.35 35.87
C ALA U 63 -48.22 -11.52 36.45
N ARG U 64 -49.51 -11.27 36.68
CA ARG U 64 -50.37 -12.23 37.34
C ARG U 64 -51.00 -13.19 36.37
N ALA U 65 -51.31 -12.70 35.15
CA ALA U 65 -52.06 -13.47 34.14
C ALA U 65 -51.42 -14.82 33.85
N TYR U 66 -50.11 -14.89 33.91
CA TYR U 66 -49.44 -16.14 33.65
C TYR U 66 -50.04 -17.28 34.49
N ASP U 67 -50.37 -16.99 35.76
CA ASP U 67 -50.87 -17.96 36.73
C ASP U 67 -52.39 -17.89 36.94
N THR U 68 -53.12 -17.28 35.99
CA THR U 68 -54.58 -17.17 36.07
C THR U 68 -55.26 -18.22 35.22
N GLU U 69 -54.44 -19.11 34.65
CA GLU U 69 -54.81 -20.22 33.74
C GLU U 69 -55.76 -21.20 34.38
N VAL U 70 -55.80 -21.14 35.68
CA VAL U 70 -56.62 -21.97 36.52
C VAL U 70 -58.10 -21.70 36.26
N ARG U 71 -58.41 -20.50 35.74
CA ARG U 71 -59.79 -20.15 35.42
C ARG U 71 -59.90 -19.28 34.14
N ASN U 72 -59.00 -18.32 33.99
CA ASN U 72 -59.16 -17.26 33.01
C ASN U 72 -58.76 -17.62 31.58
N VAL U 73 -59.73 -17.42 30.69
CA VAL U 73 -59.59 -17.74 29.29
C VAL U 73 -58.62 -16.83 28.53
N TRP U 74 -58.77 -15.54 28.70
CA TRP U 74 -57.96 -14.59 27.98
C TRP U 74 -56.64 -14.33 28.65
N ALA U 75 -56.65 -14.36 29.97
CA ALA U 75 -55.45 -14.12 30.74
C ALA U 75 -54.72 -15.44 30.85
N THR U 76 -54.19 -15.84 29.74
CA THR U 76 -53.55 -17.13 29.63
C THR U 76 -52.13 -17.16 30.09
N HIS U 77 -51.65 -18.40 30.25
CA HIS U 77 -50.29 -18.73 30.56
C HIS U 77 -49.43 -18.74 29.33
N ALA U 78 -50.08 -18.85 28.18
CA ALA U 78 -49.37 -18.90 26.92
C ALA U 78 -49.16 -17.51 26.37
N CYS U 79 -48.56 -16.67 27.19
CA CYS U 79 -48.32 -15.30 26.81
C CYS U 79 -47.12 -14.73 27.55
N VAL U 80 -46.23 -14.13 26.79
CA VAL U 80 -45.00 -13.49 27.24
C VAL U 80 -45.37 -12.27 28.07
N PRO U 81 -44.51 -11.72 28.92
CA PRO U 81 -44.75 -10.54 29.74
C PRO U 81 -44.61 -9.28 28.95
N THR U 82 -45.17 -8.20 29.45
CA THR U 82 -44.93 -6.88 28.91
C THR U 82 -43.57 -6.37 29.30
N ASP U 83 -43.16 -5.35 28.59
CA ASP U 83 -41.95 -4.63 28.88
C ASP U 83 -42.19 -3.83 30.16
N PRO U 84 -41.46 -4.06 31.27
CA PRO U 84 -41.62 -3.33 32.52
C PRO U 84 -41.23 -1.86 32.37
N ASN U 85 -40.50 -1.52 31.30
CA ASN U 85 -40.08 -0.16 31.07
C ASN U 85 -40.17 0.18 29.59
N PRO U 86 -41.39 0.27 29.02
CA PRO U 86 -41.64 0.46 27.62
C PRO U 86 -41.17 1.82 27.23
N GLN U 87 -40.68 1.96 26.03
CA GLN U 87 -40.22 3.24 25.56
C GLN U 87 -41.12 3.86 24.51
N GLU U 88 -41.04 5.17 24.41
CA GLU U 88 -41.80 5.89 23.41
C GLU U 88 -40.99 7.04 22.85
N VAL U 89 -40.99 7.21 21.53
CA VAL U 89 -40.24 8.32 20.96
C VAL U 89 -41.09 9.30 20.19
N VAL U 90 -41.06 10.56 20.60
CA VAL U 90 -41.86 11.57 19.91
C VAL U 90 -41.07 12.00 18.70
N LEU U 91 -41.73 12.05 17.54
CA LEU U 91 -41.05 12.41 16.31
C LEU U 91 -41.26 13.89 16.00
N GLU U 92 -40.24 14.58 15.51
CA GLU U 92 -40.37 16.02 15.29
C GLU U 92 -41.18 16.48 14.09
N ASN U 93 -40.98 15.85 12.95
CA ASN U 93 -41.56 16.29 11.70
C ASN U 93 -42.36 15.20 11.01
N VAL U 94 -42.89 14.30 11.76
CA VAL U 94 -43.62 13.22 11.14
C VAL U 94 -45.11 13.42 11.25
N THR U 95 -45.76 13.54 10.12
CA THR U 95 -47.20 13.72 10.10
C THR U 95 -47.76 12.62 9.25
N GLU U 96 -48.70 11.88 9.79
CA GLU U 96 -49.29 10.79 9.03
C GLU U 96 -50.77 10.72 9.14
N ASN U 97 -51.37 10.12 8.13
CA ASN U 97 -52.79 9.89 8.11
C ASN U 97 -53.18 8.63 8.84
N PHE U 98 -54.19 8.79 9.66
CA PHE U 98 -54.80 7.73 10.44
C PHE U 98 -56.25 7.58 10.01
N ASN U 99 -56.79 6.38 10.17
CA ASN U 99 -58.20 6.14 9.91
C ASN U 99 -58.67 5.01 10.78
N MET U 100 -59.42 5.34 11.82
CA MET U 100 -59.81 4.30 12.75
C MET U 100 -60.72 3.25 12.12
N TRP U 101 -61.41 3.57 11.03
CA TRP U 101 -62.30 2.59 10.47
C TRP U 101 -61.60 1.67 9.50
N LYS U 102 -60.31 1.89 9.33
CA LYS U 102 -59.46 1.08 8.49
C LYS U 102 -58.41 0.40 9.36
N ASN U 103 -58.58 0.46 10.68
CA ASN U 103 -57.59 -0.11 11.55
C ASN U 103 -57.78 -1.60 11.69
N ASN U 104 -56.89 -2.35 11.07
CA ASN U 104 -56.96 -3.80 10.96
C ASN U 104 -56.72 -4.52 12.27
N MET U 105 -56.26 -3.80 13.28
CA MET U 105 -55.99 -4.41 14.57
C MET U 105 -57.31 -4.88 15.15
N VAL U 106 -58.40 -4.28 14.68
CA VAL U 106 -59.70 -4.59 15.18
C VAL U 106 -60.09 -5.98 14.75
N GLU U 107 -59.63 -6.41 13.56
CA GLU U 107 -59.97 -7.70 13.06
C GLU U 107 -59.19 -8.73 13.82
N GLN U 108 -57.96 -8.37 14.20
CA GLN U 108 -57.21 -9.34 14.95
C GLN U 108 -57.87 -9.54 16.29
N MET U 109 -58.35 -8.46 16.91
CA MET U 109 -58.96 -8.66 18.20
C MET U 109 -60.29 -9.39 18.07
N HIS U 110 -60.98 -9.17 16.95
CA HIS U 110 -62.24 -9.84 16.73
C HIS U 110 -62.03 -11.33 16.77
N GLU U 111 -61.10 -11.79 15.94
CA GLU U 111 -60.84 -13.20 15.83
C GLU U 111 -60.22 -13.81 17.05
N ASP U 112 -59.33 -13.09 17.72
CA ASP U 112 -58.66 -13.69 18.84
C ASP U 112 -59.57 -13.90 20.01
N ILE U 113 -60.45 -12.97 20.28
CA ILE U 113 -61.29 -13.17 21.41
C ILE U 113 -62.23 -14.31 21.16
N ILE U 114 -62.80 -14.37 19.97
CA ILE U 114 -63.72 -15.42 19.67
C ILE U 114 -63.06 -16.77 19.70
N SER U 115 -61.88 -16.87 19.09
CA SER U 115 -61.20 -18.14 19.07
C SER U 115 -60.83 -18.61 20.45
N LEU U 116 -60.28 -17.74 21.29
CA LEU U 116 -59.85 -18.17 22.59
C LEU U 116 -61.03 -18.58 23.44
N TRP U 117 -62.11 -17.84 23.31
CA TRP U 117 -63.32 -18.12 24.05
C TRP U 117 -63.80 -19.49 23.65
N ASP U 118 -63.85 -19.76 22.34
CA ASP U 118 -64.33 -21.06 21.90
C ASP U 118 -63.40 -22.18 22.34
N GLN U 119 -62.09 -21.96 22.34
CA GLN U 119 -61.17 -23.02 22.73
C GLN U 119 -61.41 -23.46 24.16
N SER U 120 -61.73 -22.52 25.02
CA SER U 120 -61.92 -22.82 26.42
C SER U 120 -63.16 -23.65 26.69
N LEU U 121 -64.07 -23.70 25.73
CA LEU U 121 -65.31 -24.39 25.91
C LEU U 121 -65.31 -25.77 25.31
N LYS U 122 -64.19 -26.17 24.70
CA LYS U 122 -64.18 -27.45 24.01
C LYS U 122 -64.48 -28.65 24.91
N PRO U 123 -63.97 -28.75 26.15
CA PRO U 123 -64.19 -29.87 27.04
C PRO U 123 -65.44 -29.74 27.90
N CYS U 124 -66.29 -28.76 27.63
CA CYS U 124 -67.39 -28.50 28.54
C CYS U 124 -68.63 -29.33 28.26
N VAL U 125 -69.64 -29.22 29.15
CA VAL U 125 -70.79 -30.14 29.10
C VAL U 125 -71.95 -29.81 28.22
N LYS U 126 -72.32 -30.75 27.35
CA LYS U 126 -73.48 -30.54 26.48
C LYS U 126 -74.76 -30.63 27.29
N LEU U 127 -75.65 -29.68 27.05
CA LEU U 127 -76.92 -29.63 27.75
C LEU U 127 -78.06 -30.15 26.89
N THR U 128 -77.69 -30.80 25.79
CA THR U 128 -78.64 -31.35 24.84
C THR U 128 -79.74 -32.21 25.49
N PRO U 129 -79.43 -33.22 26.35
CA PRO U 129 -80.41 -34.10 26.93
C PRO U 129 -81.26 -33.43 27.99
N LEU U 130 -80.93 -32.20 28.35
CA LEU U 130 -81.65 -31.54 29.40
C LEU U 130 -82.78 -30.72 28.86
N CYS U 131 -82.86 -30.66 27.55
CA CYS U 131 -83.88 -29.88 26.88
C CYS U 131 -85.15 -30.68 26.67
N VAL U 132 -85.15 -31.93 27.13
CA VAL U 132 -86.27 -32.78 26.84
C VAL U 132 -87.62 -32.34 27.39
N THR U 133 -87.70 -31.95 28.65
CA THR U 133 -88.99 -31.52 29.17
C THR U 133 -88.87 -30.67 30.40
N LEU U 134 -89.86 -29.79 30.58
CA LEU U 134 -90.01 -28.96 31.76
C LEU U 134 -91.48 -28.73 32.08
N ASN U 135 -91.90 -28.99 33.30
CA ASN U 135 -93.25 -28.72 33.78
C ASN U 135 -93.18 -27.54 34.72
N CYS U 136 -93.60 -26.38 34.28
CA CYS U 136 -93.26 -25.20 35.06
C CYS U 136 -94.44 -24.47 35.66
N THR U 137 -94.14 -23.92 36.82
CA THR U 137 -94.95 -22.98 37.54
C THR U 137 -94.05 -21.83 37.90
N ASP U 138 -94.59 -20.85 38.55
CA ASP U 138 -93.79 -19.69 38.93
C ASP U 138 -92.94 -19.99 40.14
N LEU U 139 -91.84 -19.27 40.29
CA LEU U 139 -91.06 -19.36 41.51
C LEU U 139 -91.87 -18.86 42.70
N ARG U 140 -91.87 -19.63 43.78
CA ARG U 140 -92.60 -19.31 44.98
C ARG U 140 -91.73 -18.81 46.12
N GLY U 161 -93.39 -13.58 36.83
CA GLY U 161 -92.78 -14.89 36.56
C GLY U 161 -91.52 -14.84 35.68
N GLU U 162 -90.50 -14.13 36.17
CA GLU U 162 -89.21 -14.04 35.49
C GLU U 162 -88.49 -15.34 35.70
N ILE U 163 -88.71 -15.93 36.88
CA ILE U 163 -88.11 -17.19 37.24
C ILE U 163 -89.21 -18.22 37.42
N LYS U 164 -89.02 -19.33 36.73
CA LYS U 164 -89.93 -20.45 36.76
C LYS U 164 -89.35 -21.59 37.58
N ASN U 165 -90.23 -22.27 38.27
CA ASN U 165 -89.90 -23.47 39.03
C ASN U 165 -90.33 -24.66 38.22
N CYS U 166 -89.37 -25.32 37.59
CA CYS U 166 -89.76 -26.37 36.68
C CYS U 166 -89.34 -27.73 37.14
N SER U 167 -90.24 -28.68 37.00
CA SER U 167 -89.89 -30.06 37.30
C SER U 167 -89.55 -30.71 35.99
N PHE U 168 -88.82 -31.79 36.03
CA PHE U 168 -88.54 -32.49 34.80
C PHE U 168 -88.24 -33.96 34.93
N ASN U 169 -88.52 -34.65 33.85
CA ASN U 169 -88.28 -36.07 33.69
C ASN U 169 -86.99 -36.33 32.97
N ILE U 170 -86.06 -36.97 33.63
CA ILE U 170 -84.76 -37.29 33.09
C ILE U 170 -84.84 -38.70 32.54
N THR U 171 -84.42 -38.82 31.29
CA THR U 171 -84.44 -40.06 30.53
C THR U 171 -83.39 -40.97 31.10
N THR U 172 -83.30 -42.21 30.64
CA THR U 172 -82.38 -43.11 31.29
C THR U 172 -81.05 -42.43 31.54
N SER U 173 -80.73 -42.42 32.82
CA SER U 173 -79.60 -41.77 33.41
C SER U 173 -78.62 -42.75 33.96
N MET U 174 -78.87 -43.23 35.17
CA MET U 174 -77.95 -44.13 35.83
C MET U 174 -78.08 -45.54 35.31
N ARG U 175 -77.69 -45.71 34.05
CA ARG U 175 -77.64 -46.93 33.28
C ARG U 175 -78.99 -47.58 32.97
N ASP U 176 -79.73 -47.96 34.00
CA ASP U 176 -81.04 -48.57 33.79
C ASP U 176 -82.11 -47.87 34.62
N LYS U 177 -81.79 -46.70 35.14
CA LYS U 177 -82.69 -45.92 35.97
C LYS U 177 -83.12 -44.64 35.29
N VAL U 178 -84.23 -44.10 35.77
CA VAL U 178 -84.75 -42.81 35.33
C VAL U 178 -84.94 -41.99 36.59
N GLN U 179 -85.07 -40.69 36.46
CA GLN U 179 -85.20 -39.86 37.65
C GLN U 179 -85.98 -38.59 37.38
N LYS U 180 -86.45 -37.96 38.43
CA LYS U 180 -87.11 -36.68 38.26
C LYS U 180 -86.43 -35.67 39.15
N GLU U 181 -86.32 -34.44 38.65
CA GLU U 181 -85.64 -33.34 39.34
C GLU U 181 -86.41 -32.06 39.12
N TYR U 182 -85.94 -30.98 39.72
CA TYR U 182 -86.53 -29.69 39.45
C TYR U 182 -85.42 -28.68 39.52
N ALA U 183 -85.64 -27.52 38.91
CA ALA U 183 -84.65 -26.46 38.92
C ALA U 183 -85.29 -25.13 38.63
N LEU U 184 -84.57 -24.05 38.90
CA LEU U 184 -85.13 -22.77 38.56
C LEU U 184 -84.59 -22.29 37.22
N PHE U 185 -85.49 -21.73 36.40
CA PHE U 185 -85.16 -21.25 35.05
C PHE U 185 -85.57 -19.82 34.81
N TYR U 186 -84.83 -19.11 33.97
CA TYR U 186 -85.24 -17.76 33.59
C TYR U 186 -86.11 -17.81 32.35
N LYS U 187 -87.09 -16.90 32.29
CA LYS U 187 -87.99 -16.79 31.14
C LYS U 187 -87.28 -16.35 29.88
N LEU U 188 -86.06 -15.85 30.03
CA LEU U 188 -85.31 -15.42 28.88
C LEU U 188 -84.55 -16.59 28.25
N ASP U 189 -84.43 -17.71 28.97
CA ASP U 189 -83.76 -18.90 28.45
C ASP U 189 -84.74 -19.93 27.89
N VAL U 190 -85.96 -19.95 28.44
CA VAL U 190 -86.95 -20.96 28.02
C VAL U 190 -88.25 -20.38 27.51
N VAL U 191 -88.97 -21.18 26.74
CA VAL U 191 -90.28 -20.85 26.21
C VAL U 191 -91.29 -21.95 26.36
N PRO U 192 -92.57 -21.61 26.49
CA PRO U 192 -93.69 -22.53 26.62
C PRO U 192 -94.05 -23.20 25.34
N ILE U 193 -94.73 -24.30 25.49
CA ILE U 193 -95.38 -25.00 24.40
C ILE U 193 -96.77 -24.40 24.24
N LYS U 194 -97.05 -23.95 23.03
CA LYS U 194 -98.30 -23.24 22.72
C LYS U 194 -99.58 -23.96 23.11
N ASN U 195 -99.65 -25.27 22.92
CA ASN U 195 -100.88 -25.97 23.23
C ASN U 195 -100.94 -26.54 24.64
N ASP U 196 -99.95 -26.24 25.47
CA ASP U 196 -99.95 -26.73 26.84
C ASP U 196 -100.07 -25.57 27.83
N ASN U 197 -99.16 -24.61 27.66
CA ASN U 197 -98.96 -23.43 28.51
C ASN U 197 -98.45 -23.77 29.91
N THR U 198 -98.07 -25.04 30.12
CA THR U 198 -97.50 -25.51 31.36
C THR U 198 -96.15 -26.15 31.11
N SER U 199 -95.91 -26.51 29.86
CA SER U 199 -94.70 -27.20 29.52
C SER U 199 -93.82 -26.24 28.77
N TYR U 200 -92.51 -26.38 28.99
CA TYR U 200 -91.48 -25.53 28.43
C TYR U 200 -90.31 -26.27 27.81
N ARG U 201 -89.62 -25.58 26.91
CA ARG U 201 -88.40 -26.02 26.27
C ARG U 201 -87.40 -24.89 26.23
N LEU U 202 -86.14 -25.22 26.04
CA LEU U 202 -85.14 -24.18 25.94
C LEU U 202 -85.22 -23.57 24.56
N ILE U 203 -84.99 -22.29 24.49
CA ILE U 203 -85.16 -21.54 23.24
C ILE U 203 -84.32 -21.97 22.06
N SER U 204 -83.07 -22.26 22.28
CA SER U 204 -82.15 -22.56 21.20
C SER U 204 -82.08 -24.02 20.79
N CYS U 205 -82.88 -24.87 21.42
CA CYS U 205 -82.76 -26.29 21.18
C CYS U 205 -82.94 -26.75 19.76
N ASN U 206 -83.77 -26.10 18.98
CA ASN U 206 -83.97 -26.64 17.65
C ASN U 206 -82.97 -26.13 16.64
N THR U 207 -81.97 -25.37 17.08
CA THR U 207 -80.94 -24.93 16.15
C THR U 207 -79.59 -25.50 16.49
N SER U 208 -79.18 -25.48 17.76
CA SER U 208 -77.85 -25.98 18.05
C SER U 208 -77.57 -26.41 19.48
N VAL U 209 -76.33 -26.81 19.68
CA VAL U 209 -75.80 -27.28 20.95
C VAL U 209 -75.28 -26.16 21.83
N ILE U 210 -75.70 -26.24 23.07
CA ILE U 210 -75.28 -25.34 24.10
C ILE U 210 -74.56 -26.12 25.16
N THR U 211 -73.42 -25.61 25.58
CA THR U 211 -72.72 -26.30 26.64
C THR U 211 -72.63 -25.43 27.86
N GLN U 212 -72.50 -26.08 29.02
CA GLN U 212 -72.30 -25.37 30.27
C GLN U 212 -70.85 -25.19 30.50
N ALA U 213 -70.46 -23.94 30.67
CA ALA U 213 -69.06 -23.65 30.81
C ALA U 213 -68.53 -24.42 31.98
N CYS U 214 -67.33 -24.87 31.83
CA CYS U 214 -66.68 -25.65 32.81
C CYS U 214 -66.64 -24.75 34.03
N PRO U 215 -67.03 -25.19 35.24
CA PRO U 215 -67.04 -24.39 36.45
C PRO U 215 -65.73 -23.65 36.68
N LYS U 216 -64.61 -24.25 36.31
CA LYS U 216 -63.34 -23.60 36.49
C LYS U 216 -63.06 -22.65 35.33
N VAL U 217 -63.82 -21.57 35.29
CA VAL U 217 -63.71 -20.61 34.21
C VAL U 217 -63.79 -19.17 34.70
N SER U 218 -63.07 -18.28 34.03
CA SER U 218 -63.13 -16.86 34.27
C SER U 218 -62.97 -16.03 33.02
N PHE U 219 -63.75 -14.98 32.97
CA PHE U 219 -63.72 -14.05 31.87
C PHE U 219 -63.30 -12.68 32.34
N GLU U 220 -62.59 -12.63 33.46
CA GLU U 220 -62.17 -11.34 33.95
C GLU U 220 -61.45 -10.63 32.82
N PRO U 221 -61.84 -9.40 32.47
CA PRO U 221 -61.31 -8.64 31.39
C PRO U 221 -59.95 -8.01 31.69
N ILE U 222 -58.94 -8.85 31.73
CA ILE U 222 -57.57 -8.44 32.00
C ILE U 222 -56.99 -7.63 30.84
N PRO U 223 -56.38 -6.46 31.09
CA PRO U 223 -55.82 -5.54 30.12
C PRO U 223 -54.52 -5.99 29.49
N ILE U 224 -54.64 -6.95 28.59
CA ILE U 224 -53.53 -7.52 27.83
C ILE U 224 -53.01 -6.54 26.77
N HIS U 225 -51.69 -6.43 26.65
CA HIS U 225 -51.04 -5.52 25.72
C HIS U 225 -50.75 -6.20 24.41
N TYR U 226 -50.76 -5.46 23.31
CA TYR U 226 -50.39 -6.04 22.03
C TYR U 226 -49.19 -5.37 21.45
N CYS U 227 -48.22 -6.20 21.14
CA CYS U 227 -46.90 -5.75 20.72
C CYS U 227 -46.56 -6.12 19.29
N ALA U 228 -45.76 -5.26 18.66
CA ALA U 228 -45.29 -5.52 17.31
C ALA U 228 -44.01 -6.36 17.33
N PRO U 229 -43.82 -7.25 16.34
CA PRO U 229 -42.63 -8.05 16.10
C PRO U 229 -41.49 -7.23 15.59
N ALA U 230 -40.27 -7.74 15.71
CA ALA U 230 -39.13 -7.02 15.20
C ALA U 230 -39.28 -6.75 13.73
N GLY U 231 -38.91 -5.54 13.32
CA GLY U 231 -39.00 -5.09 11.94
C GLY U 231 -40.22 -4.20 11.75
N PHE U 232 -41.09 -4.20 12.76
CA PHE U 232 -42.31 -3.44 12.76
C PHE U 232 -42.39 -2.50 13.93
N ALA U 233 -43.20 -1.48 13.75
CA ALA U 233 -43.42 -0.52 14.81
C ALA U 233 -44.83 0.01 14.74
N ILE U 234 -45.28 0.53 15.85
CA ILE U 234 -46.59 1.08 15.93
C ILE U 234 -46.50 2.58 16.06
N LEU U 235 -47.20 3.30 15.22
CA LEU U 235 -47.17 4.73 15.38
C LEU U 235 -48.44 5.15 16.08
N LYS U 236 -48.28 6.02 17.04
CA LYS U 236 -49.40 6.50 17.83
C LYS U 236 -49.71 7.94 17.55
N CYS U 237 -50.99 8.25 17.45
CA CYS U 237 -51.41 9.64 17.35
C CYS U 237 -51.70 10.18 18.73
N ASN U 238 -50.96 11.20 19.11
CA ASN U 238 -51.04 11.78 20.44
C ASN U 238 -51.76 13.11 20.43
N ASP U 239 -52.41 13.41 19.33
CA ASP U 239 -53.16 14.65 19.20
C ASP U 239 -54.53 14.47 19.84
N LYS U 240 -54.71 15.16 20.96
CA LYS U 240 -55.90 15.02 21.79
C LYS U 240 -57.16 15.52 21.10
N LYS U 241 -56.99 16.30 20.04
CA LYS U 241 -58.13 16.85 19.33
C LYS U 241 -58.34 16.14 18.01
N PHE U 242 -57.59 15.09 17.75
CA PHE U 242 -57.71 14.38 16.50
C PHE U 242 -58.98 13.55 16.40
N ASN U 243 -59.67 13.69 15.27
CA ASN U 243 -60.90 12.97 15.02
C ASN U 243 -60.58 11.57 14.51
N GLY U 244 -61.57 10.86 13.99
CA GLY U 244 -61.28 9.48 13.61
C GLY U 244 -60.38 9.31 12.38
N THR U 245 -60.29 10.31 11.50
CA THR U 245 -59.47 10.15 10.31
C THR U 245 -58.65 11.39 10.02
N GLY U 246 -57.66 11.24 9.14
CA GLY U 246 -56.90 12.38 8.67
C GLY U 246 -55.53 12.43 9.30
N PRO U 247 -54.75 13.49 9.04
CA PRO U 247 -53.40 13.66 9.48
C PRO U 247 -53.31 13.92 10.96
N CYS U 248 -52.23 13.46 11.54
CA CYS U 248 -51.89 13.71 12.92
C CYS U 248 -50.43 14.08 12.99
N THR U 249 -50.13 15.21 13.63
CA THR U 249 -48.75 15.68 13.70
C THR U 249 -48.06 15.26 14.98
N ASN U 250 -48.79 15.09 16.06
CA ASN U 250 -48.09 14.64 17.25
C ASN U 250 -48.07 13.14 17.23
N VAL U 251 -47.01 12.62 16.68
CA VAL U 251 -46.87 11.22 16.46
C VAL U 251 -45.65 10.70 17.17
N SER U 252 -45.82 9.52 17.78
CA SER U 252 -44.72 8.89 18.48
C SER U 252 -44.60 7.42 18.11
N THR U 253 -43.39 6.90 18.26
CA THR U 253 -43.12 5.51 17.99
C THR U 253 -43.27 4.68 19.25
N VAL U 254 -44.07 3.63 19.11
CA VAL U 254 -44.45 2.67 20.10
C VAL U 254 -44.06 1.25 19.68
N GLN U 255 -43.41 0.48 20.55
CA GLN U 255 -43.14 -0.90 20.13
C GLN U 255 -44.32 -1.77 20.50
N CYS U 256 -44.94 -1.41 21.61
CA CYS U 256 -46.07 -2.14 22.15
C CYS U 256 -47.07 -1.20 22.80
N THR U 257 -48.35 -1.48 22.58
CA THR U 257 -49.44 -0.65 23.09
C THR U 257 -49.70 -0.94 24.53
N HIS U 258 -50.53 -0.10 25.13
CA HIS U 258 -50.97 -0.29 26.47
C HIS U 258 -51.93 -1.46 26.48
N GLY U 259 -52.35 -1.87 27.68
CA GLY U 259 -53.24 -3.00 27.76
C GLY U 259 -54.65 -2.58 27.52
N ILE U 260 -55.41 -3.43 26.85
CA ILE U 260 -56.80 -3.13 26.61
C ILE U 260 -57.65 -4.24 27.17
N ARG U 261 -58.57 -3.88 28.02
CA ARG U 261 -59.43 -4.90 28.61
C ARG U 261 -60.44 -5.41 27.57
N PRO U 262 -60.63 -6.73 27.40
CA PRO U 262 -61.60 -7.35 26.51
C PRO U 262 -62.97 -7.29 27.14
N VAL U 263 -63.48 -6.09 27.23
CA VAL U 263 -64.77 -5.82 27.80
C VAL U 263 -65.88 -6.13 26.84
N VAL U 264 -66.87 -6.83 27.33
CA VAL U 264 -68.02 -7.15 26.53
C VAL U 264 -69.23 -6.44 27.10
N SER U 265 -69.84 -5.63 26.27
CA SER U 265 -71.00 -4.88 26.69
C SER U 265 -71.81 -4.43 25.52
N THR U 266 -73.04 -4.04 25.79
CA THR U 266 -73.79 -3.37 24.75
C THR U 266 -74.32 -2.11 25.34
N GLN U 267 -74.37 -1.09 24.49
CA GLN U 267 -74.85 0.25 24.82
C GLN U 267 -73.98 0.95 25.87
N LEU U 268 -72.71 0.55 26.02
CA LEU U 268 -71.83 1.20 26.98
C LEU U 268 -70.33 0.99 26.83
N LEU U 269 -69.61 2.10 26.82
CA LEU U 269 -68.17 2.05 26.81
C LEU U 269 -67.77 2.29 28.26
N LEU U 270 -67.03 1.36 28.83
CA LEU U 270 -66.69 1.43 30.25
C LEU U 270 -65.30 0.99 30.64
N ASN U 271 -64.95 1.40 31.86
CA ASN U 271 -63.72 1.07 32.58
C ASN U 271 -62.45 1.49 31.84
N GLY U 272 -62.46 2.67 31.24
CA GLY U 272 -61.25 3.17 30.61
C GLY U 272 -61.44 4.25 29.55
N SER U 273 -60.31 4.82 29.15
CA SER U 273 -60.15 5.84 28.10
C SER U 273 -60.96 7.12 28.14
N LEU U 274 -60.91 7.85 29.25
CA LEU U 274 -61.61 9.13 29.33
C LEU U 274 -60.96 10.18 28.44
N ALA U 275 -61.81 11.07 27.95
CA ALA U 275 -61.52 12.21 27.08
C ALA U 275 -60.75 13.32 27.78
N GLU U 276 -60.10 14.16 26.98
CA GLU U 276 -59.25 15.24 27.48
C GLU U 276 -60.00 16.50 27.93
N GLU U 277 -60.65 16.38 29.08
CA GLU U 277 -61.43 17.43 29.77
C GLU U 277 -62.64 18.00 29.04
N GLU U 278 -63.08 17.33 28.01
CA GLU U 278 -64.27 17.69 27.28
C GLU U 278 -64.85 16.44 26.69
N VAL U 279 -66.11 16.49 26.31
CA VAL U 279 -66.67 15.34 25.64
C VAL U 279 -66.10 15.32 24.25
N VAL U 280 -65.63 14.18 23.82
CA VAL U 280 -65.06 14.04 22.51
C VAL U 280 -65.84 13.08 21.69
N ILE U 281 -66.30 13.53 20.56
CA ILE U 281 -67.14 12.70 19.75
C ILE U 281 -66.52 12.45 18.41
N ARG U 282 -66.47 11.18 18.03
CA ARG U 282 -65.93 10.82 16.72
C ARG U 282 -66.96 10.03 15.94
N SER U 283 -66.94 10.21 14.64
CA SER U 283 -67.83 9.49 13.75
C SER U 283 -67.20 9.43 12.42
N ALA U 284 -67.58 8.44 11.65
CA ALA U 284 -67.10 8.33 10.29
C ALA U 284 -67.56 9.53 9.48
N ASN U 285 -68.71 10.12 9.85
CA ASN U 285 -69.22 11.24 9.06
C ASN U 285 -70.02 12.30 9.84
N PHE U 286 -70.80 11.89 10.86
CA PHE U 286 -71.78 12.82 11.48
C PHE U 286 -72.75 13.38 10.46
N THR U 287 -72.94 12.67 9.37
CA THR U 287 -73.74 13.16 8.29
C THR U 287 -74.66 12.07 7.83
N ASP U 288 -74.04 11.03 7.29
CA ASP U 288 -74.71 9.84 6.79
C ASP U 288 -75.39 9.07 7.92
N ASN U 289 -76.66 8.75 7.73
CA ASN U 289 -77.45 8.05 8.74
C ASN U 289 -77.04 6.59 8.86
N ALA U 290 -76.21 6.14 7.91
CA ALA U 290 -75.68 4.79 7.90
C ALA U 290 -74.47 4.65 8.83
N LYS U 291 -73.98 5.76 9.36
CA LYS U 291 -72.80 5.74 10.21
C LYS U 291 -73.19 5.94 11.66
N ILE U 292 -72.26 5.63 12.56
CA ILE U 292 -72.53 5.76 13.99
C ILE U 292 -71.59 6.73 14.68
N ILE U 293 -72.01 7.14 15.85
CA ILE U 293 -71.25 8.06 16.66
C ILE U 293 -70.69 7.48 17.93
N ILE U 294 -69.39 7.67 18.14
CA ILE U 294 -68.69 7.20 19.32
C ILE U 294 -68.42 8.36 20.27
N VAL U 295 -68.90 8.27 21.50
CA VAL U 295 -68.76 9.37 22.45
C VAL U 295 -67.87 9.06 23.64
N GLN U 296 -66.81 9.86 23.82
CA GLN U 296 -65.89 9.71 24.94
C GLN U 296 -66.18 10.77 26.00
N LEU U 297 -66.22 10.37 27.25
CA LEU U 297 -66.50 11.32 28.31
C LEU U 297 -65.21 11.68 28.99
N ASN U 298 -65.09 12.89 29.48
CA ASN U 298 -63.89 13.27 30.23
C ASN U 298 -63.91 12.86 31.68
N LYS U 299 -65.09 12.54 32.19
CA LYS U 299 -65.23 12.13 33.57
C LYS U 299 -66.05 10.88 33.51
N SER U 300 -65.79 9.90 34.35
CA SER U 300 -66.64 8.73 34.32
C SER U 300 -67.86 8.92 35.18
N VAL U 301 -68.87 8.11 34.92
CA VAL U 301 -70.07 8.10 35.75
C VAL U 301 -70.15 6.77 36.47
N GLU U 302 -70.33 6.83 37.77
CA GLU U 302 -70.35 5.61 38.55
C GLU U 302 -71.69 4.89 38.50
N ILE U 303 -71.59 3.59 38.28
CA ILE U 303 -72.72 2.66 38.29
C ILE U 303 -72.50 1.50 39.25
N ASN U 304 -73.48 1.23 40.11
CA ASN U 304 -73.43 0.14 41.07
C ASN U 304 -74.52 -0.88 40.83
N CYS U 305 -74.12 -2.09 40.46
CA CYS U 305 -75.08 -3.13 40.10
C CYS U 305 -75.13 -4.29 41.07
N THR U 306 -76.31 -4.86 41.21
CA THR U 306 -76.47 -6.00 42.07
C THR U 306 -77.62 -6.93 41.75
N ARG U 307 -77.45 -8.18 42.19
CA ARG U 307 -78.46 -9.25 42.12
C ARG U 307 -78.50 -9.84 43.54
N PRO U 308 -79.19 -9.21 44.50
CA PRO U 308 -79.14 -9.52 45.93
C PRO U 308 -79.93 -10.77 46.33
N ASN U 309 -79.58 -11.89 45.73
CA ASN U 309 -80.22 -13.15 46.00
C ASN U 309 -79.17 -14.15 46.26
N ASN U 310 -79.12 -14.65 47.48
CA ASN U 310 -78.05 -15.56 47.80
C ASN U 310 -78.45 -16.91 47.26
N ASN U 311 -78.04 -17.19 46.06
CA ASN U 311 -78.51 -18.41 45.46
C ASN U 311 -77.59 -19.58 45.69
N THR U 312 -78.14 -20.78 45.65
CA THR U 312 -77.28 -21.93 45.64
C THR U 312 -77.48 -22.67 44.34
N ARG U 313 -76.71 -23.72 44.15
CA ARG U 313 -76.80 -24.49 42.93
C ARG U 313 -76.77 -25.97 43.21
N LYS U 314 -77.48 -26.72 42.39
CA LYS U 314 -77.49 -28.15 42.53
C LYS U 314 -76.70 -28.81 41.44
N SER U 315 -75.92 -29.81 41.81
CA SER U 315 -75.21 -30.59 40.83
C SER U 315 -76.07 -31.78 40.48
N ILE U 316 -76.51 -31.85 39.25
CA ILE U 316 -77.38 -32.92 38.84
C ILE U 316 -76.66 -33.87 37.94
N HIS U 317 -76.67 -35.13 38.34
CA HIS U 317 -76.02 -36.17 37.60
C HIS U 317 -77.11 -36.84 36.80
N ILE U 318 -76.85 -36.95 35.50
CA ILE U 318 -77.83 -37.49 34.55
C ILE U 318 -77.31 -38.73 33.88
N GLY U 319 -76.34 -39.33 34.51
CA GLY U 319 -75.74 -40.57 34.12
C GLY U 319 -74.42 -40.63 34.83
N PRO U 320 -73.83 -41.80 35.00
CA PRO U 320 -72.59 -41.91 35.67
C PRO U 320 -71.59 -41.17 34.80
N GLY U 321 -70.77 -40.31 35.37
CA GLY U 321 -69.74 -39.63 34.61
C GLY U 321 -70.20 -38.33 33.95
N ARG U 322 -71.49 -38.00 34.07
CA ARG U 322 -71.94 -36.77 33.46
C ARG U 322 -72.91 -36.00 34.34
N TRP U 323 -72.65 -34.70 34.46
CA TRP U 323 -73.45 -33.85 35.30
C TRP U 323 -73.33 -32.40 34.93
N PHE U 324 -74.24 -31.60 35.46
CA PHE U 324 -74.25 -30.17 35.23
C PHE U 324 -74.81 -29.45 36.43
N TYR U 325 -74.58 -28.17 36.51
CA TYR U 325 -75.13 -27.41 37.60
C TYR U 325 -76.38 -26.67 37.21
N THR U 326 -77.30 -26.55 38.15
CA THR U 326 -78.49 -25.76 37.89
C THR U 326 -78.87 -24.90 39.07
N THR U 327 -79.59 -23.83 38.82
CA THR U 327 -79.99 -22.98 39.93
C THR U 327 -80.86 -23.75 40.91
N GLY U 328 -80.45 -23.67 42.17
CA GLY U 328 -81.12 -24.35 43.27
C GLY U 328 -81.95 -23.35 44.01
N GLU U 329 -82.17 -23.58 45.28
CA GLU U 329 -83.01 -22.69 46.06
C GLU U 329 -82.36 -21.37 46.36
N ILE U 330 -83.20 -20.38 46.62
CA ILE U 330 -82.76 -19.06 46.99
C ILE U 330 -82.75 -18.93 48.49
N ILE U 331 -81.64 -18.44 49.01
CA ILE U 331 -81.51 -18.23 50.42
C ILE U 331 -81.97 -16.80 50.62
N GLY U 332 -83.07 -16.64 51.35
CA GLY U 332 -83.69 -15.34 51.52
C GLY U 332 -84.78 -15.11 50.48
N ASP U 333 -85.21 -13.87 50.38
CA ASP U 333 -86.34 -13.47 49.53
C ASP U 333 -85.87 -13.20 48.12
N ILE U 334 -86.80 -12.85 47.23
CA ILE U 334 -86.42 -12.53 45.87
C ILE U 334 -86.23 -11.03 45.67
N ARG U 335 -85.03 -10.65 45.32
CA ARG U 335 -84.71 -9.26 45.08
C ARG U 335 -84.50 -9.07 43.59
N GLN U 336 -84.91 -7.93 43.10
CA GLN U 336 -84.76 -7.63 41.69
C GLN U 336 -83.36 -7.17 41.37
N ALA U 337 -82.79 -7.67 40.29
CA ALA U 337 -81.48 -7.20 39.87
C ALA U 337 -81.65 -5.76 39.43
N HIS U 338 -80.69 -4.92 39.77
CA HIS U 338 -80.79 -3.53 39.40
C HIS U 338 -79.47 -2.80 39.42
N CYS U 339 -79.44 -1.62 38.79
CA CYS U 339 -78.25 -0.77 38.82
C CYS U 339 -78.48 0.69 39.13
N ASN U 340 -77.68 1.21 40.04
CA ASN U 340 -77.69 2.58 40.53
C ASN U 340 -76.68 3.47 39.84
N ILE U 341 -77.17 4.42 39.09
CA ILE U 341 -76.36 5.33 38.32
C ILE U 341 -76.50 6.71 38.92
N SER U 342 -75.39 7.39 39.20
CA SER U 342 -75.64 8.72 39.76
C SER U 342 -76.38 9.54 38.71
N GLY U 343 -77.56 10.05 39.06
CA GLY U 343 -78.42 10.75 38.12
C GLY U 343 -77.82 12.05 37.75
N THR U 344 -77.44 12.79 38.77
CA THR U 344 -76.86 14.08 38.53
C THR U 344 -75.61 13.91 37.70
N LYS U 345 -74.74 12.97 38.04
CA LYS U 345 -73.54 12.88 37.23
C LYS U 345 -73.86 12.52 35.79
N TRP U 346 -74.80 11.59 35.60
CA TRP U 346 -75.20 11.19 34.28
C TRP U 346 -75.74 12.31 33.47
N ASN U 347 -76.74 12.98 33.99
CA ASN U 347 -77.39 14.04 33.27
C ASN U 347 -76.58 15.31 33.17
N ASP U 348 -75.68 15.55 34.11
CA ASP U 348 -74.85 16.73 34.00
C ASP U 348 -73.90 16.48 32.85
N THR U 349 -73.40 15.25 32.79
CA THR U 349 -72.53 14.85 31.73
C THR U 349 -73.28 14.87 30.43
N LEU U 350 -74.52 14.39 30.42
CA LEU U 350 -75.30 14.33 29.21
C LEU U 350 -75.53 15.73 28.71
N LYS U 351 -75.78 16.69 29.60
CA LYS U 351 -75.92 18.07 29.12
C LYS U 351 -74.65 18.47 28.40
N GLN U 352 -73.49 18.11 28.97
CA GLN U 352 -72.21 18.41 28.34
C GLN U 352 -72.04 17.66 27.02
N ILE U 353 -72.59 16.45 26.92
CA ILE U 353 -72.49 15.70 25.69
C ILE U 353 -73.22 16.44 24.63
N VAL U 354 -74.39 16.97 24.96
CA VAL U 354 -75.17 17.73 24.02
C VAL U 354 -74.38 18.95 23.60
N VAL U 355 -73.70 19.60 24.53
CA VAL U 355 -72.94 20.77 24.15
C VAL U 355 -71.95 20.42 23.05
N LYS U 356 -71.28 19.29 23.16
CA LYS U 356 -70.42 18.91 22.07
C LYS U 356 -71.21 18.44 20.81
N LEU U 357 -72.27 17.68 21.02
CA LEU U 357 -73.02 17.09 19.90
C LEU U 357 -73.67 18.13 18.99
N LYS U 358 -74.16 19.20 19.60
CA LYS U 358 -74.88 20.26 18.90
C LYS U 358 -73.97 20.96 17.89
N GLU U 359 -72.65 20.81 18.03
CA GLU U 359 -71.76 21.47 17.09
C GLU U 359 -72.02 20.94 15.69
N GLN U 360 -72.37 19.67 15.57
CA GLN U 360 -72.61 19.08 14.26
C GLN U 360 -74.09 19.03 13.95
N PHE U 361 -74.94 18.94 14.99
CA PHE U 361 -76.37 18.76 14.74
C PHE U 361 -77.34 19.93 15.02
N GLY U 362 -76.88 21.09 15.48
CA GLY U 362 -77.79 22.22 15.69
C GLY U 362 -77.99 22.57 17.14
N ASN U 363 -77.95 23.87 17.44
CA ASN U 363 -78.03 24.37 18.81
C ASN U 363 -79.34 24.17 19.57
N LYS U 364 -80.45 24.07 18.87
CA LYS U 364 -81.73 23.87 19.54
C LYS U 364 -82.29 22.50 19.23
N THR U 365 -81.45 21.65 18.66
CA THR U 365 -81.85 20.35 18.25
C THR U 365 -82.11 19.41 19.42
N ILE U 366 -83.24 18.73 19.38
CA ILE U 366 -83.59 17.78 20.39
C ILE U 366 -82.96 16.45 20.06
N VAL U 367 -82.20 15.98 21.02
CA VAL U 367 -81.40 14.79 20.96
C VAL U 367 -81.63 13.87 22.17
N PHE U 368 -81.20 12.61 22.07
CA PHE U 368 -81.23 11.59 23.14
C PHE U 368 -82.56 11.09 23.68
N ASN U 369 -83.23 10.26 22.90
CA ASN U 369 -84.51 9.68 23.33
C ASN U 369 -84.29 8.25 23.83
N HIS U 370 -85.37 7.63 24.26
CA HIS U 370 -85.39 6.30 24.84
C HIS U 370 -84.95 5.21 23.89
N SER U 371 -84.38 4.16 24.46
CA SER U 371 -83.97 3.01 23.67
C SER U 371 -85.11 2.42 22.86
N SER U 372 -84.82 2.11 21.61
CA SER U 372 -85.79 1.52 20.69
C SER U 372 -85.12 0.83 19.52
N GLY U 373 -85.67 -0.29 19.10
CA GLY U 373 -85.20 -1.00 17.91
C GLY U 373 -84.41 -2.26 18.24
N GLY U 374 -84.72 -3.34 17.52
CA GLY U 374 -84.03 -4.62 17.73
C GLY U 374 -84.74 -5.48 18.76
N ASP U 375 -84.17 -6.65 19.01
CA ASP U 375 -84.78 -7.59 19.94
C ASP U 375 -84.31 -7.15 21.34
N PRO U 376 -84.70 -7.81 22.44
CA PRO U 376 -84.35 -7.43 23.78
C PRO U 376 -82.84 -7.33 24.07
N GLU U 377 -81.96 -8.00 23.30
CA GLU U 377 -80.53 -7.90 23.60
C GLU U 377 -79.91 -6.72 22.90
N ILE U 378 -80.73 -6.05 22.10
CA ILE U 378 -80.30 -4.87 21.38
C ILE U 378 -80.84 -3.68 22.14
N VAL U 379 -82.12 -3.79 22.53
CA VAL U 379 -82.86 -2.75 23.21
C VAL U 379 -82.38 -2.57 24.65
N MET U 380 -82.16 -3.68 25.38
CA MET U 380 -81.64 -3.61 26.74
C MET U 380 -80.13 -3.53 26.74
N HIS U 381 -79.62 -2.84 27.74
CA HIS U 381 -78.21 -2.66 28.04
C HIS U 381 -77.65 -3.91 28.66
N SER U 382 -76.43 -4.31 28.34
CA SER U 382 -76.00 -5.52 29.02
C SER U 382 -74.54 -5.64 29.36
N PHE U 383 -74.34 -6.42 30.42
CA PHE U 383 -73.03 -6.72 31.00
C PHE U 383 -73.00 -7.96 31.89
N ASN U 384 -71.81 -8.49 32.13
CA ASN U 384 -71.52 -9.62 33.03
C ASN U 384 -71.14 -9.23 34.48
N CYS U 385 -72.08 -8.77 35.29
CA CYS U 385 -71.72 -8.25 36.61
C CYS U 385 -71.32 -9.37 37.54
N GLY U 386 -70.04 -9.43 37.88
CA GLY U 386 -69.59 -10.54 38.70
C GLY U 386 -69.61 -11.83 37.87
N GLY U 387 -69.72 -11.67 36.55
CA GLY U 387 -69.86 -12.79 35.66
C GLY U 387 -71.34 -13.09 35.33
N GLU U 388 -72.28 -12.43 36.04
CA GLU U 388 -73.71 -12.66 35.80
C GLU U 388 -74.26 -11.75 34.73
N PHE U 389 -75.14 -12.27 33.91
CA PHE U 389 -75.62 -11.46 32.80
C PHE U 389 -76.93 -10.73 32.98
N PHE U 390 -76.76 -9.41 33.05
CA PHE U 390 -77.80 -8.42 33.28
C PHE U 390 -78.22 -7.76 32.01
N TYR U 391 -79.52 -7.63 31.86
CA TYR U 391 -80.12 -6.93 30.75
C TYR U 391 -80.99 -5.82 31.33
N CYS U 392 -80.55 -4.59 31.19
CA CYS U 392 -81.23 -3.51 31.86
C CYS U 392 -82.02 -2.64 30.89
N ASN U 393 -83.17 -2.16 31.32
CA ASN U 393 -83.99 -1.40 30.36
C ASN U 393 -83.32 -0.13 29.82
N SER U 394 -82.59 0.56 30.69
CA SER U 394 -81.89 1.78 30.35
C SER U 394 -82.75 2.80 29.64
N THR U 395 -83.99 2.98 30.07
CA THR U 395 -84.83 3.97 29.45
C THR U 395 -84.91 5.21 30.30
N GLN U 396 -84.64 5.07 31.60
CA GLN U 396 -84.71 6.19 32.54
C GLN U 396 -83.65 7.21 32.19
N LEU U 397 -82.52 6.72 31.72
CA LEU U 397 -81.38 7.51 31.37
C LEU U 397 -81.69 8.43 30.21
N PHE U 398 -82.66 8.01 29.42
CA PHE U 398 -83.09 8.69 28.24
C PHE U 398 -84.59 8.93 28.28
N ASN U 399 -85.15 9.20 29.47
CA ASN U 399 -86.59 9.40 29.56
C ASN U 399 -86.95 10.86 29.35
N SER U 400 -85.93 11.64 29.04
CA SER U 400 -86.05 13.04 28.77
C SER U 400 -85.00 13.40 27.74
N THR U 401 -85.46 13.96 26.64
CA THR U 401 -84.63 14.38 25.53
C THR U 401 -84.10 15.74 25.85
N ILE U 412 -80.53 7.52 39.40
CA ILE U 412 -81.27 6.74 38.43
C ILE U 412 -81.07 5.26 38.69
N VAL U 413 -82.15 4.53 38.96
CA VAL U 413 -81.97 3.11 39.21
C VAL U 413 -82.77 2.29 38.23
N LEU U 414 -82.08 1.44 37.49
CA LEU U 414 -82.76 0.63 36.51
C LEU U 414 -82.94 -0.79 36.95
N PRO U 415 -84.06 -1.44 36.60
CA PRO U 415 -84.29 -2.85 36.79
C PRO U 415 -83.50 -3.57 35.74
N CYS U 416 -83.06 -4.76 36.07
CA CYS U 416 -82.35 -5.60 35.15
C CYS U 416 -82.89 -7.02 35.17
N ARG U 417 -82.84 -7.69 34.03
CA ARG U 417 -83.26 -9.07 33.92
C ARG U 417 -82.04 -9.97 33.83
N ILE U 418 -82.21 -11.24 34.19
CA ILE U 418 -81.10 -12.17 34.14
C ILE U 418 -81.30 -13.29 33.13
N LYS U 419 -80.26 -13.56 32.34
CA LYS U 419 -80.29 -14.65 31.34
C LYS U 419 -79.01 -15.48 31.39
N GLN U 420 -79.09 -16.81 31.33
CA GLN U 420 -77.88 -17.64 31.34
C GLN U 420 -77.38 -18.12 29.96
N ILE U 421 -78.19 -18.10 28.91
CA ILE U 421 -77.63 -18.52 27.63
C ILE U 421 -77.05 -17.31 26.93
N VAL U 422 -75.76 -17.37 26.64
CA VAL U 422 -75.05 -16.25 26.06
C VAL U 422 -74.21 -16.57 24.82
N ASN U 423 -73.91 -15.52 24.07
CA ASN U 423 -73.07 -15.58 22.88
C ASN U 423 -71.80 -14.78 23.06
N MET U 424 -70.75 -15.11 22.31
CA MET U 424 -69.58 -14.25 22.30
C MET U 424 -69.91 -13.14 21.34
N TRP U 425 -70.67 -12.17 21.82
CA TRP U 425 -71.25 -11.05 21.06
C TRP U 425 -72.40 -11.54 20.18
N GLN U 426 -72.13 -12.57 19.40
CA GLN U 426 -73.09 -13.22 18.52
C GLN U 426 -72.46 -14.43 17.86
N GLU U 427 -73.05 -15.57 18.14
CA GLU U 427 -72.63 -16.85 17.62
C GLU U 427 -73.49 -17.29 16.48
N VAL U 428 -72.98 -18.23 15.71
CA VAL U 428 -73.82 -18.78 14.68
C VAL U 428 -74.33 -20.13 15.16
N GLY U 429 -75.61 -20.18 15.46
CA GLY U 429 -76.26 -21.41 15.92
C GLY U 429 -76.03 -21.76 17.39
N LYS U 430 -74.77 -22.05 17.71
CA LYS U 430 -74.32 -22.51 19.03
C LYS U 430 -74.37 -21.42 20.08
N ALA U 431 -74.31 -21.82 21.35
CA ALA U 431 -74.25 -20.83 22.43
C ALA U 431 -73.63 -21.45 23.68
N MET U 432 -73.24 -20.61 24.61
CA MET U 432 -72.69 -21.06 25.87
C MET U 432 -73.67 -20.80 26.99
N TYR U 433 -73.72 -21.69 27.95
CA TYR U 433 -74.56 -21.50 29.09
C TYR U 433 -73.75 -21.14 30.30
N ALA U 434 -74.11 -20.05 30.91
CA ALA U 434 -73.45 -19.55 32.08
C ALA U 434 -73.90 -20.35 33.28
N PRO U 435 -73.03 -21.12 33.96
CA PRO U 435 -73.35 -21.96 35.08
C PRO U 435 -73.93 -21.05 36.13
N PRO U 436 -74.78 -21.57 37.01
CA PRO U 436 -75.38 -20.82 38.07
C PRO U 436 -74.28 -20.36 39.01
N ILE U 437 -74.48 -19.17 39.54
CA ILE U 437 -73.54 -18.56 40.45
C ILE U 437 -74.05 -18.60 41.86
N LYS U 438 -73.26 -19.16 42.75
CA LYS U 438 -73.60 -19.25 44.15
C LYS U 438 -73.38 -17.90 44.83
N GLY U 439 -74.30 -17.52 45.69
CA GLY U 439 -74.20 -16.27 46.43
C GLY U 439 -74.81 -15.12 45.66
N GLN U 440 -74.51 -13.90 46.11
CA GLN U 440 -75.09 -12.69 45.54
C GLN U 440 -74.15 -12.03 44.56
N ILE U 441 -74.69 -11.20 43.69
CA ILE U 441 -73.86 -10.46 42.77
C ILE U 441 -73.73 -9.01 43.15
N ARG U 442 -72.51 -8.54 43.21
CA ARG U 442 -72.24 -7.14 43.45
C ARG U 442 -71.08 -6.71 42.57
N CYS U 443 -71.21 -5.57 41.91
CA CYS U 443 -70.11 -5.01 41.13
C CYS U 443 -70.37 -3.54 40.91
N SER U 444 -69.40 -2.84 40.39
CA SER U 444 -69.60 -1.46 40.05
C SER U 444 -68.68 -1.17 38.90
N SER U 445 -68.94 -0.11 38.19
CA SER U 445 -68.08 0.24 37.08
C SER U 445 -68.09 1.71 36.70
N ASN U 446 -67.16 2.03 35.82
CA ASN U 446 -66.95 3.38 35.30
C ASN U 446 -67.53 3.60 33.91
N ILE U 447 -68.58 4.38 33.80
CA ILE U 447 -69.14 4.64 32.49
C ILE U 447 -68.24 5.66 31.84
N THR U 448 -67.64 5.33 30.69
CA THR U 448 -66.72 6.26 30.06
C THR U 448 -67.16 6.72 28.68
N GLY U 449 -68.23 6.11 28.12
CA GLY U 449 -68.70 6.53 26.82
C GLY U 449 -69.96 5.84 26.29
N LEU U 450 -70.42 6.36 25.16
CA LEU U 450 -71.64 5.94 24.46
C LEU U 450 -71.46 5.62 22.99
N ILE U 451 -72.34 4.77 22.47
CA ILE U 451 -72.46 4.62 21.02
C ILE U 451 -73.86 5.02 20.63
N LEU U 452 -73.96 5.93 19.66
CA LEU U 452 -75.27 6.41 19.25
C LEU U 452 -75.72 6.06 17.85
N ILE U 453 -77.03 5.85 17.80
CA ILE U 453 -77.87 5.54 16.67
C ILE U 453 -78.60 6.77 16.15
N ARG U 454 -78.49 7.02 14.85
CA ARG U 454 -79.17 8.13 14.17
C ARG U 454 -80.65 7.77 13.99
N ASP U 455 -81.55 8.76 13.94
CA ASP U 455 -82.98 8.47 13.75
C ASP U 455 -83.45 8.46 12.30
N GLU U 465 -83.26 15.78 15.92
CA GLU U 465 -82.20 14.83 15.57
C GLU U 465 -82.07 13.89 16.74
N ILE U 466 -82.97 12.94 16.81
CA ILE U 466 -82.92 12.02 17.92
C ILE U 466 -81.88 10.97 17.81
N PHE U 467 -81.19 10.83 18.90
CA PHE U 467 -80.20 9.81 19.00
C PHE U 467 -80.69 8.83 20.02
N ARG U 468 -80.35 7.59 19.80
CA ARG U 468 -80.65 6.52 20.74
C ARG U 468 -79.39 5.72 20.99
N PRO U 469 -79.21 5.11 22.17
CA PRO U 469 -78.07 4.28 22.50
C PRO U 469 -78.05 2.93 21.81
N GLY U 470 -76.84 2.42 21.56
CA GLY U 470 -76.66 1.06 21.04
C GLY U 470 -76.17 0.99 19.61
N GLY U 471 -76.12 -0.23 19.08
CA GLY U 471 -75.63 -0.46 17.73
C GLY U 471 -74.19 -0.97 17.71
N GLY U 472 -73.81 -1.60 16.60
CA GLY U 472 -72.46 -2.12 16.42
C GLY U 472 -72.22 -3.49 17.04
N ASP U 473 -70.97 -3.92 16.97
CA ASP U 473 -70.55 -5.21 17.51
C ASP U 473 -69.22 -5.05 18.20
N MET U 474 -68.51 -6.15 18.40
CA MET U 474 -67.29 -6.08 19.16
C MET U 474 -66.25 -5.23 18.51
N ARG U 475 -66.30 -5.11 17.19
CA ARG U 475 -65.29 -4.35 16.51
C ARG U 475 -65.51 -2.88 16.66
N ASP U 476 -66.69 -2.48 17.07
CA ASP U 476 -66.89 -1.07 17.21
C ASP U 476 -66.36 -0.71 18.56
N ASN U 477 -66.52 -1.64 19.49
CA ASN U 477 -65.99 -1.38 20.81
C ASN U 477 -64.48 -1.52 20.80
N TRP U 478 -63.93 -2.44 20.02
CA TRP U 478 -62.49 -2.54 19.95
C TRP U 478 -61.91 -1.31 19.27
N ARG U 479 -62.56 -0.88 18.18
CA ARG U 479 -62.11 0.27 17.41
C ARG U 479 -62.06 1.51 18.26
N SER U 480 -63.00 1.63 19.20
CA SER U 480 -63.10 2.81 20.05
C SER U 480 -61.84 3.01 20.89
N GLU U 481 -61.00 1.98 20.99
CA GLU U 481 -59.75 2.09 21.70
C GLU U 481 -58.55 2.09 20.73
N LEU U 482 -58.66 1.27 19.70
CA LEU U 482 -57.56 1.03 18.77
C LEU U 482 -57.27 2.19 17.86
N TYR U 483 -58.19 3.13 17.77
CA TYR U 483 -58.09 4.33 16.95
C TYR U 483 -56.81 5.12 17.17
N LYS U 484 -56.16 4.94 18.31
CA LYS U 484 -54.94 5.67 18.57
C LYS U 484 -53.73 5.18 17.77
N TYR U 485 -53.77 3.95 17.24
CA TYR U 485 -52.57 3.39 16.63
C TYR U 485 -52.65 2.84 15.21
N LYS U 486 -51.50 2.85 14.51
CA LYS U 486 -51.39 2.18 13.22
C LYS U 486 -50.06 1.42 13.11
N VAL U 487 -50.02 0.36 12.31
CA VAL U 487 -48.79 -0.42 12.15
C VAL U 487 -48.01 -0.13 10.88
N VAL U 488 -46.70 0.04 11.02
CA VAL U 488 -45.83 0.27 9.87
C VAL U 488 -44.67 -0.73 9.88
N LYS U 489 -44.07 -0.93 8.70
CA LYS U 489 -42.91 -1.78 8.52
C LYS U 489 -41.69 -0.95 8.21
N ILE U 490 -40.60 -1.26 8.87
CA ILE U 490 -39.37 -0.52 8.68
C ILE U 490 -38.68 -0.98 7.42
N GLU U 491 -38.26 -0.02 6.59
CA GLU U 491 -37.58 -0.28 5.31
C GLU U 491 -36.21 0.39 5.27
N PRO U 492 -35.20 -0.18 5.95
CA PRO U 492 -33.90 0.43 6.19
C PRO U 492 -32.90 0.45 5.04
N LEU U 493 -33.18 -0.27 3.96
CA LEU U 493 -32.20 -0.34 2.91
C LEU U 493 -32.57 0.51 1.71
N GLY U 494 -31.65 1.39 1.32
CA GLY U 494 -31.90 2.24 0.16
C GLY U 494 -30.60 2.75 -0.44
N ILE U 495 -30.73 3.55 -1.49
CA ILE U 495 -29.58 4.10 -2.21
C ILE U 495 -29.71 5.57 -2.42
N ALA U 496 -28.60 6.22 -2.73
CA ALA U 496 -28.63 7.62 -3.10
C ALA U 496 -27.36 7.93 -3.90
N PRO U 497 -27.39 8.95 -4.78
CA PRO U 497 -26.24 9.43 -5.48
C PRO U 497 -25.26 10.14 -4.56
N THR U 498 -23.98 9.91 -4.78
CA THR U 498 -22.87 10.53 -4.07
C THR U 498 -21.81 11.08 -4.98
N LYS U 499 -20.84 11.77 -4.42
CA LYS U 499 -19.76 12.25 -5.29
C LYS U 499 -18.64 11.21 -5.34
N CYS U 500 -18.72 10.25 -4.45
CA CYS U 500 -17.73 9.20 -4.32
C CYS U 500 -17.90 7.94 -5.15
N LYS U 501 -16.92 7.67 -5.99
CA LYS U 501 -16.92 6.48 -6.81
C LYS U 501 -16.28 5.33 -6.05
N ARG U 502 -16.72 4.11 -6.31
CA ARG U 502 -16.04 2.96 -5.79
C ARG U 502 -14.60 2.85 -6.28
N ARG U 503 -13.69 2.52 -5.37
CA ARG U 503 -12.30 2.29 -5.72
C ARG U 503 -12.06 0.81 -5.82
N VAL U 504 -11.17 0.41 -6.72
CA VAL U 504 -10.83 -0.99 -6.88
C VAL U 504 -9.32 -1.17 -6.92
N ALA V 1 -22.66 29.25 18.23
CA ALA V 1 -21.56 28.63 17.54
C ALA V 1 -20.85 27.72 18.52
N VAL V 2 -21.37 27.72 19.72
CA VAL V 2 -20.81 26.92 20.78
C VAL V 2 -21.37 25.53 20.56
N GLY V 3 -20.46 24.55 20.46
CA GLY V 3 -20.77 23.16 20.09
C GLY V 3 -21.50 22.34 21.13
N ILE V 4 -22.74 22.70 21.37
CA ILE V 4 -23.57 22.01 22.31
C ILE V 4 -24.51 21.05 21.59
N GLY V 5 -24.36 19.76 21.82
CA GLY V 5 -25.16 18.80 21.09
C GLY V 5 -24.58 17.43 21.26
N ALA V 6 -24.70 16.58 20.24
CA ALA V 6 -24.26 15.18 20.31
C ALA V 6 -25.07 14.44 21.37
N VAL V 7 -26.35 14.41 21.12
CA VAL V 7 -27.37 13.84 21.97
C VAL V 7 -28.14 12.75 21.22
N PHE V 8 -28.87 11.93 21.96
CA PHE V 8 -29.58 10.80 21.39
C PHE V 8 -31.09 10.78 21.56
N LEU V 9 -31.79 10.74 20.43
CA LEU V 9 -33.24 10.71 20.45
C LEU V 9 -33.86 9.32 20.44
N GLY V 10 -33.39 8.50 19.52
CA GLY V 10 -33.95 7.17 19.27
C GLY V 10 -34.89 7.30 18.09
N PHE V 11 -35.03 6.24 17.32
CA PHE V 11 -35.90 6.16 16.14
C PHE V 11 -35.52 7.12 14.98
N LEU V 12 -35.47 8.43 15.24
CA LEU V 12 -35.05 9.44 14.25
C LEU V 12 -35.76 9.34 12.92
N GLY V 13 -37.06 9.51 12.87
CA GLY V 13 -37.71 9.30 11.58
C GLY V 13 -37.20 10.31 10.54
N ALA V 14 -37.11 9.87 9.26
CA ALA V 14 -36.57 10.68 8.15
C ALA V 14 -37.48 11.77 7.68
N ALA V 15 -37.71 12.69 8.57
CA ALA V 15 -38.52 13.84 8.37
C ALA V 15 -37.91 14.89 9.23
N GLY V 16 -37.35 14.41 10.35
CA GLY V 16 -36.80 15.29 11.39
C GLY V 16 -35.50 15.91 10.96
N SER V 17 -34.86 15.32 9.97
CA SER V 17 -33.60 15.79 9.48
C SER V 17 -33.40 15.35 8.05
N THR V 18 -32.48 16.02 7.36
CA THR V 18 -32.19 15.78 5.96
C THR V 18 -31.48 14.48 5.76
N MET V 19 -31.39 14.02 4.53
CA MET V 19 -30.72 12.76 4.25
C MET V 19 -29.30 12.78 4.77
N GLY V 20 -28.63 13.91 4.58
CA GLY V 20 -27.27 14.01 5.05
C GLY V 20 -27.24 13.83 6.56
N ALA V 21 -28.04 14.60 7.26
CA ALA V 21 -28.06 14.52 8.71
C ALA V 21 -28.52 13.16 9.22
N ALA V 22 -29.47 12.58 8.54
CA ALA V 22 -30.07 11.31 8.90
C ALA V 22 -29.04 10.20 8.86
N SER V 23 -28.06 10.32 7.96
CA SER V 23 -27.03 9.30 7.77
C SER V 23 -26.15 9.17 9.01
N MET V 24 -26.25 10.10 9.95
CA MET V 24 -25.43 10.06 11.13
C MET V 24 -25.95 9.09 12.17
N THR V 25 -27.10 8.45 11.92
CA THR V 25 -27.67 7.50 12.86
C THR V 25 -28.03 6.16 12.21
N LEU V 26 -27.16 5.61 11.37
CA LEU V 26 -27.46 4.38 10.68
C LEU V 26 -27.33 3.22 11.66
N THR V 27 -26.45 3.39 12.65
CA THR V 27 -26.28 2.35 13.66
C THR V 27 -27.47 2.34 14.60
N VAL V 28 -28.17 3.46 14.67
CA VAL V 28 -29.33 3.52 15.53
C VAL V 28 -30.38 2.68 14.92
N GLN V 29 -30.60 2.86 13.62
CA GLN V 29 -31.62 2.05 13.03
C GLN V 29 -31.21 0.62 13.02
N ALA V 30 -29.93 0.34 12.78
CA ALA V 30 -29.55 -1.05 12.73
C ALA V 30 -29.79 -1.71 14.06
N ARG V 31 -29.49 -1.02 15.14
CA ARG V 31 -29.69 -1.58 16.45
C ARG V 31 -31.15 -1.91 16.69
N GLN V 32 -32.04 -1.05 16.16
CA GLN V 32 -33.47 -1.22 16.29
C GLN V 32 -33.98 -2.35 15.40
N THR V 58 -51.18 -24.08 20.84
CA THR V 58 -52.37 -23.51 20.24
C THR V 58 -52.00 -22.27 19.42
N VAL V 59 -53.00 -21.42 19.17
CA VAL V 59 -52.87 -20.25 18.33
C VAL V 59 -51.75 -19.32 18.77
N TRP V 60 -51.46 -19.30 20.06
CA TRP V 60 -50.40 -18.45 20.54
C TRP V 60 -49.08 -18.90 19.96
N GLY V 61 -48.91 -20.22 19.80
CA GLY V 61 -47.68 -20.78 19.31
C GLY V 61 -47.53 -20.38 17.88
N ILE V 62 -48.65 -20.36 17.17
CA ILE V 62 -48.63 -19.98 15.79
C ILE V 62 -48.19 -18.56 15.68
N LYS V 63 -48.74 -17.69 16.51
CA LYS V 63 -48.34 -16.31 16.41
C LYS V 63 -46.89 -16.09 16.79
N GLN V 64 -46.39 -16.80 17.82
CA GLN V 64 -45.02 -16.63 18.23
C GLN V 64 -44.12 -17.08 17.10
N LEU V 65 -44.53 -18.14 16.45
CA LEU V 65 -43.78 -18.69 15.37
C LEU V 65 -43.76 -17.77 14.19
N GLN V 66 -44.91 -17.28 13.78
CA GLN V 66 -44.92 -16.51 12.57
C GLN V 66 -44.19 -15.22 12.80
N ALA V 67 -44.29 -14.67 14.00
CA ALA V 67 -43.62 -13.43 14.29
C ALA V 67 -42.12 -13.59 14.17
N ARG V 68 -41.61 -14.71 14.67
CA ARG V 68 -40.19 -14.93 14.59
C ARG V 68 -39.77 -15.22 13.17
N VAL V 69 -40.61 -15.91 12.41
CA VAL V 69 -40.26 -16.19 11.05
C VAL V 69 -40.18 -14.91 10.26
N LEU V 70 -41.14 -14.01 10.44
CA LEU V 70 -41.11 -12.78 9.68
C LEU V 70 -39.89 -11.97 10.01
N ALA V 71 -39.51 -11.93 11.28
CA ALA V 71 -38.34 -11.15 11.65
C ALA V 71 -37.11 -11.69 10.95
N VAL V 72 -37.01 -13.01 10.87
CA VAL V 72 -35.88 -13.62 10.19
C VAL V 72 -35.90 -13.28 8.73
N GLU V 73 -37.06 -13.38 8.11
CA GLU V 73 -37.14 -13.10 6.70
C GLU V 73 -36.74 -11.69 6.38
N ARG V 74 -37.16 -10.72 7.19
CA ARG V 74 -36.79 -9.36 6.87
C ARG V 74 -35.31 -9.16 7.02
N TYR V 75 -34.75 -9.72 8.08
CA TYR V 75 -33.34 -9.57 8.30
C TYR V 75 -32.55 -10.13 7.16
N LEU V 76 -32.87 -11.35 6.77
CA LEU V 76 -32.10 -11.96 5.74
C LEU V 76 -32.27 -11.25 4.42
N LYS V 77 -33.46 -10.77 4.07
CA LYS V 77 -33.56 -10.13 2.77
C LYS V 77 -32.58 -8.99 2.62
N ASP V 78 -32.40 -8.19 3.66
CA ASP V 78 -31.46 -7.09 3.54
C ASP V 78 -30.04 -7.61 3.45
N GLN V 79 -29.75 -8.66 4.21
CA GLN V 79 -28.41 -9.19 4.21
C GLN V 79 -28.08 -9.87 2.90
N GLN V 80 -29.07 -10.46 2.25
CA GLN V 80 -28.86 -11.13 0.99
C GLN V 80 -28.45 -10.14 -0.07
N LEU V 81 -29.10 -8.97 -0.06
CA LEU V 81 -28.74 -7.94 -1.02
C LEU V 81 -27.38 -7.34 -0.74
N LEU V 82 -27.09 -7.10 0.53
CA LEU V 82 -25.80 -6.54 0.88
C LEU V 82 -24.73 -7.57 0.58
N GLY V 83 -25.05 -8.83 0.78
CA GLY V 83 -24.12 -9.90 0.51
C GLY V 83 -23.72 -9.95 -0.95
N ILE V 84 -24.71 -10.04 -1.86
CA ILE V 84 -24.42 -10.14 -3.29
C ILE V 84 -23.71 -8.90 -3.84
N TRP V 85 -23.98 -7.73 -3.25
CA TRP V 85 -23.34 -6.50 -3.65
C TRP V 85 -21.94 -6.34 -3.08
N GLY V 86 -21.55 -7.18 -2.12
CA GLY V 86 -20.25 -7.01 -1.48
C GLY V 86 -20.28 -5.86 -0.47
N CYS V 87 -21.46 -5.56 0.07
CA CYS V 87 -21.65 -4.46 1.00
C CYS V 87 -21.99 -4.97 2.40
N SER V 88 -21.73 -6.24 2.63
CA SER V 88 -21.99 -6.80 3.92
C SER V 88 -21.02 -6.21 4.90
N GLY V 89 -21.52 -5.83 6.07
CA GLY V 89 -20.67 -5.25 7.10
C GLY V 89 -20.47 -3.75 6.93
N LYS V 90 -21.06 -3.17 5.90
CA LYS V 90 -20.89 -1.76 5.69
C LYS V 90 -22.17 -1.00 5.91
N LEU V 91 -22.09 0.10 6.64
CA LEU V 91 -23.27 0.95 6.81
C LEU V 91 -23.49 1.67 5.49
N ILE V 92 -22.37 2.03 4.87
CA ILE V 92 -22.38 2.73 3.60
C ILE V 92 -21.40 2.06 2.63
N CYS V 93 -21.83 1.77 1.41
CA CYS V 93 -20.85 1.22 0.45
C CYS V 93 -21.05 1.87 -0.91
N CYS V 94 -19.95 2.16 -1.60
CA CYS V 94 -20.05 2.76 -2.92
C CYS V 94 -19.91 1.71 -3.98
N THR V 95 -20.62 1.92 -5.07
CA THR V 95 -20.60 0.99 -6.16
C THR V 95 -19.89 1.54 -7.39
N ALA V 96 -19.73 0.67 -8.37
CA ALA V 96 -19.11 0.97 -9.66
C ALA V 96 -20.09 1.58 -10.66
N VAL V 97 -21.35 1.72 -10.28
CA VAL V 97 -22.37 2.20 -11.20
C VAL V 97 -22.63 3.69 -11.00
N PRO V 98 -22.54 4.52 -12.05
CA PRO V 98 -22.78 5.94 -12.03
C PRO V 98 -24.25 6.20 -11.90
N TRP V 99 -24.58 7.33 -11.34
CA TRP V 99 -25.94 7.78 -11.27
C TRP V 99 -26.40 8.27 -12.62
N ASN V 100 -27.60 7.86 -13.01
CA ASN V 100 -28.20 8.33 -14.23
C ASN V 100 -29.22 9.40 -13.89
N THR V 101 -29.11 10.55 -14.55
CA THR V 101 -29.98 11.67 -14.28
C THR V 101 -31.41 11.43 -14.71
N SER V 102 -31.63 10.37 -15.47
CA SER V 102 -32.97 9.99 -15.87
C SER V 102 -33.70 9.40 -14.68
N TRP V 103 -32.96 8.97 -13.65
CA TRP V 103 -33.58 8.41 -12.47
C TRP V 103 -33.95 9.60 -11.62
N SER V 104 -33.01 10.53 -11.55
CA SER V 104 -33.15 11.79 -10.85
C SER V 104 -32.17 12.80 -11.32
N ASN V 105 -32.67 13.96 -11.70
CA ASN V 105 -31.82 15.01 -12.21
C ASN V 105 -31.60 16.12 -11.20
N LYS V 106 -31.80 15.81 -9.91
CA LYS V 106 -31.53 16.79 -8.88
C LYS V 106 -30.05 16.78 -8.53
N SER V 107 -29.54 17.93 -8.10
CA SER V 107 -28.15 18.05 -7.70
C SER V 107 -27.90 17.40 -6.36
N TYR V 108 -26.62 17.20 -6.05
CA TYR V 108 -26.25 16.59 -4.79
C TYR V 108 -26.88 17.37 -3.64
N ASN V 109 -26.72 18.70 -3.65
CA ASN V 109 -27.29 19.56 -2.62
C ASN V 109 -28.80 19.45 -2.51
N GLN V 110 -29.48 19.44 -3.65
CA GLN V 110 -30.92 19.35 -3.63
C GLN V 110 -31.39 18.06 -2.99
N ILE V 111 -30.64 16.98 -3.15
CA ILE V 111 -31.02 15.71 -2.59
C ILE V 111 -30.63 15.59 -1.12
N TRP V 112 -29.37 15.84 -0.82
CA TRP V 112 -28.84 15.61 0.50
C TRP V 112 -29.11 16.65 1.59
N ASN V 113 -29.24 17.92 1.20
CA ASN V 113 -29.38 18.97 2.18
C ASN V 113 -30.77 19.57 2.25
N ASN V 114 -31.58 19.35 1.23
CA ASN V 114 -32.90 19.97 1.19
C ASN V 114 -34.04 18.98 1.23
N MET V 115 -33.71 17.71 1.45
CA MET V 115 -34.71 16.65 1.50
C MET V 115 -34.36 15.64 2.55
N THR V 116 -35.38 14.94 3.03
CA THR V 116 -35.19 13.87 3.98
C THR V 116 -35.37 12.57 3.18
N TRP V 117 -34.94 11.45 3.76
CA TRP V 117 -35.08 10.18 3.04
C TRP V 117 -36.52 9.79 2.78
N MET V 118 -37.46 10.11 3.68
CA MET V 118 -38.80 9.63 3.45
C MET V 118 -39.41 10.16 2.17
N GLU V 119 -39.14 11.41 1.85
CA GLU V 119 -39.68 11.99 0.65
C GLU V 119 -38.88 11.61 -0.56
N TRP V 120 -37.57 11.68 -0.42
CA TRP V 120 -36.72 11.45 -1.55
C TRP V 120 -36.78 10.05 -2.12
N GLU V 121 -36.74 9.02 -1.30
CA GLU V 121 -36.70 7.68 -1.86
C GLU V 121 -37.90 7.36 -2.71
N ARG V 122 -39.04 7.89 -2.34
CA ARG V 122 -40.27 7.64 -3.05
C ARG V 122 -40.22 8.08 -4.51
N GLU V 123 -39.31 8.99 -4.84
CA GLU V 123 -39.20 9.49 -6.19
C GLU V 123 -38.51 8.53 -7.14
N ILE V 124 -37.72 7.60 -6.62
CA ILE V 124 -36.98 6.67 -7.45
C ILE V 124 -37.33 5.24 -7.12
N ASP V 125 -38.50 5.07 -6.52
CA ASP V 125 -38.92 3.76 -6.05
C ASP V 125 -38.99 2.78 -7.22
N ASN V 126 -39.35 3.30 -8.38
CA ASN V 126 -39.50 2.51 -9.58
C ASN V 126 -38.20 2.12 -10.26
N TYR V 127 -37.07 2.57 -9.74
CA TYR V 127 -35.80 2.21 -10.32
C TYR V 127 -35.06 1.27 -9.40
N THR V 128 -35.72 0.82 -8.34
CA THR V 128 -35.02 0.00 -7.38
C THR V 128 -34.45 -1.28 -7.99
N SER V 129 -35.25 -2.00 -8.78
CA SER V 129 -34.75 -3.26 -9.31
C SER V 129 -33.71 -3.04 -10.38
N LEU V 130 -33.82 -1.92 -11.06
CA LEU V 130 -32.86 -1.59 -12.08
C LEU V 130 -31.51 -1.39 -11.51
N ILE V 131 -31.46 -0.57 -10.49
CA ILE V 131 -30.20 -0.20 -9.95
C ILE V 131 -29.60 -1.38 -9.24
N TYR V 132 -30.42 -2.09 -8.46
CA TYR V 132 -29.95 -3.23 -7.72
C TYR V 132 -29.32 -4.23 -8.68
N THR V 133 -29.93 -4.43 -9.85
CA THR V 133 -29.35 -5.36 -10.81
C THR V 133 -28.02 -4.81 -11.34
N LEU V 134 -27.96 -3.53 -11.67
CA LEU V 134 -26.74 -3.00 -12.25
C LEU V 134 -25.57 -3.11 -11.30
N ILE V 135 -25.81 -2.85 -10.03
CA ILE V 135 -24.73 -2.91 -9.05
C ILE V 135 -24.28 -4.35 -8.74
N GLU V 136 -24.97 -5.36 -9.28
CA GLU V 136 -24.55 -6.73 -9.10
C GLU V 136 -23.68 -7.18 -10.26
N ASP V 137 -24.22 -7.10 -11.48
CA ASP V 137 -23.49 -7.62 -12.63
C ASP V 137 -22.41 -6.71 -13.15
N SER V 138 -22.64 -5.40 -13.13
CA SER V 138 -21.69 -4.48 -13.72
C SER V 138 -20.58 -4.24 -12.75
N GLN V 139 -20.79 -4.69 -11.54
CA GLN V 139 -19.79 -4.53 -10.54
C GLN V 139 -19.18 -5.83 -10.10
N ASN V 140 -19.91 -6.71 -9.44
CA ASN V 140 -19.20 -7.83 -8.88
C ASN V 140 -18.96 -8.93 -9.85
N GLN V 141 -19.88 -9.21 -10.76
CA GLN V 141 -19.51 -10.30 -11.63
C GLN V 141 -18.32 -9.86 -12.46
N GLN V 142 -18.38 -8.63 -12.98
CA GLN V 142 -17.28 -8.17 -13.80
C GLN V 142 -15.99 -7.92 -13.04
N GLU V 143 -16.07 -7.32 -11.85
CA GLU V 143 -14.88 -7.01 -11.09
C GLU V 143 -14.20 -8.25 -10.64
N LYS V 144 -14.97 -9.24 -10.20
CA LYS V 144 -14.37 -10.42 -9.68
C LYS V 144 -13.75 -11.23 -10.78
N ASN V 145 -14.32 -11.23 -11.99
CA ASN V 145 -13.67 -12.02 -13.01
C ASN V 145 -12.37 -11.36 -13.41
N GLU V 146 -12.34 -10.03 -13.46
CA GLU V 146 -11.13 -9.37 -13.85
C GLU V 146 -10.04 -9.61 -12.83
N GLN V 147 -10.41 -9.54 -11.54
CA GLN V 147 -9.40 -9.72 -10.54
C GLN V 147 -8.96 -11.16 -10.46
N GLU V 148 -9.87 -12.12 -10.64
CA GLU V 148 -9.40 -13.48 -10.54
C GLU V 148 -8.34 -13.72 -11.57
N LEU V 149 -8.56 -13.24 -12.79
CA LEU V 149 -7.57 -13.49 -13.83
C LEU V 149 -6.26 -12.83 -13.52
N LEU V 150 -6.28 -11.62 -12.98
CA LEU V 150 -5.05 -10.92 -12.64
C LEU V 150 -4.29 -11.65 -11.57
N GLU V 151 -4.99 -12.32 -10.68
CA GLU V 151 -4.38 -13.02 -9.59
C GLU V 151 -3.79 -14.38 -10.00
N LEU V 152 -3.97 -14.81 -11.25
CA LEU V 152 -3.38 -16.08 -11.67
C LEU V 152 -1.96 -15.83 -12.15
N ASP V 153 -1.56 -14.56 -12.20
CA ASP V 153 -0.23 -14.16 -12.60
C ASP V 153 0.55 -13.78 -11.33
N GLU W 2 -43.85 19.24 25.15
CA GLU W 2 -42.50 19.22 25.68
C GLU W 2 -42.37 20.33 26.71
N VAL W 3 -42.27 19.96 27.97
CA VAL W 3 -42.18 20.97 29.01
C VAL W 3 -41.03 20.66 29.95
N LEU W 4 -40.59 21.66 30.68
CA LEU W 4 -39.55 21.46 31.66
C LEU W 4 -40.05 21.72 33.04
N VAL W 5 -39.89 20.73 33.90
CA VAL W 5 -40.39 20.89 35.25
C VAL W 5 -39.32 20.88 36.32
N GLN W 6 -39.21 21.99 37.03
CA GLN W 6 -38.22 22.14 38.07
C GLN W 6 -38.79 21.89 39.44
N SER W 7 -37.88 21.59 40.36
CA SER W 7 -38.19 21.37 41.78
C SER W 7 -38.61 22.64 42.50
N GLY W 8 -38.54 22.64 43.82
CA GLY W 8 -39.00 23.78 44.59
C GLY W 8 -37.91 24.78 44.95
N ALA W 9 -38.30 25.74 45.79
CA ALA W 9 -37.42 26.81 46.26
C ALA W 9 -36.65 26.38 47.49
N GLU W 10 -35.52 27.05 47.74
CA GLU W 10 -34.67 26.79 48.90
C GLU W 10 -34.14 28.04 49.60
N VAL W 11 -33.87 27.90 50.90
CA VAL W 11 -33.24 28.98 51.65
C VAL W 11 -31.98 28.44 52.28
N LYS W 12 -30.87 29.08 51.98
CA LYS W 12 -29.57 28.63 52.41
C LYS W 12 -28.78 29.73 53.08
N LYS W 13 -27.87 29.37 53.97
CA LYS W 13 -27.00 30.39 54.52
C LYS W 13 -25.72 30.45 53.70
N PRO W 14 -25.00 31.56 53.66
CA PRO W 14 -23.76 31.65 52.96
C PRO W 14 -22.81 30.53 53.39
N GLY W 15 -22.14 29.94 52.41
CA GLY W 15 -21.21 28.82 52.58
C GLY W 15 -21.87 27.49 52.23
N ALA W 16 -23.19 27.52 52.09
CA ALA W 16 -24.05 26.38 51.77
C ALA W 16 -24.06 26.02 50.29
N SER W 17 -24.81 24.96 49.98
CA SER W 17 -24.99 24.53 48.59
C SER W 17 -26.45 24.20 48.33
N VAL W 18 -26.85 24.34 47.07
CA VAL W 18 -28.22 24.04 46.64
C VAL W 18 -28.24 23.16 45.39
N LYS W 19 -29.23 22.28 45.27
CA LYS W 19 -29.35 21.46 44.08
C LYS W 19 -30.74 21.61 43.48
N VAL W 20 -30.79 22.03 42.22
CA VAL W 20 -32.04 22.27 41.51
C VAL W 20 -32.26 21.30 40.37
N SER W 21 -33.32 20.51 40.44
CA SER W 21 -33.60 19.53 39.41
C SER W 21 -34.47 20.12 38.30
N CYS W 22 -34.48 19.42 37.16
CA CYS W 22 -35.33 19.74 36.01
C CYS W 22 -35.67 18.49 35.18
N ARG W 23 -36.95 18.08 35.22
CA ARG W 23 -37.45 16.87 34.57
C ARG W 23 -37.90 17.05 33.12
N ALA W 24 -37.45 16.13 32.26
CA ALA W 24 -37.78 16.15 30.84
C ALA W 24 -39.13 15.57 30.49
N PHE W 25 -40.17 16.31 30.79
CA PHE W 25 -41.48 15.80 30.45
C PHE W 25 -41.85 16.03 28.98
N GLY W 26 -42.37 15.01 28.33
CA GLY W 26 -42.87 15.12 26.96
C GLY W 26 -41.82 14.97 25.86
N TYR W 27 -40.56 14.74 26.22
CA TYR W 27 -39.53 14.61 25.19
C TYR W 27 -38.43 13.69 25.65
N THR W 28 -37.60 13.22 24.73
CA THR W 28 -36.52 12.35 25.16
C THR W 28 -35.47 13.14 25.93
N PHE W 29 -35.20 12.70 27.14
CA PHE W 29 -34.25 13.36 28.03
C PHE W 29 -32.90 13.51 27.42
N THR W 30 -32.44 12.44 26.81
CA THR W 30 -31.12 12.34 26.24
C THR W 30 -31.03 12.89 24.85
N GLY W 31 -32.13 13.40 24.29
CA GLY W 31 -32.15 13.87 22.91
C GLY W 31 -31.96 15.37 22.72
N ASN W 32 -31.75 16.11 23.79
CA ASN W 32 -31.61 17.56 23.71
C ASN W 32 -30.87 18.12 24.93
N ALA W 33 -29.72 18.75 24.71
CA ALA W 33 -28.87 19.28 25.79
C ALA W 33 -29.58 20.38 26.62
N LEU W 34 -29.32 20.42 27.93
CA LEU W 34 -29.99 21.41 28.78
C LEU W 34 -29.07 22.53 29.30
N HIS W 35 -29.55 23.75 29.28
CA HIS W 35 -28.86 24.93 29.81
C HIS W 35 -29.39 25.33 31.17
N TRP W 36 -28.52 25.96 31.94
CA TRP W 36 -28.90 26.54 33.19
C TRP W 36 -28.56 28.04 33.17
N VAL W 37 -29.58 28.82 33.51
CA VAL W 37 -29.55 30.29 33.52
C VAL W 37 -30.09 30.83 34.85
N ARG W 38 -29.43 31.82 35.42
CA ARG W 38 -29.89 32.42 36.67
C ARG W 38 -30.25 33.90 36.59
N GLN W 39 -31.24 34.30 37.39
CA GLN W 39 -31.55 35.71 37.45
C GLN W 39 -31.76 36.23 38.86
N ALA W 40 -30.73 36.88 39.39
CA ALA W 40 -30.73 37.45 40.74
C ALA W 40 -31.66 38.66 40.71
N PRO W 41 -32.26 39.09 41.82
CA PRO W 41 -33.14 40.23 41.84
C PRO W 41 -32.44 41.44 41.25
N GLY W 42 -33.12 42.13 40.34
CA GLY W 42 -32.60 43.33 39.70
C GLY W 42 -31.64 43.04 38.55
N GLN W 43 -31.40 41.77 38.27
CA GLN W 43 -30.45 41.37 37.24
C GLN W 43 -31.07 40.87 35.96
N GLY W 44 -30.23 40.84 34.93
CA GLY W 44 -30.57 40.30 33.64
C GLY W 44 -30.28 38.81 33.71
N LEU W 45 -30.16 38.15 32.58
CA LEU W 45 -29.99 36.71 32.60
C LEU W 45 -28.52 36.24 32.55
N GLU W 46 -28.11 35.52 33.59
CA GLU W 46 -26.77 35.03 33.78
C GLU W 46 -26.61 33.57 33.39
N TRP W 47 -25.72 33.28 32.48
CA TRP W 47 -25.55 31.90 32.09
C TRP W 47 -24.62 31.18 33.06
N LEU W 48 -24.98 29.98 33.49
CA LEU W 48 -24.13 29.21 34.38
C LEU W 48 -23.43 28.09 33.66
N GLY W 49 -24.12 27.49 32.72
CA GLY W 49 -23.55 26.35 32.00
C GLY W 49 -24.61 25.47 31.38
N TRP W 50 -24.18 24.33 30.87
CA TRP W 50 -25.12 23.38 30.26
C TRP W 50 -24.59 21.96 30.46
N ILE W 51 -25.52 20.99 30.39
CA ILE W 51 -25.18 19.57 30.45
C ILE W 51 -25.82 18.70 29.38
N ASN W 52 -25.03 17.79 28.82
CA ASN W 52 -25.47 16.82 27.86
C ASN W 52 -26.09 15.64 28.61
N PRO W 53 -27.39 15.42 28.55
CA PRO W 53 -28.11 14.40 29.27
C PRO W 53 -27.74 12.99 28.81
N HIS W 54 -27.15 12.89 27.64
CA HIS W 54 -26.77 11.62 27.06
C HIS W 54 -25.40 11.22 27.54
N SER W 55 -24.41 12.07 27.29
CA SER W 55 -23.02 11.80 27.62
C SER W 55 -22.53 12.28 28.98
N GLY W 56 -23.20 13.26 29.57
CA GLY W 56 -22.78 13.86 30.82
C GLY W 56 -21.82 15.04 30.64
N ASP W 57 -21.50 15.39 29.39
CA ASP W 57 -20.60 16.50 29.06
C ASP W 57 -21.15 17.84 29.51
N THR W 58 -20.29 18.71 30.07
CA THR W 58 -20.74 20.04 30.48
C THR W 58 -19.80 21.15 30.06
N THR W 59 -20.34 22.36 30.05
CA THR W 59 -19.54 23.58 29.89
C THR W 59 -20.08 24.54 30.92
N THR W 60 -19.21 25.25 31.60
CA THR W 60 -19.66 26.25 32.55
C THR W 60 -19.00 27.59 32.35
N SER W 61 -19.64 28.62 32.90
CA SER W 61 -19.08 29.95 32.88
C SER W 61 -17.83 30.00 33.73
N GLN W 62 -16.88 30.81 33.30
CA GLN W 62 -15.61 30.97 34.00
C GLN W 62 -15.84 31.44 35.42
N LYS W 63 -16.88 32.24 35.61
CA LYS W 63 -17.24 32.79 36.90
C LYS W 63 -17.42 31.73 37.97
N PHE W 64 -17.86 30.56 37.56
CA PHE W 64 -18.17 29.51 38.49
C PHE W 64 -17.26 28.32 38.38
N GLN W 65 -16.05 28.49 37.90
CA GLN W 65 -15.26 27.27 37.83
C GLN W 65 -15.02 26.75 39.23
N GLY W 66 -15.35 25.48 39.43
CA GLY W 66 -15.19 24.80 40.71
C GLY W 66 -16.35 25.07 41.68
N ARG W 67 -17.30 25.90 41.26
CA ARG W 67 -18.45 26.31 42.06
C ARG W 67 -19.78 25.79 41.50
N VAL W 68 -19.94 25.83 40.19
CA VAL W 68 -21.17 25.33 39.59
C VAL W 68 -20.90 24.08 38.80
N TYR W 69 -21.68 23.06 39.13
CA TYR W 69 -21.57 21.75 38.54
C TYR W 69 -22.91 21.31 37.98
N MET W 70 -22.89 20.47 36.96
CA MET W 70 -24.14 19.92 36.48
C MET W 70 -24.03 18.43 36.42
N THR W 71 -25.12 17.78 36.77
CA THR W 71 -25.17 16.33 36.68
C THR W 71 -26.47 15.87 36.07
N ARG W 72 -26.58 14.57 35.87
CA ARG W 72 -27.81 14.02 35.31
C ARG W 72 -28.04 12.58 35.69
N ASP W 73 -29.30 12.19 35.67
CA ASP W 73 -29.67 10.79 35.85
C ASP W 73 -30.79 10.46 34.89
N LYS W 74 -30.41 9.81 33.81
CA LYS W 74 -31.33 9.51 32.72
C LYS W 74 -32.40 8.52 33.10
N SER W 75 -32.21 7.76 34.18
CA SER W 75 -33.21 6.76 34.53
C SER W 75 -34.50 7.40 35.00
N ILE W 76 -34.43 8.68 35.36
CA ILE W 76 -35.57 9.44 35.82
C ILE W 76 -35.76 10.66 34.95
N ASN W 77 -35.08 10.66 33.80
CA ASN W 77 -35.15 11.77 32.87
C ASN W 77 -34.90 13.11 33.53
N THR W 78 -33.95 13.18 34.45
CA THR W 78 -33.77 14.44 35.16
C THR W 78 -32.34 14.95 35.18
N ALA W 79 -32.24 16.24 34.91
CA ALA W 79 -30.97 16.95 34.96
C ALA W 79 -30.90 17.76 36.23
N PHE W 80 -29.70 18.02 36.71
CA PHE W 80 -29.58 18.80 37.93
C PHE W 80 -28.50 19.87 37.89
N LEU W 81 -28.81 20.97 38.55
CA LEU W 81 -27.86 22.05 38.76
C LEU W 81 -27.37 22.03 40.19
N ASP W 82 -26.08 21.86 40.37
CA ASP W 82 -25.47 21.76 41.70
C ASP W 82 -24.55 22.97 41.98
N VAL W 83 -24.99 23.86 42.87
CA VAL W 83 -24.27 25.11 43.12
C VAL W 83 -23.75 25.22 44.55
N THR W 84 -22.43 25.39 44.69
CA THR W 84 -21.81 25.50 46.01
C THR W 84 -21.26 26.90 46.30
N ARG W 85 -20.70 27.04 47.50
CA ARG W 85 -20.16 28.30 48.00
C ARG W 85 -21.16 29.42 47.88
N LEU W 86 -22.38 29.17 48.31
CA LEU W 86 -23.38 30.17 48.17
C LEU W 86 -23.08 31.40 48.97
N THR W 87 -23.34 32.53 48.37
CA THR W 87 -23.24 33.84 48.98
C THR W 87 -24.47 34.67 48.72
N SER W 88 -24.53 35.88 49.24
CA SER W 88 -25.75 36.69 49.06
C SER W 88 -26.05 37.04 47.60
N ASP W 89 -25.02 37.00 46.75
CA ASP W 89 -25.16 37.28 45.32
C ASP W 89 -25.84 36.13 44.60
N ASP W 90 -26.02 35.01 45.30
CA ASP W 90 -26.63 33.83 44.73
C ASP W 90 -28.14 33.80 44.95
N THR W 91 -28.68 34.86 45.56
CA THR W 91 -30.13 34.91 45.66
C THR W 91 -30.62 35.10 44.23
N GLY W 92 -31.61 34.31 43.81
CA GLY W 92 -32.12 34.47 42.46
C GLY W 92 -32.94 33.32 41.96
N ILE W 93 -33.41 33.45 40.72
CA ILE W 93 -34.20 32.39 40.11
C ILE W 93 -33.31 31.53 39.23
N TYR W 94 -33.34 30.24 39.48
CA TYR W 94 -32.55 29.26 38.77
C TYR W 94 -33.42 28.54 37.76
N TYR W 95 -33.14 28.74 36.48
CA TYR W 95 -33.97 28.18 35.41
C TYR W 95 -33.28 27.12 34.60
N CYS W 96 -34.06 26.15 34.13
CA CYS W 96 -33.51 25.21 33.17
C CYS W 96 -34.07 25.55 31.80
N ALA W 97 -33.29 25.31 30.74
CA ALA W 97 -33.78 25.64 29.39
C ALA W 97 -33.21 24.80 28.25
N ARG W 98 -33.96 24.70 27.16
CA ARG W 98 -33.49 23.96 26.00
C ARG W 98 -33.41 24.78 24.74
N ASP W 99 -32.34 24.50 24.00
CA ASP W 99 -32.03 25.10 22.73
C ASP W 99 -32.42 24.16 21.59
N LYS W 100 -32.17 24.61 20.36
CA LYS W 100 -32.50 23.82 19.20
C LYS W 100 -31.31 23.00 18.84
N TYR W 101 -30.13 23.56 19.12
CA TYR W 101 -28.90 22.87 18.82
C TYR W 101 -28.86 22.37 17.40
N TYR W 102 -29.27 23.18 16.45
CA TYR W 102 -29.28 22.67 15.12
C TYR W 102 -27.82 22.57 14.74
N GLY W 103 -27.40 21.42 14.24
CA GLY W 103 -26.01 21.27 13.84
C GLY W 103 -25.12 21.13 15.07
N ASN W 104 -25.74 20.87 16.22
CA ASN W 104 -25.09 20.80 17.51
C ASN W 104 -24.47 22.12 17.93
N GLU W 105 -25.05 23.26 17.51
CA GLU W 105 -24.57 24.54 17.99
C GLU W 105 -25.72 25.35 18.54
N ALA W 106 -25.46 26.14 19.57
CA ALA W 106 -26.53 26.96 20.15
C ALA W 106 -27.15 27.91 19.09
N VAL W 107 -28.50 27.97 19.08
CA VAL W 107 -29.35 28.75 18.18
C VAL W 107 -30.14 29.84 18.90
N GLY W 108 -30.71 29.42 20.03
CA GLY W 108 -31.57 30.18 20.93
C GLY W 108 -32.50 29.21 21.67
N MET W 109 -32.91 29.56 22.90
CA MET W 109 -33.71 28.64 23.71
C MET W 109 -35.19 28.94 23.82
N ASP W 110 -36.04 28.06 23.28
CA ASP W 110 -37.46 28.28 23.34
C ASP W 110 -38.18 27.49 24.42
N VAL W 111 -37.52 26.55 25.09
CA VAL W 111 -38.26 25.81 26.11
C VAL W 111 -37.64 26.09 27.45
N TRP W 112 -38.43 26.61 28.35
CA TRP W 112 -37.95 26.96 29.67
C TRP W 112 -38.73 26.32 30.79
N GLY W 113 -38.04 26.02 31.89
CA GLY W 113 -38.71 25.53 33.08
C GLY W 113 -39.27 26.73 33.76
N GLN W 114 -39.97 26.53 34.86
CA GLN W 114 -40.58 27.67 35.50
C GLN W 114 -39.61 28.49 36.34
N GLY W 115 -38.47 27.90 36.71
CA GLY W 115 -37.52 28.55 37.56
C GLY W 115 -37.80 28.28 39.03
N THR W 116 -36.76 28.17 39.84
CA THR W 116 -36.98 28.00 41.26
C THR W 116 -36.23 29.10 41.95
N SER W 117 -36.60 29.46 43.16
CA SER W 117 -35.81 30.50 43.79
C SER W 117 -34.93 29.95 44.87
N VAL W 118 -33.78 30.58 45.02
CA VAL W 118 -32.91 30.24 46.12
C VAL W 118 -32.60 31.55 46.84
N THR W 119 -32.77 31.56 48.14
CA THR W 119 -32.47 32.73 48.95
C THR W 119 -31.20 32.49 49.73
N VAL W 120 -30.26 33.44 49.70
CA VAL W 120 -29.02 33.25 50.45
C VAL W 120 -28.66 34.50 51.24
N ILE X 1 -22.00 38.69 25.50
CA ILE X 1 -20.58 38.75 25.21
C ILE X 1 -20.19 40.16 24.79
N GLN X 2 -19.80 40.98 25.76
CA GLN X 2 -19.38 42.37 25.55
C GLN X 2 -20.45 43.18 24.80
N LEU X 3 -21.68 43.02 25.25
CA LEU X 3 -22.87 43.66 24.70
C LEU X 3 -23.38 44.93 25.37
N THR X 4 -23.64 45.94 24.53
CA THR X 4 -24.25 47.20 24.90
C THR X 4 -25.68 47.26 24.36
N GLN X 5 -26.62 47.61 25.21
CA GLN X 5 -28.03 47.68 24.82
C GLN X 5 -28.64 49.07 24.92
N SER X 6 -29.74 49.23 24.19
CA SER X 6 -30.54 50.45 24.20
C SER X 6 -30.92 50.84 25.62
N PRO X 7 -31.18 52.13 25.91
CA PRO X 7 -31.58 52.60 27.22
C PRO X 7 -32.76 51.77 27.60
N SER X 8 -32.87 51.43 28.87
CA SER X 8 -33.95 50.56 29.27
C SER X 8 -35.35 51.13 29.18
N PHE X 9 -35.55 52.44 29.29
CA PHE X 9 -36.92 52.98 29.28
C PHE X 9 -37.48 53.26 27.90
N LEU X 10 -37.79 52.20 27.17
CA LEU X 10 -38.21 52.32 25.79
C LEU X 10 -39.71 52.51 25.70
N SER X 11 -40.15 53.71 26.03
CA SER X 11 -41.57 54.01 26.07
C SER X 11 -42.22 53.98 24.70
N ALA X 12 -43.41 53.39 24.65
CA ALA X 12 -44.20 53.28 23.42
C ALA X 12 -45.69 53.12 23.72
N SER X 13 -46.53 53.48 22.75
CA SER X 13 -47.97 53.28 22.89
C SER X 13 -48.40 52.01 22.16
N VAL X 14 -49.63 51.59 22.35
CA VAL X 14 -50.09 50.42 21.62
C VAL X 14 -50.31 50.76 20.16
N GLY X 15 -49.76 49.91 19.31
CA GLY X 15 -49.79 50.03 17.86
C GLY X 15 -48.57 50.83 17.37
N ASP X 16 -47.73 51.26 18.30
CA ASP X 16 -46.56 52.06 17.98
C ASP X 16 -45.38 51.20 17.56
N LYS X 17 -44.28 51.86 17.24
CA LYS X 17 -43.08 51.15 16.82
C LYS X 17 -41.98 51.32 17.82
N VAL X 18 -41.55 50.21 18.40
CA VAL X 18 -40.49 50.28 19.39
C VAL X 18 -39.40 49.34 18.99
N THR X 19 -38.16 49.78 19.15
CA THR X 19 -37.06 48.91 18.81
C THR X 19 -36.12 48.73 19.95
N ILE X 20 -35.48 47.58 19.98
CA ILE X 20 -34.46 47.23 20.94
C ILE X 20 -33.13 46.99 20.22
N THR X 21 -32.08 47.69 20.63
CA THR X 21 -30.79 47.50 19.99
C THR X 21 -29.82 46.72 20.86
N CYS X 22 -29.18 45.75 20.23
CA CYS X 22 -28.12 44.94 20.82
C CYS X 22 -26.83 45.02 20.00
N ARG X 23 -25.87 45.80 20.48
CA ARG X 23 -24.65 45.97 19.72
C ARG X 23 -23.44 45.55 20.56
N ALA X 24 -22.76 44.51 20.11
CA ALA X 24 -21.63 44.01 20.89
C ALA X 24 -20.32 44.37 20.25
N SER X 25 -19.27 44.40 21.07
CA SER X 25 -17.94 44.62 20.52
C SER X 25 -17.49 43.38 19.77
N GLN X 26 -17.98 42.22 20.20
CA GLN X 26 -17.62 40.97 19.58
C GLN X 26 -18.69 40.59 18.59
N GLY X 27 -18.29 40.05 17.45
CA GLY X 27 -19.27 39.61 16.48
C GLY X 27 -19.78 38.22 16.79
N VAL X 28 -20.98 37.94 16.32
CA VAL X 28 -21.61 36.63 16.45
C VAL X 28 -22.04 36.22 15.09
N ARG X 29 -21.90 37.16 14.16
CA ARG X 29 -22.30 37.01 12.76
C ARG X 29 -23.81 37.04 12.61
N ASN X 30 -24.48 36.05 13.20
CA ASN X 30 -25.92 35.98 13.24
C ASN X 30 -26.30 35.13 14.41
N GLU X 31 -25.31 34.72 15.15
CA GLU X 31 -25.59 33.81 16.25
C GLU X 31 -26.01 34.58 17.51
N LEU X 32 -27.21 35.15 17.41
CA LEU X 32 -27.85 35.94 18.45
C LEU X 32 -29.28 35.49 18.63
N ALA X 33 -29.66 35.32 19.87
CA ALA X 33 -31.03 34.94 20.14
C ALA X 33 -31.77 36.07 20.85
N TRP X 34 -32.93 36.45 20.30
CA TRP X 34 -33.78 37.49 20.87
C TRP X 34 -34.84 36.87 21.75
N TYR X 35 -34.96 37.37 22.97
CA TYR X 35 -35.93 36.88 23.96
C TYR X 35 -36.85 37.96 24.52
N GLN X 36 -38.05 37.54 24.93
CA GLN X 36 -39.06 38.38 25.60
C GLN X 36 -39.39 37.79 26.98
N GLN X 37 -39.40 38.64 28.03
CA GLN X 37 -39.67 38.13 29.38
C GLN X 37 -40.64 38.96 30.22
N LYS X 38 -41.52 38.27 30.95
CA LYS X 38 -42.43 38.94 31.86
C LYS X 38 -41.96 38.74 33.30
N PRO X 39 -42.26 39.64 34.23
CA PRO X 39 -41.93 39.49 35.62
C PRO X 39 -42.51 38.21 36.14
N GLY X 40 -41.72 37.45 36.88
CA GLY X 40 -42.19 36.20 37.47
C GLY X 40 -42.17 35.02 36.50
N LYS X 41 -41.74 35.24 35.26
CA LYS X 41 -41.72 34.19 34.26
C LYS X 41 -40.34 33.94 33.70
N ALA X 42 -40.16 32.73 33.15
CA ALA X 42 -38.93 32.43 32.45
C ALA X 42 -38.94 33.27 31.18
N PRO X 43 -37.80 33.69 30.66
CA PRO X 43 -37.69 34.39 29.41
C PRO X 43 -37.97 33.39 28.33
N ASN X 44 -38.47 33.84 27.20
CA ASN X 44 -38.70 32.94 26.09
C ASN X 44 -38.22 33.53 24.77
N LEU X 45 -37.87 32.66 23.86
CA LEU X 45 -37.33 33.04 22.57
C LEU X 45 -38.36 33.59 21.61
N LEU X 46 -37.98 34.67 20.94
CA LEU X 46 -38.73 35.29 19.87
C LEU X 46 -38.15 34.94 18.50
N ILE X 47 -36.88 35.32 18.35
CA ILE X 47 -36.11 35.23 17.10
C ILE X 47 -34.76 34.55 17.24
N TYR X 48 -34.47 33.61 16.35
CA TYR X 48 -33.20 32.90 16.43
C TYR X 48 -32.28 33.05 15.22
N TYR X 49 -30.98 32.85 15.44
CA TYR X 49 -29.97 33.14 14.40
C TYR X 49 -30.13 34.61 13.97
N ALA X 50 -30.49 35.46 14.93
CA ALA X 50 -30.71 36.88 14.75
C ALA X 50 -31.76 37.24 13.69
N SER X 51 -32.55 36.31 13.16
CA SER X 51 -33.54 36.73 12.16
C SER X 51 -34.67 35.74 11.89
N THR X 52 -34.59 34.51 12.37
CA THR X 52 -35.65 33.57 12.09
C THR X 52 -36.71 33.71 13.14
N LEU X 53 -37.93 33.97 12.71
CA LEU X 53 -38.99 34.13 13.68
C LEU X 53 -39.49 32.78 14.09
N GLN X 54 -39.55 32.55 15.38
CA GLN X 54 -40.03 31.30 15.91
C GLN X 54 -41.52 31.12 15.69
N SER X 55 -41.94 29.95 15.26
CA SER X 55 -43.35 29.75 15.09
C SER X 55 -44.03 29.94 16.44
N GLY X 56 -45.17 30.61 16.42
CA GLY X 56 -45.94 30.90 17.62
C GLY X 56 -45.68 32.33 18.12
N VAL X 57 -44.64 32.96 17.60
CA VAL X 57 -44.32 34.32 17.97
C VAL X 57 -45.00 35.20 16.93
N PRO X 58 -45.76 36.21 17.32
CA PRO X 58 -46.48 37.10 16.43
C PRO X 58 -45.62 37.75 15.37
N SER X 59 -46.21 37.93 14.18
CA SER X 59 -45.61 38.48 12.97
C SER X 59 -45.14 39.92 13.10
N ARG X 60 -45.59 40.60 14.14
CA ARG X 60 -45.17 41.97 14.42
C ARG X 60 -43.71 42.02 14.86
N PHE X 61 -43.15 40.86 15.26
CA PHE X 61 -41.76 40.78 15.68
C PHE X 61 -40.84 40.43 14.53
N SER X 62 -39.83 41.26 14.32
CA SER X 62 -38.84 41.01 13.28
C SER X 62 -37.50 41.56 13.73
N ALA X 63 -36.42 41.13 13.10
CA ALA X 63 -35.14 41.68 13.50
C ALA X 63 -34.24 41.80 12.29
N THR X 64 -33.35 42.78 12.36
CA THR X 64 -32.38 43.06 11.32
C THR X 64 -30.98 43.27 11.89
N GLY X 65 -29.99 43.30 11.00
CA GLY X 65 -28.61 43.56 11.42
C GLY X 65 -27.73 42.32 11.32
N SER X 66 -26.42 42.54 11.34
CA SER X 66 -25.47 41.46 11.21
C SER X 66 -24.11 41.76 11.86
N GLY X 67 -23.34 40.70 12.05
CA GLY X 67 -21.99 40.86 12.56
C GLY X 67 -21.97 41.13 14.04
N THR X 68 -22.07 42.42 14.37
CA THR X 68 -22.06 42.95 15.73
C THR X 68 -23.31 43.73 16.12
N HIS X 69 -24.05 44.23 15.14
CA HIS X 69 -25.15 45.14 15.46
C HIS X 69 -26.50 44.62 15.05
N PHE X 70 -27.34 44.33 16.04
CA PHE X 70 -28.65 43.76 15.76
C PHE X 70 -29.77 44.59 16.37
N THR X 71 -30.90 44.68 15.66
CA THR X 71 -32.06 45.40 16.16
C THR X 71 -33.34 44.57 16.09
N LEU X 72 -34.09 44.58 17.19
CA LEU X 72 -35.40 43.93 17.26
C LEU X 72 -36.47 44.97 17.13
N THR X 73 -37.35 44.76 16.19
CA THR X 73 -38.42 45.70 15.93
C THR X 73 -39.79 45.13 16.19
N VAL X 74 -40.59 45.87 16.96
CA VAL X 74 -41.97 45.47 17.15
C VAL X 74 -42.77 46.51 16.37
N SER X 75 -43.33 46.10 15.23
CA SER X 75 -43.97 47.03 14.29
C SER X 75 -45.37 47.51 14.65
N SER X 76 -46.00 46.86 15.61
CA SER X 76 -47.34 47.21 16.04
C SER X 76 -47.48 46.72 17.47
N LEU X 77 -46.87 47.45 18.40
CA LEU X 77 -46.75 47.00 19.78
C LEU X 77 -48.07 46.74 20.48
N GLN X 78 -48.20 45.58 21.11
CA GLN X 78 -49.45 45.25 21.80
C GLN X 78 -49.26 45.23 23.32
N PRO X 79 -50.31 45.38 24.15
CA PRO X 79 -50.23 45.36 25.61
C PRO X 79 -49.45 44.16 26.17
N GLU X 80 -49.54 43.02 25.50
CA GLU X 80 -48.85 41.82 25.94
C GLU X 80 -47.35 41.87 25.71
N ASP X 81 -46.88 42.87 24.96
CA ASP X 81 -45.47 43.00 24.64
C ASP X 81 -44.75 43.91 25.59
N PHE X 82 -45.42 44.43 26.61
CA PHE X 82 -44.74 45.31 27.53
C PHE X 82 -44.01 44.42 28.54
N ALA X 83 -42.89 43.96 28.03
CA ALA X 83 -41.98 42.95 28.53
C ALA X 83 -40.58 43.45 28.47
N THR X 84 -39.68 42.74 29.13
CA THR X 84 -38.30 43.11 28.94
C THR X 84 -37.79 42.32 27.77
N TYR X 85 -36.71 42.79 27.17
CA TYR X 85 -36.12 42.10 26.04
C TYR X 85 -34.65 41.89 26.24
N PHE X 86 -34.19 40.75 25.77
CA PHE X 86 -32.80 40.36 25.87
C PHE X 86 -32.18 39.80 24.63
N CYS X 87 -30.88 39.98 24.55
CA CYS X 87 -30.10 39.30 23.54
C CYS X 87 -29.13 38.38 24.21
N GLN X 88 -28.96 37.22 23.61
CA GLN X 88 -27.97 36.26 24.04
C GLN X 88 -27.00 36.09 22.91
N HIS X 89 -25.72 36.15 23.22
CA HIS X 89 -24.69 36.02 22.20
C HIS X 89 -24.01 34.67 22.20
N MET X 90 -23.95 34.05 21.03
CA MET X 90 -23.36 32.73 20.86
C MET X 90 -22.03 32.60 20.12
N SER X 91 -21.22 33.65 19.97
CA SER X 91 -19.94 33.44 19.26
C SER X 91 -19.00 32.54 20.03
N SER X 92 -19.10 32.60 21.33
CA SER X 92 -18.33 31.88 22.30
C SER X 92 -19.18 31.78 23.51
N TYR X 93 -18.57 31.63 24.66
CA TYR X 93 -19.33 31.55 25.88
C TYR X 93 -18.47 32.19 26.97
N PRO X 94 -19.03 32.49 28.15
CA PRO X 94 -20.36 32.21 28.67
C PRO X 94 -21.43 32.88 27.87
N LEU X 95 -22.53 32.17 27.66
CA LEU X 95 -23.63 32.68 26.86
C LEU X 95 -24.56 33.51 27.68
N THR X 96 -24.04 34.60 28.19
CA THR X 96 -24.83 35.45 29.03
C THR X 96 -25.68 36.31 28.15
N PHE X 97 -26.63 36.95 28.77
CA PHE X 97 -27.54 37.82 28.11
C PHE X 97 -27.19 39.23 28.53
N GLY X 98 -27.66 40.20 27.77
CA GLY X 98 -27.41 41.57 28.17
C GLY X 98 -28.26 41.94 29.37
N GLY X 99 -28.09 43.17 29.86
CA GLY X 99 -28.83 43.60 31.06
C GLY X 99 -30.33 43.54 30.85
N GLY X 100 -30.74 43.82 29.63
CA GLY X 100 -32.12 43.80 29.20
C GLY X 100 -32.69 45.20 29.12
N THR X 101 -33.65 45.38 28.23
CA THR X 101 -34.32 46.67 28.07
C THR X 101 -35.78 46.43 28.34
N LYS X 102 -36.57 47.48 28.56
CA LYS X 102 -37.99 47.28 28.80
C LYS X 102 -38.83 48.21 27.95
N VAL X 103 -39.97 47.72 27.50
CA VAL X 103 -40.86 48.63 26.81
C VAL X 103 -41.83 49.21 27.84
N GLU X 104 -41.86 50.54 27.87
CA GLU X 104 -42.62 51.33 28.84
C GLU X 104 -43.90 51.91 28.29
N ILE X 105 -44.78 52.35 29.19
CA ILE X 105 -46.05 52.91 28.76
C ILE X 105 -45.98 54.40 28.43
N LYS X 106 -46.36 54.72 27.19
CA LYS X 106 -46.42 56.09 26.71
C LYS X 106 -47.79 56.66 26.99
#